data_7ZX0
#
_entry.id   7ZX0
#
_cell.length_a   59.050
_cell.length_b   172.020
_cell.length_c   288.610
_cell.angle_alpha   90.000
_cell.angle_beta   91.260
_cell.angle_gamma   90.000
#
_symmetry.space_group_name_H-M   'P 1 21 1'
#
loop_
_entity.id
_entity.type
_entity.pdbx_description
1 polymer 'DNA polymerase theta'
2 polymer "DNA (5'-D(P*TP*TP*CP*CP*AP*AP*TP*GP*AP*CP*AP*GP*CP*CP*GP*C)-3')"
3 polymer "DNA (5'-D(*GP*CP*GP*GP*CP*TP*GP*TP*CP*AP*TP*TP*(DDG))-3')"
4 non-polymer 'MAGNESIUM ION'
5 non-polymer "2'-3'-DIDEOXYGUANOSINE-5'-TRIPHOSPHATE"
6 non-polymer 2-[5-bromanyl-3-cyano-6-methyl-4-(trifluoromethyl)pyridin-2-yl]oxy-~{N}-ethyl-~{N}-(3-methylphenyl)ethanamide
7 water water
#
loop_
_entity_poly.entity_id
_entity_poly.type
_entity_poly.pdbx_seq_one_letter_code
_entity_poly.pdbx_strand_id
1 'polypeptide(L)'
;SSSESLSIIDVASDQNLFQTFIKEWRCKKRFSISLACEKIRSLTSSKTATIGSRFKQASSPQEIPIRDDGFPIKGCDDTL
VVGLAVCWGGRDAYYFSLQKEQKHSEISASLVPPSLDPSLTLKDRMWYLQSCLRKESDKECSVVIYDFIQSYKILLLSCG
ISLEQSYEDPKVACWLLDPDSQEPTLHSIVTSFLPHELPLLEGMETSQGIQSLGLNAGSEHSGRYRASVESILIFNSMNQ
LNSLLQKENLQDVFRKVEMPSQYCLALLELNGIGFSTAECESQKHIMQAKLDAIETQAYQLAGHSFSFTSSDDIAEVLFL
ELKLPPNREMKNQGSKKTLGSTRRGIDNGRKLRLGRQFSTSKDVLNKLKALHPLPGLILEWRRITNAITKVVFPLQREKC
LNPFLGMERIYPVSQSHTATGRITFTEPNIQNVPRDFEIKMGGMPFSISMRHAFVPFPGGSILAADYSQLELRILAHLSH
DRRLIQVLNTGADVFRSIAAEWKMIEPESVGDDLRQQAKQICYGIIYGMGAKSLGEQMGIKENDAACYIDSFKSRYTGIN
QFMTETVKNCKRDGFVQTILGRRRYLPGIKDNNPYRKAHAERQAINTIVQGSAADIVKIATVNIQKQLETFHSTFKSHGH
REGMLQSDQTGLSRKRKLQGMFCPIRGGFFILQLHDELLYEVAEEDVVQVAQIVKNEMESAVKLSVKLKVKVKIGASWGE
LKDFDV
;
AAA,BBB,CCC,DDD,EEE,FFF
2 'polydeoxyribonucleotide' (DT)(DT)(DC)(DC)(DA)(DA)(DT)(DG)(DA)(DC)(DA)(DG)(DC)(DC)(DG)(DC) GGG,III,KKK,MMM,OOO,QQQ
3 'polydeoxyribonucleotide' (DG)(DC)(DG)(DG)(DC)(DT)(DG)(DT)(DC)(DA)(DT)(DT)(DDG) HHH,JJJ,LLL,NNN,PPP,RRR
#
# COMPACT_ATOMS: atom_id res chain seq x y z
N SER A 5 48.45 30.74 -8.68
CA SER A 5 47.66 31.75 -7.88
C SER A 5 46.89 32.67 -8.83
N LEU A 6 45.65 33.08 -8.50
CA LEU A 6 44.88 34.03 -9.37
C LEU A 6 45.57 35.39 -9.35
N SER A 7 45.90 35.93 -10.53
CA SER A 7 46.54 37.26 -10.70
C SER A 7 45.73 38.09 -11.69
N ILE A 8 45.52 39.35 -11.36
CA ILE A 8 44.85 40.38 -12.17
C ILE A 8 45.92 41.41 -12.58
N ILE A 9 46.27 41.45 -13.86
CA ILE A 9 47.22 42.42 -14.44
C ILE A 9 46.40 43.61 -14.95
N ASP A 10 46.57 44.77 -14.31
CA ASP A 10 45.94 46.04 -14.71
C ASP A 10 46.76 46.67 -15.85
N VAL A 11 46.43 46.33 -17.09
CA VAL A 11 47.27 46.61 -18.28
C VAL A 11 47.32 48.13 -18.50
N ALA A 12 46.31 48.88 -18.07
CA ALA A 12 46.18 50.34 -18.31
C ALA A 12 46.91 51.15 -17.22
N SER A 13 47.63 50.51 -16.31
CA SER A 13 48.29 51.19 -15.17
C SER A 13 49.65 51.74 -15.62
N ASP A 14 50.17 51.24 -16.74
CA ASP A 14 51.53 51.60 -17.24
C ASP A 14 51.57 51.42 -18.76
N GLN A 15 51.96 52.48 -19.48
CA GLN A 15 52.09 52.54 -20.97
C GLN A 15 52.87 51.31 -21.46
N ASN A 16 53.98 51.00 -20.79
CA ASN A 16 54.91 49.91 -21.22
C ASN A 16 54.23 48.54 -21.08
N LEU A 17 53.54 48.30 -19.95
CA LEU A 17 52.80 47.04 -19.69
C LEU A 17 51.67 46.88 -20.72
N PHE A 18 51.00 48.01 -21.02
CA PHE A 18 49.87 48.08 -21.99
C PHE A 18 50.28 47.58 -23.38
N GLN A 19 51.40 48.09 -23.91
CA GLN A 19 51.89 47.77 -25.27
C GLN A 19 52.35 46.30 -25.32
N THR A 20 52.99 45.83 -24.24
CA THR A 20 53.40 44.39 -24.12
C THR A 20 52.15 43.52 -24.20
N PHE A 21 51.12 43.88 -23.42
CA PHE A 21 49.79 43.19 -23.45
C PHE A 21 49.21 43.26 -24.86
N ILE A 22 49.22 44.42 -25.51
CA ILE A 22 48.57 44.59 -26.84
C ILE A 22 49.31 43.71 -27.84
N LYS A 23 50.65 43.75 -27.83
CA LYS A 23 51.48 42.91 -28.73
C LYS A 23 51.12 41.42 -28.53
N GLU A 24 51.10 40.93 -27.28
CA GLU A 24 50.75 39.51 -26.97
C GLU A 24 49.32 39.21 -27.44
N TRP A 25 48.36 40.06 -27.08
CA TRP A 25 46.94 39.86 -27.44
C TRP A 25 46.84 39.68 -28.96
N ARG A 26 47.54 40.49 -29.75
CA ARG A 26 47.39 40.48 -31.23
C ARG A 26 47.90 39.15 -31.82
N CYS A 27 48.75 38.42 -31.09
CA CYS A 27 49.26 37.08 -31.49
C CYS A 27 48.26 35.93 -31.21
N LYS A 28 47.22 36.13 -30.40
CA LYS A 28 46.46 34.99 -29.82
C LYS A 28 45.41 34.49 -30.80
N LYS A 29 45.31 33.18 -30.95
CA LYS A 29 44.26 32.52 -31.78
C LYS A 29 43.04 32.22 -30.90
N ARG A 30 43.15 32.28 -29.58
CA ARG A 30 42.04 31.95 -28.65
C ARG A 30 42.18 32.78 -27.37
N PHE A 31 41.08 33.33 -26.90
CA PHE A 31 41.02 34.05 -25.62
C PHE A 31 39.56 34.18 -25.23
N SER A 32 39.38 34.43 -23.94
CA SER A 32 38.07 34.73 -23.34
C SER A 32 38.02 36.22 -23.08
N ILE A 33 36.85 36.83 -23.14
CA ILE A 33 36.61 38.18 -22.58
C ILE A 33 35.42 38.08 -21.67
N SER A 34 35.40 38.96 -20.71
CA SER A 34 34.25 39.18 -19.83
C SER A 34 34.15 40.67 -19.57
N LEU A 35 32.95 41.22 -19.79
CA LEU A 35 32.65 42.65 -19.55
C LEU A 35 32.46 42.85 -18.06
N ALA A 36 32.97 43.95 -17.52
CA ALA A 36 32.78 44.37 -16.13
C ALA A 36 31.69 45.44 -16.12
N CYS A 37 30.52 45.13 -15.57
CA CYS A 37 29.44 46.12 -15.31
C CYS A 37 29.31 46.30 -13.81
N GLU A 38 29.12 47.55 -13.38
CA GLU A 38 28.91 48.00 -11.97
C GLU A 38 27.74 48.98 -11.95
N LYS A 39 27.08 49.09 -10.79
CA LYS A 39 26.08 50.15 -10.54
C LYS A 39 26.85 51.43 -10.22
N ILE A 40 26.26 52.58 -10.55
CA ILE A 40 26.91 53.92 -10.40
C ILE A 40 27.19 54.21 -8.92
N ILE A 66 27.54 60.77 -21.35
CA ILE A 66 29.01 60.52 -21.35
C ILE A 66 29.57 60.84 -19.96
N ARG A 67 30.19 59.86 -19.31
CA ARG A 67 30.67 59.90 -17.90
C ARG A 67 32.16 59.53 -17.88
N ASP A 68 32.87 59.91 -16.82
CA ASP A 68 34.33 59.66 -16.63
C ASP A 68 34.57 58.21 -16.18
N ASP A 69 33.54 57.56 -15.64
CA ASP A 69 33.72 56.30 -14.85
C ASP A 69 33.19 55.09 -15.63
N GLY A 70 32.77 55.27 -16.90
CA GLY A 70 32.43 54.16 -17.81
C GLY A 70 31.30 54.47 -18.75
N PHE A 71 30.84 53.47 -19.49
CA PHE A 71 29.81 53.61 -20.57
C PHE A 71 28.43 53.18 -20.07
N PRO A 72 27.42 54.09 -20.02
CA PRO A 72 26.04 53.65 -19.75
C PRO A 72 25.58 52.53 -20.69
N ILE A 73 24.72 51.66 -20.17
CA ILE A 73 24.10 50.52 -20.91
C ILE A 73 22.68 50.93 -21.30
N LYS A 74 22.29 50.74 -22.57
CA LYS A 74 20.92 51.04 -23.06
C LYS A 74 19.92 50.12 -22.33
N GLY A 75 19.02 50.73 -21.56
CA GLY A 75 17.92 50.03 -20.88
C GLY A 75 18.07 50.02 -19.38
N CYS A 76 19.26 50.40 -18.86
CA CYS A 76 19.57 50.48 -17.41
C CYS A 76 20.25 51.81 -17.05
N ASP A 77 19.53 52.73 -16.41
CA ASP A 77 20.08 54.06 -16.00
C ASP A 77 21.00 53.89 -14.77
N ASP A 78 21.22 52.65 -14.33
CA ASP A 78 21.83 52.30 -13.03
C ASP A 78 23.30 51.82 -13.14
N THR A 79 23.60 51.14 -14.26
CA THR A 79 24.78 50.27 -14.50
C THR A 79 25.70 50.85 -15.57
N LEU A 80 27.02 50.68 -15.42
CA LEU A 80 28.05 51.12 -16.39
C LEU A 80 28.91 49.93 -16.79
N VAL A 81 29.34 49.85 -18.04
CA VAL A 81 30.51 49.03 -18.46
C VAL A 81 31.75 49.82 -18.01
N VAL A 82 32.54 49.29 -17.09
CA VAL A 82 33.73 50.00 -16.52
C VAL A 82 35.01 49.38 -17.07
N GLY A 83 34.92 48.19 -17.66
CA GLY A 83 36.11 47.55 -18.23
C GLY A 83 35.78 46.19 -18.76
N LEU A 84 36.80 45.41 -19.08
CA LEU A 84 36.67 43.99 -19.45
C LEU A 84 37.95 43.27 -19.07
N ALA A 85 37.87 41.95 -18.90
CA ALA A 85 39.00 41.07 -18.56
C ALA A 85 39.24 40.15 -19.75
N VAL A 86 40.50 39.83 -19.98
CA VAL A 86 40.94 38.92 -21.06
C VAL A 86 41.71 37.78 -20.42
N CYS A 87 41.49 36.57 -20.88
CA CYS A 87 42.26 35.41 -20.43
C CYS A 87 42.64 34.58 -21.64
N TRP A 88 43.89 34.14 -21.70
CA TRP A 88 44.36 33.23 -22.79
C TRP A 88 45.17 32.07 -22.21
N GLY A 89 44.97 31.74 -20.94
CA GLY A 89 45.59 30.54 -20.34
C GLY A 89 45.82 30.70 -18.85
N GLY A 90 45.89 29.59 -18.11
CA GLY A 90 46.27 29.57 -16.70
C GLY A 90 45.26 30.34 -15.88
N ARG A 91 45.73 31.06 -14.86
CA ARG A 91 44.89 31.78 -13.87
C ARG A 91 45.29 33.26 -13.88
N ASP A 92 45.74 33.74 -15.04
CA ASP A 92 46.07 35.16 -15.32
C ASP A 92 44.89 35.81 -16.07
N ALA A 93 44.28 36.82 -15.46
CA ALA A 93 43.27 37.72 -16.06
C ALA A 93 43.93 39.08 -16.33
N TYR A 94 43.83 39.58 -17.57
CA TYR A 94 44.32 40.92 -17.94
C TYR A 94 43.12 41.85 -17.87
N TYR A 95 43.04 42.71 -16.87
CA TYR A 95 41.91 43.64 -16.72
C TYR A 95 42.22 44.96 -17.45
N PHE A 96 41.34 45.31 -18.37
CA PHE A 96 41.47 46.42 -19.33
C PHE A 96 40.39 47.43 -18.95
N SER A 97 40.78 48.48 -18.22
CA SER A 97 39.85 49.53 -17.74
C SER A 97 39.38 50.42 -18.89
N LEU A 98 38.11 50.81 -18.84
CA LEU A 98 37.45 51.69 -19.83
C LEU A 98 36.92 52.93 -19.10
N GLN A 99 37.58 53.32 -18.02
CA GLN A 99 37.22 54.54 -17.26
C GLN A 99 38.18 55.68 -17.67
N LYS A 100 37.65 56.87 -17.92
CA LYS A 100 38.48 58.08 -18.18
C LYS A 100 39.37 58.33 -16.96
N GLU A 101 38.78 58.42 -15.77
CA GLU A 101 39.51 58.64 -14.48
C GLU A 101 39.00 57.67 -13.41
N GLN A 102 39.78 57.46 -12.35
CA GLN A 102 39.36 56.70 -11.13
C GLN A 102 39.16 55.22 -11.46
N PRO A 113 43.31 47.78 -7.58
CA PRO A 113 44.00 48.21 -8.80
C PRO A 113 44.91 49.43 -8.61
N PRO A 114 46.10 49.46 -9.25
CA PRO A 114 46.85 50.71 -9.43
C PRO A 114 46.14 51.64 -10.45
N SER A 115 46.43 52.95 -10.46
CA SER A 115 45.64 53.97 -11.21
C SER A 115 45.95 53.90 -12.71
N LEU A 116 45.24 54.69 -13.51
CA LEU A 116 45.42 54.80 -14.99
C LEU A 116 46.62 55.68 -15.32
N ASP A 117 47.55 55.14 -16.12
CA ASP A 117 48.58 55.91 -16.86
C ASP A 117 47.87 56.94 -17.74
N PRO A 118 48.04 58.25 -17.45
CA PRO A 118 47.26 59.28 -18.14
C PRO A 118 47.62 59.50 -19.63
N SER A 119 48.77 59.01 -20.10
CA SER A 119 49.16 58.99 -21.54
C SER A 119 48.25 58.02 -22.32
N LEU A 120 47.61 57.07 -21.63
CA LEU A 120 46.63 56.12 -22.26
C LEU A 120 45.22 56.72 -22.18
N THR A 121 44.91 57.64 -23.09
CA THR A 121 43.56 58.22 -23.17
C THR A 121 42.52 57.12 -23.41
N LEU A 122 41.29 57.38 -23.02
CA LEU A 122 40.16 56.46 -23.28
C LEU A 122 40.06 56.20 -24.79
N LYS A 123 40.16 57.25 -25.62
CA LYS A 123 40.13 57.14 -27.10
C LYS A 123 41.24 56.16 -27.55
N ASP A 124 42.47 56.32 -27.06
CA ASP A 124 43.58 55.37 -27.40
C ASP A 124 43.20 53.93 -27.01
N ARG A 125 42.64 53.73 -25.81
CA ARG A 125 42.27 52.37 -25.30
C ARG A 125 41.18 51.81 -26.21
N MET A 126 40.18 52.61 -26.56
CA MET A 126 39.06 52.17 -27.42
C MET A 126 39.60 51.80 -28.81
N TRP A 127 40.56 52.53 -29.31
CA TRP A 127 41.22 52.13 -30.58
C TRP A 127 41.76 50.68 -30.42
N TYR A 128 42.61 50.46 -29.42
CA TYR A 128 43.38 49.20 -29.24
C TYR A 128 42.38 48.07 -28.95
N LEU A 129 41.33 48.39 -28.22
CA LEU A 129 40.24 47.43 -27.97
C LEU A 129 39.59 47.03 -29.30
N GLN A 130 39.15 47.97 -30.14
CA GLN A 130 38.45 47.63 -31.41
C GLN A 130 39.41 46.83 -32.28
N SER A 131 40.69 47.20 -32.28
CA SER A 131 41.74 46.55 -33.10
C SER A 131 41.87 45.06 -32.75
N CYS A 132 41.82 44.70 -31.48
CA CYS A 132 42.06 43.31 -31.02
C CYS A 132 40.77 42.49 -31.15
N LEU A 133 39.60 43.14 -31.26
CA LEU A 133 38.31 42.45 -31.30
C LEU A 133 37.78 42.38 -32.74
N ARG A 134 38.51 42.86 -33.75
CA ARG A 134 38.08 42.78 -35.19
C ARG A 134 39.08 41.94 -35.99
N LYS A 135 38.61 41.01 -36.85
CA LYS A 135 39.43 40.06 -37.65
C LYS A 135 40.29 40.80 -38.68
N GLU A 136 41.51 40.30 -38.90
CA GLU A 136 42.35 40.59 -40.09
C GLU A 136 42.06 39.50 -41.14
N SER A 137 42.67 39.58 -42.33
CA SER A 137 42.42 38.66 -43.47
C SER A 137 43.24 37.37 -43.32
N ASP A 138 42.56 36.21 -43.32
CA ASP A 138 43.15 34.84 -43.28
C ASP A 138 43.75 34.56 -41.89
N LYS A 139 43.02 34.94 -40.83
CA LYS A 139 43.45 34.81 -39.41
C LYS A 139 42.30 34.18 -38.61
N GLU A 140 42.37 32.85 -38.38
CA GLU A 140 41.43 32.07 -37.51
C GLU A 140 41.66 32.48 -36.05
N CYS A 141 40.64 33.11 -35.47
CA CYS A 141 40.67 33.70 -34.09
C CYS A 141 39.32 33.46 -33.40
N SER A 142 39.32 32.88 -32.20
CA SER A 142 38.11 32.49 -31.46
C SER A 142 38.08 33.23 -30.13
N VAL A 143 36.95 33.87 -29.84
CA VAL A 143 36.68 34.54 -28.53
C VAL A 143 35.61 33.73 -27.79
N VAL A 144 35.90 33.40 -26.53
CA VAL A 144 35.01 32.65 -25.62
C VAL A 144 34.30 33.68 -24.74
N ILE A 145 32.97 33.74 -24.83
CA ILE A 145 32.14 34.68 -24.05
C ILE A 145 30.96 33.91 -23.47
N TYR A 146 30.87 33.90 -22.14
CA TYR A 146 29.66 33.46 -21.43
C TYR A 146 28.51 34.43 -21.77
N ASP A 147 27.39 33.88 -22.28
CA ASP A 147 26.22 34.70 -22.75
C ASP A 147 26.72 35.64 -23.84
N PHE A 148 27.19 35.04 -24.91
CA PHE A 148 27.67 35.75 -26.11
C PHE A 148 26.68 36.87 -26.53
N ILE A 149 25.41 36.56 -26.67
CA ILE A 149 24.41 37.50 -27.24
C ILE A 149 24.34 38.76 -26.39
N GLN A 150 24.19 38.63 -25.09
CA GLN A 150 24.07 39.83 -24.23
C GLN A 150 25.37 40.66 -24.31
N SER A 151 26.52 40.01 -24.44
CA SER A 151 27.83 40.71 -24.44
C SER A 151 28.02 41.42 -25.78
N TYR A 152 27.68 40.75 -26.89
CA TYR A 152 27.74 41.34 -28.25
C TYR A 152 26.93 42.64 -28.28
N LYS A 153 25.77 42.64 -27.63
CA LYS A 153 24.83 43.79 -27.70
C LYS A 153 25.38 44.93 -26.84
N ILE A 154 25.87 44.64 -25.65
CA ILE A 154 26.41 45.72 -24.78
C ILE A 154 27.65 46.33 -25.47
N LEU A 155 28.52 45.52 -26.06
CA LEU A 155 29.74 46.03 -26.73
C LEU A 155 29.32 46.96 -27.89
N LEU A 156 28.28 46.59 -28.64
CA LEU A 156 27.80 47.38 -29.81
C LEU A 156 27.14 48.66 -29.29
N LEU A 157 26.15 48.57 -28.40
CA LEU A 157 25.29 49.71 -28.01
C LEU A 157 26.00 50.62 -27.00
N SER A 158 26.81 50.08 -26.11
CA SER A 158 27.43 50.86 -25.00
C SER A 158 28.79 51.42 -25.43
N CYS A 159 29.61 50.61 -26.09
CA CYS A 159 31.02 50.95 -26.43
C CYS A 159 31.20 51.22 -27.92
N GLY A 160 30.19 50.96 -28.76
CA GLY A 160 30.28 51.20 -30.21
C GLY A 160 31.24 50.23 -30.87
N ILE A 161 31.38 49.03 -30.32
CA ILE A 161 32.32 48.00 -30.86
C ILE A 161 31.49 46.82 -31.37
N SER A 162 31.76 46.42 -32.61
CA SER A 162 31.15 45.22 -33.25
C SER A 162 32.21 44.14 -33.29
N LEU A 163 32.05 43.09 -32.45
CA LEU A 163 32.87 41.85 -32.49
C LEU A 163 32.90 41.34 -33.93
N GLU A 164 34.09 40.98 -34.43
CA GLU A 164 34.26 40.37 -35.78
C GLU A 164 35.35 39.29 -35.65
N GLN A 165 34.96 38.17 -35.05
CA GLN A 165 35.78 36.95 -34.90
C GLN A 165 34.82 35.74 -34.83
N SER A 166 35.35 34.53 -34.71
CA SER A 166 34.57 33.31 -34.38
C SER A 166 34.24 33.33 -32.87
N TYR A 167 33.01 33.01 -32.52
CA TYR A 167 32.52 33.04 -31.12
C TYR A 167 32.26 31.62 -30.65
N GLU A 168 32.52 31.47 -29.36
CA GLU A 168 32.29 30.22 -28.59
C GLU A 168 31.64 30.61 -27.26
N ASP A 169 30.40 30.16 -27.01
CA ASP A 169 29.69 30.37 -25.72
C ASP A 169 29.63 29.01 -25.02
N PRO A 170 30.25 28.87 -23.82
CA PRO A 170 30.16 27.62 -23.07
C PRO A 170 28.69 27.21 -22.75
N LYS A 171 27.77 28.16 -22.56
CA LYS A 171 26.32 27.86 -22.35
C LYS A 171 25.80 27.00 -23.52
N VAL A 172 26.19 27.34 -24.75
CA VAL A 172 25.66 26.66 -25.97
C VAL A 172 26.29 25.27 -26.08
N ALA A 173 27.57 25.17 -25.75
CA ALA A 173 28.30 23.88 -25.71
C ALA A 173 27.64 22.93 -24.71
N CYS A 174 27.27 23.41 -23.52
CA CYS A 174 26.56 22.60 -22.48
C CYS A 174 25.28 22.04 -23.08
N TRP A 175 24.48 22.91 -23.66
CA TRP A 175 23.20 22.54 -24.29
C TRP A 175 23.44 21.43 -25.31
N LEU A 176 24.49 21.58 -26.11
CA LEU A 176 24.79 20.67 -27.23
C LEU A 176 25.17 19.29 -26.67
N LEU A 177 25.73 19.22 -25.46
CA LEU A 177 26.14 17.93 -24.84
C LEU A 177 24.96 17.24 -24.18
N ASP A 178 23.98 17.99 -23.67
CA ASP A 178 22.74 17.42 -23.08
C ASP A 178 21.63 18.43 -23.15
N PRO A 179 20.76 18.36 -24.19
CA PRO A 179 19.75 19.40 -24.40
C PRO A 179 18.70 19.47 -23.27
N ASP A 180 18.56 18.41 -22.47
CA ASP A 180 17.56 18.28 -21.38
C ASP A 180 18.17 18.73 -20.04
N SER A 181 19.47 19.07 -20.01
CA SER A 181 20.17 19.59 -18.82
C SER A 181 19.46 20.88 -18.40
N GLN A 182 19.59 21.27 -17.13
CA GLN A 182 19.02 22.56 -16.67
C GLN A 182 19.83 23.67 -17.33
N GLU A 183 19.22 24.80 -17.66
CA GLU A 183 19.91 26.00 -18.16
C GLU A 183 21.19 26.19 -17.35
N PRO A 184 22.37 26.31 -18.00
CA PRO A 184 23.62 26.48 -17.29
C PRO A 184 23.76 27.83 -16.59
N THR A 185 24.39 27.85 -15.42
CA THR A 185 24.90 29.07 -14.76
C THR A 185 26.42 28.95 -14.79
N LEU A 186 27.16 29.99 -14.44
CA LEU A 186 28.64 29.88 -14.31
C LEU A 186 28.95 28.82 -13.25
N HIS A 187 28.17 28.77 -12.17
CA HIS A 187 28.33 27.82 -11.05
C HIS A 187 28.17 26.37 -11.53
N SER A 188 27.14 26.08 -12.33
CA SER A 188 26.87 24.72 -12.86
C SER A 188 27.96 24.31 -13.85
N ILE A 189 28.41 25.23 -14.69
CA ILE A 189 29.50 24.94 -15.69
C ILE A 189 30.76 24.56 -14.91
N VAL A 190 31.13 25.35 -13.91
CA VAL A 190 32.38 25.12 -13.15
C VAL A 190 32.22 23.81 -12.35
N THR A 191 31.05 23.60 -11.75
CA THR A 191 30.73 22.35 -11.02
C THR A 191 31.01 21.16 -11.95
N SER A 192 30.44 21.13 -13.16
CA SER A 192 30.48 19.96 -14.08
C SER A 192 31.83 19.80 -14.79
N PHE A 193 32.46 20.91 -15.22
CA PHE A 193 33.56 20.88 -16.20
C PHE A 193 34.86 21.43 -15.60
N LEU A 194 34.84 22.15 -14.48
CA LEU A 194 36.07 22.75 -13.89
C LEU A 194 36.01 22.67 -12.37
N PRO A 195 35.64 21.52 -11.76
CA PRO A 195 35.24 21.47 -10.35
C PRO A 195 36.34 21.88 -9.36
N HIS A 196 37.61 21.65 -9.72
CA HIS A 196 38.77 22.10 -8.92
C HIS A 196 38.81 23.62 -8.75
N GLU A 197 38.09 24.43 -9.55
CA GLU A 197 38.11 25.92 -9.43
C GLU A 197 36.85 26.43 -8.72
N LEU A 198 35.98 25.58 -8.19
CA LEU A 198 34.79 26.02 -7.42
C LEU A 198 35.16 27.01 -6.32
N PRO A 199 36.30 26.89 -5.60
CA PRO A 199 36.69 27.89 -4.59
C PRO A 199 36.68 29.35 -5.07
N LEU A 200 37.10 29.61 -6.32
CA LEU A 200 37.06 30.96 -6.95
C LEU A 200 35.65 31.57 -6.87
N LEU A 201 34.61 30.75 -6.81
CA LEU A 201 33.19 31.21 -6.83
C LEU A 201 32.64 31.33 -5.41
N GLU A 202 33.41 30.95 -4.38
CA GLU A 202 33.03 31.08 -2.95
C GLU A 202 32.72 32.54 -2.62
N GLY A 203 31.49 32.79 -2.12
CA GLY A 203 31.00 34.14 -1.74
C GLY A 203 30.55 34.96 -2.95
N MET A 204 30.31 34.30 -4.09
CA MET A 204 29.92 34.96 -5.36
C MET A 204 28.60 34.34 -5.79
N GLU A 205 27.57 34.54 -4.97
CA GLU A 205 26.25 33.86 -5.00
C GLU A 205 25.55 34.07 -6.36
N THR A 206 25.80 35.21 -7.02
CA THR A 206 25.23 35.58 -8.34
C THR A 206 25.74 34.65 -9.45
N SER A 207 26.85 33.91 -9.24
CA SER A 207 27.37 32.87 -10.17
C SER A 207 26.35 31.74 -10.34
N GLN A 208 25.37 31.62 -9.42
CA GLN A 208 24.27 30.60 -9.47
C GLN A 208 23.01 31.18 -10.15
N GLY A 209 23.09 32.39 -10.70
CA GLY A 209 22.07 32.93 -11.61
C GLY A 209 22.49 32.80 -13.05
N ILE A 210 21.55 33.00 -13.97
CA ILE A 210 21.70 32.75 -15.44
C ILE A 210 22.66 33.81 -16.03
N GLN A 211 22.52 35.05 -15.57
CA GLN A 211 23.26 36.25 -16.09
C GLN A 211 24.76 36.11 -15.80
N SER A 212 25.58 36.55 -16.76
CA SER A 212 27.07 36.61 -16.71
C SER A 212 27.53 37.25 -15.39
N LEU A 213 28.52 36.66 -14.73
CA LEU A 213 29.08 37.20 -13.45
C LEU A 213 29.54 38.66 -13.66
N GLY A 214 30.24 38.91 -14.77
CA GLY A 214 30.74 40.26 -15.15
C GLY A 214 29.59 41.24 -15.32
N LEU A 215 28.52 40.80 -15.96
CA LEU A 215 27.34 41.66 -16.34
C LEU A 215 26.46 41.90 -15.14
N ASN A 216 26.56 41.10 -14.09
CA ASN A 216 25.59 41.12 -12.97
C ASN A 216 26.12 42.09 -11.91
N ALA A 217 25.70 43.34 -12.02
CA ALA A 217 26.09 44.47 -11.16
C ALA A 217 25.28 44.45 -9.85
N GLY A 218 24.37 43.49 -9.68
CA GLY A 218 23.62 43.29 -8.41
C GLY A 218 24.46 42.55 -7.39
N SER A 219 25.79 42.68 -7.43
CA SER A 219 26.77 42.09 -6.48
C SER A 219 27.51 43.22 -5.77
N GLU A 220 28.07 42.94 -4.60
CA GLU A 220 28.92 43.89 -3.82
C GLU A 220 30.39 43.78 -4.28
N HIS A 221 30.71 42.73 -5.04
CA HIS A 221 32.06 42.52 -5.62
C HIS A 221 32.21 43.45 -6.82
N SER A 222 33.41 44.02 -6.99
CA SER A 222 33.74 44.94 -8.11
C SER A 222 33.58 44.23 -9.46
N GLY A 223 33.23 44.98 -10.50
CA GLY A 223 33.21 44.47 -11.89
C GLY A 223 34.56 43.93 -12.29
N ARG A 224 35.63 44.56 -11.82
CA ARG A 224 37.01 44.14 -12.13
C ARG A 224 37.22 42.71 -11.66
N TYR A 225 36.93 42.44 -10.39
CA TYR A 225 37.14 41.10 -9.76
C TYR A 225 36.23 40.10 -10.47
N ARG A 226 34.96 40.44 -10.63
CA ARG A 226 33.94 39.53 -11.20
C ARG A 226 34.36 39.16 -12.63
N ALA A 227 34.72 40.13 -13.45
CA ALA A 227 35.08 39.89 -14.87
C ALA A 227 36.37 39.09 -14.95
N SER A 228 37.34 39.36 -14.08
CA SER A 228 38.65 38.65 -14.08
C SER A 228 38.41 37.17 -13.74
N VAL A 229 37.63 36.88 -12.70
CA VAL A 229 37.30 35.49 -12.28
C VAL A 229 36.57 34.81 -13.42
N GLU A 230 35.52 35.45 -13.94
CA GLU A 230 34.75 34.88 -15.06
C GLU A 230 35.69 34.56 -16.22
N SER A 231 36.57 35.47 -16.59
CA SER A 231 37.43 35.29 -17.79
C SER A 231 38.23 34.00 -17.66
N ILE A 232 38.78 33.76 -16.47
CA ILE A 232 39.63 32.57 -16.17
C ILE A 232 38.73 31.33 -16.16
N LEU A 233 37.63 31.35 -15.43
CA LEU A 233 36.72 30.16 -15.36
C LEU A 233 36.22 29.79 -16.74
N ILE A 234 35.86 30.75 -17.56
CA ILE A 234 35.20 30.51 -18.90
C ILE A 234 36.25 30.01 -19.89
N PHE A 235 37.46 30.55 -19.91
CA PHE A 235 38.53 30.10 -20.85
C PHE A 235 38.83 28.63 -20.60
N ASN A 236 39.08 28.28 -19.33
CA ASN A 236 39.46 26.90 -18.91
C ASN A 236 38.29 25.94 -19.10
N SER A 237 37.08 26.33 -18.72
CA SER A 237 35.83 25.57 -18.92
C SER A 237 35.65 25.23 -20.40
N MET A 238 35.90 26.20 -21.28
CA MET A 238 35.61 26.04 -22.72
C MET A 238 36.63 25.06 -23.34
N ASN A 239 37.86 24.99 -22.81
CA ASN A 239 38.85 23.99 -23.27
C ASN A 239 38.27 22.59 -23.01
N GLN A 240 37.73 22.36 -21.83
CA GLN A 240 37.17 21.05 -21.44
C GLN A 240 35.93 20.80 -22.32
N LEU A 241 35.01 21.76 -22.42
CA LEU A 241 33.79 21.63 -23.28
C LEU A 241 34.19 21.34 -24.73
N ASN A 242 35.23 21.96 -25.26
CA ASN A 242 35.71 21.70 -26.65
C ASN A 242 36.21 20.26 -26.78
N SER A 243 36.95 19.74 -25.81
CA SER A 243 37.38 18.33 -25.83
C SER A 243 36.14 17.42 -25.83
N LEU A 244 35.13 17.72 -25.04
CA LEU A 244 33.91 16.86 -24.97
C LEU A 244 33.14 16.96 -26.29
N LEU A 245 32.99 18.14 -26.88
CA LEU A 245 32.33 18.32 -28.20
C LEU A 245 33.06 17.48 -29.25
N GLN A 246 34.39 17.47 -29.22
CA GLN A 246 35.22 16.67 -30.17
C GLN A 246 34.98 15.18 -29.95
N LYS A 247 34.95 14.73 -28.70
CA LYS A 247 34.67 13.31 -28.39
C LYS A 247 33.27 12.94 -28.95
N GLU A 248 32.27 13.80 -28.82
CA GLU A 248 30.86 13.53 -29.26
C GLU A 248 30.68 13.87 -30.74
N ASN A 249 31.68 14.46 -31.40
CA ASN A 249 31.62 14.83 -32.83
C ASN A 249 30.53 15.88 -33.07
N LEU A 250 30.43 16.85 -32.16
CA LEU A 250 29.47 17.97 -32.24
C LEU A 250 30.19 19.30 -32.44
N GLN A 251 31.50 19.29 -32.66
CA GLN A 251 32.28 20.55 -32.77
C GLN A 251 31.94 21.25 -34.09
N ASP A 252 31.78 20.51 -35.19
CA ASP A 252 31.39 21.08 -36.50
C ASP A 252 30.03 21.79 -36.32
N VAL A 253 29.08 21.09 -35.70
CA VAL A 253 27.71 21.61 -35.46
C VAL A 253 27.84 22.92 -34.67
N PHE A 254 28.66 22.92 -33.64
CA PHE A 254 28.85 24.05 -32.70
C PHE A 254 29.38 25.28 -33.46
N ARG A 255 30.41 25.10 -34.28
CA ARG A 255 31.11 26.23 -34.98
C ARG A 255 30.34 26.66 -36.24
N LYS A 256 29.74 25.75 -36.99
CA LYS A 256 29.11 26.06 -38.32
C LYS A 256 27.60 26.39 -38.19
N VAL A 257 26.90 25.92 -37.15
CA VAL A 257 25.41 26.09 -37.06
C VAL A 257 25.04 26.82 -35.78
N GLU A 258 25.36 26.28 -34.61
CA GLU A 258 24.80 26.80 -33.34
C GLU A 258 25.36 28.19 -33.04
N MET A 259 26.67 28.41 -33.12
CA MET A 259 27.19 29.76 -32.72
C MET A 259 26.79 30.80 -33.78
N PRO A 260 26.88 30.52 -35.09
CA PRO A 260 26.34 31.44 -36.10
C PRO A 260 24.85 31.77 -35.89
N SER A 261 24.06 30.75 -35.49
CA SER A 261 22.63 30.89 -35.16
C SER A 261 22.49 31.89 -34.01
N GLN A 262 23.35 31.79 -32.99
CA GLN A 262 23.35 32.78 -31.90
C GLN A 262 23.64 34.20 -32.44
N TYR A 263 24.55 34.34 -33.39
CA TYR A 263 24.87 35.65 -33.99
C TYR A 263 23.62 36.21 -34.70
N CYS A 264 22.97 35.41 -35.53
CA CYS A 264 21.67 35.81 -36.17
C CYS A 264 20.67 36.25 -35.09
N LEU A 265 20.60 35.55 -33.95
CA LEU A 265 19.59 35.89 -32.91
C LEU A 265 19.98 37.19 -32.22
N ALA A 266 21.27 37.47 -32.11
CA ALA A 266 21.75 38.77 -31.58
C ALA A 266 21.26 39.92 -32.46
N LEU A 267 21.33 39.78 -33.78
CA LEU A 267 20.85 40.84 -34.71
C LEU A 267 19.33 41.04 -34.51
N LEU A 268 18.57 39.94 -34.38
CA LEU A 268 17.11 39.97 -34.16
C LEU A 268 16.80 40.73 -32.86
N GLU A 269 17.56 40.45 -31.81
CA GLU A 269 17.32 41.07 -30.50
C GLU A 269 17.68 42.55 -30.57
N LEU A 270 18.69 42.91 -31.36
CA LEU A 270 19.05 44.34 -31.58
C LEU A 270 17.96 44.99 -32.42
N ASN A 271 17.40 44.27 -33.40
CA ASN A 271 16.37 44.83 -34.31
C ASN A 271 15.08 45.11 -33.54
N GLY A 272 14.64 44.18 -32.70
CA GLY A 272 13.27 44.22 -32.16
C GLY A 272 12.21 44.11 -33.26
N ILE A 273 10.94 44.20 -32.89
CA ILE A 273 9.81 44.10 -33.86
C ILE A 273 8.93 45.33 -33.66
N GLY A 274 8.57 45.96 -34.76
CA GLY A 274 7.73 47.17 -34.73
C GLY A 274 6.36 46.88 -34.15
N PHE A 275 5.79 47.86 -33.46
CA PHE A 275 4.56 47.73 -32.67
C PHE A 275 3.76 49.02 -32.80
N SER A 276 2.48 48.87 -33.06
CA SER A 276 1.42 49.92 -33.01
C SER A 276 0.55 49.81 -31.76
N THR A 277 0.51 50.87 -30.97
CA THR A 277 -0.24 50.92 -29.70
C THR A 277 -1.70 51.28 -29.96
N ALA A 278 -1.96 52.11 -30.98
CA ALA A 278 -3.30 52.46 -31.49
C ALA A 278 -4.08 51.22 -31.90
N GLU A 279 -3.48 50.34 -32.71
CA GLU A 279 -4.12 49.09 -33.19
C GLU A 279 -4.48 48.21 -32.00
N CYS A 280 -3.52 48.01 -31.10
CA CYS A 280 -3.66 47.23 -29.85
C CYS A 280 -4.81 47.77 -28.99
N GLU A 281 -4.90 49.08 -28.73
CA GLU A 281 -5.91 49.72 -27.82
C GLU A 281 -7.31 49.51 -28.38
N SER A 282 -7.48 49.63 -29.68
CA SER A 282 -8.82 49.55 -30.32
C SER A 282 -9.29 48.10 -30.22
N GLN A 283 -8.40 47.13 -30.38
CA GLN A 283 -8.72 45.71 -30.18
C GLN A 283 -9.08 45.46 -28.70
N LYS A 284 -8.28 46.00 -27.79
CA LYS A 284 -8.50 45.88 -26.32
C LYS A 284 -9.91 46.33 -25.99
N HIS A 285 -10.37 47.46 -26.51
CA HIS A 285 -11.69 48.05 -26.14
C HIS A 285 -12.83 47.13 -26.59
N ILE A 286 -12.73 46.53 -27.77
CA ILE A 286 -13.74 45.56 -28.30
C ILE A 286 -13.74 44.33 -27.40
N MET A 287 -12.55 43.80 -27.11
CA MET A 287 -12.39 42.60 -26.25
C MET A 287 -12.98 42.88 -24.86
N GLN A 288 -12.74 44.06 -24.31
CA GLN A 288 -13.15 44.37 -22.91
C GLN A 288 -14.66 44.50 -22.84
N ALA A 289 -15.29 45.04 -23.88
CA ALA A 289 -16.76 45.18 -24.00
C ALA A 289 -17.40 43.79 -24.02
N LYS A 290 -16.78 42.84 -24.73
CA LYS A 290 -17.28 41.45 -24.84
C LYS A 290 -17.11 40.75 -23.48
N LEU A 291 -15.97 40.95 -22.83
CA LEU A 291 -15.74 40.41 -21.46
C LEU A 291 -16.83 40.90 -20.51
N ASP A 292 -17.23 42.17 -20.60
CA ASP A 292 -18.23 42.78 -19.69
C ASP A 292 -19.58 42.11 -19.91
N ALA A 293 -20.03 41.98 -21.16
CA ALA A 293 -21.31 41.32 -21.55
C ALA A 293 -21.28 39.85 -21.12
N ILE A 294 -20.17 39.15 -21.34
CA ILE A 294 -20.01 37.72 -20.93
C ILE A 294 -20.19 37.62 -19.42
N GLU A 295 -19.50 38.45 -18.65
CA GLU A 295 -19.57 38.44 -17.15
C GLU A 295 -21.02 38.63 -16.74
N THR A 296 -21.68 39.69 -17.22
CA THR A 296 -23.06 40.07 -16.79
C THR A 296 -24.00 38.91 -17.09
N GLN A 297 -23.86 38.23 -18.25
CA GLN A 297 -24.72 37.10 -18.65
C GLN A 297 -24.36 35.86 -17.81
N ALA A 298 -23.07 35.57 -17.63
CA ALA A 298 -22.62 34.45 -16.77
C ALA A 298 -23.23 34.58 -15.37
N TYR A 299 -23.15 35.76 -14.75
CA TYR A 299 -23.57 36.00 -13.34
C TYR A 299 -25.09 35.87 -13.23
N GLN A 300 -25.86 36.20 -14.27
CA GLN A 300 -27.33 36.05 -14.24
C GLN A 300 -27.68 34.57 -14.36
N LEU A 301 -27.01 33.81 -15.22
CA LEU A 301 -27.24 32.35 -15.35
C LEU A 301 -26.83 31.64 -14.04
N ALA A 302 -25.71 32.03 -13.44
CA ALA A 302 -25.19 31.43 -12.19
C ALA A 302 -26.06 31.79 -10.98
N GLY A 303 -26.70 32.96 -11.01
CA GLY A 303 -27.49 33.51 -9.89
C GLY A 303 -26.67 34.37 -8.95
N HIS A 304 -25.34 34.32 -9.02
CA HIS A 304 -24.44 35.12 -8.15
C HIS A 304 -23.13 35.40 -8.87
N SER A 305 -22.35 36.38 -8.39
CA SER A 305 -20.94 36.60 -8.80
C SER A 305 -20.17 35.30 -8.55
N PHE A 306 -19.18 35.03 -9.40
CA PHE A 306 -18.18 33.95 -9.20
C PHE A 306 -16.91 34.39 -9.92
N SER A 307 -15.75 33.95 -9.45
CA SER A 307 -14.43 34.22 -10.08
C SER A 307 -14.23 33.26 -11.24
N PHE A 308 -13.98 33.78 -12.44
CA PHE A 308 -13.70 32.99 -13.68
C PHE A 308 -12.31 32.34 -13.57
N THR A 309 -11.50 32.77 -12.59
CA THR A 309 -10.09 32.32 -12.40
C THR A 309 -10.01 31.21 -11.36
N SER A 310 -11.11 30.89 -10.65
CA SER A 310 -11.19 29.80 -9.66
C SER A 310 -11.90 28.59 -10.26
N SER A 311 -11.13 27.51 -10.52
CA SER A 311 -11.63 26.17 -10.93
C SER A 311 -12.71 25.70 -9.95
N ASP A 312 -12.46 25.91 -8.65
CA ASP A 312 -13.36 25.56 -7.53
C ASP A 312 -14.74 26.19 -7.75
N ASP A 313 -14.78 27.52 -7.91
CA ASP A 313 -16.03 28.31 -8.09
C ASP A 313 -16.79 27.75 -9.30
N ILE A 314 -16.10 27.59 -10.44
CA ILE A 314 -16.70 27.15 -11.72
C ILE A 314 -17.28 25.74 -11.55
N ALA A 315 -16.55 24.87 -10.84
CA ALA A 315 -16.98 23.48 -10.56
C ALA A 315 -18.22 23.49 -9.68
N GLU A 316 -18.23 24.34 -8.64
CA GLU A 316 -19.40 24.51 -7.73
C GLU A 316 -20.61 24.84 -8.60
N VAL A 317 -20.50 25.82 -9.50
CA VAL A 317 -21.64 26.33 -10.33
C VAL A 317 -22.05 25.26 -11.35
N LEU A 318 -21.10 24.70 -12.11
CA LEU A 318 -21.44 23.79 -13.23
C LEU A 318 -22.03 22.48 -12.67
N PHE A 319 -21.44 21.90 -11.62
CA PHE A 319 -21.64 20.47 -11.25
C PHE A 319 -22.55 20.35 -10.03
N LEU A 320 -22.35 21.17 -9.00
CA LEU A 320 -23.18 21.16 -7.76
C LEU A 320 -24.48 21.93 -7.99
N GLU A 321 -24.42 23.13 -8.56
CA GLU A 321 -25.52 24.13 -8.49
C GLU A 321 -26.40 24.05 -9.75
N LEU A 322 -25.91 23.43 -10.83
CA LEU A 322 -26.64 23.23 -12.11
C LEU A 322 -26.72 21.73 -12.45
N LYS A 323 -25.89 20.89 -11.81
CA LYS A 323 -25.94 19.41 -11.92
C LYS A 323 -25.71 18.97 -13.38
N LEU A 324 -24.69 19.50 -14.05
CA LEU A 324 -24.27 19.00 -15.40
C LEU A 324 -23.42 17.75 -15.21
N PRO A 325 -23.46 16.78 -16.14
CA PRO A 325 -22.76 15.49 -15.98
C PRO A 325 -21.25 15.48 -16.22
N PRO A 326 -20.41 15.12 -15.22
CA PRO A 326 -18.96 15.00 -15.44
C PRO A 326 -18.54 13.62 -15.97
N PHE A 358 -13.48 17.44 -9.49
CA PHE A 358 -14.20 17.64 -10.77
C PHE A 358 -13.46 18.71 -11.60
N SER A 359 -12.85 18.29 -12.71
CA SER A 359 -12.04 19.14 -13.65
C SER A 359 -12.95 20.13 -14.39
N THR A 360 -12.39 21.29 -14.76
CA THR A 360 -13.04 22.38 -15.52
C THR A 360 -12.19 22.70 -16.75
N SER A 361 -11.57 21.69 -17.35
CA SER A 361 -10.65 21.84 -18.50
C SER A 361 -11.44 22.20 -19.76
N LYS A 362 -10.71 22.63 -20.79
CA LYS A 362 -11.24 22.91 -22.15
C LYS A 362 -12.11 21.74 -22.61
N ASP A 363 -11.63 20.50 -22.45
CA ASP A 363 -12.25 19.27 -23.01
C ASP A 363 -13.61 19.04 -22.33
N VAL A 364 -13.66 19.18 -21.01
CA VAL A 364 -14.91 19.07 -20.20
C VAL A 364 -15.91 20.13 -20.73
N LEU A 365 -15.53 21.41 -20.74
CA LEU A 365 -16.48 22.52 -21.00
C LEU A 365 -16.92 22.44 -22.46
N ASN A 366 -16.06 21.91 -23.33
CA ASN A 366 -16.34 21.76 -24.78
C ASN A 366 -17.46 20.75 -24.99
N LYS A 367 -17.50 19.68 -24.18
CA LYS A 367 -18.62 18.70 -24.19
C LYS A 367 -19.88 19.41 -23.67
N LEU A 368 -19.77 20.10 -22.54
CA LEU A 368 -20.95 20.60 -21.77
C LEU A 368 -21.62 21.77 -22.49
N LYS A 369 -20.94 22.47 -23.40
CA LYS A 369 -21.50 23.70 -24.05
C LYS A 369 -22.73 23.31 -24.88
N ALA A 370 -22.82 22.04 -25.29
CA ALA A 370 -24.01 21.50 -25.98
C ALA A 370 -25.24 21.49 -25.04
N LEU A 371 -25.08 21.58 -23.70
CA LEU A 371 -26.16 21.32 -22.71
C LEU A 371 -26.60 22.61 -21.97
N HIS A 372 -25.81 23.67 -21.98
CA HIS A 372 -26.08 24.90 -21.18
C HIS A 372 -25.16 26.00 -21.67
N PRO A 373 -25.62 27.27 -21.68
CA PRO A 373 -24.82 28.39 -22.22
C PRO A 373 -23.56 28.74 -21.41
N LEU A 374 -23.54 28.47 -20.10
CA LEU A 374 -22.47 28.99 -19.18
C LEU A 374 -21.09 28.42 -19.52
N PRO A 375 -20.91 27.09 -19.75
CA PRO A 375 -19.60 26.57 -20.16
C PRO A 375 -18.96 27.24 -21.38
N GLY A 376 -19.76 27.56 -22.38
CA GLY A 376 -19.32 28.34 -23.57
C GLY A 376 -18.88 29.74 -23.20
N LEU A 377 -19.61 30.45 -22.34
CA LEU A 377 -19.23 31.79 -21.83
C LEU A 377 -17.88 31.69 -21.13
N ILE A 378 -17.69 30.66 -20.28
CA ILE A 378 -16.42 30.44 -19.54
C ILE A 378 -15.28 30.34 -20.57
N LEU A 379 -15.50 29.57 -21.63
CA LEU A 379 -14.42 29.28 -22.62
C LEU A 379 -14.02 30.56 -23.34
N GLU A 380 -15.02 31.37 -23.68
CA GLU A 380 -14.80 32.64 -24.41
C GLU A 380 -14.13 33.65 -23.47
N TRP A 381 -14.57 33.68 -22.22
CA TRP A 381 -13.95 34.53 -21.18
C TRP A 381 -12.44 34.26 -21.10
N ARG A 382 -12.05 32.99 -21.06
CA ARG A 382 -10.63 32.60 -20.89
C ARG A 382 -9.87 32.95 -22.15
N ARG A 383 -10.48 32.81 -23.33
CA ARG A 383 -9.82 33.08 -24.62
C ARG A 383 -9.51 34.57 -24.65
N ILE A 384 -10.50 35.41 -24.37
CA ILE A 384 -10.36 36.88 -24.51
C ILE A 384 -9.47 37.40 -23.37
N THR A 385 -9.66 36.93 -22.14
CA THR A 385 -8.82 37.33 -20.98
C THR A 385 -7.37 37.01 -21.30
N ASN A 386 -7.10 35.89 -21.95
CA ASN A 386 -5.74 35.49 -22.39
C ASN A 386 -5.16 36.56 -23.32
N ALA A 387 -5.90 36.97 -24.35
CA ALA A 387 -5.41 37.98 -25.33
C ALA A 387 -5.15 39.31 -24.60
N ILE A 388 -5.99 39.69 -23.65
CA ILE A 388 -5.83 40.99 -22.92
C ILE A 388 -4.65 40.89 -21.94
N THR A 389 -4.59 39.89 -21.07
CA THR A 389 -3.69 39.87 -19.87
C THR A 389 -2.35 39.25 -20.20
N LYS A 390 -2.28 38.35 -21.17
CA LYS A 390 -1.04 37.61 -21.53
C LYS A 390 -0.48 38.13 -22.85
N VAL A 391 -1.19 38.99 -23.59
CA VAL A 391 -0.64 39.51 -24.87
C VAL A 391 -0.65 41.04 -24.86
N VAL A 392 -1.79 41.70 -24.83
CA VAL A 392 -1.87 43.20 -24.82
C VAL A 392 -1.08 43.79 -23.64
N PHE A 393 -1.30 43.35 -22.41
CA PHE A 393 -0.72 43.99 -21.20
C PHE A 393 0.80 43.91 -21.29
N PRO A 394 1.40 42.71 -21.50
CA PRO A 394 2.86 42.62 -21.63
C PRO A 394 3.44 43.38 -22.84
N LEU A 395 2.81 43.36 -24.01
CA LEU A 395 3.32 44.13 -25.17
C LEU A 395 3.32 45.62 -24.85
N GLN A 396 2.25 46.16 -24.27
CA GLN A 396 2.13 47.61 -23.97
C GLN A 396 3.01 48.03 -22.81
N ARG A 397 3.56 47.06 -22.05
CA ARG A 397 4.51 47.30 -20.93
C ARG A 397 5.95 47.25 -21.44
N GLU A 398 6.24 46.41 -22.45
CA GLU A 398 7.62 46.09 -22.94
C GLU A 398 7.98 47.01 -24.10
N LYS A 399 7.01 47.71 -24.67
CA LYS A 399 7.23 48.59 -25.85
C LYS A 399 8.21 49.66 -25.44
N CYS A 400 9.01 50.13 -26.41
CA CYS A 400 10.16 51.04 -26.23
C CYS A 400 10.19 51.95 -27.46
N LEU A 401 10.21 53.27 -27.27
CA LEU A 401 10.44 54.22 -28.41
C LEU A 401 11.82 53.96 -29.05
N ASN A 402 11.85 53.80 -30.38
CA ASN A 402 13.12 53.84 -31.14
C ASN A 402 13.17 55.18 -31.86
N PRO A 403 13.99 56.15 -31.36
CA PRO A 403 13.99 57.51 -31.90
C PRO A 403 14.55 57.61 -33.33
N PHE A 404 15.34 56.64 -33.80
CA PHE A 404 15.95 56.64 -35.16
C PHE A 404 14.88 56.25 -36.18
N LEU A 405 14.22 55.10 -35.97
CA LEU A 405 13.15 54.59 -36.87
C LEU A 405 11.88 55.44 -36.72
N GLY A 406 11.69 56.10 -35.57
CA GLY A 406 10.51 56.96 -35.31
C GLY A 406 9.26 56.13 -35.08
N MET A 407 9.36 55.08 -34.26
CA MET A 407 8.26 54.13 -33.97
C MET A 407 8.56 53.38 -32.68
N GLU A 408 7.53 52.77 -32.10
CA GLU A 408 7.66 51.88 -30.94
C GLU A 408 8.07 50.49 -31.44
N ARG A 409 8.88 49.81 -30.64
CA ARG A 409 9.28 48.42 -30.96
C ARG A 409 9.27 47.63 -29.67
N ILE A 410 9.25 46.31 -29.81
CA ILE A 410 9.37 45.36 -28.68
C ILE A 410 10.65 44.56 -28.90
N TYR A 411 11.37 44.32 -27.82
CA TYR A 411 12.71 43.68 -27.83
C TYR A 411 12.61 42.39 -27.01
N PRO A 412 12.14 41.30 -27.63
CA PRO A 412 12.07 40.02 -26.93
C PRO A 412 13.47 39.39 -26.88
N VAL A 413 13.65 38.42 -25.98
CA VAL A 413 14.94 37.77 -25.70
C VAL A 413 14.84 36.36 -26.23
N SER A 414 15.76 35.91 -27.06
CA SER A 414 15.77 34.55 -27.63
C SER A 414 16.18 33.58 -26.53
N GLN A 415 15.73 32.34 -26.67
CA GLN A 415 15.99 31.20 -25.74
C GLN A 415 16.21 29.98 -26.64
N SER A 416 17.42 29.45 -26.64
CA SER A 416 17.87 28.35 -27.51
C SER A 416 18.06 27.08 -26.69
N HIS A 417 17.88 27.14 -25.38
CA HIS A 417 18.07 25.95 -24.53
C HIS A 417 16.75 25.18 -24.49
N THR A 418 16.48 24.34 -25.49
CA THR A 418 15.19 23.61 -25.66
C THR A 418 15.52 22.15 -25.89
N ALA A 419 14.55 21.25 -25.71
CA ALA A 419 14.78 19.80 -25.76
C ALA A 419 15.16 19.36 -27.16
N THR A 420 14.65 20.04 -28.18
CA THR A 420 14.70 19.59 -29.59
C THR A 420 15.50 20.55 -30.47
N GLY A 421 15.90 21.71 -29.96
CA GLY A 421 16.71 22.68 -30.72
C GLY A 421 15.86 23.70 -31.42
N ARG A 422 14.57 23.76 -31.08
CA ARG A 422 13.72 24.90 -31.46
C ARG A 422 14.26 26.15 -30.78
N ILE A 423 13.91 27.31 -31.32
CA ILE A 423 14.16 28.61 -30.65
C ILE A 423 12.82 29.16 -30.17
N THR A 424 12.80 29.75 -28.98
CA THR A 424 11.60 30.39 -28.41
C THR A 424 12.01 31.76 -27.90
N PHE A 425 11.09 32.51 -27.34
CA PHE A 425 11.35 33.90 -26.88
C PHE A 425 10.67 34.08 -25.54
N THR A 426 11.19 35.02 -24.78
CA THR A 426 10.63 35.47 -23.48
C THR A 426 10.56 37.00 -23.48
N GLU A 427 9.73 37.52 -22.59
CA GLU A 427 9.72 38.93 -22.14
C GLU A 427 9.55 39.84 -23.35
N PRO A 428 8.42 39.72 -24.09
CA PRO A 428 7.42 38.67 -23.92
C PRO A 428 7.59 37.55 -24.97
N ASN A 429 6.85 36.44 -24.89
CA ASN A 429 6.95 35.35 -25.90
C ASN A 429 5.99 35.65 -27.04
N ILE A 430 6.49 36.36 -28.03
CA ILE A 430 5.77 36.83 -29.23
C ILE A 430 5.33 35.65 -30.09
N GLN A 431 5.93 34.49 -29.94
CA GLN A 431 5.45 33.29 -30.67
C GLN A 431 4.01 32.96 -30.26
N ASN A 432 3.52 33.43 -29.11
CA ASN A 432 2.22 32.96 -28.54
C ASN A 432 1.10 33.97 -28.83
N VAL A 433 1.41 34.96 -29.63
CA VAL A 433 0.39 35.97 -30.04
C VAL A 433 -0.68 35.19 -30.79
N PRO A 434 -1.94 35.32 -30.33
CA PRO A 434 -3.07 34.60 -30.95
C PRO A 434 -3.14 34.77 -32.47
N ARG A 435 -3.48 33.66 -33.15
CA ARG A 435 -4.15 33.62 -34.48
C ARG A 435 -5.33 34.58 -34.46
N ASP A 436 -5.72 35.12 -35.63
CA ASP A 436 -6.97 35.92 -35.79
C ASP A 436 -8.15 35.11 -35.21
N PHE A 437 -9.08 35.76 -34.50
CA PHE A 437 -10.37 35.17 -34.04
C PHE A 437 -11.48 36.22 -34.08
N GLU A 438 -12.70 35.74 -33.96
CA GLU A 438 -13.92 36.57 -34.14
C GLU A 438 -14.65 36.72 -32.81
N ILE A 439 -15.14 37.94 -32.56
CA ILE A 439 -16.04 38.27 -31.43
C ILE A 439 -17.35 38.76 -32.05
N LYS A 440 -18.49 38.18 -31.62
CA LYS A 440 -19.85 38.65 -32.03
C LYS A 440 -20.46 39.44 -30.86
N MET A 441 -20.98 40.63 -31.14
CA MET A 441 -21.71 41.47 -30.18
C MET A 441 -22.91 42.05 -30.91
N GLY A 442 -24.10 41.94 -30.31
CA GLY A 442 -25.38 42.25 -30.96
C GLY A 442 -25.47 41.68 -32.38
N GLY A 443 -24.97 40.45 -32.55
CA GLY A 443 -24.98 39.74 -33.82
C GLY A 443 -24.11 40.39 -34.90
N MET A 444 -23.17 41.27 -34.53
CA MET A 444 -22.18 41.86 -35.47
C MET A 444 -20.81 41.28 -35.14
N PRO A 445 -20.08 40.77 -36.16
CA PRO A 445 -18.77 40.18 -35.95
C PRO A 445 -17.67 41.25 -35.97
N PHE A 446 -16.71 41.16 -35.05
CA PHE A 446 -15.46 41.97 -35.04
C PHE A 446 -14.27 41.02 -35.09
N SER A 447 -13.40 41.22 -36.07
CA SER A 447 -12.13 40.48 -36.24
C SER A 447 -11.12 40.98 -35.22
N ILE A 448 -10.62 40.13 -34.33
CA ILE A 448 -9.48 40.48 -33.43
C ILE A 448 -8.24 39.86 -34.06
N SER A 449 -7.37 40.69 -34.64
CA SER A 449 -6.07 40.29 -35.20
C SER A 449 -4.94 40.95 -34.39
N MET A 450 -4.52 40.29 -33.32
CA MET A 450 -3.46 40.81 -32.44
C MET A 450 -2.18 40.99 -33.26
N ARG A 451 -1.94 40.09 -34.22
CA ARG A 451 -0.74 40.14 -35.09
C ARG A 451 -0.72 41.43 -35.90
N HIS A 452 -1.86 42.06 -36.13
CA HIS A 452 -1.98 43.29 -36.93
C HIS A 452 -1.31 44.48 -36.21
N ALA A 453 -0.98 44.34 -34.92
CA ALA A 453 -0.29 45.40 -34.16
C ALA A 453 1.22 45.40 -34.44
N PHE A 454 1.71 44.34 -35.10
CA PHE A 454 3.16 44.20 -35.40
C PHE A 454 3.42 44.67 -36.82
N VAL A 455 4.10 45.81 -36.94
CA VAL A 455 4.19 46.60 -38.20
C VAL A 455 5.65 46.77 -38.56
N PRO A 456 5.99 46.96 -39.85
CA PRO A 456 7.35 47.33 -40.24
C PRO A 456 7.58 48.82 -39.99
N PHE A 457 8.84 49.26 -40.08
CA PHE A 457 9.24 50.69 -40.02
C PHE A 457 8.50 51.38 -41.16
N PRO A 458 8.21 52.69 -41.05
CA PRO A 458 7.59 53.43 -42.14
C PRO A 458 8.28 53.22 -43.50
N GLY A 459 7.51 52.86 -44.54
CA GLY A 459 8.04 52.54 -45.89
C GLY A 459 8.28 51.04 -46.06
N GLY A 460 8.59 50.34 -44.97
CA GLY A 460 8.98 48.91 -45.00
C GLY A 460 7.81 47.95 -45.19
N SER A 461 8.12 46.67 -45.38
CA SER A 461 7.15 45.56 -45.41
C SER A 461 7.61 44.44 -44.46
N ILE A 462 6.67 43.66 -43.93
CA ILE A 462 6.97 42.36 -43.26
C ILE A 462 7.00 41.31 -44.36
N LEU A 463 8.05 40.51 -44.40
CA LEU A 463 8.17 39.32 -45.26
C LEU A 463 8.21 38.09 -44.36
N ALA A 464 7.35 37.13 -44.61
CA ALA A 464 7.28 35.82 -43.94
C ALA A 464 7.57 34.75 -45.00
N ALA A 465 8.49 33.85 -44.71
CA ALA A 465 8.77 32.67 -45.55
C ALA A 465 8.64 31.44 -44.66
N ASP A 466 7.77 30.52 -45.03
CA ASP A 466 7.44 29.31 -44.22
C ASP A 466 7.67 28.07 -45.08
N TYR A 467 8.29 27.05 -44.49
CA TYR A 467 8.37 25.69 -45.05
C TYR A 467 6.97 25.07 -45.04
N SER A 468 6.55 24.57 -46.19
CA SER A 468 5.33 23.70 -46.30
C SER A 468 5.58 22.30 -45.72
N GLN A 469 4.93 21.98 -44.61
CA GLN A 469 4.90 20.63 -43.98
C GLN A 469 6.35 20.11 -43.88
N LEU A 470 7.20 20.86 -43.18
CA LEU A 470 8.64 20.52 -43.07
C LEU A 470 8.77 19.20 -42.33
N GLU A 471 8.06 19.04 -41.22
CA GLU A 471 8.12 17.84 -40.36
C GLU A 471 7.62 16.63 -41.16
N LEU A 472 6.60 16.80 -42.02
CA LEU A 472 6.09 15.68 -42.86
C LEU A 472 7.13 15.32 -43.92
N ARG A 473 7.77 16.33 -44.51
CA ARG A 473 8.80 16.10 -45.58
C ARG A 473 10.00 15.36 -44.98
N ILE A 474 10.40 15.73 -43.77
CA ILE A 474 11.53 15.07 -43.07
C ILE A 474 11.11 13.64 -42.74
N LEU A 475 9.88 13.43 -42.29
CA LEU A 475 9.39 12.07 -41.91
C LEU A 475 9.35 11.19 -43.15
N ALA A 476 8.89 11.71 -44.29
CA ALA A 476 8.90 10.99 -45.59
C ALA A 476 10.32 10.54 -45.89
N HIS A 477 11.27 11.48 -45.83
CA HIS A 477 12.71 11.27 -46.17
C HIS A 477 13.29 10.13 -45.32
N LEU A 478 12.95 10.07 -44.04
CA LEU A 478 13.60 9.14 -43.06
C LEU A 478 12.91 7.77 -43.07
N SER A 479 11.65 7.71 -43.50
CA SER A 479 10.86 6.45 -43.52
C SER A 479 10.71 5.93 -44.96
N HIS A 480 11.11 6.73 -45.95
CA HIS A 480 11.01 6.46 -47.41
C HIS A 480 9.57 6.09 -47.79
N ASP A 481 8.58 6.54 -47.01
CA ASP A 481 7.15 6.12 -47.17
C ASP A 481 6.64 6.63 -48.53
N ARG A 482 6.38 5.70 -49.45
CA ARG A 482 5.97 5.95 -50.86
C ARG A 482 4.61 6.67 -50.91
N ARG A 483 3.66 6.33 -50.03
CA ARG A 483 2.30 6.93 -49.95
C ARG A 483 2.40 8.42 -49.54
N LEU A 484 3.20 8.74 -48.51
CA LEU A 484 3.34 10.12 -47.98
C LEU A 484 4.03 10.98 -49.05
N ILE A 485 5.04 10.40 -49.74
CA ILE A 485 5.78 11.08 -50.85
C ILE A 485 4.82 11.46 -51.99
N GLN A 486 3.93 10.55 -52.40
CA GLN A 486 2.92 10.82 -53.47
C GLN A 486 2.07 12.02 -53.03
N VAL A 487 1.47 11.94 -51.84
CA VAL A 487 0.56 12.97 -51.27
C VAL A 487 1.22 14.36 -51.38
N LEU A 488 2.47 14.48 -50.88
CA LEU A 488 3.24 15.76 -50.85
C LEU A 488 3.58 16.22 -52.28
N ASN A 489 3.94 15.31 -53.18
CA ASN A 489 4.41 15.57 -54.57
C ASN A 489 3.32 16.27 -55.41
N THR A 490 2.06 15.85 -55.30
CA THR A 490 0.90 16.44 -56.01
C THR A 490 -0.10 16.97 -54.97
N GLY A 491 -0.74 16.05 -54.26
CA GLY A 491 -1.90 16.24 -53.38
C GLY A 491 -2.06 17.67 -52.87
N ALA A 492 -3.32 18.12 -52.76
CA ALA A 492 -3.70 19.44 -52.19
C ALA A 492 -3.51 19.39 -50.67
N ASP A 493 -4.22 20.20 -49.89
CA ASP A 493 -3.93 20.39 -48.44
C ASP A 493 -4.39 19.13 -47.68
N VAL A 494 -3.47 18.48 -46.94
CA VAL A 494 -3.70 17.15 -46.30
C VAL A 494 -4.70 17.38 -45.17
N PHE A 495 -4.59 18.53 -44.50
CA PHE A 495 -5.45 18.89 -43.33
C PHE A 495 -6.87 19.16 -43.84
N ARG A 496 -7.01 19.66 -45.06
CA ARG A 496 -8.33 19.86 -45.73
C ARG A 496 -8.94 18.50 -46.05
N SER A 497 -8.20 17.58 -46.69
CA SER A 497 -8.63 16.18 -46.96
C SER A 497 -9.17 15.54 -45.67
N ILE A 498 -8.41 15.60 -44.58
CA ILE A 498 -8.80 15.01 -43.25
C ILE A 498 -10.09 15.68 -42.75
N ALA A 499 -10.16 17.00 -42.76
CA ALA A 499 -11.31 17.80 -42.29
C ALA A 499 -12.56 17.46 -43.09
N ALA A 500 -12.43 17.27 -44.43
CA ALA A 500 -13.53 16.99 -45.38
C ALA A 500 -14.13 15.61 -45.09
N GLU A 501 -13.33 14.55 -45.19
CA GLU A 501 -13.70 13.16 -44.84
C GLU A 501 -14.40 13.16 -43.48
N TRP A 502 -13.82 13.81 -42.49
CA TRP A 502 -14.27 13.84 -41.07
C TRP A 502 -15.65 14.51 -40.95
N LYS A 503 -15.81 15.73 -41.46
CA LYS A 503 -17.05 16.55 -41.27
C LYS A 503 -18.04 16.35 -42.45
N MET A 504 -17.85 15.32 -43.29
CA MET A 504 -18.80 14.91 -44.37
C MET A 504 -18.97 16.05 -45.38
N ILE A 505 -17.88 16.68 -45.83
CA ILE A 505 -17.88 17.93 -46.67
C ILE A 505 -16.83 17.79 -47.81
N GLU A 506 -16.82 18.71 -48.79
CA GLU A 506 -15.76 18.83 -49.84
C GLU A 506 -14.70 19.81 -49.33
N PRO A 507 -13.42 19.76 -49.80
CA PRO A 507 -12.36 20.64 -49.29
C PRO A 507 -12.66 22.11 -48.96
N GLU A 508 -13.51 22.80 -49.73
CA GLU A 508 -13.55 24.28 -49.79
C GLU A 508 -14.18 24.91 -48.53
N SER A 509 -15.01 24.20 -47.77
CA SER A 509 -15.90 24.73 -46.68
C SER A 509 -15.16 24.93 -45.35
N VAL A 510 -14.02 24.24 -45.19
CA VAL A 510 -13.16 24.16 -43.95
C VAL A 510 -12.85 25.58 -43.45
N GLY A 511 -13.23 25.89 -42.20
CA GLY A 511 -12.84 27.14 -41.51
C GLY A 511 -11.43 27.01 -40.95
N ASP A 512 -10.78 28.12 -40.55
CA ASP A 512 -9.44 28.12 -39.90
C ASP A 512 -9.44 27.18 -38.69
N ASP A 513 -10.44 27.31 -37.81
CA ASP A 513 -10.51 26.59 -36.52
C ASP A 513 -10.56 25.08 -36.81
N LEU A 514 -11.34 24.66 -37.81
CA LEU A 514 -11.54 23.23 -38.17
C LEU A 514 -10.24 22.67 -38.77
N ARG A 515 -9.56 23.45 -39.61
CA ARG A 515 -8.31 22.99 -40.26
C ARG A 515 -7.23 22.77 -39.20
N GLN A 516 -7.18 23.65 -38.18
CA GLN A 516 -6.30 23.52 -37.00
C GLN A 516 -6.66 22.24 -36.22
N GLN A 517 -7.96 21.92 -36.04
CA GLN A 517 -8.38 20.67 -35.36
C GLN A 517 -7.84 19.45 -36.12
N ALA A 518 -7.88 19.49 -37.46
CA ALA A 518 -7.43 18.39 -38.34
C ALA A 518 -5.90 18.29 -38.31
N LYS A 519 -5.22 19.43 -38.23
CA LYS A 519 -3.75 19.53 -38.10
C LYS A 519 -3.33 18.81 -36.81
N GLN A 520 -4.02 19.10 -35.70
CA GLN A 520 -3.76 18.51 -34.36
C GLN A 520 -3.95 16.99 -34.44
N ILE A 521 -5.00 16.55 -35.13
CA ILE A 521 -5.33 15.09 -35.32
C ILE A 521 -4.19 14.42 -36.08
N CYS A 522 -3.73 15.01 -37.18
CA CYS A 522 -2.72 14.40 -38.09
C CYS A 522 -1.37 14.28 -37.38
N TYR A 523 -0.83 15.36 -36.82
CA TYR A 523 0.46 15.34 -36.07
C TYR A 523 0.30 14.48 -34.80
N GLY A 524 -0.84 14.58 -34.13
CA GLY A 524 -1.17 13.79 -32.92
C GLY A 524 -1.00 12.30 -33.18
N ILE A 525 -1.68 11.82 -34.22
CA ILE A 525 -1.65 10.38 -34.58
C ILE A 525 -0.20 10.02 -34.89
N ILE A 526 0.49 10.79 -35.74
CA ILE A 526 1.90 10.50 -36.16
C ILE A 526 2.80 10.40 -34.93
N TYR A 527 2.59 11.20 -33.89
CA TYR A 527 3.53 11.28 -32.74
C TYR A 527 2.99 10.48 -31.55
N GLY A 528 2.06 9.55 -31.80
CA GLY A 528 1.73 8.44 -30.88
C GLY A 528 0.50 8.69 -30.02
N MET A 529 -0.39 9.59 -30.42
CA MET A 529 -1.69 9.82 -29.76
C MET A 529 -2.48 8.49 -29.71
N GLY A 530 -3.14 8.24 -28.58
CA GLY A 530 -3.90 7.01 -28.30
C GLY A 530 -5.39 7.17 -28.59
N ALA A 531 -6.13 6.08 -28.58
CA ALA A 531 -7.56 6.03 -29.00
C ALA A 531 -8.43 6.90 -28.06
N LYS A 532 -8.23 6.78 -26.74
CA LYS A 532 -8.96 7.59 -25.73
C LYS A 532 -8.90 9.08 -26.15
N SER A 533 -7.71 9.68 -26.25
CA SER A 533 -7.53 11.12 -26.61
C SER A 533 -8.07 11.37 -28.02
N LEU A 534 -7.84 10.51 -29.01
CA LEU A 534 -8.27 10.83 -30.41
C LEU A 534 -9.81 10.89 -30.42
N GLY A 535 -10.44 9.94 -29.71
CA GLY A 535 -11.87 9.98 -29.39
C GLY A 535 -12.39 11.38 -29.06
N GLU A 536 -11.87 12.02 -27.99
CA GLU A 536 -12.26 13.40 -27.55
C GLU A 536 -12.09 14.41 -28.69
N GLN A 537 -10.97 14.35 -29.43
CA GLN A 537 -10.64 15.37 -30.48
C GLN A 537 -11.60 15.20 -31.65
N MET A 538 -11.88 13.96 -32.05
CA MET A 538 -12.67 13.66 -33.27
C MET A 538 -14.17 13.61 -32.92
N GLY A 539 -14.50 13.56 -31.63
CA GLY A 539 -15.87 13.38 -31.12
C GLY A 539 -16.44 12.03 -31.52
N ILE A 540 -15.65 10.96 -31.41
CA ILE A 540 -16.07 9.56 -31.70
C ILE A 540 -15.67 8.66 -30.53
N LYS A 541 -16.26 7.47 -30.45
CA LYS A 541 -15.97 6.46 -29.41
C LYS A 541 -14.51 6.01 -29.55
N GLU A 542 -13.86 5.64 -28.44
CA GLU A 542 -12.49 5.07 -28.39
C GLU A 542 -12.37 4.00 -29.49
N ASN A 543 -13.32 3.05 -29.52
CA ASN A 543 -13.31 1.92 -30.53
C ASN A 543 -13.18 2.46 -31.98
N ASP A 544 -13.85 3.59 -32.26
CA ASP A 544 -13.92 4.20 -33.61
C ASP A 544 -12.54 4.82 -33.89
N ALA A 545 -11.99 5.52 -32.92
CA ALA A 545 -10.64 6.15 -32.97
C ALA A 545 -9.61 5.06 -33.22
N ALA A 546 -9.72 3.92 -32.52
CA ALA A 546 -8.76 2.78 -32.60
C ALA A 546 -8.76 2.20 -33.99
N CYS A 547 -9.92 2.15 -34.64
CA CYS A 547 -10.08 1.67 -36.05
C CYS A 547 -9.34 2.65 -36.96
N TYR A 548 -9.55 3.96 -36.74
CA TYR A 548 -8.93 5.06 -37.52
C TYR A 548 -7.40 4.95 -37.43
N ILE A 549 -6.85 4.66 -36.25
CA ILE A 549 -5.38 4.48 -36.04
C ILE A 549 -4.89 3.30 -36.90
N ASP A 550 -5.64 2.19 -36.87
CA ASP A 550 -5.31 0.93 -37.63
C ASP A 550 -5.23 1.25 -39.12
N SER A 551 -6.25 1.93 -39.66
CA SER A 551 -6.33 2.40 -41.06
C SER A 551 -5.09 3.22 -41.41
N PHE A 552 -4.76 4.24 -40.62
CA PHE A 552 -3.56 5.11 -40.80
C PHE A 552 -2.31 4.21 -40.82
N LYS A 553 -2.13 3.40 -39.77
CA LYS A 553 -0.92 2.52 -39.65
C LYS A 553 -0.82 1.68 -40.92
N SER A 554 -1.94 1.06 -41.39
CA SER A 554 -1.96 0.22 -42.61
C SER A 554 -1.63 1.06 -43.86
N ARG A 555 -2.23 2.27 -44.00
CA ARG A 555 -2.06 3.11 -45.21
C ARG A 555 -0.60 3.59 -45.29
N TYR A 556 0.04 3.87 -44.13
CA TYR A 556 1.44 4.42 -44.12
C TYR A 556 2.33 3.47 -43.34
N THR A 557 2.77 2.38 -43.99
CA THR A 557 3.56 1.32 -43.28
C THR A 557 4.99 1.82 -43.06
N GLY A 558 5.61 2.43 -44.08
CA GLY A 558 6.97 3.01 -43.99
C GLY A 558 7.16 3.74 -42.65
N ILE A 559 6.24 4.65 -42.36
CA ILE A 559 6.22 5.49 -41.13
C ILE A 559 6.29 4.55 -39.93
N ASN A 560 5.38 3.55 -39.87
CA ASN A 560 5.25 2.64 -38.69
C ASN A 560 6.52 1.81 -38.52
N GLN A 561 7.22 1.47 -39.60
CA GLN A 561 8.50 0.69 -39.53
C GLN A 561 9.55 1.58 -38.88
N PHE A 562 9.57 2.86 -39.25
CA PHE A 562 10.54 3.88 -38.77
C PHE A 562 10.31 4.19 -37.29
N MET A 563 9.05 4.23 -36.84
CA MET A 563 8.68 4.34 -35.40
C MET A 563 9.28 3.18 -34.60
N THR A 564 9.10 1.93 -35.02
CA THR A 564 9.57 0.73 -34.26
C THR A 564 11.10 0.65 -34.36
N GLU A 565 11.69 1.03 -35.49
CA GLU A 565 13.16 1.01 -35.75
C GLU A 565 13.84 2.10 -34.91
N THR A 566 13.14 3.21 -34.66
CA THR A 566 13.66 4.35 -33.85
C THR A 566 13.58 3.97 -32.37
N VAL A 567 12.50 3.33 -31.94
CA VAL A 567 12.32 2.89 -30.53
C VAL A 567 13.33 1.77 -30.21
N LYS A 568 13.49 0.78 -31.08
CA LYS A 568 14.48 -0.33 -30.92
C LYS A 568 15.87 0.29 -30.74
N ASN A 569 16.27 1.21 -31.62
CA ASN A 569 17.64 1.78 -31.63
C ASN A 569 17.83 2.67 -30.41
N CYS A 570 16.78 3.34 -29.92
CA CYS A 570 16.86 4.21 -28.71
C CYS A 570 17.08 3.37 -27.46
N LYS A 571 16.32 2.27 -27.32
CA LYS A 571 16.36 1.33 -26.17
C LYS A 571 17.81 0.84 -26.00
N ARG A 572 18.44 0.44 -27.11
CA ARG A 572 19.85 -0.03 -27.22
C ARG A 572 20.83 1.06 -26.76
N ASP A 573 20.72 2.28 -27.32
CA ASP A 573 21.78 3.34 -27.26
C ASP A 573 21.57 4.30 -26.09
N GLY A 574 20.33 4.44 -25.58
CA GLY A 574 19.97 5.43 -24.54
C GLY A 574 19.75 6.82 -25.11
N PHE A 575 19.75 7.01 -26.43
CA PHE A 575 19.56 8.32 -27.09
C PHE A 575 19.02 8.18 -28.52
N VAL A 576 18.62 9.30 -29.12
CA VAL A 576 18.29 9.44 -30.56
C VAL A 576 19.11 10.59 -31.12
N GLN A 577 19.27 10.67 -32.44
CA GLN A 577 20.09 11.70 -33.13
C GLN A 577 19.24 12.39 -34.19
N THR A 578 19.49 13.68 -34.39
CA THR A 578 18.83 14.52 -35.43
C THR A 578 19.66 14.41 -36.70
N ILE A 579 19.21 15.06 -37.78
CA ILE A 579 19.89 15.07 -39.11
C ILE A 579 21.32 15.61 -38.98
N LEU A 580 21.63 16.48 -38.01
CA LEU A 580 22.98 17.10 -37.89
C LEU A 580 23.84 16.38 -36.83
N GLY A 581 23.30 15.40 -36.11
CA GLY A 581 24.11 14.55 -35.20
C GLY A 581 23.87 14.86 -33.75
N ARG A 582 23.02 15.84 -33.43
CA ARG A 582 22.73 16.22 -32.02
C ARG A 582 22.02 15.05 -31.36
N ARG A 583 22.34 14.77 -30.08
CA ARG A 583 21.85 13.60 -29.33
C ARG A 583 20.92 14.04 -28.21
N ARG A 584 19.80 13.36 -28.07
CA ARG A 584 18.90 13.58 -26.92
C ARG A 584 18.86 12.28 -26.13
N TYR A 585 19.15 12.37 -24.84
CA TYR A 585 19.26 11.19 -23.95
C TYR A 585 17.86 10.95 -23.36
N LEU A 586 17.35 9.73 -23.52
CA LEU A 586 15.97 9.32 -23.13
C LEU A 586 16.06 8.05 -22.31
N PRO A 587 16.60 8.11 -21.06
CA PRO A 587 16.76 6.93 -20.22
C PRO A 587 15.43 6.34 -19.72
N GLY A 588 14.34 7.10 -19.83
CA GLY A 588 12.95 6.60 -19.66
C GLY A 588 12.63 5.47 -20.62
N ILE A 589 13.35 5.33 -21.74
CA ILE A 589 13.11 4.30 -22.78
C ILE A 589 13.23 2.89 -22.16
N LYS A 590 14.11 2.69 -21.16
CA LYS A 590 14.34 1.34 -20.54
C LYS A 590 13.34 1.15 -19.38
N ASP A 591 12.75 2.22 -18.85
CA ASP A 591 11.88 2.21 -17.65
C ASP A 591 10.80 1.12 -17.78
N ASN A 592 10.48 0.47 -16.66
CA ASN A 592 9.52 -0.65 -16.53
C ASN A 592 8.09 -0.08 -16.50
N ASN A 593 7.92 1.09 -15.89
CA ASN A 593 6.63 1.81 -15.82
C ASN A 593 6.11 2.00 -17.25
N PRO A 594 4.88 1.53 -17.56
CA PRO A 594 4.34 1.66 -18.92
C PRO A 594 4.24 3.11 -19.43
N TYR A 595 3.81 4.08 -18.61
CA TYR A 595 3.69 5.50 -19.03
C TYR A 595 5.06 6.05 -19.43
N ARG A 596 5.99 6.08 -18.49
CA ARG A 596 7.35 6.66 -18.68
C ARG A 596 7.99 6.02 -19.92
N LYS A 597 7.82 4.71 -20.13
CA LYS A 597 8.38 4.01 -21.32
C LYS A 597 7.74 4.61 -22.58
N ALA A 598 6.41 4.66 -22.64
CA ALA A 598 5.65 5.11 -23.82
C ALA A 598 5.98 6.58 -24.12
N HIS A 599 6.08 7.41 -23.08
CA HIS A 599 6.42 8.86 -23.18
C HIS A 599 7.78 9.01 -23.89
N ALA A 600 8.78 8.26 -23.42
CA ALA A 600 10.15 8.23 -23.97
C ALA A 600 10.12 7.79 -25.45
N GLU A 601 9.35 6.76 -25.78
CA GLU A 601 9.23 6.24 -27.17
C GLU A 601 8.68 7.38 -28.04
N ARG A 602 7.69 8.13 -27.55
CA ARG A 602 7.05 9.24 -28.29
C ARG A 602 8.05 10.38 -28.46
N GLN A 603 8.80 10.70 -27.40
CA GLN A 603 9.89 11.71 -27.43
C GLN A 603 10.95 11.26 -28.43
N ALA A 604 11.26 9.97 -28.49
CA ALA A 604 12.29 9.43 -29.38
C ALA A 604 11.93 9.79 -30.82
N ILE A 605 10.72 9.42 -31.24
CA ILE A 605 10.22 9.62 -32.62
C ILE A 605 10.16 11.12 -32.88
N ASN A 606 9.52 11.87 -31.98
CA ASN A 606 9.22 13.31 -32.21
C ASN A 606 10.54 14.11 -32.25
N THR A 607 11.49 13.79 -31.36
CA THR A 607 12.76 14.54 -31.28
C THR A 607 13.49 14.44 -32.62
N ILE A 608 13.58 13.26 -33.22
CA ILE A 608 14.30 13.12 -34.52
C ILE A 608 13.67 14.06 -35.56
N VAL A 609 12.35 14.09 -35.69
CA VAL A 609 11.68 14.84 -36.80
C VAL A 609 11.68 16.33 -36.46
N GLN A 610 11.21 16.70 -35.27
CA GLN A 610 11.08 18.12 -34.83
C GLN A 610 12.49 18.72 -34.71
N GLY A 611 13.44 17.97 -34.14
CA GLY A 611 14.85 18.43 -34.00
C GLY A 611 15.54 18.62 -35.32
N SER A 612 15.32 17.72 -36.26
CA SER A 612 15.85 17.82 -37.65
C SER A 612 15.30 19.09 -38.33
N ALA A 613 14.01 19.37 -38.16
CA ALA A 613 13.37 20.56 -38.77
C ALA A 613 14.01 21.82 -38.21
N ALA A 614 14.30 21.81 -36.92
CA ALA A 614 14.90 22.97 -36.20
C ALA A 614 16.32 23.18 -36.71
N ASP A 615 17.05 22.11 -37.02
CA ASP A 615 18.41 22.16 -37.62
C ASP A 615 18.32 22.84 -39.00
N ILE A 616 17.36 22.43 -39.83
CA ILE A 616 17.22 22.96 -41.21
C ILE A 616 16.93 24.47 -41.16
N VAL A 617 16.08 24.91 -40.24
CA VAL A 617 15.65 26.33 -40.16
C VAL A 617 16.85 27.17 -39.69
N LYS A 618 17.62 26.67 -38.72
CA LYS A 618 18.85 27.33 -38.25
C LYS A 618 19.82 27.50 -39.42
N ILE A 619 20.05 26.44 -40.19
CA ILE A 619 20.99 26.49 -41.34
C ILE A 619 20.47 27.56 -42.32
N ALA A 620 19.17 27.54 -42.62
CA ALA A 620 18.54 28.53 -43.53
C ALA A 620 18.80 29.94 -43.01
N THR A 621 18.57 30.15 -41.72
CA THR A 621 18.68 31.49 -41.08
C THR A 621 20.10 32.00 -41.29
N VAL A 622 21.08 31.14 -41.01
CA VAL A 622 22.52 31.49 -41.05
C VAL A 622 22.91 31.82 -42.50
N ASN A 623 22.46 31.00 -43.44
CA ASN A 623 22.81 31.14 -44.88
C ASN A 623 22.13 32.41 -45.45
N ILE A 624 20.93 32.75 -45.02
CA ILE A 624 20.23 34.01 -45.46
C ILE A 624 21.05 35.19 -44.94
N GLN A 625 21.47 35.17 -43.68
CA GLN A 625 22.20 36.30 -43.06
C GLN A 625 23.51 36.55 -43.81
N LYS A 626 24.26 35.49 -44.16
CA LYS A 626 25.51 35.62 -44.97
C LYS A 626 25.18 36.37 -46.27
N GLN A 627 24.20 35.89 -47.03
CA GLN A 627 23.77 36.52 -48.31
C GLN A 627 23.38 37.98 -48.09
N LEU A 628 22.56 38.28 -47.10
CA LEU A 628 22.08 39.67 -46.85
C LEU A 628 23.28 40.59 -46.63
N GLU A 629 24.33 40.10 -45.96
CA GLU A 629 25.51 40.92 -45.58
C GLU A 629 26.45 41.12 -46.77
N THR A 630 26.39 40.28 -47.82
CA THR A 630 27.21 40.48 -49.05
C THR A 630 26.62 41.64 -49.85
N PHE A 631 25.29 41.63 -50.05
CA PHE A 631 24.56 42.68 -50.80
C PHE A 631 24.38 43.90 -49.89
N HIS A 632 24.99 43.86 -48.70
CA HIS A 632 24.85 44.86 -47.60
C HIS A 632 25.80 46.05 -47.85
N SER A 633 25.30 47.03 -48.61
CA SER A 633 25.83 48.42 -48.67
C SER A 633 25.25 49.23 -47.49
N THR A 634 25.03 48.59 -46.34
CA THR A 634 24.18 49.11 -45.23
C THR A 634 24.40 48.33 -43.91
N PHE A 635 23.77 48.80 -42.83
CA PHE A 635 23.98 48.33 -41.44
C PHE A 635 23.30 46.97 -41.26
N LYS A 636 23.93 46.07 -40.51
CA LYS A 636 23.49 44.65 -40.43
C LYS A 636 22.33 44.52 -39.42
N SER A 637 22.01 45.56 -38.65
CA SER A 637 20.89 45.59 -37.67
C SER A 637 20.53 47.04 -37.39
N HIS A 638 19.34 47.30 -36.88
CA HIS A 638 18.98 48.64 -36.36
C HIS A 638 19.93 49.06 -35.23
N GLY A 639 20.41 48.12 -34.42
CA GLY A 639 21.36 48.40 -33.33
C GLY A 639 22.66 48.97 -33.88
N HIS A 640 23.15 48.44 -34.98
CA HIS A 640 24.39 48.91 -35.66
C HIS A 640 24.23 50.39 -36.03
N ARG A 641 23.03 50.96 -36.13
CA ARG A 641 22.84 52.43 -36.29
C ARG A 641 22.84 53.14 -34.92
N GLU A 642 22.08 52.67 -33.93
CA GLU A 642 22.20 53.17 -32.52
C GLU A 642 23.68 53.23 -32.09
N GLY A 643 24.41 52.08 -32.14
CA GLY A 643 25.82 51.91 -31.74
C GLY A 643 26.80 52.71 -32.63
N MET A 644 26.35 53.12 -33.82
CA MET A 644 27.11 53.98 -34.77
C MET A 644 27.41 55.34 -34.12
N LEU A 645 26.36 56.04 -33.64
CA LEU A 645 26.44 57.32 -32.88
C LEU A 645 27.09 57.07 -31.52
N CYS A 663 19.87 59.28 -44.72
CA CYS A 663 20.50 57.94 -44.92
C CYS A 663 19.44 56.83 -44.77
N PRO A 664 18.53 56.64 -45.76
CA PRO A 664 17.33 55.81 -45.56
C PRO A 664 17.64 54.33 -45.31
N ILE A 665 16.69 53.60 -44.71
CA ILE A 665 16.86 52.16 -44.38
C ILE A 665 16.83 51.33 -45.67
N ARG A 666 17.80 50.43 -45.83
CA ARG A 666 17.85 49.46 -46.94
C ARG A 666 18.11 48.09 -46.36
N GLY A 667 17.66 47.06 -47.06
CA GLY A 667 17.93 45.65 -46.74
C GLY A 667 16.81 45.01 -45.94
N GLY A 668 17.13 43.85 -45.35
CA GLY A 668 16.19 42.98 -44.64
C GLY A 668 16.70 42.70 -43.25
N PHE A 669 15.83 42.81 -42.27
CA PHE A 669 16.16 42.71 -40.84
C PHE A 669 15.36 41.55 -40.25
N PHE A 670 16.08 40.54 -39.74
CA PHE A 670 15.49 39.36 -39.07
C PHE A 670 14.76 39.86 -37.83
N ILE A 671 13.44 39.67 -37.75
CA ILE A 671 12.64 40.22 -36.64
C ILE A 671 12.00 39.11 -35.80
N LEU A 672 11.77 37.92 -36.34
CA LEU A 672 11.06 36.85 -35.58
C LEU A 672 11.30 35.48 -36.21
N GLN A 673 11.38 34.47 -35.38
CA GLN A 673 11.41 33.06 -35.79
C GLN A 673 10.14 32.41 -35.26
N LEU A 674 9.48 31.61 -36.07
CA LEU A 674 8.23 30.87 -35.75
C LEU A 674 8.37 29.40 -36.14
N HIS A 675 9.49 28.77 -35.81
CA HIS A 675 9.71 27.30 -35.84
C HIS A 675 9.93 26.78 -37.26
N ASP A 676 8.99 27.03 -38.17
CA ASP A 676 9.20 26.64 -39.60
C ASP A 676 9.07 27.88 -40.49
N GLU A 677 9.18 29.07 -39.90
CA GLU A 677 8.80 30.35 -40.57
C GLU A 677 9.73 31.44 -40.08
N LEU A 678 10.28 32.26 -40.98
CA LEU A 678 11.19 33.38 -40.68
C LEU A 678 10.49 34.68 -41.08
N LEU A 679 10.47 35.68 -40.21
CA LEU A 679 9.95 37.02 -40.52
C LEU A 679 11.14 37.99 -40.64
N TYR A 680 11.13 38.77 -41.71
CA TYR A 680 12.05 39.88 -41.97
C TYR A 680 11.25 41.15 -42.19
N GLU A 681 11.78 42.25 -41.70
CA GLU A 681 11.30 43.62 -41.96
C GLU A 681 12.15 44.13 -43.12
N VAL A 682 11.55 44.58 -44.24
CA VAL A 682 12.32 44.83 -45.49
C VAL A 682 11.95 46.17 -46.08
N ALA A 683 12.94 46.96 -46.49
CA ALA A 683 12.74 48.25 -47.18
C ALA A 683 12.00 48.01 -48.51
N GLU A 684 11.06 48.89 -48.84
CA GLU A 684 10.17 48.77 -50.05
C GLU A 684 10.97 48.34 -51.29
N GLU A 685 12.09 49.02 -51.55
CA GLU A 685 12.96 48.85 -52.76
C GLU A 685 13.56 47.44 -52.80
N ASP A 686 13.66 46.77 -51.66
CA ASP A 686 14.53 45.57 -51.57
C ASP A 686 13.69 44.31 -51.43
N VAL A 687 12.35 44.41 -51.41
CA VAL A 687 11.47 43.26 -51.08
C VAL A 687 11.61 42.16 -52.15
N VAL A 688 11.71 42.51 -53.43
CA VAL A 688 11.83 41.50 -54.51
C VAL A 688 13.11 40.69 -54.28
N GLN A 689 14.24 41.37 -54.11
CA GLN A 689 15.60 40.76 -54.01
C GLN A 689 15.68 39.90 -52.74
N VAL A 690 15.23 40.45 -51.59
CA VAL A 690 15.26 39.74 -50.28
C VAL A 690 14.35 38.51 -50.35
N ALA A 691 13.19 38.59 -50.99
CA ALA A 691 12.24 37.46 -51.12
C ALA A 691 12.91 36.33 -51.90
N GLN A 692 13.62 36.64 -52.98
CA GLN A 692 14.37 35.66 -53.83
C GLN A 692 15.46 34.97 -52.98
N ILE A 693 16.29 35.76 -52.30
CA ILE A 693 17.39 35.27 -51.42
C ILE A 693 16.80 34.32 -50.36
N VAL A 694 15.76 34.77 -49.65
CA VAL A 694 15.16 34.01 -48.52
C VAL A 694 14.65 32.67 -49.04
N LYS A 695 13.87 32.67 -50.13
CA LYS A 695 13.26 31.46 -50.73
C LYS A 695 14.36 30.51 -51.23
N ASN A 696 15.31 31.03 -51.99
CA ASN A 696 16.41 30.23 -52.58
C ASN A 696 17.17 29.53 -51.43
N GLU A 697 17.57 30.26 -50.40
CA GLU A 697 18.41 29.75 -49.28
C GLU A 697 17.62 28.76 -48.41
N MET A 698 16.31 28.95 -48.26
CA MET A 698 15.46 28.04 -47.44
C MET A 698 15.27 26.71 -48.22
N GLU A 699 15.10 26.77 -49.54
CA GLU A 699 14.88 25.59 -50.44
C GLU A 699 16.18 24.80 -50.62
N SER A 700 17.35 25.44 -50.48
CA SER A 700 18.70 24.86 -50.64
C SER A 700 19.33 24.48 -49.29
N ALA A 701 18.66 24.71 -48.15
CA ALA A 701 19.27 24.56 -46.80
C ALA A 701 19.93 23.19 -46.69
N VAL A 702 19.20 22.13 -47.04
CA VAL A 702 19.70 20.73 -47.09
C VAL A 702 19.06 20.05 -48.31
N LYS A 703 19.63 18.90 -48.74
CA LYS A 703 19.07 18.05 -49.82
C LYS A 703 18.44 16.83 -49.14
N LEU A 704 17.11 16.66 -49.31
CA LEU A 704 16.33 15.47 -48.87
C LEU A 704 15.86 14.70 -50.11
N SER A 705 15.18 13.57 -49.89
CA SER A 705 14.51 12.73 -50.92
C SER A 705 13.40 13.55 -51.60
N VAL A 706 12.84 14.54 -50.89
CA VAL A 706 11.73 15.40 -51.39
C VAL A 706 12.22 16.85 -51.43
N LYS A 707 11.56 17.67 -52.26
CA LYS A 707 11.80 19.14 -52.36
C LYS A 707 11.30 19.81 -51.07
N LEU A 708 12.08 20.73 -50.54
CA LEU A 708 11.65 21.64 -49.45
C LEU A 708 10.88 22.78 -50.10
N LYS A 709 9.54 22.74 -50.01
CA LYS A 709 8.67 23.78 -50.63
C LYS A 709 8.61 24.98 -49.67
N VAL A 710 8.68 26.20 -50.22
CA VAL A 710 8.61 27.45 -49.43
C VAL A 710 7.52 28.36 -50.02
N LYS A 711 6.58 28.83 -49.20
CA LYS A 711 5.65 29.94 -49.49
C LYS A 711 6.23 31.22 -48.88
N VAL A 712 6.25 32.30 -49.66
CA VAL A 712 6.59 33.68 -49.22
C VAL A 712 5.31 34.52 -49.19
N LYS A 713 5.11 35.28 -48.13
CA LYS A 713 4.01 36.28 -48.00
C LYS A 713 4.65 37.62 -47.63
N ILE A 714 3.89 38.71 -47.82
CA ILE A 714 4.37 40.09 -47.62
C ILE A 714 3.18 40.97 -47.22
N GLY A 715 3.43 42.02 -46.45
CA GLY A 715 2.32 42.85 -45.94
C GLY A 715 2.77 43.99 -45.07
N ALA A 716 1.83 44.86 -44.74
CA ALA A 716 2.05 46.08 -43.92
C ALA A 716 1.90 45.74 -42.44
N SER A 717 1.62 44.46 -42.12
CA SER A 717 1.57 43.95 -40.73
C SER A 717 1.67 42.43 -40.76
N TRP A 718 2.03 41.85 -39.64
CA TRP A 718 2.12 40.39 -39.44
C TRP A 718 0.72 39.80 -39.64
N GLY A 719 -0.31 40.59 -39.33
CA GLY A 719 -1.72 40.15 -39.36
C GLY A 719 -2.28 40.19 -40.77
N GLU A 720 -1.74 41.00 -41.69
CA GLU A 720 -2.30 41.19 -43.05
C GLU A 720 -1.27 40.76 -44.10
N LEU A 721 -0.73 39.55 -44.01
CA LEU A 721 0.28 39.06 -44.97
C LEU A 721 -0.45 38.48 -46.17
N LYS A 722 0.02 38.78 -47.38
CA LYS A 722 -0.58 38.30 -48.65
C LYS A 722 0.46 37.46 -49.39
N ASP A 723 0.02 36.36 -50.02
CA ASP A 723 0.82 35.51 -50.93
C ASP A 723 1.56 36.41 -51.91
N PHE A 724 2.82 36.08 -52.16
CA PHE A 724 3.75 36.79 -53.06
C PHE A 724 4.52 35.74 -53.85
N ASP A 725 4.23 35.62 -55.15
CA ASP A 725 4.86 34.64 -56.08
C ASP A 725 6.28 35.11 -56.38
N VAL A 726 7.28 34.30 -56.04
CA VAL A 726 8.73 34.63 -56.18
C VAL A 726 9.34 33.74 -57.27
N SER B 5 -57.78 76.54 -92.30
CA SER B 5 -57.63 77.60 -91.23
C SER B 5 -58.43 77.21 -89.97
N LEU B 6 -57.90 77.50 -88.78
CA LEU B 6 -58.58 77.22 -87.49
C LEU B 6 -59.85 78.07 -87.40
N SER B 7 -60.98 77.44 -87.13
CA SER B 7 -62.29 78.10 -86.88
C SER B 7 -62.84 77.74 -85.49
N ILE B 8 -63.34 78.73 -84.79
CA ILE B 8 -64.00 78.64 -83.47
C ILE B 8 -65.49 78.99 -83.68
N ILE B 9 -66.37 78.00 -83.54
CA ILE B 9 -67.84 78.16 -83.65
C ILE B 9 -68.37 78.40 -82.23
N ASP B 10 -68.87 79.60 -81.97
CA ASP B 10 -69.52 80.00 -80.69
C ASP B 10 -70.97 79.49 -80.69
N VAL B 11 -71.19 78.26 -80.22
CA VAL B 11 -72.47 77.52 -80.37
C VAL B 11 -73.57 78.24 -79.56
N ALA B 12 -73.22 78.97 -78.50
CA ALA B 12 -74.18 79.64 -77.59
C ALA B 12 -74.55 81.04 -78.09
N SER B 13 -74.12 81.44 -79.28
CA SER B 13 -74.36 82.80 -79.83
C SER B 13 -75.73 82.84 -80.49
N ASP B 14 -76.30 81.69 -80.82
CA ASP B 14 -77.59 81.59 -81.56
C ASP B 14 -78.27 80.26 -81.21
N GLN B 15 -79.54 80.32 -80.77
CA GLN B 15 -80.40 79.16 -80.38
C GLN B 15 -80.34 78.11 -81.48
N ASN B 16 -80.45 78.51 -82.74
CA ASN B 16 -80.54 77.61 -83.91
C ASN B 16 -79.20 76.87 -84.11
N LEU B 17 -78.09 77.59 -84.02
CA LEU B 17 -76.71 77.02 -84.15
C LEU B 17 -76.48 76.02 -83.01
N PHE B 18 -76.93 76.39 -81.80
CA PHE B 18 -76.80 75.58 -80.55
C PHE B 18 -77.44 74.19 -80.72
N GLN B 19 -78.67 74.13 -81.19
CA GLN B 19 -79.46 72.87 -81.33
C GLN B 19 -78.82 72.01 -82.43
N THR B 20 -78.37 72.64 -83.53
CA THR B 20 -77.63 71.93 -84.62
C THR B 20 -76.37 71.28 -84.04
N PHE B 21 -75.60 72.04 -83.26
CA PHE B 21 -74.41 71.54 -82.54
C PHE B 21 -74.81 70.39 -81.61
N ILE B 22 -75.88 70.56 -80.82
CA ILE B 22 -76.28 69.53 -79.81
C ILE B 22 -76.65 68.25 -80.57
N LYS B 23 -77.46 68.38 -81.62
CA LYS B 23 -77.87 67.21 -82.45
C LYS B 23 -76.62 66.48 -82.98
N GLU B 24 -75.67 67.21 -83.58
CA GLU B 24 -74.41 66.60 -84.13
C GLU B 24 -73.62 65.95 -82.99
N TRP B 25 -73.40 66.68 -81.90
CA TRP B 25 -72.62 66.16 -80.74
C TRP B 25 -73.22 64.83 -80.30
N ARG B 26 -74.54 64.71 -80.22
CA ARG B 26 -75.21 63.50 -79.64
C ARG B 26 -74.95 62.29 -80.56
N CYS B 27 -74.63 62.50 -81.84
CA CYS B 27 -74.29 61.43 -82.81
C CYS B 27 -72.84 60.92 -82.69
N LYS B 28 -71.94 61.62 -82.01
CA LYS B 28 -70.47 61.38 -82.15
C LYS B 28 -70.05 60.21 -81.27
N LYS B 29 -69.22 59.32 -81.81
CA LYS B 29 -68.61 58.20 -81.06
C LYS B 29 -67.24 58.66 -80.50
N ARG B 30 -66.69 59.78 -80.93
CA ARG B 30 -65.37 60.26 -80.49
C ARG B 30 -65.33 61.79 -80.54
N PHE B 31 -64.80 62.41 -79.51
CA PHE B 31 -64.56 63.87 -79.46
C PHE B 31 -63.59 64.15 -78.34
N SER B 32 -63.00 65.32 -78.43
CA SER B 32 -62.09 65.89 -77.41
C SER B 32 -62.87 66.99 -76.71
N ILE B 33 -62.59 67.23 -75.44
CA ILE B 33 -63.03 68.46 -74.74
C ILE B 33 -61.79 69.05 -74.09
N SER B 34 -61.87 70.34 -73.92
CA SER B 34 -60.89 71.11 -73.15
C SER B 34 -61.65 72.20 -72.39
N LEU B 35 -61.42 72.28 -71.08
CA LEU B 35 -62.01 73.30 -70.20
C LEU B 35 -61.26 74.61 -70.40
N ALA B 36 -62.00 75.71 -70.42
CA ALA B 36 -61.46 77.08 -70.50
C ALA B 36 -61.49 77.66 -69.10
N CYS B 37 -60.33 77.86 -68.49
CA CYS B 37 -60.18 78.59 -67.19
C CYS B 37 -59.47 79.91 -67.48
N GLU B 38 -59.94 80.98 -66.82
CA GLU B 38 -59.39 82.37 -66.84
C GLU B 38 -59.30 82.88 -65.40
N LYS B 39 -58.41 83.85 -65.17
CA LYS B 39 -58.36 84.60 -63.89
C LYS B 39 -59.48 85.63 -63.92
N ILE B 40 -60.01 85.97 -62.74
CA ILE B 40 -61.16 86.91 -62.57
C ILE B 40 -60.78 88.29 -63.10
N ILE B 66 -71.42 82.27 -56.34
CA ILE B 66 -72.15 82.22 -57.65
C ILE B 66 -71.89 83.54 -58.40
N ARG B 67 -71.30 83.48 -59.59
CA ARG B 67 -70.88 84.65 -60.40
C ARG B 67 -71.50 84.55 -61.79
N ASP B 68 -71.62 85.67 -62.50
CA ASP B 68 -72.24 85.76 -63.85
C ASP B 68 -71.24 85.31 -64.92
N ASP B 69 -69.94 85.30 -64.59
CA ASP B 69 -68.87 85.21 -65.61
C ASP B 69 -68.18 83.84 -65.57
N GLY B 70 -68.68 82.88 -64.76
CA GLY B 70 -68.25 81.47 -64.76
C GLY B 70 -68.23 80.86 -63.38
N PHE B 71 -67.72 79.63 -63.28
CA PHE B 71 -67.75 78.78 -62.06
C PHE B 71 -66.41 78.83 -61.32
N PRO B 72 -66.34 79.33 -60.06
CA PRO B 72 -65.13 79.19 -59.26
C PRO B 72 -64.63 77.74 -59.18
N ILE B 73 -63.32 77.57 -59.08
CA ILE B 73 -62.63 76.27 -58.95
C ILE B 73 -62.25 76.09 -57.47
N LYS B 74 -62.56 74.94 -56.86
CA LYS B 74 -62.17 74.65 -55.45
C LYS B 74 -60.65 74.56 -55.35
N GLY B 75 -60.05 75.47 -54.58
CA GLY B 75 -58.61 75.50 -54.30
C GLY B 75 -57.88 76.65 -54.96
N CYS B 76 -58.57 77.38 -55.85
CA CYS B 76 -58.03 78.59 -56.55
C CYS B 76 -59.04 79.76 -56.45
N ASP B 77 -58.74 80.76 -55.62
CA ASP B 77 -59.60 81.94 -55.37
C ASP B 77 -59.51 82.89 -56.58
N ASP B 78 -58.72 82.52 -57.61
CA ASP B 78 -58.25 83.46 -58.67
C ASP B 78 -58.96 83.21 -60.03
N THR B 79 -59.30 81.94 -60.28
CA THR B 79 -59.60 81.32 -61.60
C THR B 79 -61.05 80.87 -61.69
N LEU B 80 -61.66 80.99 -62.88
CA LEU B 80 -63.03 80.54 -63.19
C LEU B 80 -63.01 79.59 -64.38
N VAL B 81 -63.83 78.54 -64.37
CA VAL B 81 -64.23 77.81 -65.60
C VAL B 81 -65.23 78.71 -66.33
N VAL B 82 -64.91 79.19 -67.52
CA VAL B 82 -65.76 80.14 -68.29
C VAL B 82 -66.40 79.40 -69.47
N GLY B 83 -65.90 78.23 -69.82
CA GLY B 83 -66.47 77.47 -70.95
C GLY B 83 -65.69 76.21 -71.18
N LEU B 84 -65.96 75.55 -72.30
CA LEU B 84 -65.17 74.41 -72.80
C LEU B 84 -65.26 74.37 -74.31
N ALA B 85 -64.28 73.74 -74.96
CA ALA B 85 -64.22 73.55 -76.42
C ALA B 85 -64.37 72.07 -76.71
N VAL B 86 -65.03 71.77 -77.82
CA VAL B 86 -65.27 70.39 -78.29
C VAL B 86 -64.69 70.29 -79.70
N CYS B 87 -64.03 69.18 -79.98
CA CYS B 87 -63.51 68.91 -81.32
C CYS B 87 -63.83 67.47 -81.69
N TRP B 88 -64.31 67.24 -82.91
CA TRP B 88 -64.54 65.86 -83.41
C TRP B 88 -63.99 65.69 -84.83
N GLY B 89 -63.02 66.52 -85.21
CA GLY B 89 -62.30 66.33 -86.49
C GLY B 89 -61.80 67.64 -87.05
N GLY B 90 -60.75 67.59 -87.88
CA GLY B 90 -60.23 68.75 -88.62
C GLY B 90 -59.70 69.79 -87.65
N ARG B 91 -59.92 71.07 -87.98
CA ARG B 91 -59.40 72.23 -87.22
C ARG B 91 -60.60 73.12 -86.86
N ASP B 92 -61.75 72.49 -86.63
CA ASP B 92 -62.99 73.11 -86.09
C ASP B 92 -63.08 72.83 -84.59
N ALA B 93 -63.06 73.88 -83.77
CA ALA B 93 -63.34 73.87 -82.33
C ALA B 93 -64.73 74.48 -82.09
N TYR B 94 -65.61 73.77 -81.38
CA TYR B 94 -66.93 74.29 -80.97
C TYR B 94 -66.76 74.82 -79.55
N TYR B 95 -66.78 76.13 -79.38
CA TYR B 95 -66.64 76.73 -78.03
C TYR B 95 -68.01 76.93 -77.40
N PHE B 96 -68.19 76.35 -76.23
CA PHE B 96 -69.46 76.23 -75.47
C PHE B 96 -69.27 77.07 -74.22
N SER B 97 -69.78 78.30 -74.23
CA SER B 97 -69.67 79.26 -73.11
C SER B 97 -70.54 78.83 -71.93
N LEU B 98 -70.02 79.00 -70.72
CA LEU B 98 -70.69 78.69 -69.43
C LEU B 98 -70.79 79.97 -68.59
N GLN B 99 -70.88 81.11 -69.25
CA GLN B 99 -71.07 82.42 -68.57
C GLN B 99 -72.55 82.81 -68.62
N LYS B 100 -73.09 83.27 -67.49
CA LYS B 100 -74.50 83.75 -67.42
C LYS B 100 -74.65 84.93 -68.38
N GLU B 101 -73.78 85.94 -68.25
CA GLU B 101 -73.78 87.17 -69.11
C GLU B 101 -72.36 87.48 -69.59
N SER B 115 -71.67 87.21 -78.77
CA SER B 115 -72.27 87.22 -77.41
C SER B 115 -73.39 86.17 -77.29
N LEU B 116 -73.93 86.00 -76.08
CA LEU B 116 -74.86 84.89 -75.73
C LEU B 116 -76.29 85.23 -76.16
N ASP B 117 -76.89 84.32 -76.91
CA ASP B 117 -78.36 84.24 -77.14
C ASP B 117 -79.04 84.11 -75.77
N PRO B 118 -79.81 85.12 -75.33
CA PRO B 118 -80.35 85.13 -73.97
C PRO B 118 -81.47 84.10 -73.69
N SER B 119 -82.07 83.51 -74.73
CA SER B 119 -83.03 82.37 -74.61
C SER B 119 -82.29 81.11 -74.12
N LEU B 120 -80.96 81.05 -74.29
CA LEU B 120 -80.13 79.91 -73.79
C LEU B 120 -79.63 80.24 -72.38
N THR B 121 -80.49 80.01 -71.39
CA THR B 121 -80.10 80.20 -69.97
C THR B 121 -78.94 79.28 -69.63
N LEU B 122 -78.17 79.67 -68.62
CA LEU B 122 -77.05 78.85 -68.10
C LEU B 122 -77.60 77.47 -67.70
N LYS B 123 -78.73 77.43 -66.99
CA LYS B 123 -79.39 76.16 -66.56
C LYS B 123 -79.65 75.29 -67.80
N ASP B 124 -80.25 75.85 -68.87
CA ASP B 124 -80.49 75.10 -70.14
C ASP B 124 -79.16 74.54 -70.70
N ARG B 125 -78.10 75.35 -70.73
CA ARG B 125 -76.77 74.95 -71.28
C ARG B 125 -76.22 73.82 -70.42
N MET B 126 -76.30 73.96 -69.09
CA MET B 126 -75.76 72.93 -68.18
C MET B 126 -76.54 71.62 -68.36
N TRP B 127 -77.83 71.70 -68.58
CA TRP B 127 -78.60 70.47 -68.91
C TRP B 127 -77.94 69.79 -70.14
N TYR B 128 -77.83 70.53 -71.25
CA TYR B 128 -77.42 69.98 -72.57
C TYR B 128 -75.96 69.50 -72.48
N LEU B 129 -75.16 70.22 -71.70
CA LEU B 129 -73.77 69.79 -71.41
C LEU B 129 -73.80 68.43 -70.68
N GLN B 130 -74.53 68.28 -69.59
CA GLN B 130 -74.54 67.00 -68.82
C GLN B 130 -75.07 65.89 -69.73
N SER B 131 -76.06 66.20 -70.56
CA SER B 131 -76.70 65.22 -71.47
C SER B 131 -75.68 64.65 -72.45
N CYS B 132 -74.78 65.47 -73.01
CA CYS B 132 -73.83 65.03 -74.05
C CYS B 132 -72.61 64.35 -73.41
N LEU B 133 -72.37 64.59 -72.12
CA LEU B 133 -71.19 64.04 -71.43
C LEU B 133 -71.55 62.80 -70.60
N ARG B 134 -72.81 62.31 -70.62
CA ARG B 134 -73.25 61.09 -69.91
C ARG B 134 -73.72 60.01 -70.90
N LYS B 135 -73.32 58.75 -70.70
CA LYS B 135 -73.58 57.58 -71.60
C LYS B 135 -75.08 57.26 -71.67
N GLU B 136 -75.55 56.86 -72.85
CA GLU B 136 -76.84 56.13 -73.06
C GLU B 136 -76.51 54.63 -73.04
N SER B 137 -77.51 53.75 -73.15
CA SER B 137 -77.39 52.28 -73.02
C SER B 137 -76.95 51.66 -74.36
N ASP B 138 -75.83 50.93 -74.35
CA ASP B 138 -75.24 50.17 -75.49
C ASP B 138 -74.68 51.13 -76.54
N LYS B 139 -73.97 52.18 -76.10
CA LYS B 139 -73.43 53.27 -76.96
C LYS B 139 -71.96 53.49 -76.60
N GLU B 140 -71.04 52.91 -77.39
CA GLU B 140 -69.56 53.12 -77.29
C GLU B 140 -69.21 54.55 -77.72
N CYS B 141 -68.74 55.33 -76.76
CA CYS B 141 -68.45 56.79 -76.89
C CYS B 141 -67.17 57.14 -76.12
N SER B 142 -66.19 57.77 -76.76
CA SER B 142 -64.85 58.04 -76.19
C SER B 142 -64.60 59.54 -76.20
N VAL B 143 -64.22 60.08 -75.04
CA VAL B 143 -63.83 61.50 -74.86
C VAL B 143 -62.31 61.56 -74.61
N VAL B 144 -61.63 62.39 -75.38
CA VAL B 144 -60.17 62.63 -75.30
C VAL B 144 -59.96 63.90 -74.47
N ILE B 145 -59.26 63.75 -73.34
CA ILE B 145 -58.97 64.89 -72.43
C ILE B 145 -57.50 64.81 -72.02
N TYR B 146 -56.75 65.86 -72.34
CA TYR B 146 -55.39 66.08 -71.79
C TYR B 146 -55.53 66.28 -70.27
N ASP B 147 -54.81 65.46 -69.48
CA ASP B 147 -54.87 65.48 -67.99
C ASP B 147 -56.32 65.20 -67.58
N PHE B 148 -56.77 64.02 -67.95
CA PHE B 148 -58.12 63.52 -67.64
C PHE B 148 -58.50 63.78 -66.16
N ILE B 149 -57.65 63.39 -65.23
CA ILE B 149 -58.01 63.39 -63.77
C ILE B 149 -58.30 64.83 -63.34
N GLN B 150 -57.43 65.78 -63.65
CA GLN B 150 -57.65 67.16 -63.20
C GLN B 150 -58.95 67.71 -63.84
N SER B 151 -59.27 67.33 -65.07
CA SER B 151 -60.44 67.86 -65.79
C SER B 151 -61.71 67.23 -65.22
N TYR B 152 -61.70 65.93 -64.96
CA TYR B 152 -62.83 65.20 -64.34
C TYR B 152 -63.19 65.88 -63.03
N LYS B 153 -62.19 66.29 -62.25
CA LYS B 153 -62.43 66.85 -60.89
C LYS B 153 -63.00 68.26 -61.01
N ILE B 154 -62.46 69.08 -61.90
CA ILE B 154 -62.99 70.45 -62.05
C ILE B 154 -64.45 70.38 -62.57
N LEU B 155 -64.75 69.50 -63.52
CA LEU B 155 -66.12 69.38 -64.06
C LEU B 155 -67.07 68.97 -62.93
N LEU B 156 -66.64 68.06 -62.06
CA LEU B 156 -67.49 67.56 -60.93
C LEU B 156 -67.64 68.65 -59.89
N LEU B 157 -66.55 69.22 -59.38
CA LEU B 157 -66.57 70.12 -58.20
C LEU B 157 -66.97 71.54 -58.59
N SER B 158 -66.62 72.01 -59.78
CA SER B 158 -66.91 73.41 -60.19
C SER B 158 -68.27 73.51 -60.87
N CYS B 159 -68.59 72.59 -61.77
CA CYS B 159 -69.79 72.66 -62.65
C CYS B 159 -70.85 71.62 -62.25
N GLY B 160 -70.55 70.71 -61.35
CA GLY B 160 -71.51 69.68 -60.90
C GLY B 160 -71.79 68.66 -61.98
N ILE B 161 -70.84 68.43 -62.87
CA ILE B 161 -71.00 67.46 -63.99
C ILE B 161 -70.05 66.28 -63.81
N SER B 162 -70.60 65.07 -63.87
CA SER B 162 -69.89 63.79 -63.78
C SER B 162 -69.80 63.20 -65.19
N LEU B 163 -68.61 63.23 -65.80
CA LEU B 163 -68.29 62.46 -67.03
C LEU B 163 -68.73 61.00 -66.84
N GLU B 164 -69.44 60.42 -67.83
CA GLU B 164 -69.84 58.99 -67.85
C GLU B 164 -69.72 58.51 -69.29
N GLN B 165 -68.48 58.33 -69.73
CA GLN B 165 -68.09 57.76 -71.06
C GLN B 165 -66.76 57.03 -70.90
N SER B 166 -66.23 56.44 -71.97
CA SER B 166 -64.84 55.93 -72.06
C SER B 166 -63.90 57.12 -72.21
N TYR B 167 -62.79 57.13 -71.48
CA TYR B 167 -61.81 58.23 -71.48
C TYR B 167 -60.51 57.77 -72.14
N GLU B 168 -59.90 58.73 -72.79
CA GLU B 168 -58.59 58.61 -73.45
C GLU B 168 -57.77 59.86 -73.13
N ASP B 169 -56.65 59.72 -72.42
CA ASP B 169 -55.69 60.81 -72.11
C ASP B 169 -54.43 60.54 -72.94
N PRO B 170 -54.06 61.45 -73.87
CA PRO B 170 -52.83 61.30 -74.62
C PRO B 170 -51.56 61.20 -73.72
N LYS B 171 -51.56 61.85 -72.55
CA LYS B 171 -50.42 61.73 -71.56
C LYS B 171 -50.21 60.26 -71.21
N VAL B 172 -51.29 59.51 -71.01
CA VAL B 172 -51.20 58.09 -70.55
C VAL B 172 -50.72 57.21 -71.70
N ALA B 173 -51.20 57.50 -72.92
CA ALA B 173 -50.75 56.82 -74.16
C ALA B 173 -49.23 57.01 -74.34
N CYS B 174 -48.71 58.22 -74.15
CA CYS B 174 -47.25 58.51 -74.23
C CYS B 174 -46.49 57.62 -73.24
N TRP B 175 -46.93 57.61 -71.99
CA TRP B 175 -46.33 56.78 -70.93
C TRP B 175 -46.29 55.32 -71.39
N LEU B 176 -47.38 54.86 -71.97
CA LEU B 176 -47.55 53.45 -72.37
C LEU B 176 -46.56 53.11 -73.49
N LEU B 177 -46.19 54.08 -74.33
CA LEU B 177 -45.24 53.86 -75.45
C LEU B 177 -43.79 53.88 -74.97
N ASP B 178 -43.48 54.65 -73.92
CA ASP B 178 -42.12 54.66 -73.32
C ASP B 178 -42.22 55.10 -71.87
N PRO B 179 -42.24 54.16 -70.90
CA PRO B 179 -42.48 54.50 -69.51
C PRO B 179 -41.35 55.34 -68.89
N ASP B 180 -40.16 55.34 -69.49
CA ASP B 180 -38.97 56.08 -68.99
C ASP B 180 -38.87 57.47 -69.64
N SER B 181 -39.77 57.80 -70.57
CA SER B 181 -39.86 59.13 -71.23
C SER B 181 -40.11 60.18 -70.15
N GLN B 182 -39.75 61.42 -70.42
CA GLN B 182 -40.06 62.54 -69.48
C GLN B 182 -41.58 62.72 -69.52
N GLU B 183 -42.19 63.10 -68.41
CA GLU B 183 -43.63 63.47 -68.34
C GLU B 183 -43.95 64.35 -69.55
N PRO B 184 -44.98 64.00 -70.34
CA PRO B 184 -45.34 64.80 -71.52
C PRO B 184 -45.98 66.16 -71.15
N THR B 185 -45.74 67.16 -71.96
CA THR B 185 -46.49 68.45 -71.96
C THR B 185 -47.31 68.51 -73.25
N LEU B 186 -48.22 69.46 -73.40
CA LEU B 186 -48.97 69.60 -74.68
C LEU B 186 -47.95 69.87 -75.79
N HIS B 187 -46.91 70.65 -75.49
CA HIS B 187 -45.85 71.05 -76.46
C HIS B 187 -45.08 69.81 -76.92
N SER B 188 -44.69 68.91 -76.01
CA SER B 188 -43.93 67.68 -76.35
C SER B 188 -44.82 66.73 -77.16
N ILE B 189 -46.08 66.59 -76.81
CA ILE B 189 -47.02 65.71 -77.56
C ILE B 189 -47.14 66.23 -79.00
N VAL B 190 -47.35 67.53 -79.17
CA VAL B 190 -47.55 68.11 -80.53
C VAL B 190 -46.21 68.01 -81.29
N THR B 191 -45.10 68.27 -80.62
CA THR B 191 -43.74 68.12 -81.21
C THR B 191 -43.60 66.70 -81.78
N SER B 192 -43.87 65.66 -80.99
CA SER B 192 -43.60 64.24 -81.35
C SER B 192 -44.65 63.67 -82.31
N PHE B 193 -45.93 64.01 -82.14
CA PHE B 193 -47.05 63.28 -82.78
C PHE B 193 -47.83 64.19 -83.74
N LEU B 194 -47.71 65.52 -83.67
CA LEU B 194 -48.49 66.41 -84.57
C LEU B 194 -47.64 67.61 -84.97
N PRO B 195 -46.38 67.41 -85.41
CA PRO B 195 -45.39 68.51 -85.51
C PRO B 195 -45.79 69.60 -86.50
N HIS B 196 -46.55 69.25 -87.55
CA HIS B 196 -47.10 70.23 -88.52
C HIS B 196 -48.02 71.26 -87.85
N GLU B 197 -48.52 71.05 -86.62
CA GLU B 197 -49.43 72.02 -85.95
C GLU B 197 -48.68 72.81 -84.88
N LEU B 198 -47.36 72.69 -84.74
CA LEU B 198 -46.57 73.50 -83.77
C LEU B 198 -46.84 75.00 -83.93
N PRO B 199 -47.05 75.57 -85.14
CA PRO B 199 -47.39 77.00 -85.26
C PRO B 199 -48.56 77.47 -84.38
N LEU B 200 -49.61 76.65 -84.23
CA LEU B 200 -50.78 76.94 -83.35
C LEU B 200 -50.32 77.26 -81.92
N LEU B 201 -49.18 76.73 -81.48
CA LEU B 201 -48.67 76.89 -80.10
C LEU B 201 -47.70 78.07 -80.00
N GLU B 202 -47.37 78.74 -81.11
CA GLU B 202 -46.50 79.94 -81.14
C GLU B 202 -47.06 81.04 -80.22
N GLY B 203 -46.25 81.48 -79.24
CA GLY B 203 -46.61 82.52 -78.25
C GLY B 203 -47.50 81.99 -77.14
N MET B 204 -47.56 80.66 -76.96
CA MET B 204 -48.39 79.98 -75.92
C MET B 204 -47.43 79.15 -75.08
N GLU B 205 -46.52 79.85 -74.39
CA GLU B 205 -45.32 79.31 -73.71
C GLU B 205 -45.73 78.30 -72.62
N THR B 206 -46.92 78.49 -72.03
CA THR B 206 -47.51 77.62 -70.97
C THR B 206 -47.80 76.21 -71.50
N SER B 207 -47.88 76.00 -72.82
CA SER B 207 -48.01 74.66 -73.46
C SER B 207 -46.81 73.78 -73.11
N SER B 212 -52.54 71.59 -68.46
CA SER B 212 -53.45 71.72 -69.64
C SER B 212 -53.48 73.19 -70.08
N LEU B 213 -53.37 73.45 -71.38
CA LEU B 213 -53.39 74.82 -71.95
C LEU B 213 -54.70 75.53 -71.53
N GLY B 214 -55.83 74.83 -71.62
CA GLY B 214 -57.15 75.34 -71.24
C GLY B 214 -57.19 75.72 -69.77
N LEU B 215 -56.61 74.87 -68.91
CA LEU B 215 -56.65 75.00 -67.43
C LEU B 215 -55.68 76.08 -66.95
N ASN B 216 -54.70 76.45 -67.77
CA ASN B 216 -53.60 77.32 -67.31
C ASN B 216 -53.98 78.77 -67.58
N ALA B 217 -54.60 79.39 -66.57
CA ALA B 217 -55.11 80.78 -66.60
C ALA B 217 -53.98 81.79 -66.37
N GLY B 218 -52.75 81.32 -66.14
CA GLY B 218 -51.55 82.18 -66.03
C GLY B 218 -51.04 82.60 -67.40
N SER B 219 -51.92 82.73 -68.40
CA SER B 219 -51.64 83.20 -69.78
C SER B 219 -52.43 84.48 -70.03
N GLU B 220 -52.00 85.30 -70.99
CA GLU B 220 -52.69 86.54 -71.45
C GLU B 220 -53.72 86.18 -72.53
N HIS B 221 -53.62 84.96 -73.08
CA HIS B 221 -54.57 84.47 -74.10
C HIS B 221 -55.86 84.05 -73.40
N SER B 222 -57.00 84.30 -74.03
CA SER B 222 -58.34 83.96 -73.52
C SER B 222 -58.47 82.43 -73.30
N GLY B 223 -59.28 82.03 -72.32
CA GLY B 223 -59.64 80.62 -72.11
C GLY B 223 -60.28 80.04 -73.36
N ARG B 224 -61.08 80.85 -74.05
CA ARG B 224 -61.77 80.43 -75.28
C ARG B 224 -60.74 79.96 -76.32
N TYR B 225 -59.76 80.82 -76.61
CA TYR B 225 -58.72 80.54 -77.64
C TYR B 225 -57.90 79.34 -77.19
N ARG B 226 -57.46 79.34 -75.93
CA ARG B 226 -56.57 78.27 -75.40
C ARG B 226 -57.30 76.93 -75.48
N ALA B 227 -58.55 76.86 -75.02
CA ALA B 227 -59.32 75.60 -74.99
C ALA B 227 -59.60 75.13 -76.42
N SER B 228 -59.91 76.05 -77.33
CA SER B 228 -60.21 75.71 -78.74
C SER B 228 -58.97 75.09 -79.40
N VAL B 229 -57.80 75.71 -79.23
CA VAL B 229 -56.52 75.21 -79.80
C VAL B 229 -56.25 73.85 -79.18
N GLU B 230 -56.28 73.75 -77.86
CA GLU B 230 -56.04 72.47 -77.17
C GLU B 230 -56.98 71.39 -77.73
N SER B 231 -58.27 71.68 -77.88
CA SER B 231 -59.26 70.67 -78.30
C SER B 231 -58.83 70.05 -79.64
N ILE B 232 -58.40 70.90 -80.57
CA ILE B 232 -57.97 70.50 -81.93
C ILE B 232 -56.65 69.72 -81.82
N LEU B 233 -55.65 70.24 -81.13
CA LEU B 233 -54.34 69.57 -81.00
C LEU B 233 -54.51 68.18 -80.37
N ILE B 234 -55.34 68.06 -79.35
CA ILE B 234 -55.50 66.81 -78.54
C ILE B 234 -56.27 65.77 -79.34
N PHE B 235 -57.33 66.16 -80.07
CA PHE B 235 -58.13 65.20 -80.87
C PHE B 235 -57.25 64.56 -81.93
N ASN B 236 -56.52 65.39 -82.68
CA ASN B 236 -55.66 64.94 -83.80
C ASN B 236 -54.45 64.16 -83.27
N SER B 237 -53.81 64.62 -82.21
CA SER B 237 -52.71 63.93 -81.51
C SER B 237 -53.12 62.52 -81.09
N MET B 238 -54.33 62.39 -80.56
CA MET B 238 -54.81 61.11 -79.98
C MET B 238 -55.09 60.11 -81.11
N ASN B 239 -55.47 60.57 -82.30
CA ASN B 239 -55.61 59.67 -83.48
C ASN B 239 -54.26 59.04 -83.78
N GLN B 240 -53.19 59.83 -83.80
CA GLN B 240 -51.83 59.33 -84.08
C GLN B 240 -51.41 58.39 -82.93
N LEU B 241 -51.56 58.81 -81.68
CA LEU B 241 -51.22 57.97 -80.49
C LEU B 241 -52.00 56.64 -80.54
N ASN B 242 -53.28 56.65 -80.94
CA ASN B 242 -54.09 55.41 -81.05
C ASN B 242 -53.52 54.49 -82.14
N SER B 243 -53.10 55.02 -83.28
CA SER B 243 -52.45 54.20 -84.32
C SER B 243 -51.17 53.57 -83.74
N LEU B 244 -50.37 54.33 -82.99
CA LEU B 244 -49.09 53.80 -82.43
C LEU B 244 -49.40 52.73 -81.38
N LEU B 245 -50.38 52.94 -80.50
CA LEU B 245 -50.80 51.93 -79.49
C LEU B 245 -51.21 50.64 -80.19
N GLN B 246 -51.96 50.75 -81.28
CA GLN B 246 -52.42 49.57 -82.08
C GLN B 246 -51.22 48.85 -82.69
N LYS B 247 -50.27 49.59 -83.27
CA LYS B 247 -49.04 48.97 -83.84
C LYS B 247 -48.30 48.21 -82.72
N GLU B 248 -48.20 48.76 -81.50
CA GLU B 248 -47.44 48.14 -80.37
C GLU B 248 -48.31 47.13 -79.61
N ASN B 249 -49.61 47.03 -79.93
CA ASN B 249 -50.55 46.08 -79.30
C ASN B 249 -50.72 46.44 -77.82
N LEU B 250 -50.82 47.74 -77.51
CA LEU B 250 -51.05 48.26 -76.15
C LEU B 250 -52.44 48.91 -76.04
N GLN B 251 -53.27 48.81 -77.07
CA GLN B 251 -54.56 49.54 -77.10
C GLN B 251 -55.53 48.88 -76.10
N ASP B 252 -55.55 47.55 -76.02
CA ASP B 252 -56.40 46.81 -75.06
C ASP B 252 -56.01 47.28 -73.64
N VAL B 253 -54.71 47.28 -73.37
CA VAL B 253 -54.15 47.67 -72.04
C VAL B 253 -54.66 49.08 -71.72
N PHE B 254 -54.55 49.98 -72.69
CA PHE B 254 -54.88 51.41 -72.55
C PHE B 254 -56.37 51.59 -72.19
N ARG B 255 -57.27 50.91 -72.91
CA ARG B 255 -58.74 51.08 -72.77
C ARG B 255 -59.28 50.26 -71.58
N LYS B 256 -58.76 49.06 -71.31
CA LYS B 256 -59.32 48.15 -70.28
C LYS B 256 -58.64 48.33 -68.91
N VAL B 257 -57.40 48.82 -68.84
CA VAL B 257 -56.63 48.84 -67.54
C VAL B 257 -56.20 50.27 -67.22
N GLU B 258 -55.40 50.91 -68.06
CA GLU B 258 -54.73 52.18 -67.69
C GLU B 258 -55.77 53.31 -67.56
N MET B 259 -56.68 53.50 -68.51
CA MET B 259 -57.58 54.66 -68.40
C MET B 259 -58.61 54.41 -67.28
N PRO B 260 -59.18 53.20 -67.15
CA PRO B 260 -60.03 52.91 -65.99
C PRO B 260 -59.31 53.13 -64.64
N SER B 261 -58.02 52.76 -64.58
CA SER B 261 -57.15 52.95 -63.40
C SER B 261 -57.08 54.45 -63.11
N GLN B 262 -56.93 55.29 -64.12
CA GLN B 262 -56.95 56.75 -63.93
C GLN B 262 -58.30 57.19 -63.33
N TYR B 263 -59.41 56.61 -63.78
CA TYR B 263 -60.75 56.96 -63.24
C TYR B 263 -60.81 56.59 -61.76
N CYS B 264 -60.41 55.38 -61.39
CA CYS B 264 -60.30 54.98 -59.94
C CYS B 264 -59.45 55.99 -59.17
N LEU B 265 -58.34 56.48 -59.74
CA LEU B 265 -57.45 57.41 -59.01
C LEU B 265 -58.12 58.77 -58.87
N ALA B 266 -58.92 59.17 -59.85
CA ALA B 266 -59.71 60.41 -59.75
C ALA B 266 -60.67 60.34 -58.55
N LEU B 267 -61.34 59.21 -58.36
CA LEU B 267 -62.27 59.03 -57.21
C LEU B 267 -61.49 59.15 -55.89
N LEU B 268 -60.31 58.53 -55.83
CA LEU B 268 -59.41 58.56 -54.63
C LEU B 268 -59.02 60.00 -54.33
N GLU B 269 -58.68 60.76 -55.36
CA GLU B 269 -58.22 62.16 -55.17
C GLU B 269 -59.40 63.01 -54.74
N LEU B 270 -60.60 62.70 -55.21
CA LEU B 270 -61.83 63.42 -54.77
C LEU B 270 -62.14 63.01 -53.35
N ASN B 271 -61.93 61.75 -52.98
CA ASN B 271 -62.25 61.24 -51.63
C ASN B 271 -61.31 61.88 -50.59
N GLY B 272 -60.01 61.94 -50.88
CA GLY B 272 -59.01 62.24 -49.85
C GLY B 272 -58.98 61.15 -48.78
N ILE B 273 -58.15 61.33 -47.75
CA ILE B 273 -58.02 60.36 -46.63
C ILE B 273 -58.20 61.15 -45.34
N GLY B 274 -59.03 60.61 -44.45
CA GLY B 274 -59.33 61.27 -43.17
C GLY B 274 -58.10 61.37 -42.31
N PHE B 275 -58.01 62.46 -41.54
CA PHE B 275 -56.82 62.85 -40.76
C PHE B 275 -57.29 63.43 -39.45
N SER B 276 -56.68 62.96 -38.37
CA SER B 276 -56.80 63.50 -36.99
C SER B 276 -55.56 64.31 -36.60
N THR B 277 -55.77 65.57 -36.25
CA THR B 277 -54.69 66.51 -35.87
C THR B 277 -54.34 66.31 -34.40
N ALA B 278 -55.32 65.98 -33.56
CA ALA B 278 -55.17 65.61 -32.14
C ALA B 278 -54.22 64.43 -31.98
N GLU B 279 -54.46 63.35 -32.72
CA GLU B 279 -53.61 62.12 -32.68
C GLU B 279 -52.16 62.47 -33.08
N CYS B 280 -52.00 63.20 -34.18
CA CYS B 280 -50.70 63.66 -34.70
C CYS B 280 -49.96 64.51 -33.64
N GLU B 281 -50.60 65.49 -32.99
CA GLU B 281 -49.97 66.43 -32.03
C GLU B 281 -49.45 65.67 -30.80
N SER B 282 -50.23 64.70 -30.33
CA SER B 282 -49.88 63.96 -29.09
C SER B 282 -48.68 63.06 -29.40
N GLN B 283 -48.61 62.49 -30.59
CA GLN B 283 -47.40 61.73 -31.03
C GLN B 283 -46.21 62.67 -31.16
N LYS B 284 -46.40 63.84 -31.77
CA LYS B 284 -45.34 64.86 -31.93
C LYS B 284 -44.72 65.17 -30.57
N HIS B 285 -45.54 65.39 -29.53
CA HIS B 285 -45.06 65.82 -28.19
C HIS B 285 -44.19 64.72 -27.56
N ILE B 286 -44.59 63.46 -27.70
CA ILE B 286 -43.81 62.29 -27.18
C ILE B 286 -42.48 62.21 -27.94
N MET B 287 -42.54 62.31 -29.25
CA MET B 287 -41.33 62.26 -30.12
C MET B 287 -40.38 63.39 -29.75
N GLN B 288 -40.90 64.60 -29.51
CA GLN B 288 -40.05 65.79 -29.27
C GLN B 288 -39.37 65.65 -27.91
N ALA B 289 -40.06 65.10 -26.92
CA ALA B 289 -39.53 64.83 -25.57
C ALA B 289 -38.37 63.83 -25.66
N LYS B 290 -38.49 62.82 -26.51
CA LYS B 290 -37.46 61.77 -26.71
C LYS B 290 -36.27 62.40 -27.44
N LEU B 291 -36.50 63.23 -28.45
CA LEU B 291 -35.41 63.98 -29.13
C LEU B 291 -34.62 64.81 -28.11
N ASP B 292 -35.30 65.46 -27.16
CA ASP B 292 -34.66 66.33 -26.15
C ASP B 292 -33.75 65.49 -25.25
N ALA B 293 -34.25 64.38 -24.71
CA ALA B 293 -33.49 63.41 -23.86
C ALA B 293 -32.33 62.81 -24.63
N ILE B 294 -32.54 62.44 -25.90
CA ILE B 294 -31.45 61.88 -26.77
C ILE B 294 -30.35 62.93 -26.89
N GLU B 295 -30.69 64.17 -27.23
CA GLU B 295 -29.70 65.27 -27.41
C GLU B 295 -28.90 65.39 -26.11
N THR B 296 -29.57 65.57 -24.97
CA THR B 296 -28.91 65.83 -23.67
C THR B 296 -27.96 64.68 -23.33
N GLN B 297 -28.35 63.43 -23.60
CA GLN B 297 -27.51 62.23 -23.33
C GLN B 297 -26.37 62.15 -24.35
N ALA B 298 -26.64 62.39 -25.63
CA ALA B 298 -25.61 62.42 -26.69
C ALA B 298 -24.50 63.42 -26.31
N TYR B 299 -24.89 64.64 -25.90
CA TYR B 299 -23.94 65.76 -25.64
C TYR B 299 -23.11 65.46 -24.39
N GLN B 300 -23.64 64.71 -23.42
CA GLN B 300 -22.87 64.33 -22.20
C GLN B 300 -21.87 63.23 -22.58
N LEU B 301 -22.24 62.26 -23.39
CA LEU B 301 -21.31 61.20 -23.86
C LEU B 301 -20.22 61.82 -24.75
N ALA B 302 -20.58 62.76 -25.63
CA ALA B 302 -19.62 63.44 -26.55
C ALA B 302 -18.68 64.39 -25.79
N GLY B 303 -19.15 64.97 -24.68
CA GLY B 303 -18.43 65.99 -23.91
C GLY B 303 -18.73 67.41 -24.38
N HIS B 304 -19.33 67.60 -25.55
CA HIS B 304 -19.68 68.93 -26.08
C HIS B 304 -20.90 68.84 -26.99
N SER B 305 -21.56 69.95 -27.28
CA SER B 305 -22.58 70.09 -28.35
C SER B 305 -21.96 69.61 -29.67
N PHE B 306 -22.77 69.00 -30.53
CA PHE B 306 -22.43 68.67 -31.93
C PHE B 306 -23.74 68.68 -32.72
N SER B 307 -23.67 68.99 -34.01
CA SER B 307 -24.85 68.96 -34.93
C SER B 307 -25.10 67.52 -35.38
N PHE B 308 -26.30 67.00 -35.16
CA PHE B 308 -26.76 65.65 -35.59
C PHE B 308 -26.89 65.60 -37.12
N THR B 309 -26.88 66.78 -37.78
CA THR B 309 -27.11 66.92 -39.24
C THR B 309 -25.79 67.01 -39.99
N SER B 310 -24.66 67.12 -39.30
CA SER B 310 -23.29 67.18 -39.89
C SER B 310 -22.60 65.82 -39.74
N SER B 311 -22.44 65.10 -40.86
CA SER B 311 -21.64 63.85 -40.99
C SER B 311 -20.23 64.07 -40.42
N ASP B 312 -19.65 65.23 -40.74
CA ASP B 312 -18.29 65.67 -40.30
C ASP B 312 -18.23 65.63 -38.77
N ASP B 313 -19.15 66.35 -38.10
CA ASP B 313 -19.20 66.46 -36.61
C ASP B 313 -19.29 65.06 -36.00
N ILE B 314 -20.22 64.25 -36.51
CA ILE B 314 -20.51 62.87 -35.98
C ILE B 314 -19.25 62.01 -36.15
N ALA B 315 -18.58 62.12 -37.30
CA ALA B 315 -17.33 61.38 -37.61
C ALA B 315 -16.22 61.82 -36.65
N GLU B 316 -16.09 63.14 -36.41
CA GLU B 316 -15.09 63.69 -35.45
C GLU B 316 -15.33 63.01 -34.10
N VAL B 317 -16.58 62.97 -33.62
CA VAL B 317 -16.92 62.44 -32.26
C VAL B 317 -16.72 60.92 -32.23
N LEU B 318 -17.26 60.18 -33.20
CA LEU B 318 -17.24 58.70 -33.14
C LEU B 318 -15.81 58.18 -33.31
N PHE B 319 -15.03 58.73 -34.26
CA PHE B 319 -13.79 58.09 -34.77
C PHE B 319 -12.53 58.76 -34.22
N LEU B 320 -12.50 60.10 -34.18
CA LEU B 320 -11.33 60.86 -33.64
C LEU B 320 -11.40 60.92 -32.12
N GLU B 321 -12.56 61.26 -31.54
CA GLU B 321 -12.66 61.72 -30.12
C GLU B 321 -13.03 60.55 -29.20
N LEU B 322 -13.54 59.44 -29.74
CA LEU B 322 -13.90 58.21 -29.00
C LEU B 322 -13.12 57.01 -29.55
N LYS B 323 -12.55 57.12 -30.76
CA LYS B 323 -11.65 56.10 -31.37
C LYS B 323 -12.40 54.76 -31.54
N LEU B 324 -13.62 54.78 -32.10
CA LEU B 324 -14.34 53.53 -32.48
C LEU B 324 -13.79 53.05 -33.83
N PRO B 325 -13.73 51.72 -34.09
CA PRO B 325 -13.10 51.19 -35.30
C PRO B 325 -13.93 51.26 -36.59
N PRO B 326 -13.44 51.93 -37.65
CA PRO B 326 -14.10 51.88 -38.97
C PRO B 326 -13.68 50.67 -39.82
N PHE B 358 -14.36 59.03 -43.56
CA PHE B 358 -14.98 58.05 -42.62
C PHE B 358 -16.52 58.24 -42.63
N SER B 359 -17.24 57.25 -43.18
CA SER B 359 -18.72 57.26 -43.36
C SER B 359 -19.46 57.17 -42.02
N THR B 360 -20.66 57.75 -41.96
CA THR B 360 -21.57 57.74 -40.78
C THR B 360 -22.93 57.21 -41.23
N SER B 361 -22.93 56.22 -42.13
CA SER B 361 -24.16 55.64 -42.71
C SER B 361 -24.86 54.76 -41.68
N LYS B 362 -26.11 54.39 -41.98
CA LYS B 362 -26.93 53.45 -41.18
C LYS B 362 -26.10 52.20 -40.88
N ASP B 363 -25.43 51.63 -41.90
CA ASP B 363 -24.74 50.32 -41.84
C ASP B 363 -23.57 50.40 -40.85
N VAL B 364 -22.78 51.48 -40.94
CA VAL B 364 -21.66 51.77 -40.02
C VAL B 364 -22.21 51.83 -38.59
N LEU B 365 -23.19 52.71 -38.33
CA LEU B 365 -23.63 53.02 -36.93
C LEU B 365 -24.32 51.78 -36.36
N ASN B 366 -24.92 50.97 -37.23
CA ASN B 366 -25.64 49.73 -36.84
C ASN B 366 -24.63 48.71 -36.29
N LYS B 367 -23.43 48.63 -36.88
CA LYS B 367 -22.33 47.79 -36.34
C LYS B 367 -21.87 48.37 -35.00
N LEU B 368 -21.62 49.69 -34.96
CA LEU B 368 -20.92 50.33 -33.83
C LEU B 368 -21.81 50.40 -32.58
N LYS B 369 -23.13 50.28 -32.70
CA LYS B 369 -24.08 50.44 -31.55
C LYS B 369 -23.82 49.33 -30.54
N ALA B 370 -23.23 48.21 -30.98
CA ALA B 370 -22.81 47.12 -30.09
C ALA B 370 -21.66 47.56 -29.16
N LEU B 371 -20.93 48.65 -29.47
CA LEU B 371 -19.67 49.03 -28.77
C LEU B 371 -19.81 50.30 -27.91
N HIS B 372 -20.83 51.13 -28.13
CA HIS B 372 -20.95 52.44 -27.47
C HIS B 372 -22.39 52.95 -27.68
N PRO B 373 -22.99 53.64 -26.68
CA PRO B 373 -24.37 54.10 -26.78
C PRO B 373 -24.64 55.19 -27.84
N LEU B 374 -23.65 56.01 -28.19
CA LEU B 374 -23.85 57.23 -29.02
C LEU B 374 -24.32 56.90 -30.45
N PRO B 375 -23.73 55.92 -31.18
CA PRO B 375 -24.24 55.56 -32.51
C PRO B 375 -25.73 55.20 -32.56
N GLY B 376 -26.23 54.49 -31.54
CA GLY B 376 -27.66 54.17 -31.37
C GLY B 376 -28.50 55.42 -31.18
N LEU B 377 -28.06 56.36 -30.35
CA LEU B 377 -28.73 57.67 -30.14
C LEU B 377 -28.83 58.40 -31.48
N ILE B 378 -27.73 58.43 -32.25
CA ILE B 378 -27.69 59.11 -33.58
C ILE B 378 -28.80 58.50 -34.44
N LEU B 379 -28.91 57.17 -34.46
CA LEU B 379 -29.84 56.46 -35.38
C LEU B 379 -31.26 56.82 -35.00
N GLU B 380 -31.54 56.86 -33.71
CA GLU B 380 -32.90 57.13 -33.17
C GLU B 380 -33.24 58.61 -33.43
N TRP B 381 -32.27 59.50 -33.24
CA TRP B 381 -32.43 60.94 -33.54
C TRP B 381 -32.92 61.11 -34.98
N ARG B 382 -32.26 60.44 -35.93
CA ARG B 382 -32.56 60.60 -37.37
C ARG B 382 -33.94 60.04 -37.65
N ARG B 383 -34.30 58.93 -37.01
CA ARG B 383 -35.60 58.25 -37.23
C ARG B 383 -36.70 59.18 -36.78
N ILE B 384 -36.58 59.72 -35.57
CA ILE B 384 -37.65 60.56 -34.97
C ILE B 384 -37.69 61.92 -35.68
N THR B 385 -36.53 62.53 -35.96
CA THR B 385 -36.47 63.82 -36.70
C THR B 385 -37.20 63.66 -38.04
N ASN B 386 -37.01 62.50 -38.69
CA ASN B 386 -37.68 62.17 -39.97
C ASN B 386 -39.21 62.20 -39.78
N ALA B 387 -39.73 61.52 -38.75
CA ALA B 387 -41.19 61.44 -38.51
C ALA B 387 -41.74 62.85 -38.23
N ILE B 388 -41.00 63.69 -37.51
CA ILE B 388 -41.48 65.06 -37.16
C ILE B 388 -41.43 65.96 -38.40
N THR B 389 -40.28 66.06 -39.09
CA THR B 389 -40.02 67.10 -40.11
C THR B 389 -40.53 66.71 -41.49
N LYS B 390 -40.55 65.41 -41.81
CA LYS B 390 -40.89 64.88 -43.15
C LYS B 390 -42.28 64.23 -43.12
N VAL B 391 -42.91 64.05 -41.96
CA VAL B 391 -44.26 63.41 -41.94
C VAL B 391 -45.26 64.31 -41.22
N VAL B 392 -45.06 64.60 -39.93
CA VAL B 392 -46.01 65.46 -39.15
C VAL B 392 -46.11 66.85 -39.81
N PHE B 393 -45.00 67.54 -40.10
CA PHE B 393 -45.03 68.95 -40.56
C PHE B 393 -45.82 69.03 -41.88
N PRO B 394 -45.48 68.24 -42.92
CA PRO B 394 -46.24 68.28 -44.16
C PRO B 394 -47.71 67.84 -44.05
N LEU B 395 -48.04 66.82 -43.25
CA LEU B 395 -49.46 66.41 -43.06
C LEU B 395 -50.25 67.56 -42.43
N GLN B 396 -49.71 68.19 -41.39
CA GLN B 396 -50.41 69.29 -40.66
C GLN B 396 -50.55 70.53 -41.53
N ARG B 397 -49.69 70.67 -42.55
CA ARG B 397 -49.70 71.81 -43.50
C ARG B 397 -50.74 71.56 -44.63
N GLU B 398 -50.92 70.30 -45.05
CA GLU B 398 -51.69 69.90 -46.25
C GLU B 398 -53.15 69.59 -45.88
N LYS B 399 -53.43 69.40 -44.59
CA LYS B 399 -54.79 69.00 -44.13
C LYS B 399 -55.77 70.10 -44.53
N CYS B 400 -57.02 69.73 -44.77
CA CYS B 400 -58.09 70.58 -45.35
C CYS B 400 -59.41 70.18 -44.69
N LEU B 401 -60.15 71.12 -44.11
CA LEU B 401 -61.51 70.82 -43.54
C LEU B 401 -62.48 70.34 -44.65
N ASN B 402 -63.14 69.22 -44.44
CA ASN B 402 -64.28 68.80 -45.28
C ASN B 402 -65.56 69.07 -44.50
N PRO B 403 -66.31 70.15 -44.81
CA PRO B 403 -67.48 70.54 -44.03
C PRO B 403 -68.66 69.55 -44.12
N PHE B 404 -68.75 68.70 -45.15
CA PHE B 404 -69.84 67.72 -45.34
C PHE B 404 -69.62 66.54 -44.39
N LEU B 405 -68.44 65.92 -44.45
CA LEU B 405 -68.07 64.76 -43.60
C LEU B 405 -67.83 65.21 -42.15
N GLY B 406 -67.49 66.49 -41.94
CA GLY B 406 -67.27 67.07 -40.60
C GLY B 406 -65.98 66.58 -40.00
N MET B 407 -64.89 66.61 -40.77
CA MET B 407 -63.54 66.12 -40.38
C MET B 407 -62.50 66.74 -41.31
N GLU B 408 -61.25 66.70 -40.92
CA GLU B 408 -60.11 67.10 -41.76
C GLU B 408 -59.74 65.92 -42.65
N ARG B 409 -59.28 66.22 -43.85
CA ARG B 409 -58.79 65.18 -44.78
C ARG B 409 -57.52 65.70 -45.45
N ILE B 410 -56.77 64.80 -46.04
CA ILE B 410 -55.60 65.11 -46.89
C ILE B 410 -55.95 64.64 -48.31
N TYR B 411 -55.59 65.47 -49.28
CA TYR B 411 -55.90 65.25 -50.71
C TYR B 411 -54.58 65.14 -51.46
N PRO B 412 -53.97 63.93 -51.47
CA PRO B 412 -52.72 63.75 -52.20
C PRO B 412 -53.03 63.61 -53.69
N VAL B 413 -52.01 63.80 -54.53
CA VAL B 413 -52.13 63.81 -55.99
C VAL B 413 -51.46 62.54 -56.49
N SER B 414 -52.16 61.73 -57.29
CA SER B 414 -51.64 60.46 -57.82
C SER B 414 -50.64 60.80 -58.93
N GLN B 415 -49.68 59.91 -59.14
CA GLN B 415 -48.63 60.01 -60.17
C GLN B 415 -48.45 58.60 -60.72
N SER B 416 -48.80 58.39 -61.99
CA SER B 416 -48.81 57.08 -62.66
C SER B 416 -47.72 57.02 -63.70
N HIS B 417 -46.97 58.09 -63.88
CA HIS B 417 -45.87 58.09 -64.89
C HIS B 417 -44.61 57.57 -64.20
N THR B 418 -44.45 56.24 -64.10
CA THR B 418 -43.36 55.56 -63.34
C THR B 418 -42.74 54.53 -64.26
N ALA B 419 -41.53 54.06 -63.96
CA ALA B 419 -40.75 53.17 -64.81
C ALA B 419 -41.42 51.81 -64.96
N THR B 420 -42.13 51.37 -63.94
CA THR B 420 -42.62 49.96 -63.84
C THR B 420 -44.14 49.89 -63.78
N GLY B 421 -44.84 51.03 -63.71
CA GLY B 421 -46.31 51.10 -63.70
C GLY B 421 -46.85 51.05 -62.29
N ARG B 422 -46.00 51.22 -61.28
CA ARG B 422 -46.47 51.50 -59.92
C ARG B 422 -47.17 52.85 -59.92
N ILE B 423 -48.00 53.06 -58.90
CA ILE B 423 -48.61 54.39 -58.64
C ILE B 423 -47.96 54.95 -57.38
N THR B 424 -47.66 56.25 -57.39
CA THR B 424 -47.12 56.95 -56.22
C THR B 424 -47.95 58.22 -56.00
N PHE B 425 -47.62 58.98 -54.98
CA PHE B 425 -48.38 60.18 -54.60
C PHE B 425 -47.41 61.27 -54.24
N THR B 426 -47.87 62.51 -54.42
CA THR B 426 -47.14 63.74 -54.03
C THR B 426 -48.09 64.61 -53.21
N GLU B 427 -47.49 65.54 -52.46
CA GLU B 427 -48.16 66.72 -51.88
C GLU B 427 -49.31 66.24 -50.98
N PRO B 428 -49.02 65.45 -49.93
CA PRO B 428 -47.70 64.86 -49.65
C PRO B 428 -47.65 63.40 -50.10
N ASN B 429 -46.49 62.71 -50.05
CA ASN B 429 -46.42 61.27 -50.42
C ASN B 429 -46.71 60.43 -49.17
N ILE B 430 -47.99 60.13 -48.99
CA ILE B 430 -48.57 59.37 -47.87
C ILE B 430 -48.05 57.94 -47.88
N GLN B 431 -47.56 57.44 -49.02
CA GLN B 431 -46.95 56.09 -49.04
C GLN B 431 -45.75 56.04 -48.07
N ASN B 432 -45.14 57.16 -47.68
CA ASN B 432 -43.85 57.17 -46.95
C ASN B 432 -44.05 57.30 -45.43
N VAL B 433 -45.29 57.30 -45.01
CA VAL B 433 -45.63 57.43 -43.58
C VAL B 433 -45.00 56.23 -42.89
N PRO B 434 -44.17 56.47 -41.87
CA PRO B 434 -43.50 55.40 -41.11
C PRO B 434 -44.44 54.30 -40.64
N ARG B 435 -43.94 53.06 -40.75
CA ARG B 435 -44.40 51.87 -39.96
C ARG B 435 -44.38 52.28 -38.49
N ASP B 436 -45.22 51.59 -37.66
CA ASP B 436 -45.16 51.71 -36.18
C ASP B 436 -43.71 51.48 -35.72
N PHE B 437 -43.25 52.24 -34.72
CA PHE B 437 -41.99 52.00 -33.96
C PHE B 437 -42.17 52.39 -32.50
N GLU B 438 -41.19 51.99 -31.69
CA GLU B 438 -41.25 52.11 -30.21
C GLU B 438 -40.22 53.14 -29.72
N ILE B 439 -40.64 53.96 -28.76
CA ILE B 439 -39.78 54.91 -28.01
C ILE B 439 -39.85 54.48 -26.54
N LYS B 440 -38.70 54.33 -25.88
CA LYS B 440 -38.61 54.08 -24.40
C LYS B 440 -38.20 55.38 -23.72
N MET B 441 -38.93 55.77 -22.68
CA MET B 441 -38.60 56.94 -21.81
C MET B 441 -38.86 56.53 -20.36
N GLY B 442 -37.90 56.76 -19.48
CA GLY B 442 -37.95 56.28 -18.09
C GLY B 442 -38.34 54.80 -18.01
N GLY B 443 -37.83 54.00 -18.96
CA GLY B 443 -38.10 52.57 -19.00
C GLY B 443 -39.55 52.22 -19.31
N MET B 444 -40.34 53.17 -19.83
CA MET B 444 -41.73 52.90 -20.29
C MET B 444 -41.77 53.00 -21.81
N PRO B 445 -42.37 52.01 -22.50
CA PRO B 445 -42.47 52.03 -23.95
C PRO B 445 -43.70 52.84 -24.41
N PHE B 446 -43.52 53.67 -25.45
CA PHE B 446 -44.61 54.35 -26.18
C PHE B 446 -44.57 53.89 -27.63
N SER B 447 -45.70 53.39 -28.13
CA SER B 447 -45.91 53.06 -29.56
C SER B 447 -46.10 54.37 -30.33
N ILE B 448 -45.24 54.67 -31.30
CA ILE B 448 -45.45 55.81 -32.24
C ILE B 448 -46.00 55.21 -33.52
N SER B 449 -47.29 55.45 -33.75
CA SER B 449 -48.03 54.96 -34.93
C SER B 449 -48.53 56.18 -35.70
N MET B 450 -47.71 56.71 -36.60
CA MET B 450 -48.11 57.86 -37.43
C MET B 450 -49.35 57.51 -38.23
N ARG B 451 -49.45 56.25 -38.67
CA ARG B 451 -50.60 55.74 -39.45
C ARG B 451 -51.90 55.87 -38.65
N HIS B 452 -51.82 55.93 -37.34
CA HIS B 452 -53.00 55.99 -36.44
C HIS B 452 -53.69 57.35 -36.59
N ALA B 453 -53.04 58.34 -37.21
CA ALA B 453 -53.66 59.68 -37.46
C ALA B 453 -54.62 59.62 -38.67
N PHE B 454 -54.58 58.55 -39.44
CA PHE B 454 -55.42 58.39 -40.65
C PHE B 454 -56.66 57.58 -40.31
N VAL B 455 -57.80 58.25 -40.28
CA VAL B 455 -59.05 57.74 -39.65
C VAL B 455 -60.14 57.73 -40.71
N PRO B 456 -61.16 56.86 -40.57
CA PRO B 456 -62.35 56.93 -41.43
C PRO B 456 -63.27 58.05 -40.94
N PHE B 457 -64.28 58.40 -41.76
CA PHE B 457 -65.38 59.32 -41.37
C PHE B 457 -66.05 58.72 -40.15
N PRO B 458 -66.67 59.55 -39.28
CA PRO B 458 -67.39 59.03 -38.12
C PRO B 458 -68.38 57.90 -38.45
N GLY B 459 -68.29 56.76 -37.75
CA GLY B 459 -69.12 55.56 -38.03
C GLY B 459 -68.41 54.57 -38.94
N GLY B 460 -67.53 55.06 -39.83
CA GLY B 460 -66.84 54.25 -40.85
C GLY B 460 -65.72 53.38 -40.31
N SER B 461 -65.18 52.51 -41.14
CA SER B 461 -63.96 51.72 -40.87
C SER B 461 -62.96 51.86 -42.02
N ILE B 462 -61.67 51.71 -41.74
CA ILE B 462 -60.61 51.52 -42.77
C ILE B 462 -60.56 50.02 -43.07
N LEU B 463 -60.61 49.65 -44.32
CA LEU B 463 -60.37 48.27 -44.81
C LEU B 463 -59.10 48.29 -45.65
N ALA B 464 -58.15 47.42 -45.33
CA ALA B 464 -56.91 47.18 -46.07
C ALA B 464 -56.94 45.75 -46.57
N ALA B 465 -56.67 45.55 -47.86
CA ALA B 465 -56.49 44.22 -48.46
C ALA B 465 -55.13 44.21 -49.15
N ASP B 466 -54.26 43.29 -48.77
CA ASP B 466 -52.86 43.21 -49.27
C ASP B 466 -52.65 41.81 -49.87
N TYR B 467 -51.98 41.76 -51.00
CA TYR B 467 -51.45 40.52 -51.59
C TYR B 467 -50.29 40.02 -50.71
N SER B 468 -50.36 38.75 -50.32
CA SER B 468 -49.21 38.01 -49.72
C SER B 468 -48.18 37.65 -50.81
N GLN B 469 -47.00 38.26 -50.73
CA GLN B 469 -45.82 37.92 -51.57
C GLN B 469 -46.24 37.85 -53.03
N LEU B 470 -46.80 38.95 -53.54
CA LEU B 470 -47.30 39.00 -54.94
C LEU B 470 -46.13 38.82 -55.89
N GLU B 471 -45.03 39.53 -55.64
CA GLU B 471 -43.80 39.49 -56.49
C GLU B 471 -43.22 38.07 -56.48
N LEU B 472 -43.26 37.37 -55.35
CA LEU B 472 -42.75 35.98 -55.26
C LEU B 472 -43.68 35.04 -56.04
N ARG B 473 -44.99 35.25 -55.93
CA ARG B 473 -45.99 34.41 -56.63
C ARG B 473 -45.84 34.57 -58.14
N ILE B 474 -45.62 35.80 -58.60
CA ILE B 474 -45.41 36.09 -60.04
C ILE B 474 -44.10 35.45 -60.48
N LEU B 475 -43.04 35.53 -59.66
CA LEU B 475 -41.72 34.95 -60.01
C LEU B 475 -41.84 33.43 -60.12
N ALA B 476 -42.56 32.78 -59.19
CA ALA B 476 -42.85 31.32 -59.23
C ALA B 476 -43.49 30.99 -60.58
N HIS B 477 -44.56 31.73 -60.92
CA HIS B 477 -45.39 31.51 -62.13
C HIS B 477 -44.52 31.56 -63.39
N LEU B 478 -43.58 32.51 -63.45
CA LEU B 478 -42.80 32.80 -64.69
C LEU B 478 -41.56 31.90 -64.80
N SER B 479 -41.08 31.36 -63.68
CA SER B 479 -39.88 30.48 -63.62
C SER B 479 -40.30 29.00 -63.43
N HIS B 480 -41.58 28.76 -63.15
CA HIS B 480 -42.20 27.43 -62.89
C HIS B 480 -41.43 26.70 -61.78
N ASP B 481 -40.74 27.44 -60.90
CA ASP B 481 -39.83 26.83 -59.88
C ASP B 481 -40.68 26.01 -58.89
N ARG B 482 -40.49 24.69 -58.92
CA ARG B 482 -41.26 23.67 -58.16
C ARG B 482 -41.05 23.88 -56.64
N ARG B 483 -39.82 24.22 -56.20
CA ARG B 483 -39.46 24.44 -54.77
C ARG B 483 -40.21 25.67 -54.22
N LEU B 484 -40.21 26.78 -54.96
CA LEU B 484 -40.83 28.06 -54.51
C LEU B 484 -42.35 27.85 -54.44
N ILE B 485 -42.92 27.13 -55.42
CA ILE B 485 -44.38 26.79 -55.49
C ILE B 485 -44.79 25.99 -54.24
N GLN B 486 -44.02 24.96 -53.85
CA GLN B 486 -44.31 24.14 -52.64
C GLN B 486 -44.36 25.07 -51.42
N VAL B 487 -43.30 25.85 -51.22
CA VAL B 487 -43.14 26.77 -50.04
C VAL B 487 -44.41 27.62 -49.91
N LEU B 488 -44.82 28.30 -50.98
CA LEU B 488 -45.98 29.23 -51.01
C LEU B 488 -47.31 28.47 -50.79
N ASN B 489 -47.45 27.26 -51.37
CA ASN B 489 -48.69 26.43 -51.35
C ASN B 489 -49.07 26.02 -49.91
N THR B 490 -48.10 25.65 -49.07
CA THR B 490 -48.29 25.21 -47.67
C THR B 490 -47.53 26.17 -46.76
N GLY B 491 -46.19 26.14 -46.81
CA GLY B 491 -45.26 26.83 -45.89
C GLY B 491 -45.84 28.09 -45.26
N ALA B 492 -45.42 28.37 -44.02
CA ALA B 492 -45.76 29.61 -43.28
C ALA B 492 -44.98 30.78 -43.89
N ASP B 493 -44.69 31.83 -43.12
CA ASP B 493 -44.13 33.10 -43.64
C ASP B 493 -42.66 32.87 -44.01
N VAL B 494 -42.27 33.17 -45.26
CA VAL B 494 -40.93 32.86 -45.82
C VAL B 494 -39.92 33.78 -45.11
N PHE B 495 -40.32 35.01 -44.80
CA PHE B 495 -39.44 36.01 -44.14
C PHE B 495 -39.18 35.59 -42.69
N ARG B 496 -40.15 34.91 -42.08
CA ARG B 496 -40.01 34.31 -40.72
C ARG B 496 -39.01 33.14 -40.78
N SER B 497 -39.15 32.20 -41.72
CA SER B 497 -38.20 31.08 -41.97
C SER B 497 -36.78 31.65 -42.10
N ILE B 498 -36.56 32.66 -42.94
CA ILE B 498 -35.23 33.29 -43.16
C ILE B 498 -34.71 33.89 -41.84
N ALA B 499 -35.54 34.66 -41.15
CA ALA B 499 -35.20 35.35 -39.87
C ALA B 499 -34.82 34.31 -38.79
N ALA B 500 -35.54 33.18 -38.73
CA ALA B 500 -35.37 32.08 -37.74
C ALA B 500 -34.02 31.40 -37.96
N GLU B 501 -33.78 30.81 -39.12
CA GLU B 501 -32.50 30.19 -39.54
C GLU B 501 -31.36 31.16 -39.22
N TRP B 502 -31.50 32.42 -39.59
CA TRP B 502 -30.47 33.49 -39.47
C TRP B 502 -30.15 33.78 -38.01
N LYS B 503 -31.15 34.07 -37.17
CA LYS B 503 -30.95 34.51 -35.75
C LYS B 503 -31.03 33.32 -34.77
N MET B 504 -30.94 32.08 -35.27
CA MET B 504 -30.83 30.83 -34.45
C MET B 504 -32.07 30.68 -33.55
N ILE B 505 -33.28 30.86 -34.09
CA ILE B 505 -34.58 30.92 -33.32
C ILE B 505 -35.66 30.11 -34.08
N GLU B 506 -36.83 29.88 -33.47
CA GLU B 506 -38.04 29.28 -34.14
C GLU B 506 -38.92 30.42 -34.65
N PRO B 507 -39.82 30.22 -35.66
CA PRO B 507 -40.59 31.32 -36.25
C PRO B 507 -41.17 32.44 -35.36
N GLU B 508 -41.64 32.12 -34.16
CA GLU B 508 -42.60 32.96 -33.40
C GLU B 508 -41.96 34.24 -32.82
N SER B 509 -40.64 34.28 -32.60
CA SER B 509 -39.92 35.34 -31.81
C SER B 509 -39.65 36.62 -32.61
N VAL B 510 -39.68 36.52 -33.95
CA VAL B 510 -39.36 37.58 -34.97
C VAL B 510 -40.09 38.89 -34.63
N GLY B 511 -39.35 39.97 -34.39
CA GLY B 511 -39.91 41.34 -34.27
C GLY B 511 -40.19 41.93 -35.65
N ASP B 512 -40.97 43.01 -35.74
CA ASP B 512 -41.28 43.73 -37.02
C ASP B 512 -39.96 44.10 -37.73
N ASP B 513 -39.03 44.72 -36.98
CA ASP B 513 -37.77 45.29 -37.55
C ASP B 513 -36.97 44.14 -38.16
N LEU B 514 -36.90 42.99 -37.49
CA LEU B 514 -36.10 41.80 -37.93
C LEU B 514 -36.74 41.19 -39.18
N ARG B 515 -38.08 41.11 -39.22
CA ARG B 515 -38.79 40.51 -40.37
C ARG B 515 -38.55 41.37 -41.62
N GLN B 516 -38.54 42.71 -41.45
CA GLN B 516 -38.21 43.69 -42.51
C GLN B 516 -36.76 43.47 -42.97
N GLN B 517 -35.80 43.23 -42.05
CA GLN B 517 -34.39 42.94 -42.44
C GLN B 517 -34.34 41.70 -43.33
N ALA B 518 -35.11 40.67 -42.99
CA ALA B 518 -35.15 39.38 -43.72
C ALA B 518 -35.83 39.58 -45.09
N LYS B 519 -36.86 40.42 -45.12
CA LYS B 519 -37.59 40.80 -46.36
C LYS B 519 -36.59 41.43 -47.33
N GLN B 520 -35.78 42.39 -46.84
CA GLN B 520 -34.77 43.14 -47.62
C GLN B 520 -33.75 42.14 -48.18
N ILE B 521 -33.33 41.17 -47.37
CA ILE B 521 -32.34 40.12 -47.75
C ILE B 521 -32.92 39.28 -48.88
N CYS B 522 -34.17 38.83 -48.76
CA CYS B 522 -34.81 37.88 -49.71
C CYS B 522 -35.00 38.56 -51.07
N TYR B 523 -35.66 39.72 -51.12
CA TYR B 523 -35.88 40.48 -52.39
C TYR B 523 -34.53 40.97 -52.93
N GLY B 524 -33.63 41.40 -52.05
CA GLY B 524 -32.27 41.86 -52.42
C GLY B 524 -31.54 40.81 -53.23
N ILE B 525 -31.45 39.61 -52.67
CA ILE B 525 -30.74 38.47 -53.32
C ILE B 525 -31.43 38.22 -54.67
N ILE B 526 -32.75 38.09 -54.70
CA ILE B 526 -33.52 37.77 -55.94
C ILE B 526 -33.25 38.82 -57.01
N TYR B 527 -33.06 40.09 -56.65
CA TYR B 527 -32.96 41.18 -57.67
C TYR B 527 -31.51 41.60 -57.85
N GLY B 528 -30.56 40.74 -57.46
CA GLY B 528 -29.15 40.79 -57.91
C GLY B 528 -28.20 41.49 -56.93
N MET B 529 -28.55 41.55 -55.66
CA MET B 529 -27.66 42.04 -54.57
C MET B 529 -26.38 41.21 -54.57
N GLY B 530 -25.24 41.88 -54.36
CA GLY B 530 -23.89 41.27 -54.30
C GLY B 530 -23.45 40.89 -52.89
N ALA B 531 -22.39 40.12 -52.78
CA ALA B 531 -21.87 39.57 -51.50
C ALA B 531 -21.46 40.70 -50.53
N LYS B 532 -20.72 41.70 -51.02
CA LYS B 532 -20.30 42.90 -50.23
C LYS B 532 -21.53 43.44 -49.47
N SER B 533 -22.58 43.90 -50.17
CA SER B 533 -23.80 44.47 -49.55
C SER B 533 -24.51 43.42 -48.68
N LEU B 534 -24.63 42.17 -49.11
CA LEU B 534 -25.41 41.17 -48.31
C LEU B 534 -24.69 40.97 -46.97
N GLY B 535 -23.36 40.90 -47.02
CA GLY B 535 -22.47 40.96 -45.85
C GLY B 535 -22.94 41.97 -44.79
N GLU B 536 -23.02 43.27 -45.14
CA GLU B 536 -23.48 44.36 -44.22
C GLU B 536 -24.88 44.06 -43.65
N GLN B 537 -25.81 43.60 -44.49
CA GLN B 537 -27.23 43.39 -44.08
C GLN B 537 -27.32 42.20 -43.12
N MET B 538 -26.58 41.13 -43.41
CA MET B 538 -26.68 39.85 -42.64
C MET B 538 -25.69 39.87 -41.47
N GLY B 539 -24.78 40.85 -41.45
CA GLY B 539 -23.68 40.96 -40.46
C GLY B 539 -22.73 39.78 -40.55
N ILE B 540 -22.36 39.37 -41.76
CA ILE B 540 -21.38 38.27 -42.01
C ILE B 540 -20.33 38.76 -43.02
N LYS B 541 -19.20 38.06 -43.10
CA LYS B 541 -18.11 38.36 -44.07
C LYS B 541 -18.64 38.14 -45.50
N GLU B 542 -18.11 38.89 -46.46
CA GLU B 542 -18.41 38.78 -47.91
C GLU B 542 -18.44 37.29 -48.32
N ASN B 543 -17.36 36.55 -48.00
CA ASN B 543 -17.17 35.11 -48.33
C ASN B 543 -18.35 34.27 -47.80
N ASP B 544 -18.89 34.65 -46.64
CA ASP B 544 -20.02 33.93 -45.98
C ASP B 544 -21.29 34.26 -46.74
N ALA B 545 -21.52 35.54 -47.05
CA ALA B 545 -22.64 36.04 -47.87
C ALA B 545 -22.61 35.35 -49.25
N ALA B 546 -21.41 35.23 -49.84
CA ALA B 546 -21.16 34.63 -51.17
C ALA B 546 -21.67 33.17 -51.20
N CYS B 547 -21.41 32.45 -50.11
CA CYS B 547 -21.81 31.04 -49.91
C CYS B 547 -23.34 30.99 -49.82
N TYR B 548 -23.91 31.92 -49.04
CA TYR B 548 -25.39 32.03 -48.81
C TYR B 548 -26.09 32.27 -50.14
N ILE B 549 -25.54 33.11 -51.03
CA ILE B 549 -26.11 33.37 -52.39
C ILE B 549 -26.13 32.05 -53.18
N ASP B 550 -25.00 31.31 -53.14
CA ASP B 550 -24.81 30.03 -53.87
C ASP B 550 -25.89 29.03 -53.44
N SER B 551 -26.05 28.85 -52.13
CA SER B 551 -27.07 27.98 -51.47
C SER B 551 -28.46 28.35 -51.99
N PHE B 552 -28.84 29.64 -51.92
CA PHE B 552 -30.15 30.17 -52.41
C PHE B 552 -30.29 29.82 -53.88
N LYS B 553 -29.31 30.20 -54.72
CA LYS B 553 -29.35 29.98 -56.20
C LYS B 553 -29.56 28.47 -56.45
N SER B 554 -28.85 27.60 -55.72
CA SER B 554 -28.85 26.13 -55.89
C SER B 554 -30.24 25.55 -55.55
N ARG B 555 -30.87 26.01 -54.47
CA ARG B 555 -32.19 25.53 -53.99
C ARG B 555 -33.27 25.83 -55.02
N TYR B 556 -33.18 26.96 -55.72
CA TYR B 556 -34.21 27.47 -56.67
C TYR B 556 -33.59 27.62 -58.05
N THR B 557 -33.41 26.52 -58.78
CA THR B 557 -32.70 26.51 -60.09
C THR B 557 -33.58 27.15 -61.17
N GLY B 558 -34.90 26.93 -61.10
CA GLY B 558 -35.90 27.57 -61.98
C GLY B 558 -35.73 29.08 -62.04
N ILE B 559 -35.65 29.72 -60.88
CA ILE B 559 -35.48 31.19 -60.71
C ILE B 559 -34.26 31.61 -61.54
N ASN B 560 -33.11 30.96 -61.28
CA ASN B 560 -31.80 31.32 -61.88
C ASN B 560 -31.84 31.15 -63.39
N GLN B 561 -32.60 30.17 -63.91
CA GLN B 561 -32.73 29.93 -65.37
C GLN B 561 -33.49 31.10 -65.96
N PHE B 562 -34.53 31.58 -65.27
CA PHE B 562 -35.43 32.69 -65.70
C PHE B 562 -34.67 34.02 -65.69
N MET B 563 -33.77 34.25 -64.72
CA MET B 563 -32.84 35.41 -64.67
C MET B 563 -31.98 35.44 -65.96
N THR B 564 -31.32 34.34 -66.30
CA THR B 564 -30.38 34.30 -67.47
C THR B 564 -31.19 34.36 -68.77
N GLU B 565 -32.37 33.75 -68.82
CA GLU B 565 -33.27 33.71 -70.01
C GLU B 565 -33.88 35.10 -70.23
N THR B 566 -34.10 35.87 -69.17
CA THR B 566 -34.65 37.25 -69.24
C THR B 566 -33.55 38.21 -69.70
N VAL B 567 -32.32 38.04 -69.21
CA VAL B 567 -31.16 38.88 -69.61
C VAL B 567 -30.81 38.60 -71.08
N LYS B 568 -30.73 37.34 -71.48
CA LYS B 568 -30.47 36.93 -72.91
C LYS B 568 -31.49 37.60 -73.81
N ASN B 569 -32.78 37.49 -73.49
CA ASN B 569 -33.90 37.97 -74.35
C ASN B 569 -33.90 39.50 -74.37
N CYS B 570 -33.50 40.16 -73.28
CA CYS B 570 -33.44 41.64 -73.21
C CYS B 570 -32.32 42.17 -74.12
N LYS B 571 -31.14 41.56 -74.05
CA LYS B 571 -29.93 41.91 -74.83
C LYS B 571 -30.28 41.92 -76.32
N ARG B 572 -30.97 40.86 -76.78
CA ARG B 572 -31.49 40.66 -78.16
C ARG B 572 -32.46 41.77 -78.56
N ASP B 573 -33.49 42.05 -77.75
CA ASP B 573 -34.70 42.84 -78.13
C ASP B 573 -34.56 44.32 -77.78
N GLY B 574 -33.71 44.66 -76.80
CA GLY B 574 -33.55 46.04 -76.28
C GLY B 574 -34.64 46.41 -75.29
N PHE B 575 -35.50 45.47 -74.86
CA PHE B 575 -36.60 45.72 -73.90
C PHE B 575 -37.01 44.44 -73.17
N VAL B 576 -37.85 44.59 -72.14
CA VAL B 576 -38.56 43.48 -71.44
C VAL B 576 -40.05 43.81 -71.44
N GLN B 577 -40.90 42.80 -71.24
CA GLN B 577 -42.38 42.95 -71.23
C GLN B 577 -42.94 42.45 -69.91
N THR B 578 -44.00 43.08 -69.44
CA THR B 578 -44.76 42.68 -68.22
C THR B 578 -45.82 41.67 -68.64
N ILE B 579 -46.58 41.15 -67.68
CA ILE B 579 -47.66 40.15 -67.90
C ILE B 579 -48.72 40.71 -68.88
N LEU B 580 -48.93 42.04 -68.96
CA LEU B 580 -49.99 42.63 -69.81
C LEU B 580 -49.41 43.15 -71.14
N GLY B 581 -48.10 43.09 -71.36
CA GLY B 581 -47.49 43.41 -72.67
C GLY B 581 -46.78 44.74 -72.69
N ARG B 582 -46.78 45.50 -71.59
CA ARG B 582 -46.08 46.81 -71.51
C ARG B 582 -44.59 46.56 -71.65
N ARG B 583 -43.89 47.45 -72.37
CA ARG B 583 -42.46 47.31 -72.72
C ARG B 583 -41.63 48.37 -72.01
N ARG B 584 -40.51 47.97 -71.44
CA ARG B 584 -39.54 48.92 -70.86
C ARG B 584 -38.26 48.77 -71.67
N TYR B 585 -37.75 49.89 -72.19
CA TYR B 585 -36.56 49.90 -73.06
C TYR B 585 -35.34 50.07 -72.16
N LEU B 586 -34.37 49.15 -72.27
CA LEU B 586 -33.16 49.07 -71.41
C LEU B 586 -31.94 48.97 -72.30
N PRO B 587 -31.58 50.04 -73.05
CA PRO B 587 -30.46 50.00 -73.98
C PRO B 587 -29.08 49.92 -73.27
N GLY B 588 -29.04 50.18 -71.96
CA GLY B 588 -27.89 49.86 -71.10
C GLY B 588 -27.51 48.40 -71.10
N ILE B 589 -28.44 47.50 -71.50
CA ILE B 589 -28.23 46.02 -71.53
C ILE B 589 -27.04 45.69 -72.46
N LYS B 590 -26.83 46.44 -73.56
CA LYS B 590 -25.74 46.15 -74.54
C LYS B 590 -24.44 46.85 -74.10
N ASP B 591 -24.53 47.86 -73.23
CA ASP B 591 -23.39 48.73 -72.81
C ASP B 591 -22.19 47.85 -72.39
N ASN B 592 -20.98 48.32 -72.74
CA ASN B 592 -19.68 47.64 -72.49
C ASN B 592 -19.26 47.88 -71.03
N ASN B 593 -19.58 49.05 -70.48
CA ASN B 593 -19.32 49.41 -69.06
C ASN B 593 -19.94 48.31 -68.19
N PRO B 594 -19.15 47.67 -67.29
CA PRO B 594 -19.69 46.61 -66.42
C PRO B 594 -20.85 47.05 -65.52
N TYR B 595 -20.79 48.25 -64.91
CA TYR B 595 -21.86 48.75 -64.00
C TYR B 595 -23.18 48.89 -64.79
N ARG B 596 -23.18 49.76 -65.80
CA ARG B 596 -24.38 50.09 -66.60
C ARG B 596 -25.00 48.79 -67.14
N LYS B 597 -24.18 47.83 -67.58
CA LYS B 597 -24.69 46.52 -68.09
C LYS B 597 -25.43 45.81 -66.94
N ALA B 598 -24.78 45.66 -65.79
CA ALA B 598 -25.31 44.90 -64.64
C ALA B 598 -26.58 45.58 -64.12
N HIS B 599 -26.61 46.92 -64.07
CA HIS B 599 -27.77 47.74 -63.63
C HIS B 599 -28.98 47.40 -64.52
N ALA B 600 -28.77 47.42 -65.84
CA ALA B 600 -29.79 47.11 -66.86
C ALA B 600 -30.30 45.68 -66.68
N GLU B 601 -29.41 44.71 -66.45
CA GLU B 601 -29.78 43.29 -66.23
C GLU B 601 -30.69 43.21 -65.01
N ARG B 602 -30.37 43.96 -63.95
CA ARG B 602 -31.15 43.96 -62.67
C ARG B 602 -32.51 44.61 -62.92
N GLN B 603 -32.54 45.72 -63.68
CA GLN B 603 -33.78 46.41 -64.10
C GLN B 603 -34.61 45.45 -64.96
N ALA B 604 -33.97 44.66 -65.81
CA ALA B 604 -34.66 43.74 -66.72
C ALA B 604 -35.48 42.77 -65.87
N ILE B 605 -34.82 42.09 -64.94
CA ILE B 605 -35.46 41.07 -64.06
C ILE B 605 -36.54 41.75 -63.22
N ASN B 606 -36.19 42.85 -62.56
CA ASN B 606 -37.08 43.50 -61.56
C ASN B 606 -38.30 44.10 -62.27
N THR B 607 -38.11 44.69 -63.45
CA THR B 607 -39.23 45.35 -64.18
C THR B 607 -40.29 44.30 -64.49
N ILE B 608 -39.91 43.13 -65.00
CA ILE B 608 -40.90 42.08 -65.35
C ILE B 608 -41.75 41.76 -64.12
N VAL B 609 -41.14 41.53 -62.96
CA VAL B 609 -41.86 41.02 -61.76
C VAL B 609 -42.65 42.16 -61.12
N GLN B 610 -41.98 43.28 -60.84
CA GLN B 610 -42.58 44.45 -60.15
C GLN B 610 -43.64 45.06 -61.07
N GLY B 611 -43.37 45.17 -62.37
CA GLY B 611 -44.34 45.73 -63.37
C GLY B 611 -45.56 44.85 -63.51
N SER B 612 -45.37 43.54 -63.53
CA SER B 612 -46.48 42.56 -63.59
C SER B 612 -47.38 42.70 -62.34
N ALA B 613 -46.77 42.86 -61.16
CA ALA B 613 -47.51 43.00 -59.89
C ALA B 613 -48.37 44.27 -59.96
N ALA B 614 -47.81 45.33 -60.51
CA ALA B 614 -48.48 46.64 -60.63
C ALA B 614 -49.67 46.53 -61.59
N ASP B 615 -49.55 45.72 -62.65
CA ASP B 615 -50.64 45.41 -63.61
C ASP B 615 -51.77 44.69 -62.86
N ILE B 616 -51.45 43.69 -62.05
CA ILE B 616 -52.47 42.86 -61.33
C ILE B 616 -53.25 43.76 -60.38
N VAL B 617 -52.57 44.67 -59.68
CA VAL B 617 -53.21 45.53 -58.64
C VAL B 617 -54.13 46.52 -59.34
N LYS B 618 -53.70 47.07 -60.46
CA LYS B 618 -54.53 47.98 -61.30
C LYS B 618 -55.80 47.25 -61.74
N ILE B 619 -55.67 46.03 -62.25
CA ILE B 619 -56.84 45.24 -62.72
C ILE B 619 -57.77 45.04 -61.52
N ALA B 620 -57.23 44.65 -60.37
CA ALA B 620 -58.01 44.43 -59.13
C ALA B 620 -58.77 45.71 -58.80
N THR B 621 -58.08 46.84 -58.81
CA THR B 621 -58.64 48.15 -58.40
C THR B 621 -59.85 48.45 -59.28
N VAL B 622 -59.68 48.28 -60.59
CA VAL B 622 -60.70 48.62 -61.63
C VAL B 622 -61.91 47.70 -61.42
N ASN B 623 -61.67 46.41 -61.23
CA ASN B 623 -62.73 45.38 -61.09
C ASN B 623 -63.49 45.58 -59.77
N ILE B 624 -62.82 46.01 -58.70
CA ILE B 624 -63.49 46.33 -57.41
C ILE B 624 -64.42 47.53 -57.62
N GLN B 625 -63.93 48.56 -58.29
CA GLN B 625 -64.70 49.81 -58.50
C GLN B 625 -65.97 49.51 -59.30
N LYS B 626 -65.90 48.67 -60.35
CA LYS B 626 -67.10 48.25 -61.14
C LYS B 626 -68.11 47.62 -60.18
N GLN B 627 -67.69 46.61 -59.40
CA GLN B 627 -68.57 45.91 -58.42
C GLN B 627 -69.19 46.92 -57.44
N LEU B 628 -68.38 47.81 -56.86
CA LEU B 628 -68.89 48.77 -55.85
C LEU B 628 -70.00 49.63 -56.46
N GLU B 629 -69.87 49.98 -57.73
CA GLU B 629 -70.82 50.91 -58.42
C GLU B 629 -72.11 50.17 -58.84
N THR B 630 -72.11 48.84 -58.93
CA THR B 630 -73.36 48.06 -59.21
C THR B 630 -74.23 48.07 -57.96
N PHE B 631 -73.64 47.75 -56.80
CA PHE B 631 -74.33 47.71 -55.49
C PHE B 631 -74.52 49.15 -54.98
N HIS B 632 -74.15 50.13 -55.81
CA HIS B 632 -74.11 51.59 -55.50
C HIS B 632 -75.51 52.20 -55.67
N SER B 633 -76.32 52.13 -54.61
CA SER B 633 -77.53 52.99 -54.41
C SER B 633 -77.11 54.33 -53.80
N THR B 634 -75.92 54.85 -54.18
CA THR B 634 -75.22 55.95 -53.47
C THR B 634 -74.10 56.57 -54.32
N PHE B 635 -73.47 57.62 -53.81
CA PHE B 635 -72.49 58.49 -54.52
C PHE B 635 -71.16 57.73 -54.65
N LYS B 636 -70.49 57.87 -55.80
CA LYS B 636 -69.31 57.02 -56.13
C LYS B 636 -68.05 57.60 -55.47
N SER B 637 -68.11 58.80 -54.88
CA SER B 637 -66.98 59.48 -54.19
C SER B 637 -67.56 60.53 -53.26
N HIS B 638 -66.80 60.97 -52.28
CA HIS B 638 -67.18 62.14 -51.44
C HIS B 638 -67.32 63.39 -52.32
N GLY B 639 -66.53 63.52 -53.38
CA GLY B 639 -66.61 64.66 -54.31
C GLY B 639 -67.96 64.72 -54.97
N HIS B 640 -68.51 63.57 -55.38
CA HIS B 640 -69.84 63.47 -56.02
C HIS B 640 -70.92 64.06 -55.06
N ARG B 641 -70.68 64.18 -53.76
CA ARG B 641 -71.61 64.92 -52.84
C ARG B 641 -71.29 66.43 -52.84
N GLU B 642 -70.03 66.83 -52.67
CA GLU B 642 -69.61 68.26 -52.84
C GLU B 642 -70.16 68.82 -54.15
N CYS B 663 -79.19 61.61 -44.46
CA CYS B 663 -78.97 60.78 -45.67
C CYS B 663 -77.58 60.13 -45.60
N PRO B 664 -77.39 59.10 -44.73
CA PRO B 664 -76.06 58.69 -44.28
C PRO B 664 -75.16 58.16 -45.40
N ILE B 665 -73.84 58.14 -45.16
CA ILE B 665 -72.82 57.60 -46.10
C ILE B 665 -72.97 56.07 -46.16
N ARG B 666 -73.00 55.52 -47.37
CA ARG B 666 -73.00 54.06 -47.60
C ARG B 666 -71.91 53.75 -48.63
N GLY B 667 -71.39 52.53 -48.58
CA GLY B 667 -70.43 51.99 -49.55
C GLY B 667 -69.00 52.11 -49.11
N GLY B 668 -68.10 51.91 -50.07
CA GLY B 668 -66.64 51.86 -49.89
C GLY B 668 -65.97 52.87 -50.79
N PHE B 669 -65.04 53.62 -50.23
CA PHE B 669 -64.35 54.76 -50.90
C PHE B 669 -62.86 54.43 -50.95
N PHE B 670 -62.32 54.33 -52.15
CA PHE B 670 -60.88 54.10 -52.39
C PHE B 670 -60.13 55.31 -51.85
N ILE B 671 -59.26 55.10 -50.84
CA ILE B 671 -58.58 56.25 -50.16
C ILE B 671 -57.06 56.18 -50.38
N LEU B 672 -56.46 55.03 -50.65
CA LEU B 672 -54.98 54.94 -50.78
C LEU B 672 -54.57 53.66 -51.50
N GLN B 673 -53.53 53.75 -52.30
CA GLN B 673 -52.87 52.59 -52.91
C GLN B 673 -51.47 52.51 -52.30
N LEU B 674 -51.05 51.30 -51.94
CA LEU B 674 -49.73 51.00 -51.35
C LEU B 674 -49.07 49.84 -52.09
N HIS B 675 -49.10 49.85 -53.42
CA HIS B 675 -48.28 48.99 -54.31
C HIS B 675 -48.84 47.56 -54.38
N ASP B 676 -48.99 46.87 -53.25
CA ASP B 676 -49.62 45.53 -53.25
C ASP B 676 -50.81 45.54 -52.30
N GLU B 677 -51.33 46.70 -51.97
CA GLU B 677 -52.31 46.87 -50.84
C GLU B 677 -53.27 48.02 -51.21
N LEU B 678 -54.57 47.81 -51.05
CA LEU B 678 -55.63 48.81 -51.33
C LEU B 678 -56.30 49.17 -50.02
N LEU B 679 -56.46 50.47 -49.74
CA LEU B 679 -57.23 50.95 -48.56
C LEU B 679 -58.53 51.55 -49.04
N TYR B 680 -59.63 51.15 -48.38
CA TYR B 680 -60.98 51.71 -48.56
C TYR B 680 -61.49 52.19 -47.22
N GLU B 681 -62.21 53.29 -47.24
CA GLU B 681 -62.99 53.84 -46.11
C GLU B 681 -64.41 53.30 -46.30
N VAL B 682 -64.99 52.61 -45.32
CA VAL B 682 -66.26 51.85 -45.56
C VAL B 682 -67.26 52.13 -44.43
N ALA B 683 -68.52 52.39 -44.79
CA ALA B 683 -69.63 52.56 -43.83
C ALA B 683 -69.81 51.28 -43.03
N GLU B 684 -70.06 51.41 -41.72
CA GLU B 684 -70.19 50.27 -40.75
C GLU B 684 -71.00 49.11 -41.36
N GLU B 685 -72.18 49.43 -41.92
CA GLU B 685 -73.20 48.47 -42.44
C GLU B 685 -72.62 47.69 -43.63
N ASP B 686 -71.61 48.22 -44.31
CA ASP B 686 -71.25 47.68 -45.64
C ASP B 686 -69.92 46.95 -45.58
N VAL B 687 -69.28 46.86 -44.41
CA VAL B 687 -67.89 46.33 -44.30
C VAL B 687 -67.85 44.85 -44.68
N VAL B 688 -68.85 44.05 -44.31
CA VAL B 688 -68.88 42.61 -44.64
C VAL B 688 -68.89 42.45 -46.17
N GLN B 689 -69.82 43.14 -46.85
CA GLN B 689 -70.05 43.00 -48.31
C GLN B 689 -68.82 43.51 -49.07
N VAL B 690 -68.31 44.70 -48.70
CA VAL B 690 -67.12 45.32 -49.36
C VAL B 690 -65.89 44.41 -49.17
N ALA B 691 -65.71 43.82 -47.99
CA ALA B 691 -64.56 42.93 -47.70
C ALA B 691 -64.61 41.71 -48.62
N GLN B 692 -65.80 41.13 -48.83
CA GLN B 692 -66.02 39.96 -49.73
C GLN B 692 -65.65 40.35 -51.16
N ILE B 693 -66.22 41.46 -51.66
CA ILE B 693 -65.97 42.00 -53.04
C ILE B 693 -64.46 42.21 -53.22
N VAL B 694 -63.81 42.92 -52.29
CA VAL B 694 -62.38 43.29 -52.41
C VAL B 694 -61.54 42.02 -52.51
N LYS B 695 -61.74 41.06 -51.60
CA LYS B 695 -60.97 39.79 -51.51
C LYS B 695 -61.20 38.98 -52.79
N ASN B 696 -62.47 38.77 -53.16
CA ASN B 696 -62.86 37.96 -54.34
C ASN B 696 -62.16 38.54 -55.57
N GLU B 697 -62.27 39.85 -55.80
CA GLU B 697 -61.78 40.54 -57.04
C GLU B 697 -60.25 40.55 -57.05
N MET B 698 -59.58 40.63 -55.89
CA MET B 698 -58.10 40.65 -55.83
C MET B 698 -57.57 39.24 -56.12
N GLU B 699 -58.24 38.19 -55.62
CA GLU B 699 -57.86 36.76 -55.80
C GLU B 699 -58.15 36.28 -57.24
N SER B 700 -59.10 36.90 -57.93
CA SER B 700 -59.54 36.57 -59.31
C SER B 700 -58.92 37.51 -60.35
N ALA B 701 -58.06 38.47 -59.96
CA ALA B 701 -57.56 39.52 -60.88
C ALA B 701 -57.00 38.88 -62.15
N VAL B 702 -56.15 37.88 -61.99
CA VAL B 702 -55.56 37.05 -63.09
C VAL B 702 -55.45 35.61 -62.57
N LYS B 703 -55.28 34.64 -63.49
CA LYS B 703 -55.07 33.21 -63.17
C LYS B 703 -53.58 32.89 -63.38
N LEU B 704 -52.87 32.53 -62.31
CA LEU B 704 -51.44 32.12 -62.34
C LEU B 704 -51.35 30.62 -62.00
N SER B 705 -50.13 30.07 -62.02
CA SER B 705 -49.77 28.68 -61.61
C SER B 705 -50.07 28.51 -60.12
N VAL B 706 -50.03 29.60 -59.35
CA VAL B 706 -50.24 29.60 -57.87
C VAL B 706 -51.47 30.47 -57.56
N LYS B 707 -52.07 30.24 -56.39
CA LYS B 707 -53.18 31.07 -55.84
C LYS B 707 -52.63 32.44 -55.43
N LEU B 708 -53.32 33.51 -55.78
CA LEU B 708 -53.04 34.88 -55.28
C LEU B 708 -53.68 35.02 -53.90
N LYS B 709 -52.90 34.90 -52.84
CA LYS B 709 -53.42 34.94 -51.45
C LYS B 709 -53.62 36.41 -51.04
N VAL B 710 -54.73 36.69 -50.37
CA VAL B 710 -55.10 38.05 -49.87
C VAL B 710 -55.41 37.97 -48.38
N LYS B 711 -54.77 38.81 -47.57
CA LYS B 711 -55.15 39.14 -46.17
C LYS B 711 -55.99 40.43 -46.19
N VAL B 712 -57.13 40.41 -45.52
CA VAL B 712 -57.99 41.60 -45.28
C VAL B 712 -57.89 41.97 -43.80
N LYS B 713 -57.69 43.25 -43.51
CA LYS B 713 -57.71 43.81 -42.14
C LYS B 713 -58.73 44.96 -42.11
N ILE B 714 -59.15 45.34 -40.91
CA ILE B 714 -60.19 46.38 -40.68
C ILE B 714 -59.91 47.07 -39.36
N GLY B 715 -60.27 48.34 -39.23
CA GLY B 715 -59.98 49.09 -38.00
C GLY B 715 -60.45 50.52 -38.03
N ALA B 716 -60.28 51.21 -36.90
CA ALA B 716 -60.74 52.60 -36.71
C ALA B 716 -59.64 53.56 -37.15
N SER B 717 -58.51 53.03 -37.63
CA SER B 717 -57.38 53.82 -38.19
C SER B 717 -56.49 52.89 -38.99
N TRP B 718 -55.68 53.49 -39.87
CA TRP B 718 -54.69 52.79 -40.70
C TRP B 718 -53.68 52.12 -39.77
N GLY B 719 -53.47 52.70 -38.60
CA GLY B 719 -52.46 52.24 -37.63
C GLY B 719 -52.95 51.10 -36.78
N GLU B 720 -54.26 50.92 -36.61
CA GLU B 720 -54.85 49.89 -35.70
C GLU B 720 -55.71 48.91 -36.50
N LEU B 721 -55.17 48.32 -37.56
CA LEU B 721 -55.91 47.38 -38.41
C LEU B 721 -55.81 46.00 -37.75
N LYS B 722 -56.93 45.27 -37.72
CA LYS B 722 -57.01 43.90 -37.13
C LYS B 722 -57.40 42.94 -38.25
N ASP B 723 -56.81 41.73 -38.25
CA ASP B 723 -57.18 40.58 -39.11
C ASP B 723 -58.70 40.43 -39.09
N PHE B 724 -59.27 40.18 -40.27
CA PHE B 724 -60.72 40.01 -40.51
C PHE B 724 -60.86 38.85 -41.50
N ASP B 725 -61.36 37.70 -41.00
CA ASP B 725 -61.56 36.46 -41.77
C ASP B 725 -62.76 36.66 -42.70
N VAL B 726 -62.56 36.56 -44.01
CA VAL B 726 -63.62 36.79 -45.05
C VAL B 726 -63.94 35.45 -45.72
N SER C 5 46.64 13.55 -31.69
CA SER C 5 46.55 12.06 -31.94
C SER C 5 47.49 11.29 -31.00
N LEU C 6 47.06 10.11 -30.51
CA LEU C 6 47.89 9.26 -29.61
C LEU C 6 49.10 8.76 -30.39
N SER C 7 50.30 8.97 -29.85
CA SER C 7 51.58 8.52 -30.43
C SER C 7 52.36 7.66 -29.42
N ILE C 8 52.91 6.57 -29.90
CA ILE C 8 53.79 5.63 -29.18
C ILE C 8 55.20 5.75 -29.78
N ILE C 9 56.14 6.30 -29.01
CA ILE C 9 57.57 6.44 -29.40
C ILE C 9 58.29 5.20 -28.85
N ASP C 10 58.76 4.33 -29.75
CA ASP C 10 59.59 3.14 -29.43
C ASP C 10 61.04 3.58 -29.22
N VAL C 11 61.39 3.94 -27.98
CA VAL C 11 62.66 4.63 -27.64
C VAL C 11 63.83 3.68 -27.93
N ALA C 12 63.63 2.36 -27.86
CA ALA C 12 64.68 1.33 -28.01
C ALA C 12 64.91 0.97 -29.48
N SER C 13 64.27 1.65 -30.43
CA SER C 13 64.35 1.32 -31.88
C SER C 13 65.59 1.97 -32.48
N ASP C 14 66.16 2.97 -31.81
CA ASP C 14 67.31 3.76 -32.32
C ASP C 14 68.10 4.32 -31.14
N GLN C 15 69.43 4.05 -31.11
CA GLN C 15 70.40 4.50 -30.07
C GLN C 15 70.21 6.01 -29.82
N ASN C 16 70.10 6.80 -30.90
CA ASN C 16 70.04 8.28 -30.83
C ASN C 16 68.73 8.72 -30.16
N LEU C 17 67.60 8.13 -30.54
CA LEU C 17 66.26 8.43 -29.97
C LEU C 17 66.26 8.06 -28.47
N PHE C 18 66.89 6.92 -28.15
CA PHE C 18 66.99 6.38 -26.77
C PHE C 18 67.67 7.37 -25.83
N GLN C 19 68.83 7.92 -26.21
CA GLN C 19 69.64 8.85 -25.38
C GLN C 19 68.88 10.17 -25.22
N THR C 20 68.23 10.64 -26.29
CA THR C 20 67.37 11.86 -26.24
C THR C 20 66.26 11.65 -25.20
N PHE C 21 65.58 10.50 -25.27
CA PHE C 21 64.55 10.09 -24.28
C PHE C 21 65.16 10.04 -22.88
N ILE C 22 66.33 9.42 -22.72
CA ILE C 22 66.95 9.25 -21.36
C ILE C 22 67.27 10.64 -20.82
N LYS C 23 67.89 11.50 -21.62
CA LYS C 23 68.22 12.89 -21.20
C LYS C 23 66.94 13.60 -20.74
N GLU C 24 65.87 13.58 -21.53
CA GLU C 24 64.56 14.23 -21.17
C GLU C 24 64.00 13.61 -19.89
N TRP C 25 63.94 12.28 -19.83
CA TRP C 25 63.39 11.56 -18.65
C TRP C 25 64.12 12.05 -17.40
N ARG C 26 65.44 12.19 -17.44
CA ARG C 26 66.25 12.50 -16.22
C ARG C 26 65.92 13.92 -15.72
N CYS C 27 65.38 14.79 -16.58
CA CYS C 27 64.93 16.17 -16.22
C CYS C 27 63.55 16.21 -15.51
N LYS C 28 62.75 15.15 -15.56
CA LYS C 28 61.30 15.25 -15.23
C LYS C 28 61.11 15.14 -13.72
N LYS C 29 60.26 16.00 -13.16
CA LYS C 29 59.86 15.95 -11.74
C LYS C 29 58.59 15.09 -11.61
N ARG C 30 57.89 14.77 -12.70
CA ARG C 30 56.64 13.99 -12.67
C ARG C 30 56.50 13.18 -13.94
N PHE C 31 56.11 11.93 -13.82
CA PHE C 31 55.80 11.04 -14.95
C PHE C 31 54.99 9.86 -14.43
N SER C 32 54.32 9.22 -15.36
CA SER C 32 53.57 7.97 -15.12
C SER C 32 54.39 6.85 -15.72
N ILE C 33 54.29 5.65 -15.16
CA ILE C 33 54.75 4.41 -15.83
C ILE C 33 53.58 3.44 -15.78
N SER C 34 53.60 2.55 -16.75
CA SER C 34 52.72 1.39 -16.79
C SER C 34 53.52 0.22 -17.34
N LEU C 35 53.49 -0.91 -16.62
CA LEU C 35 54.17 -2.16 -17.03
C LEU C 35 53.33 -2.84 -18.10
N ALA C 36 53.98 -3.39 -19.11
CA ALA C 36 53.34 -4.18 -20.18
C ALA C 36 53.56 -5.65 -19.88
N CYS C 37 52.50 -6.37 -19.52
CA CYS C 37 52.51 -7.84 -19.35
C CYS C 37 51.69 -8.46 -20.46
N GLU C 38 52.18 -9.58 -21.03
CA GLU C 38 51.55 -10.40 -22.09
C GLU C 38 51.65 -11.86 -21.69
N LYS C 39 50.75 -12.71 -22.21
CA LYS C 39 50.86 -14.18 -22.12
C LYS C 39 51.89 -14.63 -23.14
N ILE C 40 52.58 -15.74 -22.86
CA ILE C 40 53.69 -16.26 -23.70
C ILE C 40 53.16 -16.67 -25.08
N ILE C 66 65.33 -17.78 -17.85
CA ILE C 66 65.78 -16.63 -18.70
C ILE C 66 65.21 -16.83 -20.11
N ARG C 67 64.43 -15.86 -20.61
CA ARG C 67 63.78 -15.88 -21.95
C ARG C 67 64.20 -14.62 -22.71
N ASP C 68 64.15 -14.67 -24.05
CA ASP C 68 64.55 -13.55 -24.95
C ASP C 68 63.42 -12.50 -25.02
N ASP C 69 62.20 -12.90 -24.66
CA ASP C 69 60.97 -12.12 -25.01
C ASP C 69 60.38 -11.43 -23.77
N GLY C 70 61.06 -11.51 -22.60
CA GLY C 70 60.73 -10.71 -21.41
C GLY C 70 60.96 -11.46 -20.12
N PHE C 71 60.51 -10.89 -19.00
CA PHE C 71 60.78 -11.38 -17.62
C PHE C 71 59.57 -12.15 -17.08
N PRO C 72 59.68 -13.46 -16.77
CA PRO C 72 58.61 -14.15 -16.05
C PRO C 72 58.21 -13.45 -14.75
N ILE C 73 56.95 -13.56 -14.39
CA ILE C 73 56.34 -12.99 -13.16
C ILE C 73 56.21 -14.12 -12.14
N LYS C 74 56.66 -13.92 -10.90
CA LYS C 74 56.55 -14.92 -9.81
C LYS C 74 55.07 -15.14 -9.49
N GLY C 75 54.60 -16.37 -9.72
CA GLY C 75 53.22 -16.80 -9.38
C GLY C 75 52.37 -17.06 -10.60
N CYS C 76 52.85 -16.66 -11.80
CA CYS C 76 52.15 -16.87 -13.10
C CYS C 76 53.12 -17.45 -14.14
N ASP C 77 52.98 -18.74 -14.46
CA ASP C 77 53.83 -19.45 -15.46
C ASP C 77 53.44 -19.03 -16.88
N ASP C 78 52.47 -18.11 -17.01
CA ASP C 78 51.75 -17.81 -18.29
C ASP C 78 52.21 -16.48 -18.93
N THR C 79 52.58 -15.51 -18.08
CA THR C 79 52.69 -14.05 -18.36
C THR C 79 54.13 -13.56 -18.25
N LEU C 80 54.52 -12.60 -19.09
CA LEU C 80 55.85 -11.95 -19.08
C LEU C 80 55.69 -10.45 -18.97
N VAL C 81 56.56 -9.76 -18.23
CA VAL C 81 56.80 -8.30 -18.39
C VAL C 81 57.63 -8.13 -19.66
N VAL C 82 57.08 -7.48 -20.69
CA VAL C 82 57.76 -7.32 -22.01
C VAL C 82 58.26 -5.89 -22.16
N GLY C 83 57.76 -4.98 -21.34
CA GLY C 83 58.20 -3.56 -21.43
C GLY C 83 57.46 -2.72 -20.44
N LEU C 84 57.60 -1.40 -20.57
CA LEU C 84 56.80 -0.42 -19.83
C LEU C 84 56.67 0.85 -20.68
N ALA C 85 55.64 1.63 -20.39
CA ALA C 85 55.38 2.93 -21.06
C ALA C 85 55.57 4.05 -20.05
N VAL C 86 56.06 5.17 -20.52
CA VAL C 86 56.30 6.39 -19.71
C VAL C 86 55.51 7.51 -20.34
N CYS C 87 54.87 8.32 -19.52
CA CYS C 87 54.18 9.53 -20.00
C CYS C 87 54.50 10.69 -19.07
N TRP C 88 54.81 11.85 -19.64
CA TRP C 88 55.05 13.08 -18.86
C TRP C 88 54.29 14.27 -19.46
N GLY C 89 53.23 14.01 -20.22
CA GLY C 89 52.33 15.07 -20.70
C GLY C 89 51.68 14.72 -22.02
N GLY C 90 50.54 15.35 -22.32
CA GLY C 90 49.84 15.22 -23.60
C GLY C 90 49.42 13.79 -23.84
N ARG C 91 49.50 13.33 -25.09
CA ARG C 91 49.03 12.00 -25.53
C ARG C 91 50.21 11.26 -26.19
N ASP C 92 51.42 11.55 -25.70
CA ASP C 92 52.69 10.88 -26.06
C ASP C 92 53.03 9.85 -24.98
N ALA C 93 53.08 8.57 -25.35
CA ALA C 93 53.59 7.44 -24.56
C ALA C 93 54.96 7.03 -25.11
N TYR C 94 55.98 6.95 -24.25
CA TYR C 94 57.32 6.44 -24.61
C TYR C 94 57.34 4.97 -24.21
N TYR C 95 57.30 4.07 -25.18
CA TYR C 95 57.33 2.62 -24.88
C TYR C 95 58.78 2.11 -24.88
N PHE C 96 59.16 1.53 -23.75
CA PHE C 96 60.53 1.11 -23.38
C PHE C 96 60.49 -0.40 -23.33
N SER C 97 60.95 -1.07 -24.40
CA SER C 97 60.94 -2.54 -24.52
C SER C 97 62.01 -3.16 -23.61
N LEU C 98 61.66 -4.31 -23.01
CA LEU C 98 62.53 -5.10 -22.11
C LEU C 98 62.70 -6.50 -22.70
N GLN C 99 62.62 -6.61 -24.02
CA GLN C 99 62.83 -7.89 -24.73
C GLN C 99 64.26 -7.94 -25.28
N LYS C 100 64.96 -9.06 -25.12
CA LYS C 100 66.31 -9.26 -25.73
C LYS C 100 66.16 -9.16 -27.24
N GLU C 101 65.24 -9.92 -27.84
CA GLU C 101 64.99 -9.94 -29.31
C GLU C 101 63.47 -9.88 -29.56
N GLN C 102 63.06 -9.56 -30.79
CA GLN C 102 61.66 -9.74 -31.31
C GLN C 102 60.71 -8.79 -30.57
N PRO C 113 55.35 -1.68 -33.87
CA PRO C 113 56.68 -1.19 -33.44
C PRO C 113 57.79 -1.48 -34.45
N PRO C 114 58.75 -0.54 -34.65
CA PRO C 114 60.03 -0.86 -35.29
C PRO C 114 60.90 -1.71 -34.35
N SER C 115 61.93 -2.42 -34.85
CA SER C 115 62.68 -3.46 -34.09
C SER C 115 63.65 -2.79 -33.11
N LEU C 116 64.35 -3.61 -32.31
CA LEU C 116 65.36 -3.15 -31.32
C LEU C 116 66.69 -2.86 -32.02
N ASP C 117 67.22 -1.66 -31.79
CA ASP C 117 68.64 -1.29 -32.05
C ASP C 117 69.53 -2.23 -31.25
N PRO C 118 70.32 -3.11 -31.93
CA PRO C 118 71.07 -4.16 -31.22
C PRO C 118 72.25 -3.65 -30.36
N SER C 119 72.71 -2.41 -30.55
CA SER C 119 73.72 -1.74 -29.69
C SER C 119 73.12 -1.47 -28.30
N LEU C 120 71.79 -1.43 -28.17
CA LEU C 120 71.10 -1.27 -26.86
C LEU C 120 70.81 -2.64 -26.26
N THR C 121 71.81 -3.22 -25.63
CA THR C 121 71.65 -4.53 -24.94
C THR C 121 70.59 -4.41 -23.85
N LEU C 122 69.98 -5.52 -23.49
CA LEU C 122 69.00 -5.59 -22.38
C LEU C 122 69.67 -5.06 -21.10
N LYS C 123 70.91 -5.49 -20.82
CA LYS C 123 71.70 -5.02 -19.65
C LYS C 123 71.80 -3.49 -19.69
N ASP C 124 72.17 -2.88 -20.81
CA ASP C 124 72.22 -1.40 -20.95
C ASP C 124 70.84 -0.77 -20.64
N ARG C 125 69.76 -1.34 -21.17
CA ARG C 125 68.39 -0.80 -20.96
C ARG C 125 68.05 -0.91 -19.46
N MET C 126 68.35 -2.04 -18.84
CA MET C 126 68.04 -2.25 -17.40
C MET C 126 68.85 -1.26 -16.56
N TRP C 127 70.08 -0.99 -16.94
CA TRP C 127 70.85 0.08 -16.24
C TRP C 127 70.04 1.38 -16.28
N TYR C 128 69.68 1.85 -17.49
CA TYR C 128 69.08 3.20 -17.73
C TYR C 128 67.71 3.22 -17.05
N LEU C 129 67.01 2.09 -17.08
CA LEU C 129 65.72 1.96 -16.36
C LEU C 129 65.96 2.17 -14.86
N GLN C 130 66.88 1.44 -14.23
CA GLN C 130 67.09 1.54 -12.76
C GLN C 130 67.53 2.96 -12.43
N SER C 131 68.33 3.57 -13.29
CA SER C 131 68.88 4.94 -13.09
C SER C 131 67.73 5.96 -13.01
N CYS C 132 66.72 5.85 -13.86
CA CYS C 132 65.63 6.85 -13.95
C CYS C 132 64.58 6.59 -12.88
N LEU C 133 64.55 5.38 -12.30
CA LEU C 133 63.51 5.00 -11.32
C LEU C 133 64.08 5.07 -9.89
N ARG C 134 65.33 5.50 -9.68
CA ARG C 134 65.93 5.62 -8.32
C ARG C 134 66.31 7.09 -8.04
N LYS C 135 65.99 7.62 -6.85
CA LYS C 135 66.18 9.05 -6.44
C LYS C 135 67.67 9.40 -6.37
N GLU C 136 68.00 10.63 -6.76
CA GLU C 136 69.28 11.31 -6.42
C GLU C 136 69.02 12.13 -5.14
N SER C 137 70.04 12.81 -4.60
CA SER C 137 70.00 13.56 -3.31
C SER C 137 69.41 14.96 -3.53
N ASP C 138 68.33 15.28 -2.81
CA ASP C 138 67.63 16.61 -2.79
C ASP C 138 66.90 16.85 -4.12
N LYS C 139 66.22 15.82 -4.64
CA LYS C 139 65.53 15.84 -5.97
C LYS C 139 64.11 15.29 -5.80
N GLU C 140 63.12 16.20 -5.67
CA GLU C 140 61.67 15.88 -5.59
C GLU C 140 61.19 15.35 -6.95
N CYS C 141 60.81 14.08 -6.97
CA CYS C 141 60.42 13.32 -8.20
C CYS C 141 59.25 12.38 -7.88
N SER C 142 58.15 12.47 -8.63
CA SER C 142 56.90 11.71 -8.36
C SER C 142 56.59 10.82 -9.57
N VAL C 143 56.35 9.55 -9.31
CA VAL C 143 55.90 8.56 -10.32
C VAL C 143 54.43 8.20 -10.04
N VAL C 144 53.60 8.29 -11.06
CA VAL C 144 52.16 7.96 -11.03
C VAL C 144 52.00 6.55 -11.57
N ILE C 145 51.50 5.64 -10.73
CA ILE C 145 51.27 4.21 -11.11
C ILE C 145 49.88 3.80 -10.64
N TYR C 146 49.04 3.40 -11.59
CA TYR C 146 47.77 2.71 -11.30
C TYR C 146 48.10 1.36 -10.65
N ASP C 147 47.54 1.11 -9.45
CA ASP C 147 47.81 -0.12 -8.64
C ASP C 147 49.31 -0.15 -8.35
N PHE C 148 49.76 0.87 -7.64
CA PHE C 148 51.16 1.01 -7.22
C PHE C 148 51.71 -0.30 -6.65
N ILE C 149 51.00 -0.92 -5.70
CA ILE C 149 51.54 -2.08 -4.93
C ILE C 149 51.84 -3.23 -5.88
N GLN C 150 50.91 -3.59 -6.75
CA GLN C 150 51.16 -4.73 -7.66
C GLN C 150 52.34 -4.41 -8.60
N SER C 151 52.50 -3.15 -9.01
CA SER C 151 53.56 -2.77 -9.97
C SER C 151 54.91 -2.76 -9.24
N TYR C 152 54.97 -2.22 -8.03
CA TYR C 152 56.20 -2.22 -7.20
C TYR C 152 56.71 -3.65 -7.05
N LYS C 153 55.80 -4.61 -6.86
CA LYS C 153 56.20 -6.02 -6.57
C LYS C 153 56.71 -6.66 -7.86
N ILE C 154 56.02 -6.46 -8.97
CA ILE C 154 56.48 -7.07 -10.25
C ILE C 154 57.84 -6.48 -10.63
N LEU C 155 58.04 -5.17 -10.47
CA LEU C 155 59.33 -4.53 -10.82
C LEU C 155 60.45 -5.14 -9.96
N LEU C 156 60.18 -5.38 -8.68
CA LEU C 156 61.19 -5.93 -7.73
C LEU C 156 61.45 -7.40 -8.08
N LEU C 157 60.40 -8.24 -8.14
CA LEU C 157 60.54 -9.72 -8.24
C LEU C 157 60.87 -10.15 -9.67
N SER C 158 60.33 -9.47 -10.68
CA SER C 158 60.49 -9.90 -12.10
C SER C 158 61.73 -9.26 -12.72
N CYS C 159 61.96 -7.97 -12.48
CA CYS C 159 63.01 -7.18 -13.17
C CYS C 159 64.16 -6.83 -12.22
N GLY C 160 64.03 -7.09 -10.92
CA GLY C 160 65.09 -6.81 -9.94
C GLY C 160 65.27 -5.31 -9.74
N ILE C 161 64.21 -4.54 -9.93
CA ILE C 161 64.26 -3.05 -9.77
C ILE C 161 63.40 -2.65 -8.57
N SER C 162 63.99 -1.85 -7.68
CA SER C 162 63.31 -1.25 -6.50
C SER C 162 63.07 0.21 -6.80
N LEU C 163 61.82 0.60 -7.05
CA LEU C 163 61.38 2.02 -7.13
C LEU C 163 61.90 2.77 -5.90
N GLU C 164 62.49 3.96 -6.09
CA GLU C 164 62.95 4.83 -4.99
C GLU C 164 62.65 6.29 -5.40
N GLN C 165 61.38 6.64 -5.34
CA GLN C 165 60.84 8.01 -5.57
C GLN C 165 59.57 8.18 -4.76
N SER C 166 58.92 9.35 -4.82
CA SER C 166 57.56 9.59 -4.31
C SER C 166 56.55 8.93 -5.26
N TYR C 167 55.57 8.23 -4.70
CA TYR C 167 54.53 7.51 -5.49
C TYR C 167 53.19 8.19 -5.31
N GLU C 168 52.44 8.12 -6.41
CA GLU C 168 51.06 8.62 -6.53
C GLU C 168 50.23 7.56 -7.25
N ASP C 169 49.23 6.96 -6.59
CA ASP C 169 48.28 6.02 -7.20
C ASP C 169 46.93 6.72 -7.32
N PRO C 170 46.40 6.92 -8.54
CA PRO C 170 45.08 7.53 -8.71
C PRO C 170 43.97 6.75 -8.00
N LYS C 171 44.06 5.42 -7.86
CA LYS C 171 43.08 4.60 -7.07
C LYS C 171 42.97 5.17 -5.66
N VAL C 172 44.09 5.52 -5.04
CA VAL C 172 44.14 5.95 -3.61
C VAL C 172 43.57 7.37 -3.51
N ALA C 173 43.88 8.22 -4.49
CA ALA C 173 43.33 9.58 -4.59
C ALA C 173 41.80 9.54 -4.69
N CYS C 174 41.23 8.64 -5.51
CA CYS C 174 39.76 8.44 -5.65
C CYS C 174 39.17 8.12 -4.27
N TRP C 175 39.74 7.13 -3.61
CA TRP C 175 39.30 6.70 -2.27
C TRP C 175 39.28 7.91 -1.33
N LEU C 176 40.32 8.72 -1.39
CA LEU C 176 40.52 9.86 -0.47
C LEU C 176 39.44 10.91 -0.72
N LEU C 177 38.93 11.02 -1.95
CA LEU C 177 37.88 12.01 -2.30
C LEU C 177 36.48 11.50 -1.91
N ASP C 178 36.24 10.19 -1.93
CA ASP C 178 34.96 9.61 -1.48
C ASP C 178 35.18 8.16 -1.05
N PRO C 179 35.36 7.90 0.26
CA PRO C 179 35.73 6.56 0.72
C PRO C 179 34.64 5.52 0.49
N ASP C 180 33.40 5.95 0.27
CA ASP C 180 32.22 5.06 0.06
C ASP C 180 32.00 4.79 -1.45
N SER C 181 32.79 5.41 -2.33
CA SER C 181 32.73 5.20 -3.79
C SER C 181 33.02 3.72 -4.05
N GLN C 182 32.58 3.19 -5.19
CA GLN C 182 32.90 1.79 -5.54
C GLN C 182 34.39 1.76 -5.87
N GLU C 183 35.07 0.65 -5.58
CA GLU C 183 36.48 0.44 -5.96
C GLU C 183 36.69 0.97 -7.37
N PRO C 184 37.67 1.86 -7.61
CA PRO C 184 37.92 2.40 -8.94
C PRO C 184 38.49 1.37 -9.92
N THR C 185 38.10 1.46 -11.19
CA THR C 185 38.75 0.78 -12.32
C THR C 185 39.39 1.88 -13.17
N LEU C 186 40.22 1.54 -14.14
CA LEU C 186 40.75 2.58 -15.07
C LEU C 186 39.55 3.24 -15.78
N HIS C 187 38.54 2.46 -16.14
CA HIS C 187 37.32 2.94 -16.83
C HIS C 187 36.55 3.96 -15.97
N SER C 188 36.36 3.69 -14.69
CA SER C 188 35.63 4.59 -13.75
C SER C 188 36.46 5.87 -13.53
N ILE C 189 37.77 5.76 -13.40
CA ILE C 189 38.65 6.95 -13.21
C ILE C 189 38.53 7.85 -14.44
N VAL C 190 38.64 7.27 -15.62
CA VAL C 190 38.60 8.07 -16.88
C VAL C 190 37.18 8.65 -17.04
N THR C 191 36.16 7.86 -16.76
CA THR C 191 34.75 8.33 -16.79
C THR C 191 34.64 9.59 -15.92
N SER C 192 35.06 9.56 -14.65
CA SER C 192 34.85 10.65 -13.66
C SER C 192 35.80 11.85 -13.86
N PHE C 193 37.06 11.60 -14.21
CA PHE C 193 38.14 12.61 -14.11
C PHE C 193 38.74 12.94 -15.48
N LEU C 194 38.53 12.12 -16.53
CA LEU C 194 39.14 12.39 -17.85
C LEU C 194 38.17 11.99 -18.96
N PRO C 195 36.87 12.38 -18.89
CA PRO C 195 35.82 11.76 -19.71
C PRO C 195 36.01 11.95 -21.21
N HIS C 196 36.64 13.05 -21.63
CA HIS C 196 37.00 13.30 -23.05
C HIS C 196 37.94 12.23 -23.62
N GLU C 197 38.61 11.40 -22.81
CA GLU C 197 39.53 10.35 -23.32
C GLU C 197 38.88 8.96 -23.26
N LEU C 198 37.60 8.84 -22.92
CA LEU C 198 36.91 7.53 -22.91
C LEU C 198 37.06 6.79 -24.24
N PRO C 199 37.06 7.44 -25.42
CA PRO C 199 37.28 6.73 -26.69
C PRO C 199 38.54 5.85 -26.73
N LEU C 200 39.65 6.26 -26.11
CA LEU C 200 40.91 5.47 -25.99
C LEU C 200 40.64 4.09 -25.38
N LEU C 201 39.59 3.96 -24.57
CA LEU C 201 39.26 2.69 -23.84
C LEU C 201 38.26 1.86 -24.62
N GLU C 202 37.73 2.37 -25.75
CA GLU C 202 36.79 1.63 -26.64
C GLU C 202 37.43 0.31 -27.11
N GLY C 203 36.74 -0.81 -26.82
CA GLY C 203 37.17 -2.18 -27.19
C GLY C 203 38.24 -2.72 -26.24
N MET C 204 38.38 -2.12 -25.05
CA MET C 204 39.40 -2.50 -24.04
C MET C 204 38.64 -2.82 -22.76
N GLU C 205 37.83 -3.87 -22.82
CA GLU C 205 36.80 -4.27 -21.84
C GLU C 205 37.43 -4.52 -20.45
N THR C 206 38.70 -4.96 -20.41
CA THR C 206 39.48 -5.25 -19.17
C THR C 206 39.74 -3.96 -18.37
N SER C 207 39.63 -2.78 -18.99
CA SER C 207 39.72 -1.45 -18.30
C SER C 207 38.60 -1.30 -17.26
N GLN C 208 37.54 -2.11 -17.34
CA GLN C 208 36.40 -2.15 -16.38
C GLN C 208 36.61 -3.20 -15.28
N GLY C 209 37.78 -3.84 -15.24
CA GLY C 209 38.22 -4.65 -14.10
C GLY C 209 39.18 -3.87 -13.21
N ILE C 210 39.42 -4.38 -12.00
CA ILE C 210 40.21 -3.72 -10.92
C ILE C 210 41.69 -3.67 -11.35
N GLN C 211 42.20 -4.75 -11.96
CA GLN C 211 43.62 -4.95 -12.33
C GLN C 211 44.04 -3.95 -13.41
N SER C 212 45.27 -3.44 -13.31
CA SER C 212 45.94 -2.50 -14.24
C SER C 212 45.79 -2.98 -15.67
N LEU C 213 45.46 -2.09 -16.61
CA LEU C 213 45.31 -2.42 -18.04
C LEU C 213 46.62 -3.05 -18.57
N GLY C 214 47.76 -2.47 -18.20
CA GLY C 214 49.09 -2.97 -18.60
C GLY C 214 49.34 -4.37 -18.06
N LEU C 215 48.94 -4.62 -16.82
CA LEU C 215 49.22 -5.90 -16.09
C LEU C 215 48.26 -6.99 -16.54
N ASN C 216 47.14 -6.64 -17.17
CA ASN C 216 46.06 -7.61 -17.46
C ASN C 216 46.31 -8.21 -18.83
N ALA C 217 47.02 -9.33 -18.85
CA ALA C 217 47.43 -10.08 -20.07
C ALA C 217 46.28 -10.95 -20.58
N GLY C 218 45.13 -10.96 -19.90
CA GLY C 218 43.91 -11.64 -20.37
C GLY C 218 43.17 -10.83 -21.43
N SER C 219 43.89 -10.02 -22.22
CA SER C 219 43.36 -9.21 -23.35
C SER C 219 44.04 -9.67 -24.64
N GLU C 220 43.42 -9.42 -25.79
CA GLU C 220 43.98 -9.71 -27.14
C GLU C 220 44.84 -8.53 -27.61
N HIS C 221 44.72 -7.39 -26.94
CA HIS C 221 45.54 -6.18 -27.23
C HIS C 221 46.94 -6.40 -26.68
N SER C 222 47.96 -5.94 -27.40
CA SER C 222 49.39 -6.05 -27.01
C SER C 222 49.63 -5.33 -25.68
N GLY C 223 50.60 -5.80 -24.89
CA GLY C 223 51.08 -5.09 -23.69
C GLY C 223 51.57 -3.70 -24.04
N ARG C 224 52.21 -3.55 -25.19
CA ARG C 224 52.74 -2.25 -25.65
C ARG C 224 51.58 -1.24 -25.73
N TYR C 225 50.53 -1.59 -26.45
CA TYR C 225 49.36 -0.70 -26.68
C TYR C 225 48.69 -0.42 -25.33
N ARG C 226 48.43 -1.46 -24.55
CA ARG C 226 47.72 -1.36 -23.26
C ARG C 226 48.50 -0.45 -22.32
N ALA C 227 49.80 -0.65 -22.18
CA ALA C 227 50.65 0.12 -21.25
C ALA C 227 50.74 1.57 -21.72
N SER C 228 50.85 1.80 -23.03
CA SER C 228 50.95 3.16 -23.60
C SER C 228 49.65 3.94 -23.31
N VAL C 229 48.49 3.33 -23.55
CA VAL C 229 47.17 3.97 -23.30
C VAL C 229 47.07 4.25 -21.81
N GLU C 230 47.32 3.24 -20.99
CA GLU C 230 47.27 3.42 -19.51
C GLU C 230 48.16 4.58 -19.09
N SER C 231 49.39 4.65 -19.59
CA SER C 231 50.37 5.67 -19.14
C SER C 231 49.80 7.05 -19.35
N ILE C 232 49.17 7.28 -20.51
CA ILE C 232 48.58 8.58 -20.90
C ILE C 232 47.34 8.84 -20.03
N LEU C 233 46.42 7.88 -19.93
CA LEU C 233 45.19 8.08 -19.13
C LEU C 233 45.54 8.38 -17.67
N ILE C 234 46.51 7.69 -17.10
CA ILE C 234 46.85 7.77 -15.65
C ILE C 234 47.56 9.10 -15.37
N PHE C 235 48.48 9.54 -16.24
CA PHE C 235 49.23 10.81 -16.02
C PHE C 235 48.23 11.96 -15.98
N ASN C 236 47.36 12.04 -16.98
CA ASN C 236 46.37 13.14 -17.16
C ASN C 236 45.31 13.07 -16.06
N SER C 237 44.80 11.89 -15.74
CA SER C 237 43.85 11.64 -14.64
C SER C 237 44.42 12.15 -13.31
N MET C 238 45.69 11.88 -13.05
CA MET C 238 46.32 12.19 -11.75
C MET C 238 46.50 13.70 -11.61
N ASN C 239 46.69 14.43 -12.71
CA ASN C 239 46.74 15.92 -12.67
C ASN C 239 45.41 16.43 -12.14
N GLN C 240 44.30 15.91 -12.67
CA GLN C 240 42.94 16.34 -12.26
C GLN C 240 42.73 15.91 -10.80
N LEU C 241 43.01 14.67 -10.45
CA LEU C 241 42.88 14.16 -9.04
C LEU C 241 43.73 15.02 -8.10
N ASN C 242 44.93 15.43 -8.47
CA ASN C 242 45.80 16.30 -7.62
C ASN C 242 45.15 17.67 -7.42
N SER C 243 44.56 18.26 -8.45
CA SER C 243 43.83 19.54 -8.30
C SER C 243 42.67 19.34 -7.31
N LEU C 244 41.93 18.24 -7.41
CA LEU C 244 40.76 18.00 -6.51
C LEU C 244 41.26 17.78 -5.08
N LEU C 245 42.32 17.01 -4.88
CA LEU C 245 42.93 16.80 -3.52
C LEU C 245 43.31 18.14 -2.93
N GLN C 246 43.90 19.03 -3.72
CA GLN C 246 44.32 20.39 -3.27
C GLN C 246 43.09 21.21 -2.88
N LYS C 247 42.04 21.18 -3.70
CA LYS C 247 40.78 21.90 -3.37
C LYS C 247 40.24 21.38 -2.02
N GLU C 248 40.27 20.06 -1.77
CA GLU C 248 39.72 19.43 -0.54
C GLU C 248 40.74 19.46 0.61
N ASN C 249 41.98 19.89 0.35
CA ASN C 249 43.06 19.97 1.38
C ASN C 249 43.40 18.57 1.89
N LEU C 250 43.46 17.59 1.00
CA LEU C 250 43.82 16.18 1.29
C LEU C 250 45.16 15.81 0.66
N GLN C 251 45.87 16.76 0.06
CA GLN C 251 47.12 16.44 -0.67
C GLN C 251 48.23 16.09 0.32
N ASP C 252 48.31 16.78 1.46
CA ASP C 252 49.31 16.46 2.51
C ASP C 252 49.05 15.03 3.00
N VAL C 253 47.79 14.72 3.28
CA VAL C 253 47.37 13.36 3.76
C VAL C 253 47.84 12.33 2.74
N PHE C 254 47.59 12.60 1.46
CA PHE C 254 47.87 11.69 0.33
C PHE C 254 49.38 11.40 0.25
N ARG C 255 50.22 12.44 0.30
CA ARG C 255 51.69 12.32 0.11
C ARG C 255 52.40 11.85 1.40
N LYS C 256 51.97 12.28 2.58
CA LYS C 256 52.67 11.99 3.86
C LYS C 256 52.15 10.72 4.56
N VAL C 257 50.89 10.29 4.32
CA VAL C 257 50.29 9.16 5.09
C VAL C 257 49.84 8.05 4.14
N GLU C 258 48.92 8.33 3.22
CA GLU C 258 48.26 7.27 2.45
C GLU C 258 49.25 6.59 1.49
N MET C 259 50.04 7.33 0.72
CA MET C 259 50.91 6.64 -0.26
C MET C 259 52.07 5.93 0.48
N PRO C 260 52.70 6.54 1.48
CA PRO C 260 53.67 5.80 2.31
C PRO C 260 53.09 4.53 2.95
N SER C 261 51.84 4.60 3.39
CA SER C 261 51.08 3.45 3.96
C SER C 261 50.99 2.36 2.89
N GLN C 262 50.70 2.72 1.65
CA GLN C 262 50.70 1.75 0.55
C GLN C 262 52.10 1.10 0.38
N TYR C 263 53.17 1.87 0.52
CA TYR C 263 54.55 1.34 0.41
C TYR C 263 54.78 0.31 1.53
N CYS C 264 54.46 0.65 2.77
CA CYS C 264 54.53 -0.33 3.90
C CYS C 264 53.73 -1.59 3.57
N LEU C 265 52.55 -1.46 2.95
CA LEU C 265 51.70 -2.65 2.66
C LEU C 265 52.34 -3.48 1.55
N ALA C 266 53.03 -2.84 0.62
CA ALA C 266 53.79 -3.55 -0.43
C ALA C 266 54.86 -4.44 0.19
N LEU C 267 55.59 -3.94 1.19
CA LEU C 267 56.63 -4.75 1.89
C LEU C 267 55.97 -5.95 2.58
N LEU C 268 54.82 -5.74 3.24
CA LEU C 268 54.05 -6.80 3.93
C LEU C 268 53.63 -7.88 2.92
N GLU C 269 53.17 -7.46 1.75
CA GLU C 269 52.69 -8.42 0.73
C GLU C 269 53.88 -9.17 0.15
N LEU C 270 55.03 -8.54 0.04
CA LEU C 270 56.28 -9.22 -0.40
C LEU C 270 56.73 -10.17 0.70
N ASN C 271 56.58 -9.79 1.97
CA ASN C 271 57.04 -10.62 3.11
C ASN C 271 56.18 -11.89 3.21
N GLY C 272 54.87 -11.77 3.09
CA GLY C 272 53.94 -12.85 3.48
C GLY C 272 54.05 -13.17 4.97
N ILE C 273 53.33 -14.19 5.44
CA ILE C 273 53.33 -14.61 6.86
C ILE C 273 53.62 -16.10 6.88
N GLY C 274 54.54 -16.50 7.75
CA GLY C 274 54.94 -17.90 7.88
C GLY C 274 53.80 -18.77 8.34
N PHE C 275 53.76 -20.01 7.87
CA PHE C 275 52.65 -20.96 8.06
C PHE C 275 53.23 -22.35 8.25
N SER C 276 52.72 -23.03 9.26
CA SER C 276 52.92 -24.48 9.55
C SER C 276 51.69 -25.33 9.17
N THR C 277 51.91 -26.30 8.31
CA THR C 277 50.85 -27.19 7.79
C THR C 277 50.61 -28.34 8.77
N ALA C 278 51.66 -28.80 9.45
CA ALA C 278 51.63 -29.80 10.54
C ALA C 278 50.69 -29.35 11.66
N GLU C 279 50.87 -28.13 12.16
CA GLU C 279 50.05 -27.55 13.25
C GLU C 279 48.57 -27.50 12.82
N CYS C 280 48.32 -26.97 11.63
CA CYS C 280 46.98 -26.89 11.01
C CYS C 280 46.31 -28.28 10.92
N GLU C 281 47.00 -29.31 10.41
CA GLU C 281 46.44 -30.66 10.16
C GLU C 281 46.02 -31.32 11.49
N SER C 282 46.83 -31.14 12.52
CA SER C 282 46.57 -31.80 13.83
C SER C 282 45.35 -31.13 14.46
N GLN C 283 45.19 -29.83 14.30
CA GLN C 283 43.97 -29.11 14.76
C GLN C 283 42.76 -29.60 13.95
N LYS C 284 42.91 -29.70 12.63
CA LYS C 284 41.84 -30.18 11.72
C LYS C 284 41.32 -31.53 12.20
N HIS C 285 42.21 -32.47 12.55
CA HIS C 285 41.81 -33.86 12.92
C HIS C 285 40.98 -33.85 14.21
N ILE C 286 41.36 -33.04 15.19
CA ILE C 286 40.61 -32.89 16.48
C ILE C 286 39.23 -32.30 16.16
N MET C 287 39.21 -31.23 15.38
CA MET C 287 37.95 -30.54 15.01
C MET C 287 37.03 -31.51 14.27
N GLN C 288 37.57 -32.33 13.37
CA GLN C 288 36.74 -33.21 12.52
C GLN C 288 36.13 -34.33 13.37
N ALA C 289 36.87 -34.82 14.35
CA ALA C 289 36.41 -35.85 15.31
C ALA C 289 35.23 -35.30 16.13
N LYS C 290 35.31 -34.03 16.55
CA LYS C 290 34.25 -33.36 17.33
C LYS C 290 33.03 -33.14 16.45
N LEU C 291 33.22 -32.72 15.21
CA LEU C 291 32.11 -32.59 14.23
C LEU C 291 31.38 -33.92 14.08
N ASP C 292 32.10 -35.04 14.03
CA ASP C 292 31.52 -36.39 13.82
C ASP C 292 30.64 -36.74 15.03
N ALA C 293 31.15 -36.59 16.25
CA ALA C 293 30.44 -36.85 17.52
C ALA C 293 29.21 -35.93 17.63
N ILE C 294 29.36 -34.65 17.29
CA ILE C 294 28.23 -33.67 17.33
C ILE C 294 27.13 -34.16 16.37
N GLU C 295 27.48 -34.51 15.14
CA GLU C 295 26.50 -34.97 14.12
C GLU C 295 25.75 -36.17 14.69
N THR C 296 26.47 -37.22 15.14
CA THR C 296 25.88 -38.50 15.58
C THR C 296 24.93 -38.22 16.75
N GLN C 297 25.28 -37.32 17.67
CA GLN C 297 24.43 -36.98 18.85
C GLN C 297 23.25 -36.12 18.40
N ALA C 298 23.47 -35.13 17.54
CA ALA C 298 22.39 -34.29 16.97
C ALA C 298 21.32 -35.18 16.32
N TYR C 299 21.73 -36.13 15.48
CA TYR C 299 20.82 -36.98 14.66
C TYR C 299 20.02 -37.92 15.58
N GLN C 300 20.59 -38.35 16.71
CA GLN C 300 19.87 -39.22 17.67
C GLN C 300 18.83 -38.37 18.42
N LEU C 301 19.16 -37.15 18.83
CA LEU C 301 18.20 -36.24 19.51
C LEU C 301 17.08 -35.85 18.52
N ALA C 302 17.41 -35.56 17.26
CA ALA C 302 16.43 -35.16 16.22
C ALA C 302 15.54 -36.32 15.80
N GLY C 303 16.06 -37.56 15.88
CA GLY C 303 15.37 -38.76 15.42
C GLY C 303 15.66 -39.10 13.96
N HIS C 304 16.22 -38.18 13.19
CA HIS C 304 16.55 -38.42 11.76
C HIS C 304 17.75 -37.55 11.35
N SER C 305 18.40 -37.87 10.23
CA SER C 305 19.39 -36.99 9.57
C SER C 305 18.72 -35.64 9.29
N PHE C 306 19.49 -34.56 9.36
CA PHE C 306 19.10 -33.20 8.90
C PHE C 306 20.37 -32.48 8.48
N SER C 307 20.26 -31.54 7.55
CA SER C 307 21.41 -30.71 7.08
C SER C 307 21.62 -29.57 8.07
N PHE C 308 22.83 -29.44 8.63
CA PHE C 308 23.23 -28.35 9.55
C PHE C 308 23.34 -27.02 8.79
N THR C 309 23.33 -27.08 7.45
CA THR C 309 23.53 -25.91 6.56
C THR C 309 22.19 -25.35 6.09
N SER C 310 21.07 -26.04 6.37
CA SER C 310 19.69 -25.59 6.03
C SER C 310 19.00 -25.03 7.27
N SER C 311 18.80 -23.70 7.30
CA SER C 311 18.00 -22.95 8.31
C SER C 311 16.60 -23.59 8.41
N ASP C 312 16.03 -23.93 7.25
CA ASP C 312 14.69 -24.58 7.11
C ASP C 312 14.66 -25.86 7.94
N ASP C 313 15.58 -26.78 7.70
CA ASP C 313 15.67 -28.11 8.38
C ASP C 313 15.76 -27.87 9.89
N ILE C 314 16.67 -27.00 10.31
CA ILE C 314 16.95 -26.72 11.76
C ILE C 314 15.68 -26.15 12.40
N ALA C 315 14.99 -25.25 11.70
CA ALA C 315 13.72 -24.62 12.17
C ALA C 315 12.64 -25.69 12.30
N GLU C 316 12.53 -26.59 11.30
CA GLU C 316 11.55 -27.71 11.33
C GLU C 316 11.80 -28.50 12.62
N VAL C 317 13.06 -28.86 12.92
CA VAL C 317 13.42 -29.73 14.08
C VAL C 317 13.20 -28.97 15.39
N LEU C 318 13.72 -27.75 15.51
CA LEU C 318 13.69 -27.01 16.80
C LEU C 318 12.25 -26.63 17.15
N PHE C 319 11.45 -26.12 16.19
CA PHE C 319 10.20 -25.36 16.46
C PHE C 319 8.96 -26.21 16.18
N LEU C 320 8.93 -26.94 15.06
CA LEU C 320 7.79 -27.80 14.67
C LEU C 320 7.87 -29.14 15.42
N GLU C 321 9.03 -29.80 15.45
CA GLU C 321 9.15 -31.24 15.80
C GLU C 321 9.52 -31.41 17.29
N LEU C 322 10.02 -30.35 17.94
CA LEU C 322 10.38 -30.33 19.38
C LEU C 322 9.58 -29.24 20.11
N LYS C 323 9.00 -28.29 19.38
CA LYS C 323 8.09 -27.25 19.93
C LYS C 323 8.81 -26.39 20.97
N LEU C 324 10.02 -25.90 20.68
CA LEU C 324 10.73 -24.92 21.54
C LEU C 324 10.16 -23.53 21.26
N PRO C 325 10.09 -22.62 22.27
CA PRO C 325 9.41 -21.33 22.12
C PRO C 325 10.18 -20.23 21.40
N PRO C 326 9.66 -19.68 20.26
CA PRO C 326 10.29 -18.54 19.59
C PRO C 326 9.82 -17.19 20.17
N PHE C 358 10.60 -18.36 11.03
CA PHE C 358 11.23 -18.61 12.36
C PHE C 358 12.77 -18.66 12.17
N SER C 359 13.48 -17.65 12.72
CA SER C 359 14.95 -17.47 12.63
C SER C 359 15.68 -18.56 13.43
N THR C 360 16.91 -18.90 12.99
CA THR C 360 17.81 -19.88 13.63
C THR C 360 19.16 -19.21 13.88
N SER C 361 19.14 -17.93 14.25
CA SER C 361 20.36 -17.12 14.46
C SER C 361 21.05 -17.53 15.76
N LYS C 362 22.30 -17.07 15.92
CA LYS C 362 23.11 -17.24 17.15
C LYS C 362 22.26 -16.86 18.37
N ASP C 363 21.57 -15.71 18.31
CA ASP C 363 20.87 -15.10 19.47
C ASP C 363 19.71 -16.00 19.90
N VAL C 364 18.94 -16.50 18.94
CA VAL C 364 17.82 -17.46 19.16
C VAL C 364 18.39 -18.70 19.86
N LEU C 365 19.39 -19.36 19.24
CA LEU C 365 19.86 -20.70 19.71
C LEU C 365 20.55 -20.53 21.07
N ASN C 366 21.12 -19.36 21.30
CA ASN C 366 21.83 -19.03 22.56
C ASN C 366 20.83 -18.99 23.72
N LYS C 367 19.61 -18.48 23.48
CA LYS C 367 18.51 -18.52 24.47
C LYS C 367 18.09 -19.99 24.67
N LEU C 368 17.87 -20.72 23.57
CA LEU C 368 17.20 -22.04 23.60
C LEU C 368 18.12 -23.12 24.21
N LYS C 369 19.44 -22.92 24.24
CA LYS C 369 20.41 -23.97 24.69
C LYS C 369 20.15 -24.26 26.17
N ALA C 370 19.54 -23.32 26.89
CA ALA C 370 19.11 -23.54 28.29
C ALA C 370 17.99 -24.60 28.38
N LEU C 371 17.28 -24.92 27.29
CA LEU C 371 16.04 -25.75 27.31
C LEU C 371 16.23 -27.14 26.67
N HIS C 372 17.26 -27.34 25.85
CA HIS C 372 17.44 -28.59 25.07
C HIS C 372 18.86 -28.63 24.53
N PRO C 373 19.49 -29.82 24.45
CA PRO C 373 20.89 -29.92 24.02
C PRO C 373 21.15 -29.57 22.54
N LEU C 374 20.16 -29.73 21.65
CA LEU C 374 20.37 -29.65 20.18
C LEU C 374 20.80 -28.24 19.73
N PRO C 375 20.17 -27.13 20.17
CA PRO C 375 20.63 -25.79 19.81
C PRO C 375 22.12 -25.51 20.09
N GLY C 376 22.63 -25.99 21.23
CA GLY C 376 24.05 -25.92 21.58
C GLY C 376 24.93 -26.69 20.60
N LEU C 377 24.53 -27.91 20.24
CA LEU C 377 25.25 -28.75 19.24
C LEU C 377 25.31 -27.97 17.91
N ILE C 378 24.18 -27.38 17.49
CA ILE C 378 24.10 -26.61 16.22
C ILE C 378 25.16 -25.51 16.28
N LEU C 379 25.24 -24.80 17.41
CA LEU C 379 26.12 -23.61 17.51
C LEU C 379 27.58 -24.05 17.40
N GLU C 380 27.91 -25.16 18.03
CA GLU C 380 29.30 -25.69 18.06
C GLU C 380 29.64 -26.22 16.67
N TRP C 381 28.70 -26.90 16.03
CA TRP C 381 28.86 -27.40 14.65
C TRP C 381 29.27 -26.23 13.73
N ARG C 382 28.57 -25.10 13.81
CA ARG C 382 28.81 -23.96 12.91
C ARG C 382 30.14 -23.33 13.24
N ARG C 383 30.53 -23.29 14.51
CA ARG C 383 31.79 -22.67 14.95
C ARG C 383 32.93 -23.48 14.36
N ILE C 384 32.87 -24.80 14.53
CA ILE C 384 33.99 -25.69 14.12
C ILE C 384 34.00 -25.79 12.59
N THR C 385 32.84 -25.95 11.95
CA THR C 385 32.74 -26.01 10.47
C THR C 385 33.36 -24.73 9.89
N ASN C 386 33.14 -23.58 10.52
CA ASN C 386 33.72 -22.30 10.11
C ASN C 386 35.25 -22.39 10.13
N ALA C 387 35.84 -22.87 11.23
CA ALA C 387 37.32 -22.96 11.36
C ALA C 387 37.87 -23.91 10.29
N ILE C 388 37.18 -25.01 10.00
CA ILE C 388 37.66 -26.01 8.99
C ILE C 388 37.51 -25.43 7.57
N THR C 389 36.33 -24.95 7.18
CA THR C 389 35.97 -24.68 5.76
C THR C 389 36.36 -23.26 5.35
N LYS C 390 36.38 -22.31 6.28
CA LYS C 390 36.64 -20.88 6.00
C LYS C 390 38.03 -20.49 6.50
N VAL C 391 38.75 -21.33 7.24
CA VAL C 391 40.11 -20.95 7.71
C VAL C 391 41.14 -22.01 7.27
N VAL C 392 41.04 -23.25 7.74
CA VAL C 392 42.01 -24.33 7.37
C VAL C 392 42.05 -24.53 5.84
N PHE C 393 40.90 -24.71 5.17
CA PHE C 393 40.86 -25.09 3.74
C PHE C 393 41.53 -24.00 2.92
N PRO C 394 41.14 -22.71 3.04
CA PRO C 394 41.78 -21.64 2.30
C PRO C 394 43.26 -21.43 2.64
N LEU C 395 43.68 -21.52 3.90
CA LEU C 395 45.12 -21.37 4.25
C LEU C 395 45.93 -22.48 3.59
N GLN C 396 45.47 -23.74 3.64
CA GLN C 396 46.21 -24.90 3.09
C GLN C 396 46.17 -24.91 1.57
N ARG C 397 45.31 -24.09 0.94
CA ARG C 397 45.21 -23.94 -0.53
C ARG C 397 46.12 -22.80 -1.00
N GLU C 398 46.30 -21.74 -0.19
CA GLU C 398 46.98 -20.47 -0.55
C GLU C 398 48.47 -20.55 -0.17
N LYS C 399 48.85 -21.52 0.65
CA LYS C 399 50.25 -21.63 1.15
C LYS C 399 51.17 -21.83 -0.05
N CYS C 400 52.39 -21.35 0.07
CA CYS C 400 53.40 -21.26 -1.02
C CYS C 400 54.77 -21.52 -0.40
N LEU C 401 55.55 -22.46 -0.93
CA LEU C 401 56.97 -22.65 -0.48
C LEU C 401 57.80 -21.38 -0.73
N ASN C 402 58.50 -20.89 0.28
CA ASN C 402 59.57 -19.88 0.10
C ASN C 402 60.90 -20.61 0.22
N PRO C 403 61.60 -20.87 -0.92
CA PRO C 403 62.83 -21.67 -0.90
C PRO C 403 64.01 -21.00 -0.18
N PHE C 404 64.03 -19.67 -0.03
CA PHE C 404 65.13 -18.91 0.63
C PHE C 404 65.00 -19.07 2.15
N LEU C 405 63.83 -18.76 2.70
CA LEU C 405 63.55 -18.87 4.16
C LEU C 405 63.44 -20.34 4.57
N GLY C 406 63.09 -21.23 3.63
CA GLY C 406 63.00 -22.69 3.88
C GLY C 406 61.75 -23.01 4.70
N MET C 407 60.61 -22.44 4.32
CA MET C 407 59.31 -22.60 5.04
C MET C 407 58.18 -22.24 4.09
N GLU C 408 56.96 -22.63 4.45
CA GLU C 408 55.73 -22.23 3.73
C GLU C 408 55.31 -20.87 4.26
N ARG C 409 54.73 -20.06 3.39
CA ARG C 409 54.18 -18.74 3.78
C ARG C 409 52.85 -18.56 3.07
N ILE C 410 52.07 -17.60 3.55
CA ILE C 410 50.82 -17.16 2.89
C ILE C 410 51.03 -15.70 2.52
N TYR C 411 50.54 -15.35 1.32
CA TYR C 411 50.70 -14.02 0.71
C TYR C 411 49.32 -13.43 0.51
N PRO C 412 48.75 -12.81 1.56
CA PRO C 412 47.44 -12.17 1.43
C PRO C 412 47.61 -10.82 0.72
N VAL C 413 46.51 -10.29 0.20
CA VAL C 413 46.50 -9.05 -0.60
C VAL C 413 45.84 -7.99 0.26
N SER C 414 46.47 -6.84 0.45
CA SER C 414 45.93 -5.74 1.28
C SER C 414 44.81 -5.07 0.50
N GLN C 415 43.88 -4.47 1.21
CA GLN C 415 42.71 -3.74 0.68
C GLN C 415 42.53 -2.52 1.57
N SER C 416 42.73 -1.34 1.01
CA SER C 416 42.70 -0.04 1.73
C SER C 416 41.46 0.75 1.34
N HIS C 417 40.65 0.24 0.42
CA HIS C 417 39.44 0.95 -0.01
C HIS C 417 38.30 0.59 0.93
N THR C 418 38.20 1.26 2.08
CA THR C 418 37.23 0.93 3.17
C THR C 418 36.57 2.22 3.58
N ALA C 419 35.41 2.17 4.25
CA ALA C 419 34.59 3.34 4.57
C ALA C 419 35.32 4.29 5.53
N THR C 420 36.15 3.75 6.40
CA THR C 420 36.71 4.48 7.57
C THR C 420 38.23 4.57 7.49
N GLY C 421 38.88 3.89 6.54
CA GLY C 421 40.34 3.94 6.36
C GLY C 421 41.04 2.85 7.10
N ARG C 422 40.30 1.87 7.61
CA ARG C 422 40.89 0.61 8.08
C ARG C 422 41.54 -0.09 6.90
N ILE C 423 42.47 -0.99 7.20
CA ILE C 423 43.07 -1.91 6.20
C ILE C 423 42.55 -3.31 6.47
N THR C 424 42.22 -4.04 5.40
CA THR C 424 41.75 -5.44 5.50
C THR C 424 42.55 -6.26 4.48
N PHE C 425 42.28 -7.55 4.40
CA PHE C 425 43.04 -8.46 3.52
C PHE C 425 42.06 -9.39 2.86
N THR C 426 42.45 -9.90 1.71
CA THR C 426 41.72 -10.94 0.94
C THR C 426 42.70 -12.05 0.55
N GLU C 427 42.14 -13.21 0.24
CA GLU C 427 42.80 -14.32 -0.49
C GLU C 427 44.05 -14.73 0.28
N PRO C 428 43.91 -15.20 1.54
CA PRO C 428 42.65 -15.19 2.29
C PRO C 428 42.60 -14.02 3.29
N ASN C 429 41.48 -13.76 3.98
CA ASN C 429 41.42 -12.66 4.99
C ASN C 429 41.86 -13.22 6.34
N ILE C 430 43.16 -13.10 6.58
CA ILE C 430 43.89 -13.58 7.79
C ILE C 430 43.41 -12.82 9.02
N GLN C 431 42.82 -11.65 8.88
CA GLN C 431 42.24 -10.95 10.05
C GLN C 431 41.14 -11.80 10.69
N ASN C 432 40.55 -12.76 10.00
CA ASN C 432 39.32 -13.46 10.48
C ASN C 432 39.65 -14.82 11.10
N VAL C 433 40.94 -15.10 11.24
CA VAL C 433 41.41 -16.34 11.88
C VAL C 433 40.88 -16.30 13.30
N PRO C 434 40.13 -17.35 13.69
CA PRO C 434 39.53 -17.45 15.03
C PRO C 434 40.54 -17.19 16.16
N ARG C 435 40.06 -16.46 17.18
CA ARG C 435 40.54 -16.49 18.60
C ARG C 435 40.66 -17.96 19.03
N ASP C 436 41.56 -18.25 19.99
CA ASP C 436 41.65 -19.59 20.63
C ASP C 436 40.25 -19.97 21.16
N PHE C 437 39.85 -21.24 21.02
CA PHE C 437 38.62 -21.82 21.67
C PHE C 437 38.88 -23.27 22.07
N GLU C 438 37.97 -23.79 22.89
CA GLU C 438 38.12 -25.12 23.53
C GLU C 438 37.08 -26.09 22.97
N ILE C 439 37.52 -27.32 22.72
CA ILE C 439 36.65 -28.47 22.36
C ILE C 439 36.81 -29.51 23.48
N LYS C 440 35.68 -29.99 24.04
CA LYS C 440 35.68 -31.11 25.03
C LYS C 440 35.22 -32.38 24.31
N MET C 441 35.97 -33.46 24.50
CA MET C 441 35.58 -34.81 24.03
C MET C 441 35.91 -35.80 25.14
N GLY C 442 34.95 -36.66 25.50
CA GLY C 442 35.03 -37.54 26.68
C GLY C 442 35.51 -36.80 27.92
N GLY C 443 35.04 -35.55 28.09
CA GLY C 443 35.39 -34.72 29.23
C GLY C 443 36.85 -34.30 29.27
N MET C 444 37.57 -34.41 28.15
CA MET C 444 38.98 -33.90 28.03
C MET C 444 38.98 -32.69 27.13
N PRO C 445 39.60 -31.57 27.56
CA PRO C 445 39.62 -30.34 26.77
C PRO C 445 40.79 -30.35 25.78
N PHE C 446 40.54 -29.91 24.54
CA PHE C 446 41.58 -29.63 23.52
C PHE C 446 41.49 -28.16 23.14
N SER C 447 42.60 -27.44 23.28
CA SER C 447 42.73 -26.03 22.84
C SER C 447 42.89 -25.99 21.32
N ILE C 448 41.98 -25.34 20.61
CA ILE C 448 42.15 -25.08 19.15
C ILE C 448 42.64 -23.65 19.00
N SER C 449 43.91 -23.49 18.65
CA SER C 449 44.55 -22.18 18.39
C SER C 449 44.99 -22.14 16.93
N MET C 450 44.10 -21.68 16.05
CA MET C 450 44.38 -21.59 14.61
C MET C 450 45.57 -20.64 14.41
N ARG C 451 45.66 -19.60 15.23
CA ARG C 451 46.74 -18.59 15.15
C ARG C 451 48.10 -19.25 15.39
N HIS C 452 48.13 -20.38 16.06
CA HIS C 452 49.39 -21.10 16.40
C HIS C 452 50.03 -21.66 15.13
N ALA C 453 49.31 -21.70 14.00
CA ALA C 453 49.87 -22.19 12.71
C ALA C 453 50.72 -21.10 12.04
N PHE C 454 50.64 -19.86 12.53
CA PHE C 454 51.35 -18.71 11.93
C PHE C 454 52.65 -18.48 12.71
N VAL C 455 53.77 -18.78 12.08
CA VAL C 455 55.09 -18.94 12.75
C VAL C 455 56.08 -17.98 12.11
N PRO C 456 57.14 -17.55 12.83
CA PRO C 456 58.22 -16.80 12.21
C PRO C 456 59.17 -17.75 11.47
N PHE C 457 60.08 -17.20 10.66
CA PHE C 457 61.17 -17.95 9.99
C PHE C 457 61.98 -18.62 11.10
N PRO C 458 62.65 -19.75 10.82
CA PRO C 458 63.52 -20.39 11.80
C PRO C 458 64.51 -19.43 12.48
N GLY C 459 64.54 -19.40 13.82
CA GLY C 459 65.36 -18.46 14.62
C GLY C 459 64.60 -17.20 15.00
N GLY C 460 63.61 -16.80 14.21
CA GLY C 460 62.85 -15.55 14.39
C GLY C 460 61.82 -15.60 15.50
N SER C 461 61.23 -14.46 15.82
CA SER C 461 60.07 -14.33 16.74
C SER C 461 58.97 -13.50 16.06
N ILE C 462 57.71 -13.72 16.44
CA ILE C 462 56.58 -12.80 16.13
C ILE C 462 56.55 -11.75 17.23
N LEU C 463 56.52 -10.49 16.86
CA LEU C 463 56.29 -9.35 17.78
C LEU C 463 54.95 -8.72 17.40
N ALA C 464 54.07 -8.57 18.39
CA ALA C 464 52.77 -7.88 18.29
C ALA C 464 52.82 -6.67 19.22
N ALA C 465 52.45 -5.50 18.71
CA ALA C 465 52.27 -4.28 19.49
C ALA C 465 50.86 -3.76 19.24
N ASP C 466 50.07 -3.62 20.28
CA ASP C 466 48.64 -3.22 20.21
C ASP C 466 48.44 -1.95 21.06
N TYR C 467 47.69 -1.01 20.53
CA TYR C 467 47.15 0.15 21.28
C TYR C 467 46.11 -0.37 22.28
N SER C 468 46.26 0.01 23.54
CA SER C 468 45.20 -0.17 24.59
C SER C 468 44.05 0.82 24.39
N GLN C 469 42.88 0.32 24.03
CA GLN C 469 41.60 1.08 23.95
C GLN C 469 41.85 2.38 23.17
N LEU C 470 42.32 2.23 21.92
CA LEU C 470 42.68 3.40 21.07
C LEU C 470 41.41 4.22 20.81
N GLU C 471 40.32 3.55 20.45
CA GLU C 471 39.03 4.21 20.10
C GLU C 471 38.49 4.93 21.34
N LEU C 472 38.67 4.38 22.55
CA LEU C 472 38.21 5.03 23.80
C LEU C 472 39.08 6.26 24.08
N ARG C 473 40.39 6.13 23.85
CA ARG C 473 41.35 7.26 24.11
C ARG C 473 41.03 8.42 23.15
N ILE C 474 40.74 8.11 21.90
CA ILE C 474 40.37 9.13 20.88
C ILE C 474 39.04 9.76 21.28
N LEU C 475 38.06 8.96 21.74
CA LEU C 475 36.72 9.48 22.12
C LEU C 475 36.88 10.41 23.33
N ALA C 476 37.70 10.04 24.33
CA ALA C 476 38.02 10.90 25.49
C ALA C 476 38.55 12.25 24.98
N HIS C 477 39.55 12.20 24.11
CA HIS C 477 40.26 13.39 23.57
C HIS C 477 39.27 14.35 22.89
N LEU C 478 38.29 13.81 22.15
CA LEU C 478 37.39 14.62 21.29
C LEU C 478 36.18 15.13 22.07
N SER C 479 35.83 14.47 23.17
CA SER C 479 34.66 14.82 24.02
C SER C 479 35.12 15.49 25.34
N HIS C 480 36.43 15.47 25.61
CA HIS C 480 37.11 16.03 26.82
C HIS C 480 36.46 15.44 28.08
N ASP C 481 35.85 14.26 27.99
CA ASP C 481 35.05 13.67 29.11
C ASP C 481 36.00 13.34 30.26
N ARG C 482 35.85 14.08 31.38
CA ARG C 482 36.70 14.03 32.59
C ARG C 482 36.63 12.64 33.25
N ARG C 483 35.44 12.00 33.28
CA ARG C 483 35.21 10.66 33.89
C ARG C 483 35.97 9.58 33.11
N LEU C 484 35.88 9.60 31.77
CA LEU C 484 36.52 8.57 30.91
C LEU C 484 38.04 8.72 31.01
N ILE C 485 38.54 9.97 31.06
CA ILE C 485 39.99 10.31 31.21
C ILE C 485 40.52 9.72 32.52
N GLN C 486 39.81 9.90 33.64
CA GLN C 486 40.21 9.35 34.97
C GLN C 486 40.35 7.83 34.84
N VAL C 487 39.31 7.16 34.36
CA VAL C 487 39.24 5.67 34.24
C VAL C 487 40.50 5.18 33.51
N LEU C 488 40.80 5.75 32.34
CA LEU C 488 41.94 5.34 31.47
C LEU C 488 43.29 5.65 32.15
N ASN C 489 43.40 6.80 32.85
CA ASN C 489 44.66 7.31 33.48
C ASN C 489 45.16 6.35 34.56
N THR C 490 44.29 5.78 35.40
CA THR C 490 44.62 4.82 36.48
C THR C 490 43.90 3.50 36.20
N GLY C 491 42.57 3.51 36.31
CA GLY C 491 41.68 2.34 36.33
C GLY C 491 42.23 1.12 35.61
N ALA C 492 41.92 -0.07 36.13
CA ALA C 492 42.24 -1.38 35.51
C ALA C 492 41.34 -1.58 34.28
N ASP C 493 41.10 -2.82 33.87
CA ASP C 493 40.48 -3.13 32.55
C ASP C 493 38.98 -2.80 32.62
N VAL C 494 38.50 -1.93 31.71
CA VAL C 494 37.12 -1.36 31.74
C VAL C 494 36.16 -2.52 31.42
N PHE C 495 36.57 -3.42 30.54
CA PHE C 495 35.73 -4.57 30.09
C PHE C 495 35.59 -5.56 31.25
N ARG C 496 36.61 -5.66 32.11
CA ARG C 496 36.59 -6.48 33.35
C ARG C 496 35.60 -5.86 34.34
N SER C 497 35.68 -4.55 34.62
CA SER C 497 34.73 -3.79 35.48
C SER C 497 33.29 -4.06 35.02
N ILE C 498 33.01 -3.92 33.73
CA ILE C 498 31.64 -4.15 33.16
C ILE C 498 31.21 -5.61 33.39
N ALA C 499 32.08 -6.56 33.07
CA ALA C 499 31.82 -8.02 33.19
C ALA C 499 31.54 -8.38 34.65
N ALA C 500 32.28 -7.79 35.61
CA ALA C 500 32.21 -8.05 37.07
C ALA C 500 30.85 -7.57 37.60
N GLU C 501 30.57 -6.27 37.49
CA GLU C 501 29.25 -5.67 37.86
C GLU C 501 28.12 -6.53 37.28
N TRP C 502 28.21 -6.88 36.00
CA TRP C 502 27.16 -7.61 35.22
C TRP C 502 26.94 -9.02 35.78
N LYS C 503 27.99 -9.82 35.92
CA LYS C 503 27.90 -11.25 36.34
C LYS C 503 28.05 -11.43 37.87
N MET C 504 27.94 -10.33 38.65
CA MET C 504 27.92 -10.33 40.15
C MET C 504 29.21 -10.95 40.70
N ILE C 505 30.39 -10.54 40.19
CA ILE C 505 31.73 -11.16 40.48
C ILE C 505 32.77 -10.04 40.70
N GLU C 506 33.99 -10.36 41.16
CA GLU C 506 35.16 -9.44 41.25
C GLU C 506 35.97 -9.56 39.97
N PRO C 507 36.77 -8.54 39.55
CA PRO C 507 37.47 -8.56 38.25
C PRO C 507 38.13 -9.87 37.76
N GLU C 508 38.72 -10.68 38.65
CA GLU C 508 39.73 -11.69 38.29
C GLU C 508 39.14 -12.92 37.58
N SER C 509 37.85 -13.23 37.73
CA SER C 509 37.18 -14.49 37.31
C SER C 509 36.82 -14.54 35.82
N VAL C 510 36.73 -13.36 35.18
CA VAL C 510 36.30 -13.11 33.77
C VAL C 510 37.05 -14.03 32.81
N GLY C 511 36.33 -14.88 32.05
CA GLY C 511 36.90 -15.69 30.95
C GLY C 511 37.05 -14.85 29.70
N ASP C 512 37.80 -15.32 28.68
CA ASP C 512 37.98 -14.64 27.37
C ASP C 512 36.60 -14.33 26.76
N ASP C 513 35.72 -15.34 26.70
CA ASP C 513 34.42 -15.23 25.98
C ASP C 513 33.60 -14.14 26.67
N LEU C 514 33.60 -14.08 28.01
CA LEU C 514 32.79 -13.10 28.80
C LEU C 514 33.35 -11.69 28.59
N ARG C 515 34.67 -11.55 28.58
CA ARG C 515 35.31 -10.21 28.41
C ARG C 515 34.96 -9.65 27.02
N GLN C 516 34.94 -10.51 26.00
CA GLN C 516 34.51 -10.18 24.62
C GLN C 516 33.03 -9.76 24.64
N GLN C 517 32.16 -10.45 25.40
CA GLN C 517 30.72 -10.04 25.51
C GLN C 517 30.62 -8.62 26.09
N ALA C 518 31.45 -8.30 27.08
CA ALA C 518 31.46 -6.98 27.77
C ALA C 518 32.02 -5.92 26.83
N LYS C 519 33.03 -6.29 26.03
CA LYS C 519 33.65 -5.42 25.01
C LYS C 519 32.56 -5.01 24.02
N GLN C 520 31.77 -5.97 23.54
CA GLN C 520 30.68 -5.77 22.54
C GLN C 520 29.64 -4.82 23.16
N ILE C 521 29.32 -5.00 24.44
CA ILE C 521 28.33 -4.16 25.18
C ILE C 521 28.84 -2.72 25.24
N CYS C 522 30.10 -2.52 25.61
CA CYS C 522 30.68 -1.17 25.84
C CYS C 522 30.75 -0.39 24.52
N TYR C 523 31.36 -0.94 23.47
CA TYR C 523 31.46 -0.27 22.14
C TYR C 523 30.04 -0.16 21.53
N GLY C 524 29.22 -1.18 21.70
CA GLY C 524 27.82 -1.20 21.21
C GLY C 524 27.05 0.01 21.72
N ILE C 525 27.05 0.18 23.04
CA ILE C 525 26.32 1.31 23.69
C ILE C 525 26.88 2.61 23.12
N ILE C 526 28.21 2.78 23.13
CA ILE C 526 28.88 4.04 22.68
C ILE C 526 28.47 4.35 21.24
N TYR C 527 28.28 3.35 20.36
CA TYR C 527 28.06 3.60 18.91
C TYR C 527 26.57 3.44 18.57
N GLY C 528 25.69 3.54 19.57
CA GLY C 528 24.25 3.81 19.39
C GLY C 528 23.38 2.57 19.42
N MET C 529 23.83 1.47 20.02
CA MET C 529 23.02 0.26 20.27
C MET C 529 21.78 0.64 21.08
N GLY C 530 20.63 0.06 20.71
CA GLY C 530 19.31 0.30 21.33
C GLY C 530 18.97 -0.71 22.41
N ALA C 531 17.92 -0.44 23.18
CA ALA C 531 17.53 -1.24 24.36
C ALA C 531 17.15 -2.68 23.95
N LYS C 532 16.35 -2.84 22.88
CA LYS C 532 15.95 -4.16 22.33
C LYS C 532 17.22 -5.05 22.19
N SER C 533 18.19 -4.64 21.37
CA SER C 533 19.44 -5.41 21.11
C SER C 533 20.24 -5.56 22.42
N LEU C 534 20.38 -4.53 23.25
CA LEU C 534 21.25 -4.65 24.46
C LEU C 534 20.63 -5.70 25.39
N GLY C 535 19.30 -5.66 25.51
CA GLY C 535 18.50 -6.73 26.14
C GLY C 535 19.01 -8.13 25.82
N GLU C 536 19.01 -8.54 24.54
CA GLU C 536 19.50 -9.88 24.07
C GLU C 536 20.94 -10.14 24.53
N GLN C 537 21.83 -9.15 24.40
CA GLN C 537 23.29 -9.32 24.70
C GLN C 537 23.47 -9.50 26.20
N MET C 538 22.76 -8.72 27.01
CA MET C 538 22.97 -8.66 28.48
C MET C 538 22.07 -9.73 29.16
N GLY C 539 21.12 -10.29 28.41
CA GLY C 539 20.11 -11.23 28.93
C GLY C 539 19.19 -10.56 29.94
N ILE C 540 18.74 -9.32 29.67
CA ILE C 540 17.80 -8.57 30.54
C ILE C 540 16.67 -8.03 29.67
N LYS C 541 15.56 -7.63 30.31
CA LYS C 541 14.39 -7.01 29.62
C LYS C 541 14.82 -5.68 29.00
N GLU C 542 14.19 -5.29 27.88
CA GLU C 542 14.38 -3.99 27.18
C GLU C 542 14.42 -2.86 28.23
N ASN C 543 13.41 -2.79 29.10
CA ASN C 543 13.25 -1.75 30.17
C ASN C 543 14.50 -1.68 31.06
N ASP C 544 15.12 -2.83 31.32
CA ASP C 544 16.31 -2.95 32.19
C ASP C 544 17.52 -2.41 31.40
N ALA C 545 17.67 -2.84 30.14
CA ALA C 545 18.70 -2.36 29.20
C ALA C 545 18.58 -0.83 29.06
N ALA C 546 17.35 -0.32 28.93
CA ALA C 546 17.01 1.11 28.75
C ALA C 546 17.55 1.94 29.92
N CYS C 547 17.40 1.39 31.12
CA CYS C 547 17.88 2.02 32.39
C CYS C 547 19.41 2.05 32.35
N TYR C 548 20.02 0.93 31.95
CA TYR C 548 21.50 0.75 31.86
C TYR C 548 22.07 1.79 30.89
N ILE C 549 21.41 2.05 29.76
CA ILE C 549 21.85 3.08 28.76
C ILE C 549 21.83 4.46 29.44
N ASP C 550 20.74 4.76 30.17
CA ASP C 550 20.52 6.06 30.86
C ASP C 550 21.68 6.31 31.85
N SER C 551 21.96 5.32 32.70
CA SER C 551 23.08 5.30 33.69
C SER C 551 24.40 5.62 32.98
N PHE C 552 24.73 4.87 31.92
CA PHE C 552 25.96 5.08 31.09
C PHE C 552 25.99 6.51 30.57
N LYS C 553 24.91 6.94 29.89
CA LYS C 553 24.83 8.31 29.28
C LYS C 553 25.07 9.35 30.39
N SER C 554 24.46 9.16 31.57
CA SER C 554 24.51 10.11 32.71
C SER C 554 25.94 10.23 33.26
N ARG C 555 26.65 9.10 33.40
CA ARG C 555 28.03 9.02 33.96
C ARG C 555 29.00 9.80 33.07
N TYR C 556 28.80 9.75 31.74
CA TYR C 556 29.71 10.32 30.73
C TYR C 556 28.97 11.37 29.90
N THR C 557 28.77 12.58 30.46
CA THR C 557 27.95 13.63 29.81
C THR C 557 28.69 14.22 28.61
N GLY C 558 30.02 14.37 28.72
CA GLY C 558 30.92 14.82 27.65
C GLY C 558 30.70 14.04 26.37
N ILE C 559 30.71 12.70 26.47
CA ILE C 559 30.52 11.77 25.33
C ILE C 559 29.22 12.15 24.62
N ASN C 560 28.11 12.22 25.37
CA ASN C 560 26.75 12.45 24.85
C ASN C 560 26.65 13.83 24.19
N GLN C 561 27.39 14.83 24.67
CA GLN C 561 27.40 16.19 24.08
C GLN C 561 28.06 16.09 22.71
N PHE C 562 29.14 15.32 22.61
CA PHE C 562 29.96 15.13 21.38
C PHE C 562 29.15 14.36 20.33
N MET C 563 28.35 13.37 20.73
CA MET C 563 27.41 12.64 19.84
C MET C 563 26.41 13.63 19.20
N THR C 564 25.76 14.49 19.99
CA THR C 564 24.71 15.43 19.47
C THR C 564 25.38 16.53 18.64
N GLU C 565 26.59 16.98 19.03
CA GLU C 565 27.37 18.05 18.35
C GLU C 565 27.90 17.51 17.01
N THR C 566 28.19 16.21 16.93
CA THR C 566 28.69 15.55 15.69
C THR C 566 27.51 15.35 14.73
N VAL C 567 26.34 14.95 15.25
CA VAL C 567 25.13 14.74 14.41
C VAL C 567 24.63 16.09 13.88
N LYS C 568 24.57 17.13 14.72
CA LYS C 568 24.17 18.50 14.31
C LYS C 568 25.07 18.96 13.16
N ASN C 569 26.39 18.84 13.34
CA ASN C 569 27.40 19.36 12.37
C ASN C 569 27.35 18.54 11.09
N CYS C 570 27.04 17.24 11.15
CA CYS C 570 26.94 16.36 9.96
C CYS C 570 25.71 16.74 9.12
N LYS C 571 24.57 16.95 9.77
CA LYS C 571 23.28 17.32 9.14
C LYS C 571 23.49 18.58 8.29
N ARG C 572 24.16 19.59 8.86
CA ARG C 572 24.55 20.88 8.23
C ARG C 572 25.45 20.66 7.01
N ASP C 573 26.54 19.90 7.14
CA ASP C 573 27.68 19.86 6.19
C ASP C 573 27.53 18.73 5.16
N GLY C 574 26.77 17.67 5.47
CA GLY C 574 26.63 16.47 4.63
C GLY C 574 27.80 15.51 4.79
N PHE C 575 28.72 15.73 5.73
CA PHE C 575 29.90 14.86 5.97
C PHE C 575 30.43 14.99 7.41
N VAL C 576 31.35 14.10 7.78
CA VAL C 576 32.16 14.17 9.02
C VAL C 576 33.63 14.07 8.62
N GLN C 577 34.54 14.48 9.50
CA GLN C 577 36.00 14.48 9.25
C GLN C 577 36.71 13.73 10.36
N THR C 578 37.79 13.04 10.00
CA THR C 578 38.68 12.31 10.95
C THR C 578 39.74 13.29 11.45
N ILE C 579 40.60 12.84 12.37
CA ILE C 579 41.71 13.63 12.97
C ILE C 579 42.63 14.18 11.87
N LEU C 580 42.78 13.52 10.72
CA LEU C 580 43.73 13.96 9.65
C LEU C 580 43.01 14.75 8.54
N GLY C 581 41.68 14.88 8.58
CA GLY C 581 40.95 15.76 7.66
C GLY C 581 40.17 14.99 6.61
N ARG C 582 40.25 13.67 6.59
CA ARG C 582 39.53 12.84 5.59
C ARG C 582 38.03 12.99 5.84
N ARG C 583 37.23 13.06 4.76
CA ARG C 583 35.78 13.34 4.82
C ARG C 583 35.00 12.11 4.40
N ARG C 584 33.95 11.79 5.14
CA ARG C 584 33.00 10.73 4.73
C ARG C 584 31.66 11.42 4.52
N TYR C 585 31.07 11.21 3.35
CA TYR C 585 29.80 11.85 2.95
C TYR C 585 28.66 10.92 3.40
N LEU C 586 27.72 11.45 4.17
CA LEU C 586 26.61 10.71 4.81
C LEU C 586 25.30 11.43 4.51
N PRO C 587 24.84 11.42 3.24
CA PRO C 587 23.62 12.13 2.85
C PRO C 587 22.33 11.51 3.42
N GLY C 588 22.41 10.29 3.94
CA GLY C 588 21.36 9.67 4.77
C GLY C 588 21.03 10.48 6.00
N ILE C 589 21.94 11.36 6.45
CA ILE C 589 21.77 12.21 7.67
C ILE C 589 20.52 13.10 7.52
N LYS C 590 20.18 13.57 6.32
CA LYS C 590 19.01 14.47 6.10
C LYS C 590 17.74 13.64 5.86
N ASP C 591 17.88 12.36 5.51
CA ASP C 591 16.75 11.46 5.13
C ASP C 591 15.63 11.53 6.19
N ASN C 592 14.38 11.48 5.71
CA ASN C 592 13.13 11.59 6.52
C ASN C 592 12.85 10.23 7.18
N ASN C 593 13.17 9.13 6.48
CA ASN C 593 13.03 7.75 7.01
C ASN C 593 13.78 7.66 8.33
N PRO C 594 13.11 7.24 9.43
CA PRO C 594 13.77 7.15 10.74
C PRO C 594 15.00 6.22 10.78
N TYR C 595 14.95 5.04 10.13
CA TYR C 595 16.08 4.07 10.12
C TYR C 595 17.30 4.72 9.45
N ARG C 596 17.18 5.07 8.17
CA ARG C 596 18.28 5.62 7.34
C ARG C 596 18.89 6.82 8.08
N LYS C 597 18.08 7.68 8.70
CA LYS C 597 18.58 8.86 9.46
C LYS C 597 19.45 8.35 10.62
N ALA C 598 18.92 7.45 11.44
CA ALA C 598 19.60 6.95 12.66
C ALA C 598 20.88 6.21 12.28
N HIS C 599 20.86 5.42 11.20
CA HIS C 599 22.03 4.67 10.66
C HIS C 599 23.16 5.66 10.35
N ALA C 600 22.83 6.72 9.61
CA ALA C 600 23.75 7.81 9.22
C ALA C 600 24.34 8.49 10.47
N GLU C 601 23.51 8.78 11.47
CA GLU C 601 23.96 9.43 12.74
C GLU C 601 24.98 8.50 13.40
N ARG C 602 24.74 7.19 13.40
CA ARG C 602 25.63 6.18 14.03
C ARG C 602 26.94 6.11 13.24
N GLN C 603 26.84 6.12 11.91
CA GLN C 603 28.02 6.15 11.01
C GLN C 603 28.81 7.44 11.26
N ALA C 604 28.11 8.55 11.48
CA ALA C 604 28.75 9.85 11.69
C ALA C 604 29.69 9.75 12.89
N ILE C 605 29.15 9.32 14.03
CA ILE C 605 29.89 9.21 15.31
C ILE C 605 31.01 8.19 15.12
N ASN C 606 30.69 7.00 14.61
CA ASN C 606 31.65 5.87 14.55
C ASN C 606 32.79 6.20 13.57
N THR C 607 32.47 6.83 12.44
CA THR C 607 33.49 7.14 11.41
C THR C 607 34.56 8.05 12.02
N ILE C 608 34.17 9.09 12.74
CA ILE C 608 35.17 10.02 13.34
C ILE C 608 36.14 9.23 14.24
N VAL C 609 35.64 8.35 15.11
CA VAL C 609 36.50 7.68 16.14
C VAL C 609 37.30 6.56 15.46
N GLN C 610 36.61 5.67 14.74
CA GLN C 610 37.24 4.49 14.09
C GLN C 610 38.20 4.98 13.00
N GLY C 611 37.79 5.98 12.21
CA GLY C 611 38.63 6.56 11.14
C GLY C 611 39.87 7.24 11.68
N SER C 612 39.73 7.98 12.77
CA SER C 612 40.87 8.63 13.47
C SER C 612 41.87 7.57 13.95
N ALA C 613 41.38 6.46 14.51
CA ALA C 613 42.23 5.37 15.03
C ALA C 613 43.04 4.79 13.88
N ALA C 614 42.39 4.63 12.73
CA ALA C 614 42.99 4.04 11.51
C ALA C 614 44.08 4.98 10.99
N ASP C 615 43.89 6.30 11.10
CA ASP C 615 44.89 7.34 10.73
C ASP C 615 46.12 7.19 11.63
N ILE C 616 45.91 7.04 12.95
CA ILE C 616 47.03 6.96 13.93
C ILE C 616 47.86 5.71 13.63
N VAL C 617 47.23 4.58 13.32
CA VAL C 617 47.93 3.29 13.11
C VAL C 617 48.76 3.39 11.81
N LYS C 618 48.18 4.00 10.78
CA LYS C 618 48.89 4.23 9.50
C LYS C 618 50.15 5.08 9.76
N ILE C 619 50.00 6.18 10.50
CA ILE C 619 51.15 7.08 10.80
C ILE C 619 52.21 6.24 11.54
N ALA C 620 51.79 5.47 12.54
CA ALA C 620 52.70 4.61 13.34
C ALA C 620 53.45 3.66 12.39
N THR C 621 52.72 3.01 11.49
CA THR C 621 53.27 1.98 10.57
C THR C 621 54.38 2.63 9.74
N VAL C 622 54.08 3.81 9.19
CA VAL C 622 54.98 4.55 8.27
C VAL C 622 56.24 4.95 9.05
N ASN C 623 56.06 5.49 10.24
CA ASN C 623 57.17 6.00 11.09
C ASN C 623 58.05 4.83 11.58
N ILE C 624 57.47 3.67 11.87
CA ILE C 624 58.26 2.47 12.27
C ILE C 624 59.11 2.05 11.07
N GLN C 625 58.52 2.00 9.88
CA GLN C 625 59.23 1.53 8.66
C GLN C 625 60.44 2.44 8.38
N LYS C 626 60.29 3.76 8.49
CA LYS C 626 61.41 4.74 8.34
C LYS C 626 62.53 4.35 9.30
N GLN C 627 62.23 4.23 10.60
CA GLN C 627 63.21 3.85 11.64
C GLN C 627 63.88 2.52 11.30
N LEU C 628 63.12 1.50 10.94
CA LEU C 628 63.70 0.14 10.65
C LEU C 628 64.71 0.25 9.52
N GLU C 629 64.46 1.12 8.54
CA GLU C 629 65.30 1.24 7.31
C GLU C 629 66.56 2.06 7.61
N THR C 630 66.61 2.87 8.68
CA THR C 630 67.84 3.62 9.07
C THR C 630 68.83 2.63 9.69
N PHE C 631 68.35 1.80 10.63
CA PHE C 631 69.17 0.77 11.33
C PHE C 631 69.35 -0.42 10.40
N HIS C 632 68.89 -0.30 9.15
CA HIS C 632 68.83 -1.38 8.12
C HIS C 632 70.20 -1.48 7.41
N SER C 633 71.09 -2.29 7.99
CA SER C 633 72.28 -2.87 7.31
C SER C 633 71.87 -4.13 6.53
N THR C 634 70.64 -4.16 5.99
CA THR C 634 69.94 -5.39 5.50
C THR C 634 68.73 -5.04 4.63
N PHE C 635 68.11 -6.08 4.05
CA PHE C 635 67.05 -5.99 3.01
C PHE C 635 65.73 -5.56 3.67
N LYS C 636 64.96 -4.72 3.01
CA LYS C 636 63.76 -4.06 3.61
C LYS C 636 62.57 -5.03 3.57
N SER C 637 62.66 -6.17 2.88
CA SER C 637 61.58 -7.20 2.78
C SER C 637 62.22 -8.51 2.37
N HIS C 638 61.54 -9.62 2.60
CA HIS C 638 61.96 -10.94 2.05
C HIS C 638 61.99 -10.88 0.51
N GLY C 639 61.10 -10.12 -0.12
CA GLY C 639 61.06 -9.97 -1.58
C GLY C 639 62.36 -9.36 -2.10
N HIS C 640 62.88 -8.35 -1.40
CA HIS C 640 64.15 -7.68 -1.76
C HIS C 640 65.29 -8.70 -1.80
N ARG C 641 65.18 -9.88 -1.16
CA ARG C 641 66.18 -10.98 -1.33
C ARG C 641 65.85 -11.84 -2.56
N GLU C 642 64.60 -12.30 -2.73
CA GLU C 642 64.16 -12.96 -4.00
C GLU C 642 64.61 -12.13 -5.21
N GLY C 643 64.19 -10.84 -5.30
CA GLY C 643 64.47 -9.90 -6.41
C GLY C 643 65.97 -9.56 -6.53
N MET C 644 66.76 -9.81 -5.48
CA MET C 644 68.24 -9.63 -5.45
C MET C 644 68.89 -10.56 -6.49
N CYS C 663 74.78 -15.18 4.99
CA CYS C 663 74.21 -13.82 5.23
C CYS C 663 72.87 -13.95 5.95
N PRO C 664 72.86 -14.21 7.28
CA PRO C 664 71.62 -14.49 8.02
C PRO C 664 70.61 -13.34 8.01
N ILE C 665 69.34 -13.63 8.30
CA ILE C 665 68.24 -12.63 8.35
C ILE C 665 68.44 -11.73 9.57
N ARG C 666 68.36 -10.42 9.37
CA ARG C 666 68.38 -9.42 10.45
C ARG C 666 67.21 -8.47 10.24
N GLY C 667 66.74 -7.87 11.33
CA GLY C 667 65.72 -6.81 11.32
C GLY C 667 64.33 -7.33 11.57
N GLY C 668 63.35 -6.47 11.27
CA GLY C 668 61.92 -6.69 11.54
C GLY C 668 61.14 -6.52 10.25
N PHE C 669 60.23 -7.45 10.00
CA PHE C 669 59.46 -7.56 8.75
C PHE C 669 57.98 -7.44 9.10
N PHE C 670 57.33 -6.40 8.58
CA PHE C 670 55.88 -6.15 8.75
C PHE C 670 55.13 -7.32 8.10
N ILE C 671 54.38 -8.10 8.89
CA ILE C 671 53.73 -9.33 8.36
C ILE C 671 52.20 -9.22 8.42
N LEU C 672 51.61 -8.40 9.30
CA LEU C 672 50.14 -8.35 9.44
C LEU C 672 49.70 -7.07 10.16
N GLN C 673 48.57 -6.54 9.73
CA GLN C 673 47.90 -5.42 10.42
C GLN C 673 46.58 -5.97 10.96
N LEU C 674 46.24 -5.62 12.20
CA LEU C 674 45.00 -6.03 12.89
C LEU C 674 44.31 -4.81 13.50
N HIS C 675 44.20 -3.71 12.77
CA HIS C 675 43.33 -2.55 13.07
C HIS C 675 43.95 -1.65 14.14
N ASP C 676 44.24 -2.18 15.32
CA ASP C 676 44.94 -1.39 16.38
C ASP C 676 46.22 -2.11 16.78
N GLU C 677 46.70 -3.02 15.96
CA GLU C 677 47.78 -3.98 16.35
C GLU C 677 48.65 -4.25 15.11
N LEU C 678 49.97 -4.20 15.25
CA LEU C 678 50.95 -4.45 14.18
C LEU C 678 51.73 -5.72 14.54
N LEU C 679 51.87 -6.65 13.61
CA LEU C 679 52.72 -7.85 13.77
C LEU C 679 53.96 -7.69 12.90
N TYR C 680 55.12 -7.95 13.49
CA TYR C 680 56.43 -8.04 12.83
C TYR C 680 57.04 -9.40 13.11
N GLU C 681 57.71 -9.94 12.12
CA GLU C 681 58.58 -11.14 12.22
C GLU C 681 59.99 -10.61 12.44
N VAL C 682 60.69 -11.02 13.51
CA VAL C 682 61.94 -10.34 13.93
C VAL C 682 63.03 -11.36 14.22
N ALA C 683 64.24 -11.13 13.70
CA ALA C 683 65.43 -11.97 13.98
C ALA C 683 65.73 -11.93 15.49
N GLU C 684 66.10 -13.07 16.05
CA GLU C 684 66.36 -13.27 17.53
C GLU C 684 67.17 -12.10 18.11
N GLU C 685 68.27 -11.73 17.44
CA GLU C 685 69.27 -10.71 17.88
C GLU C 685 68.61 -9.32 17.96
N ASP C 686 67.52 -9.09 17.23
CA ASP C 686 67.06 -7.71 16.99
C ASP C 686 65.76 -7.45 17.75
N VAL C 687 65.23 -8.41 18.50
CA VAL C 687 63.87 -8.30 19.10
C VAL C 687 63.83 -7.17 20.12
N VAL C 688 64.87 -6.99 20.93
CA VAL C 688 64.91 -5.92 21.96
C VAL C 688 64.81 -4.57 21.26
N GLN C 689 65.65 -4.32 20.26
CA GLN C 689 65.79 -3.01 19.56
C GLN C 689 64.50 -2.72 18.79
N VAL C 690 63.98 -3.70 18.04
CA VAL C 690 62.74 -3.55 17.24
C VAL C 690 61.54 -3.29 18.18
N ALA C 691 61.47 -3.96 19.32
CA ALA C 691 60.37 -3.77 20.31
C ALA C 691 60.38 -2.32 20.81
N GLN C 692 61.56 -1.77 21.11
CA GLN C 692 61.74 -0.37 21.58
C GLN C 692 61.26 0.60 20.49
N ILE C 693 61.75 0.43 19.26
CA ILE C 693 61.38 1.28 18.08
C ILE C 693 59.86 1.25 17.90
N VAL C 694 59.26 0.04 17.86
CA VAL C 694 57.81 -0.13 17.58
C VAL C 694 57.00 0.60 18.64
N LYS C 695 57.31 0.36 19.93
CA LYS C 695 56.58 0.96 21.09
C LYS C 695 56.75 2.48 21.08
N ASN C 696 57.98 2.97 20.95
CA ASN C 696 58.29 4.41 20.96
C ASN C 696 57.47 5.10 19.85
N GLU C 697 57.52 4.58 18.62
CA GLU C 697 56.89 5.19 17.42
C GLU C 697 55.37 5.12 17.52
N MET C 698 54.81 4.07 18.12
CA MET C 698 53.33 3.93 18.26
C MET C 698 52.82 4.91 19.32
N GLU C 699 53.58 5.11 20.42
CA GLU C 699 53.23 6.02 21.56
C GLU C 699 53.39 7.49 21.15
N SER C 700 54.27 7.79 20.18
CA SER C 700 54.58 9.16 19.67
C SER C 700 53.82 9.47 18.38
N ALA C 701 52.99 8.57 17.85
CA ALA C 701 52.37 8.72 16.51
C ALA C 701 51.69 10.09 16.41
N VAL C 702 50.87 10.42 17.40
CA VAL C 702 50.19 11.75 17.54
C VAL C 702 50.17 12.12 19.02
N LYS C 703 49.92 13.40 19.31
CA LYS C 703 49.76 13.93 20.70
C LYS C 703 48.26 14.16 20.93
N LEU C 704 47.67 13.44 21.89
CA LEU C 704 46.26 13.61 22.34
C LEU C 704 46.27 14.16 23.78
N SER C 705 45.08 14.41 24.34
CA SER C 705 44.84 14.82 25.75
C SER C 705 45.29 13.70 26.69
N VAL C 706 45.30 12.46 26.22
CA VAL C 706 45.66 11.24 27.00
C VAL C 706 46.88 10.58 26.35
N LYS C 707 47.62 9.79 27.12
CA LYS C 707 48.76 8.96 26.63
C LYS C 707 48.19 7.81 25.79
N LEU C 708 48.83 7.55 24.64
CA LEU C 708 48.56 6.33 23.83
C LEU C 708 49.37 5.19 24.44
N LYS C 709 48.70 4.31 25.19
CA LYS C 709 49.35 3.16 25.87
C LYS C 709 49.55 2.04 24.84
N VAL C 710 50.70 1.39 24.87
CA VAL C 710 51.05 0.25 23.95
C VAL C 710 51.53 -0.95 24.80
N LYS C 711 50.91 -2.11 24.62
CA LYS C 711 51.39 -3.44 25.08
C LYS C 711 52.16 -4.09 23.91
N VAL C 712 53.34 -4.61 24.20
CA VAL C 712 54.15 -5.44 23.28
C VAL C 712 54.14 -6.89 23.78
N LYS C 713 53.94 -7.84 22.88
CA LYS C 713 54.03 -9.30 23.15
C LYS C 713 55.01 -9.89 22.13
N ILE C 714 55.48 -11.10 22.41
CA ILE C 714 56.49 -11.80 21.58
C ILE C 714 56.30 -13.31 21.73
N GLY C 715 56.65 -14.08 20.72
CA GLY C 715 56.39 -15.54 20.75
C GLY C 715 56.84 -16.26 19.51
N ALA C 716 56.80 -17.59 19.57
CA ALA C 716 57.22 -18.47 18.46
C ALA C 716 56.02 -18.73 17.54
N SER C 717 54.87 -18.12 17.83
CA SER C 717 53.68 -18.17 16.96
C SER C 717 52.73 -17.04 17.36
N TRP C 718 51.83 -16.69 16.45
CA TRP C 718 50.78 -15.67 16.65
C TRP C 718 49.88 -16.15 17.80
N GLY C 719 49.76 -17.47 17.95
CA GLY C 719 48.87 -18.10 18.94
C GLY C 719 49.47 -18.11 20.33
N GLU C 720 50.79 -18.08 20.47
CA GLU C 720 51.49 -18.23 21.78
C GLU C 720 52.30 -16.97 22.08
N LEU C 721 51.68 -15.79 22.04
CA LEU C 721 52.39 -14.52 22.31
C LEU C 721 52.39 -14.29 23.81
N LYS C 722 53.53 -13.86 24.35
CA LYS C 722 53.71 -13.60 25.80
C LYS C 722 54.05 -12.12 25.97
N ASP C 723 53.51 -11.50 27.03
CA ASP C 723 53.85 -10.12 27.48
C ASP C 723 55.37 -9.98 27.53
N PHE C 724 55.86 -8.84 27.06
CA PHE C 724 57.28 -8.47 26.96
C PHE C 724 57.40 -7.01 27.40
N ASP C 725 57.99 -6.78 28.57
CA ASP C 725 58.19 -5.44 29.19
C ASP C 725 59.30 -4.73 28.42
N VAL C 726 58.98 -3.57 27.82
CA VAL C 726 59.94 -2.78 26.98
C VAL C 726 60.26 -1.48 27.71
N SER D 5 -76.71 -21.50 1.88
CA SER D 5 -75.85 -20.72 0.93
C SER D 5 -74.37 -21.12 1.05
N LEU D 6 -73.94 -21.69 2.17
CA LEU D 6 -72.53 -21.70 2.67
C LEU D 6 -72.65 -21.80 4.18
N SER D 7 -71.84 -22.65 4.82
CA SER D 7 -71.66 -22.64 6.31
C SER D 7 -70.22 -22.30 6.75
N ILE D 8 -70.14 -21.34 7.65
CA ILE D 8 -68.88 -20.70 8.12
C ILE D 8 -68.69 -21.08 9.59
N ILE D 9 -67.70 -21.92 9.89
CA ILE D 9 -67.33 -22.35 11.26
C ILE D 9 -66.26 -21.38 11.76
N ASP D 10 -66.59 -20.58 12.77
CA ASP D 10 -65.66 -19.64 13.46
C ASP D 10 -64.85 -20.43 14.49
N VAL D 11 -63.70 -20.98 14.07
CA VAL D 11 -62.91 -21.97 14.84
C VAL D 11 -62.36 -21.30 16.10
N ALA D 12 -62.13 -19.98 16.10
CA ALA D 12 -61.53 -19.22 17.21
C ALA D 12 -62.57 -18.77 18.24
N SER D 13 -63.83 -19.20 18.11
CA SER D 13 -64.94 -18.76 19.00
C SER D 13 -64.96 -19.63 20.26
N ASP D 14 -64.30 -20.79 20.22
CA ASP D 14 -64.32 -21.77 21.33
C ASP D 14 -63.04 -22.61 21.29
N GLN D 15 -62.29 -22.66 22.40
CA GLN D 15 -61.01 -23.42 22.60
C GLN D 15 -61.21 -24.84 22.09
N ASN D 16 -62.32 -25.48 22.46
CA ASN D 16 -62.60 -26.91 22.16
C ASN D 16 -62.78 -27.11 20.65
N LEU D 17 -63.55 -26.23 20.00
CA LEU D 17 -63.80 -26.27 18.52
C LEU D 17 -62.48 -26.05 17.79
N PHE D 18 -61.66 -25.13 18.30
CA PHE D 18 -60.34 -24.74 17.73
C PHE D 18 -59.40 -25.96 17.64
N GLN D 19 -59.25 -26.72 18.72
CA GLN D 19 -58.32 -27.88 18.81
C GLN D 19 -58.83 -29.00 17.91
N THR D 20 -60.16 -29.21 17.86
CA THR D 20 -60.79 -30.20 16.95
C THR D 20 -60.45 -29.84 15.51
N PHE D 21 -60.62 -28.56 15.15
CA PHE D 21 -60.25 -28.01 13.82
C PHE D 21 -58.75 -28.23 13.58
N ILE D 22 -57.89 -27.91 14.55
CA ILE D 22 -56.41 -28.01 14.36
C ILE D 22 -56.05 -29.48 14.13
N LYS D 23 -56.59 -30.38 14.95
CA LYS D 23 -56.35 -31.84 14.79
C LYS D 23 -56.76 -32.29 13.39
N GLU D 24 -57.97 -31.95 12.92
CA GLU D 24 -58.46 -32.32 11.55
C GLU D 24 -57.54 -31.71 10.48
N TRP D 25 -57.27 -30.42 10.59
CA TRP D 25 -56.40 -29.70 9.60
C TRP D 25 -55.09 -30.45 9.47
N ARG D 26 -54.47 -30.88 10.57
CA ARG D 26 -53.11 -31.49 10.55
C ARG D 26 -53.14 -32.83 9.79
N CYS D 27 -54.31 -33.47 9.68
CA CYS D 27 -54.50 -34.73 8.91
C CYS D 27 -54.61 -34.52 7.38
N LYS D 28 -54.86 -33.30 6.89
CA LYS D 28 -55.32 -33.10 5.49
C LYS D 28 -54.13 -33.11 4.55
N LYS D 29 -54.26 -33.79 3.41
CA LYS D 29 -53.27 -33.77 2.32
C LYS D 29 -53.63 -32.65 1.32
N ARG D 30 -54.83 -32.09 1.38
CA ARG D 30 -55.28 -31.05 0.42
C ARG D 30 -56.26 -30.12 1.11
N PHE D 31 -56.11 -28.82 0.89
CA PHE D 31 -57.06 -27.80 1.37
C PHE D 31 -56.78 -26.52 0.60
N SER D 32 -57.78 -25.65 0.64
CA SER D 32 -57.70 -24.29 0.08
C SER D 32 -57.56 -23.34 1.25
N ILE D 33 -56.90 -22.20 1.04
CA ILE D 33 -56.97 -21.05 1.96
C ILE D 33 -57.32 -19.84 1.11
N SER D 34 -57.94 -18.89 1.77
CA SER D 34 -58.17 -17.55 1.23
C SER D 34 -57.98 -16.56 2.37
N LEU D 35 -57.16 -15.53 2.13
CA LEU D 35 -56.91 -14.43 3.09
C LEU D 35 -58.10 -13.49 3.08
N ALA D 36 -58.49 -13.00 4.25
CA ALA D 36 -59.55 -12.00 4.42
C ALA D 36 -58.87 -10.66 4.65
N CYS D 37 -58.97 -9.74 3.70
CA CYS D 37 -58.54 -8.33 3.85
C CYS D 37 -59.78 -7.44 3.87
N GLU D 38 -59.79 -6.44 4.75
CA GLU D 38 -60.82 -5.39 4.92
C GLU D 38 -60.14 -4.03 5.03
N LYS D 39 -60.87 -2.96 4.71
CA LYS D 39 -60.45 -1.57 5.00
C LYS D 39 -60.67 -1.31 6.48
N ILE D 40 -59.84 -0.44 7.07
CA ILE D 40 -59.85 -0.15 8.54
C ILE D 40 -61.23 0.39 8.97
N ASP D 68 -55.28 -3.98 17.01
CA ASP D 68 -56.08 -5.06 17.67
C ASP D 68 -56.91 -5.82 16.62
N ASP D 69 -57.16 -5.19 15.47
CA ASP D 69 -58.22 -5.64 14.53
C ASP D 69 -57.61 -6.27 13.28
N GLY D 70 -56.28 -6.46 13.22
CA GLY D 70 -55.60 -7.27 12.19
C GLY D 70 -54.23 -6.72 11.82
N PHE D 71 -53.62 -7.27 10.77
CA PHE D 71 -52.24 -6.97 10.34
C PHE D 71 -52.23 -5.99 9.17
N PRO D 72 -51.65 -4.77 9.30
CA PRO D 72 -51.45 -3.92 8.12
C PRO D 72 -50.70 -4.62 6.98
N ILE D 73 -51.02 -4.24 5.76
CA ILE D 73 -50.40 -4.78 4.50
C ILE D 73 -49.38 -3.75 4.01
N LYS D 74 -48.16 -4.17 3.68
CA LYS D 74 -47.11 -3.28 3.13
C LYS D 74 -47.55 -2.75 1.77
N GLY D 75 -47.73 -1.44 1.68
CA GLY D 75 -48.08 -0.74 0.42
C GLY D 75 -49.48 -0.18 0.40
N CYS D 76 -50.31 -0.56 1.39
CA CYS D 76 -51.71 -0.09 1.55
C CYS D 76 -51.99 0.35 3.00
N ASP D 77 -52.06 1.66 3.25
CA ASP D 77 -52.30 2.24 4.59
C ASP D 77 -53.78 2.07 4.97
N ASP D 78 -54.58 1.40 4.12
CA ASP D 78 -56.07 1.41 4.18
C ASP D 78 -56.65 0.08 4.70
N THR D 79 -55.94 -1.03 4.40
CA THR D 79 -56.41 -2.45 4.42
C THR D 79 -55.68 -3.25 5.49
N LEU D 80 -56.38 -4.20 6.12
CA LEU D 80 -55.83 -5.15 7.12
C LEU D 80 -56.10 -6.58 6.68
N VAL D 81 -55.18 -7.51 6.91
CA VAL D 81 -55.47 -8.96 6.97
C VAL D 81 -56.16 -9.21 8.31
N VAL D 82 -57.43 -9.63 8.30
CA VAL D 82 -58.23 -9.82 9.53
C VAL D 82 -58.40 -11.32 9.81
N GLY D 83 -58.13 -12.16 8.83
CA GLY D 83 -58.27 -13.61 9.03
C GLY D 83 -57.98 -14.36 7.75
N LEU D 84 -58.30 -15.65 7.74
CA LEU D 84 -58.28 -16.49 6.53
C LEU D 84 -59.31 -17.60 6.69
N ALA D 85 -59.76 -18.15 5.57
CA ALA D 85 -60.74 -19.25 5.50
C ALA D 85 -60.03 -20.48 4.95
N VAL D 86 -60.40 -21.65 5.44
CA VAL D 86 -59.85 -22.95 5.03
C VAL D 86 -61.00 -23.80 4.55
N CYS D 87 -60.79 -24.52 3.46
CA CYS D 87 -61.81 -25.47 2.95
C CYS D 87 -61.09 -26.75 2.57
N TRP D 88 -61.67 -27.89 2.95
CA TRP D 88 -61.14 -29.22 2.53
C TRP D 88 -62.29 -30.13 2.04
N GLY D 89 -63.40 -29.54 1.59
CA GLY D 89 -64.47 -30.27 0.90
C GLY D 89 -65.82 -29.62 1.09
N GLY D 90 -66.76 -29.90 0.19
CA GLY D 90 -68.17 -29.49 0.30
C GLY D 90 -68.30 -27.99 0.33
N ARG D 91 -69.21 -27.46 1.16
CA ARG D 91 -69.55 -26.04 1.25
C ARG D 91 -69.35 -25.58 2.70
N ASP D 92 -68.40 -26.21 3.40
CA ASP D 92 -67.93 -25.81 4.74
C ASP D 92 -66.63 -25.02 4.62
N ALA D 93 -66.66 -23.76 5.05
CA ALA D 93 -65.50 -22.86 5.21
C ALA D 93 -65.17 -22.73 6.70
N TYR D 94 -63.92 -22.97 7.11
CA TYR D 94 -63.45 -22.77 8.50
C TYR D 94 -62.79 -21.40 8.52
N TYR D 95 -63.43 -20.42 9.14
CA TYR D 95 -62.88 -19.06 9.22
C TYR D 95 -62.04 -18.91 10.49
N PHE D 96 -60.78 -18.54 10.30
CA PHE D 96 -59.70 -18.48 11.31
C PHE D 96 -59.36 -17.01 11.48
N SER D 97 -59.90 -16.38 12.51
CA SER D 97 -59.71 -14.94 12.80
C SER D 97 -58.29 -14.67 13.31
N LEU D 98 -57.73 -13.55 12.87
CA LEU D 98 -56.38 -13.06 13.24
C LEU D 98 -56.51 -11.69 13.91
N GLN D 99 -57.64 -11.43 14.56
CA GLN D 99 -57.88 -10.18 15.30
C GLN D 99 -57.62 -10.41 16.80
N LYS D 100 -56.89 -9.50 17.45
CA LYS D 100 -56.67 -9.56 18.92
C LYS D 100 -58.03 -9.46 19.63
N VAL D 112 -72.20 -10.75 13.80
CA VAL D 112 -72.41 -11.77 12.73
C VAL D 112 -71.66 -13.05 13.14
N PRO D 113 -70.30 -13.05 13.18
CA PRO D 113 -69.53 -14.13 13.84
C PRO D 113 -69.71 -14.09 15.36
N PRO D 114 -69.69 -15.26 16.06
CA PRO D 114 -69.52 -15.29 17.51
C PRO D 114 -68.12 -14.76 17.90
N SER D 115 -67.91 -14.30 19.14
CA SER D 115 -66.70 -13.55 19.57
C SER D 115 -65.51 -14.50 19.70
N LEU D 116 -64.31 -13.94 19.97
CA LEU D 116 -63.06 -14.72 20.21
C LEU D 116 -63.03 -15.25 21.65
N ASP D 117 -62.82 -16.56 21.79
CA ASP D 117 -62.40 -17.21 23.05
C ASP D 117 -61.09 -16.58 23.52
N PRO D 118 -61.09 -15.85 24.66
CA PRO D 118 -59.92 -15.08 25.07
C PRO D 118 -58.70 -15.90 25.53
N SER D 119 -58.87 -17.21 25.83
CA SER D 119 -57.76 -18.16 26.10
C SER D 119 -56.95 -18.41 24.82
N LEU D 120 -57.52 -18.15 23.64
CA LEU D 120 -56.80 -18.27 22.34
C LEU D 120 -56.16 -16.93 21.98
N THR D 121 -55.00 -16.65 22.58
CA THR D 121 -54.23 -15.42 22.26
C THR D 121 -53.90 -15.40 20.77
N LEU D 122 -53.67 -14.22 20.24
CA LEU D 122 -53.22 -14.02 18.84
C LEU D 122 -51.92 -14.82 18.63
N LYS D 123 -50.97 -14.71 19.57
CA LYS D 123 -49.67 -15.45 19.53
C LYS D 123 -49.97 -16.95 19.40
N ASP D 124 -50.84 -17.53 20.24
CA ASP D 124 -51.22 -18.97 20.14
C ASP D 124 -51.78 -19.28 18.73
N ARG D 125 -52.67 -18.43 18.19
CA ARG D 125 -53.30 -18.66 16.86
C ARG D 125 -52.20 -18.63 15.80
N MET D 126 -51.30 -17.65 15.88
CA MET D 126 -50.21 -17.50 14.87
C MET D 126 -49.30 -18.72 14.95
N TRP D 127 -49.04 -19.24 16.13
CA TRP D 127 -48.28 -20.50 16.24
C TRP D 127 -48.98 -21.59 15.40
N TYR D 128 -50.27 -21.85 15.69
CA TYR D 128 -51.04 -23.00 15.12
C TYR D 128 -51.19 -22.77 13.61
N LEU D 129 -51.35 -21.51 13.21
CA LEU D 129 -51.37 -21.15 11.78
C LEU D 129 -50.04 -21.54 11.13
N GLN D 130 -48.89 -21.11 11.66
CA GLN D 130 -47.57 -21.39 11.03
C GLN D 130 -47.36 -22.91 11.00
N SER D 131 -47.79 -23.61 12.06
CA SER D 131 -47.62 -25.07 12.19
C SER D 131 -48.34 -25.80 11.06
N CYS D 132 -49.55 -25.38 10.69
CA CYS D 132 -50.38 -26.09 9.69
C CYS D 132 -49.96 -25.69 8.28
N LEU D 133 -49.25 -24.57 8.11
CA LEU D 133 -48.87 -24.05 6.79
C LEU D 133 -47.40 -24.38 6.48
N ARG D 134 -46.67 -25.11 7.34
CA ARG D 134 -45.25 -25.49 7.10
C ARG D 134 -45.14 -27.03 7.04
N LYS D 135 -44.37 -27.57 6.07
CA LYS D 135 -44.21 -29.03 5.79
C LYS D 135 -43.51 -29.73 6.95
N GLU D 136 -43.92 -30.97 7.24
CA GLU D 136 -43.16 -31.96 8.04
C GLU D 136 -42.34 -32.81 7.04
N SER D 137 -41.52 -33.75 7.52
CA SER D 137 -40.63 -34.60 6.69
C SER D 137 -41.38 -35.80 6.11
N ASP D 138 -41.39 -35.93 4.77
CA ASP D 138 -41.99 -37.05 3.99
C ASP D 138 -43.53 -36.98 4.05
N LYS D 139 -44.10 -35.77 3.91
CA LYS D 139 -45.56 -35.49 4.03
C LYS D 139 -46.01 -34.66 2.82
N GLU D 140 -46.57 -35.32 1.81
CA GLU D 140 -47.18 -34.69 0.59
C GLU D 140 -48.45 -33.93 1.00
N CYS D 141 -48.41 -32.61 0.87
CA CYS D 141 -49.48 -31.68 1.31
C CYS D 141 -49.61 -30.52 0.31
N SER D 142 -50.81 -30.28 -0.22
CA SER D 142 -51.06 -29.29 -1.28
C SER D 142 -52.06 -28.25 -0.77
N VAL D 143 -51.71 -26.98 -0.93
CA VAL D 143 -52.60 -25.82 -0.61
C VAL D 143 -53.02 -25.17 -1.95
N VAL D 144 -54.32 -24.97 -2.11
CA VAL D 144 -54.95 -24.31 -3.28
C VAL D 144 -55.20 -22.85 -2.91
N ILE D 145 -54.56 -21.94 -3.64
CA ILE D 145 -54.70 -20.46 -3.41
C ILE D 145 -54.92 -19.79 -4.75
N TYR D 146 -56.06 -19.12 -4.89
CA TYR D 146 -56.30 -18.18 -6.01
C TYR D 146 -55.31 -17.01 -5.88
N ASP D 147 -54.55 -16.77 -6.95
CA ASP D 147 -53.48 -15.71 -6.97
C ASP D 147 -52.48 -16.04 -5.88
N PHE D 148 -51.86 -17.19 -6.03
CA PHE D 148 -50.81 -17.69 -5.12
C PHE D 148 -49.79 -16.58 -4.78
N ILE D 149 -49.24 -15.90 -5.79
CA ILE D 149 -48.10 -14.97 -5.59
C ILE D 149 -48.52 -13.84 -4.65
N GLN D 150 -49.66 -13.20 -4.91
CA GLN D 150 -50.07 -12.07 -4.06
C GLN D 150 -50.33 -12.57 -2.62
N SER D 151 -50.83 -13.79 -2.45
CA SER D 151 -51.18 -14.33 -1.12
C SER D 151 -49.90 -14.69 -0.37
N TYR D 152 -48.95 -15.33 -1.05
CA TYR D 152 -47.63 -15.68 -0.47
C TYR D 152 -46.97 -14.42 0.10
N LYS D 153 -47.07 -13.31 -0.63
CA LYS D 153 -46.37 -12.05 -0.25
C LYS D 153 -47.06 -11.44 0.97
N ILE D 154 -48.39 -11.38 0.97
CA ILE D 154 -49.12 -10.79 2.11
C ILE D 154 -48.87 -11.65 3.37
N LEU D 155 -48.88 -12.97 3.26
CA LEU D 155 -48.64 -13.86 4.42
C LEU D 155 -47.24 -13.59 4.96
N LEU D 156 -46.25 -13.42 4.10
CA LEU D 156 -44.84 -13.18 4.51
C LEU D 156 -44.72 -11.80 5.13
N LEU D 157 -45.13 -10.73 4.43
CA LEU D 157 -44.86 -9.33 4.82
C LEU D 157 -45.80 -8.88 5.93
N SER D 158 -47.07 -9.32 5.93
CA SER D 158 -48.07 -8.84 6.89
C SER D 158 -48.08 -9.69 8.15
N CYS D 159 -48.02 -11.01 8.02
CA CYS D 159 -48.24 -11.98 9.13
C CYS D 159 -46.93 -12.67 9.52
N GLY D 160 -45.85 -12.49 8.76
CA GLY D 160 -44.54 -13.10 9.06
C GLY D 160 -44.57 -14.61 8.86
N ILE D 161 -45.42 -15.09 7.96
CA ILE D 161 -45.56 -16.54 7.69
C ILE D 161 -45.06 -16.83 6.27
N SER D 162 -44.16 -17.80 6.16
CA SER D 162 -43.62 -18.32 4.87
C SER D 162 -44.27 -19.68 4.64
N LEU D 163 -45.19 -19.76 3.67
CA LEU D 163 -45.80 -21.03 3.21
C LEU D 163 -44.66 -22.01 2.87
N GLU D 164 -44.75 -23.26 3.31
CA GLU D 164 -43.78 -24.33 2.96
C GLU D 164 -44.57 -25.63 2.72
N GLN D 165 -45.25 -25.68 1.58
CA GLN D 165 -45.98 -26.87 1.06
C GLN D 165 -45.98 -26.81 -0.47
N SER D 166 -46.59 -27.78 -1.14
CA SER D 166 -46.89 -27.73 -2.59
C SER D 166 -48.07 -26.77 -2.81
N TYR D 167 -47.97 -25.93 -3.81
CA TYR D 167 -49.00 -24.91 -4.14
C TYR D 167 -49.66 -25.30 -5.46
N GLU D 168 -50.93 -24.95 -5.51
CA GLU D 168 -51.82 -25.10 -6.68
C GLU D 168 -52.64 -23.82 -6.82
N ASP D 169 -52.47 -23.07 -7.90
CA ASP D 169 -53.27 -21.87 -8.24
C ASP D 169 -54.17 -22.22 -9.42
N PRO D 170 -55.51 -22.18 -9.24
CA PRO D 170 -56.42 -22.45 -10.35
C PRO D 170 -56.21 -21.51 -11.56
N LYS D 171 -55.79 -20.25 -11.35
CA LYS D 171 -55.46 -19.30 -12.46
C LYS D 171 -54.42 -19.94 -13.38
N VAL D 172 -53.41 -20.59 -12.80
CA VAL D 172 -52.26 -21.14 -13.59
C VAL D 172 -52.72 -22.38 -14.33
N ALA D 173 -53.55 -23.21 -13.69
CA ALA D 173 -54.16 -24.41 -14.29
C ALA D 173 -54.99 -24.01 -15.51
N CYS D 174 -55.81 -22.96 -15.42
CA CYS D 174 -56.63 -22.44 -16.55
C CYS D 174 -55.71 -22.10 -17.72
N TRP D 175 -54.66 -21.32 -17.46
CA TRP D 175 -53.67 -20.92 -18.46
C TRP D 175 -53.11 -22.17 -19.15
N LEU D 176 -52.79 -23.17 -18.36
CA LEU D 176 -52.11 -24.40 -18.84
C LEU D 176 -53.06 -25.15 -19.77
N LEU D 177 -54.38 -25.05 -19.57
CA LEU D 177 -55.37 -25.76 -20.41
C LEU D 177 -55.64 -25.01 -21.71
N ASP D 178 -55.55 -23.69 -21.72
CA ASP D 178 -55.70 -22.86 -22.95
C ASP D 178 -54.96 -21.55 -22.77
N PRO D 179 -53.71 -21.45 -23.28
CA PRO D 179 -52.87 -20.27 -23.03
C PRO D 179 -53.43 -18.99 -23.66
N ASP D 180 -54.32 -19.11 -24.65
CA ASP D 180 -54.92 -17.96 -25.40
C ASP D 180 -56.25 -17.54 -24.76
N SER D 181 -56.71 -18.25 -23.72
CA SER D 181 -57.94 -17.91 -22.97
C SER D 181 -57.75 -16.52 -22.36
N GLN D 182 -58.84 -15.83 -22.05
CA GLN D 182 -58.73 -14.51 -21.38
C GLN D 182 -58.26 -14.80 -19.95
N GLU D 183 -57.46 -13.91 -19.35
CA GLU D 183 -57.04 -14.02 -17.93
C GLU D 183 -58.24 -14.43 -17.11
N PRO D 184 -58.16 -15.51 -16.30
CA PRO D 184 -59.29 -15.91 -15.46
C PRO D 184 -59.55 -14.93 -14.30
N THR D 185 -60.83 -14.75 -13.95
CA THR D 185 -61.26 -14.09 -12.71
C THR D 185 -61.93 -15.19 -11.88
N LEU D 186 -62.26 -14.94 -10.62
CA LEU D 186 -63.05 -15.94 -9.85
C LEU D 186 -64.40 -16.15 -10.56
N HIS D 187 -64.98 -15.08 -11.10
CA HIS D 187 -66.29 -15.11 -11.82
C HIS D 187 -66.20 -15.98 -13.06
N SER D 188 -65.16 -15.89 -13.87
CA SER D 188 -64.99 -16.71 -15.10
C SER D 188 -64.76 -18.18 -14.72
N ILE D 189 -63.99 -18.45 -13.68
CA ILE D 189 -63.74 -19.85 -13.22
C ILE D 189 -65.08 -20.46 -12.79
N VAL D 190 -65.85 -19.75 -11.98
CA VAL D 190 -67.14 -20.27 -11.47
C VAL D 190 -68.12 -20.40 -12.64
N THR D 191 -68.14 -19.44 -13.55
CA THR D 191 -68.98 -19.51 -14.78
C THR D 191 -68.66 -20.83 -15.53
N SER D 192 -67.39 -21.12 -15.81
CA SER D 192 -66.96 -22.27 -16.65
C SER D 192 -67.03 -23.62 -15.92
N PHE D 193 -66.68 -23.67 -14.63
CA PHE D 193 -66.42 -24.94 -13.92
C PHE D 193 -67.40 -25.15 -12.77
N LEU D 194 -68.11 -24.14 -12.29
CA LEU D 194 -68.98 -24.31 -11.09
C LEU D 194 -70.23 -23.45 -11.24
N PRO D 195 -70.92 -23.46 -12.41
CA PRO D 195 -71.92 -22.43 -12.75
C PRO D 195 -73.13 -22.40 -11.80
N HIS D 196 -73.48 -23.54 -11.21
CA HIS D 196 -74.54 -23.65 -10.18
C HIS D 196 -74.22 -22.82 -8.92
N GLU D 197 -72.99 -22.35 -8.69
CA GLU D 197 -72.64 -21.54 -7.49
C GLU D 197 -72.50 -20.06 -7.88
N LEU D 198 -72.83 -19.62 -9.09
CA LEU D 198 -72.80 -18.19 -9.48
C LEU D 198 -73.61 -17.33 -8.48
N PRO D 199 -74.76 -17.78 -7.93
CA PRO D 199 -75.50 -16.98 -6.94
C PRO D 199 -74.67 -16.51 -5.74
N LEU D 200 -73.74 -17.33 -5.23
CA LEU D 200 -72.81 -16.96 -4.13
C LEU D 200 -72.05 -15.67 -4.46
N LEU D 201 -71.83 -15.39 -5.73
CA LEU D 201 -71.03 -14.22 -6.23
C LEU D 201 -72.02 -13.11 -6.62
N GLU D 202 -73.33 -13.32 -6.54
CA GLU D 202 -74.33 -12.25 -6.85
C GLU D 202 -74.15 -11.05 -5.91
N GLY D 203 -73.93 -9.86 -6.50
CA GLY D 203 -73.70 -8.58 -5.80
C GLY D 203 -72.27 -8.45 -5.29
N MET D 204 -71.34 -9.26 -5.82
CA MET D 204 -69.92 -9.29 -5.42
C MET D 204 -69.09 -9.01 -6.68
N GLU D 205 -69.27 -7.80 -7.21
CA GLU D 205 -68.85 -7.35 -8.57
C GLU D 205 -67.34 -7.49 -8.75
N THR D 206 -66.56 -7.39 -7.67
CA THR D 206 -65.08 -7.51 -7.60
C THR D 206 -64.63 -8.93 -7.97
N SER D 207 -65.50 -9.95 -7.91
CA SER D 207 -65.25 -11.33 -8.39
C SER D 207 -64.93 -11.34 -9.89
N GLN D 208 -65.31 -10.28 -10.63
CA GLN D 208 -65.05 -10.10 -12.09
C GLN D 208 -63.76 -9.32 -12.34
N GLY D 209 -63.00 -9.01 -11.29
CA GLY D 209 -61.62 -8.49 -11.41
C GLY D 209 -60.61 -9.61 -11.21
N ILE D 210 -59.35 -9.31 -11.54
CA ILE D 210 -58.19 -10.25 -11.49
C ILE D 210 -57.90 -10.60 -10.03
N GLN D 211 -57.95 -9.60 -9.12
CA GLN D 211 -57.58 -9.69 -7.70
C GLN D 211 -58.51 -10.66 -6.96
N SER D 212 -57.93 -11.45 -6.04
CA SER D 212 -58.61 -12.43 -5.15
C SER D 212 -59.79 -11.76 -4.46
N LEU D 213 -60.93 -12.45 -4.37
CA LEU D 213 -62.15 -11.95 -3.69
C LEU D 213 -61.80 -11.61 -2.22
N GLY D 214 -61.05 -12.48 -1.56
CA GLY D 214 -60.62 -12.30 -0.16
C GLY D 214 -59.75 -11.05 -0.01
N LEU D 215 -58.85 -10.83 -0.97
CA LEU D 215 -57.83 -9.74 -0.92
C LEU D 215 -58.46 -8.41 -1.30
N ASN D 216 -59.62 -8.41 -1.95
CA ASN D 216 -60.19 -7.18 -2.54
C ASN D 216 -61.10 -6.53 -1.49
N ALA D 217 -60.53 -5.62 -0.70
CA ALA D 217 -61.19 -4.89 0.40
C ALA D 217 -62.02 -3.72 -0.12
N GLY D 218 -62.02 -3.49 -1.43
CA GLY D 218 -62.87 -2.46 -2.08
C GLY D 218 -64.29 -2.96 -2.27
N SER D 219 -64.77 -3.86 -1.41
CA SER D 219 -66.15 -4.41 -1.37
C SER D 219 -66.80 -4.03 -0.04
N GLU D 220 -68.14 -4.01 0.00
CA GLU D 220 -68.95 -3.74 1.22
C GLU D 220 -69.16 -5.05 2.00
N HIS D 221 -68.88 -6.19 1.36
CA HIS D 221 -68.98 -7.52 1.99
C HIS D 221 -67.77 -7.72 2.90
N SER D 222 -67.97 -8.35 4.06
CA SER D 222 -66.91 -8.62 5.05
C SER D 222 -65.81 -9.51 4.44
N GLY D 223 -64.56 -9.36 4.90
CA GLY D 223 -63.45 -10.26 4.55
C GLY D 223 -63.77 -11.69 4.92
N ARG D 224 -64.46 -11.88 6.04
CA ARG D 224 -64.84 -13.23 6.51
C ARG D 224 -65.70 -13.92 5.44
N TYR D 225 -66.77 -13.26 5.00
CA TYR D 225 -67.72 -13.82 4.00
C TYR D 225 -66.97 -14.05 2.69
N ARG D 226 -66.23 -13.05 2.23
CA ARG D 226 -65.52 -13.09 0.92
C ARG D 226 -64.53 -14.25 0.93
N ALA D 227 -63.72 -14.37 1.98
CA ALA D 227 -62.68 -15.42 2.07
C ALA D 227 -63.33 -16.80 2.18
N SER D 228 -64.42 -16.92 2.91
CA SER D 228 -65.14 -18.21 3.09
C SER D 228 -65.70 -18.68 1.75
N VAL D 229 -66.35 -17.78 1.00
CA VAL D 229 -66.94 -18.11 -0.33
C VAL D 229 -65.79 -18.49 -1.26
N GLU D 230 -64.76 -17.66 -1.33
CA GLU D 230 -63.59 -17.96 -2.19
C GLU D 230 -63.03 -19.34 -1.85
N SER D 231 -62.84 -19.65 -0.56
CA SER D 231 -62.18 -20.92 -0.15
C SER D 231 -62.95 -22.10 -0.73
N ILE D 232 -64.28 -22.07 -0.67
CA ILE D 232 -65.18 -23.14 -1.14
C ILE D 232 -65.12 -23.18 -2.67
N LEU D 233 -65.29 -22.05 -3.35
CA LEU D 233 -65.30 -22.01 -4.84
C LEU D 233 -63.95 -22.55 -5.37
N ILE D 234 -62.85 -22.16 -4.75
CA ILE D 234 -61.47 -22.46 -5.26
C ILE D 234 -61.14 -23.91 -5.01
N PHE D 235 -61.50 -24.49 -3.86
CA PHE D 235 -61.19 -25.91 -3.54
C PHE D 235 -61.88 -26.80 -4.57
N ASN D 236 -63.17 -26.58 -4.78
CA ASN D 236 -64.03 -27.39 -5.67
C ASN D 236 -63.58 -27.20 -7.13
N SER D 237 -63.37 -25.94 -7.56
CA SER D 237 -62.86 -25.59 -8.90
C SER D 237 -61.55 -26.34 -9.21
N MET D 238 -60.64 -26.38 -8.23
CA MET D 238 -59.29 -26.93 -8.44
C MET D 238 -59.36 -28.46 -8.59
N ASN D 239 -60.34 -29.13 -7.95
CA ASN D 239 -60.55 -30.58 -8.15
C ASN D 239 -60.88 -30.82 -9.63
N GLN D 240 -61.78 -30.02 -10.20
CA GLN D 240 -62.18 -30.18 -11.62
C GLN D 240 -60.96 -29.85 -12.49
N LEU D 241 -60.29 -28.72 -12.26
CA LEU D 241 -59.08 -28.34 -13.04
C LEU D 241 -58.01 -29.44 -12.95
N ASN D 242 -57.81 -30.06 -11.80
CA ASN D 242 -56.83 -31.17 -11.64
C ASN D 242 -57.24 -32.39 -12.48
N SER D 243 -58.52 -32.74 -12.52
CA SER D 243 -58.98 -33.83 -13.39
C SER D 243 -58.67 -33.47 -14.85
N LEU D 244 -58.92 -32.23 -15.28
CA LEU D 244 -58.69 -31.83 -16.69
C LEU D 244 -57.18 -31.85 -16.99
N LEU D 245 -56.34 -31.35 -16.08
CA LEU D 245 -54.84 -31.40 -16.24
C LEU D 245 -54.40 -32.85 -16.42
N GLN D 246 -54.96 -33.77 -15.64
CA GLN D 246 -54.62 -35.22 -15.71
C GLN D 246 -55.05 -35.79 -17.05
N LYS D 247 -56.25 -35.46 -17.51
CA LYS D 247 -56.73 -35.92 -18.84
C LYS D 247 -55.77 -35.42 -19.93
N GLU D 248 -55.29 -34.18 -19.84
CA GLU D 248 -54.40 -33.55 -20.88
C GLU D 248 -52.92 -33.90 -20.61
N ASN D 249 -52.61 -34.56 -19.50
CA ASN D 249 -51.22 -34.98 -19.14
C ASN D 249 -50.35 -33.75 -18.91
N LEU D 250 -50.89 -32.74 -18.25
CA LEU D 250 -50.18 -31.48 -17.90
C LEU D 250 -49.99 -31.36 -16.40
N GLN D 251 -50.33 -32.40 -15.62
CA GLN D 251 -50.26 -32.31 -14.14
C GLN D 251 -48.81 -32.28 -13.69
N ASP D 252 -47.93 -33.07 -14.30
CA ASP D 252 -46.48 -33.08 -13.99
C ASP D 252 -45.94 -31.66 -14.23
N VAL D 253 -46.26 -31.10 -15.39
CA VAL D 253 -45.81 -29.74 -15.81
C VAL D 253 -46.25 -28.76 -14.73
N PHE D 254 -47.50 -28.85 -14.31
CA PHE D 254 -48.15 -27.92 -13.35
C PHE D 254 -47.41 -27.97 -12.00
N ARG D 255 -47.15 -29.16 -11.48
CA ARG D 255 -46.56 -29.36 -10.11
C ARG D 255 -45.04 -29.16 -10.14
N LYS D 256 -44.33 -29.59 -11.18
CA LYS D 256 -42.84 -29.58 -11.20
C LYS D 256 -42.28 -28.29 -11.84
N VAL D 257 -43.01 -27.58 -12.70
CA VAL D 257 -42.45 -26.42 -13.47
C VAL D 257 -43.27 -25.16 -13.18
N GLU D 258 -44.55 -25.14 -13.50
CA GLU D 258 -45.34 -23.90 -13.51
C GLU D 258 -45.52 -23.37 -12.09
N MET D 259 -45.92 -24.19 -11.11
CA MET D 259 -46.19 -23.63 -9.76
C MET D 259 -44.86 -23.26 -9.08
N PRO D 260 -43.80 -24.09 -9.17
CA PRO D 260 -42.48 -23.66 -8.68
C PRO D 260 -41.98 -22.35 -9.32
N SER D 261 -42.24 -22.19 -10.63
CA SER D 261 -41.91 -20.96 -11.39
C SER D 261 -42.64 -19.79 -10.76
N GLN D 262 -43.90 -19.95 -10.40
CA GLN D 262 -44.65 -18.89 -9.68
C GLN D 262 -43.97 -18.57 -8.34
N TYR D 263 -43.47 -19.56 -7.62
CA TYR D 263 -42.77 -19.34 -6.33
C TYR D 263 -41.52 -18.50 -6.59
N CYS D 264 -40.68 -18.87 -7.55
CA CYS D 264 -39.50 -18.05 -7.96
C CYS D 264 -39.93 -16.61 -8.28
N LEU D 265 -41.07 -16.41 -8.96
CA LEU D 265 -41.51 -15.05 -9.35
C LEU D 265 -41.97 -14.28 -8.11
N ALA D 266 -42.54 -14.98 -7.14
CA ALA D 266 -42.90 -14.34 -5.85
C ALA D 266 -41.66 -13.77 -5.16
N LEU D 267 -40.56 -14.51 -5.15
CA LEU D 267 -39.30 -14.03 -4.52
C LEU D 267 -38.79 -12.78 -5.27
N LEU D 268 -38.87 -12.80 -6.61
CA LEU D 268 -38.45 -11.66 -7.48
C LEU D 268 -39.29 -10.44 -7.13
N GLU D 269 -40.59 -10.63 -6.97
CA GLU D 269 -41.51 -9.50 -6.70
C GLU D 269 -41.25 -8.96 -5.29
N LEU D 270 -40.89 -9.83 -4.36
CA LEU D 270 -40.51 -9.40 -2.99
C LEU D 270 -39.17 -8.67 -3.06
N ASN D 271 -38.25 -9.14 -3.90
CA ASN D 271 -36.89 -8.54 -4.00
C ASN D 271 -36.98 -7.13 -4.61
N GLY D 272 -37.76 -6.95 -5.66
CA GLY D 272 -37.65 -5.73 -6.50
C GLY D 272 -36.26 -5.58 -7.14
N ILE D 273 -36.02 -4.48 -7.84
CA ILE D 273 -34.73 -4.22 -8.53
C ILE D 273 -34.26 -2.83 -8.09
N GLY D 274 -33.01 -2.73 -7.72
CA GLY D 274 -32.41 -1.47 -7.27
C GLY D 274 -32.41 -0.42 -8.38
N PHE D 275 -32.57 0.84 -7.98
CA PHE D 275 -32.77 1.98 -8.90
C PHE D 275 -32.04 3.18 -8.34
N SER D 276 -31.31 3.86 -9.20
CA SER D 276 -30.69 5.19 -9.01
C SER D 276 -31.45 6.32 -9.72
N THR D 277 -31.86 7.32 -8.96
CA THR D 277 -32.66 8.47 -9.48
C THR D 277 -31.73 9.53 -10.10
N ALA D 278 -30.55 9.71 -9.48
CA ALA D 278 -29.45 10.58 -9.94
C ALA D 278 -29.07 10.23 -11.38
N GLU D 279 -28.79 8.96 -11.65
CA GLU D 279 -28.37 8.47 -12.99
C GLU D 279 -29.45 8.79 -14.03
N CYS D 280 -30.70 8.44 -13.70
CA CYS D 280 -31.91 8.69 -14.51
C CYS D 280 -32.05 10.20 -14.86
N GLU D 281 -31.95 11.09 -13.87
CA GLU D 281 -32.19 12.55 -14.03
C GLU D 281 -31.15 13.16 -14.99
N SER D 282 -29.90 12.73 -14.85
CA SER D 282 -28.80 13.31 -15.65
C SER D 282 -28.98 12.86 -17.11
N GLN D 283 -29.43 11.64 -17.34
CA GLN D 283 -29.77 11.17 -18.71
C GLN D 283 -30.97 11.96 -19.24
N LYS D 284 -32.00 12.15 -18.43
CA LYS D 284 -33.21 12.92 -18.79
C LYS D 284 -32.81 14.30 -19.31
N HIS D 285 -31.91 15.00 -18.61
CA HIS D 285 -31.54 16.39 -18.95
C HIS D 285 -30.85 16.45 -20.33
N ILE D 286 -29.97 15.49 -20.63
CA ILE D 286 -29.29 15.40 -21.95
C ILE D 286 -30.33 15.11 -23.03
N MET D 287 -31.20 14.15 -22.78
CA MET D 287 -32.28 13.78 -23.73
C MET D 287 -33.18 14.98 -24.01
N GLN D 288 -33.52 15.75 -22.97
CA GLN D 288 -34.49 16.87 -23.12
C GLN D 288 -33.86 17.99 -23.94
N ALA D 289 -32.57 18.23 -23.77
CA ALA D 289 -31.79 19.23 -24.53
C ALA D 289 -31.79 18.87 -26.02
N LYS D 290 -31.63 17.58 -26.32
CA LYS D 290 -31.61 17.07 -27.71
C LYS D 290 -33.02 17.19 -28.32
N LEU D 291 -34.05 16.84 -27.56
CA LEU D 291 -35.46 17.02 -28.00
C LEU D 291 -35.71 18.49 -28.38
N ASP D 292 -35.20 19.45 -27.60
CA ASP D 292 -35.42 20.89 -27.81
C ASP D 292 -34.77 21.30 -29.14
N ALA D 293 -33.50 20.95 -29.36
CA ALA D 293 -32.75 21.23 -30.60
C ALA D 293 -33.43 20.57 -31.80
N ILE D 294 -33.87 19.32 -31.67
CA ILE D 294 -34.59 18.58 -32.76
C ILE D 294 -35.85 19.37 -33.12
N GLU D 295 -36.67 19.74 -32.13
CA GLU D 295 -37.94 20.49 -32.37
C GLU D 295 -37.62 21.76 -33.15
N THR D 296 -36.69 22.59 -32.64
CA THR D 296 -36.38 23.92 -33.23
C THR D 296 -35.92 23.73 -34.69
N GLN D 297 -35.13 22.70 -34.98
CA GLN D 297 -34.62 22.43 -36.36
C GLN D 297 -35.77 21.87 -37.22
N ALA D 298 -36.56 20.93 -36.69
CA ALA D 298 -37.74 20.38 -37.40
C ALA D 298 -38.66 21.53 -37.85
N TYR D 299 -38.99 22.45 -36.93
CA TYR D 299 -39.98 23.54 -37.17
C TYR D 299 -39.44 24.53 -38.20
N GLN D 300 -38.12 24.73 -38.28
CA GLN D 300 -37.52 25.63 -39.30
C GLN D 300 -37.58 24.94 -40.67
N LEU D 301 -37.28 23.65 -40.75
CA LEU D 301 -37.36 22.90 -42.03
C LEU D 301 -38.83 22.83 -42.50
N ALA D 302 -39.78 22.59 -41.58
CA ALA D 302 -41.23 22.49 -41.89
C ALA D 302 -41.82 23.86 -42.28
N GLY D 303 -41.26 24.94 -41.74
CA GLY D 303 -41.78 26.31 -41.92
C GLY D 303 -42.80 26.71 -40.86
N HIS D 304 -43.34 25.76 -40.10
CA HIS D 304 -44.33 26.06 -39.02
C HIS D 304 -44.21 25.02 -37.90
N SER D 305 -44.77 25.32 -36.73
CA SER D 305 -44.98 24.33 -35.64
C SER D 305 -45.80 23.17 -36.20
N PHE D 306 -45.55 21.96 -35.72
CA PHE D 306 -46.38 20.75 -35.98
C PHE D 306 -46.23 19.82 -34.78
N SER D 307 -47.25 19.02 -34.49
CA SER D 307 -47.23 18.02 -33.40
C SER D 307 -46.51 16.77 -33.90
N PHE D 308 -45.45 16.34 -33.19
CA PHE D 308 -44.67 15.11 -33.50
C PHE D 308 -45.51 13.86 -33.18
N THR D 309 -46.63 14.05 -32.48
CA THR D 309 -47.51 12.94 -31.99
C THR D 309 -48.69 12.73 -32.95
N SER D 310 -48.88 13.61 -33.94
CA SER D 310 -49.93 13.50 -34.98
C SER D 310 -49.34 12.97 -36.29
N SER D 311 -49.67 11.72 -36.63
CA SER D 311 -49.35 11.06 -37.93
C SER D 311 -49.84 11.96 -39.08
N ASP D 312 -51.05 12.53 -38.91
CA ASP D 312 -51.71 13.44 -39.89
C ASP D 312 -50.77 14.62 -40.20
N ASP D 313 -50.34 15.35 -39.16
CA ASP D 313 -49.47 16.55 -39.29
C ASP D 313 -48.19 16.16 -40.03
N ILE D 314 -47.54 15.07 -39.60
CA ILE D 314 -46.24 14.59 -40.15
C ILE D 314 -46.43 14.23 -41.63
N ALA D 315 -47.55 13.58 -41.96
CA ALA D 315 -47.90 13.18 -43.35
C ALA D 315 -48.12 14.43 -44.20
N GLU D 316 -48.85 15.42 -43.67
CA GLU D 316 -49.08 16.72 -44.36
C GLU D 316 -47.71 17.29 -44.73
N VAL D 317 -46.77 17.37 -43.77
CA VAL D 317 -45.43 18.02 -43.97
C VAL D 317 -44.59 17.18 -44.94
N LEU D 318 -44.46 15.88 -44.71
CA LEU D 318 -43.52 15.04 -45.50
C LEU D 318 -44.01 14.92 -46.95
N PHE D 319 -45.31 14.69 -47.17
CA PHE D 319 -45.84 14.17 -48.47
C PHE D 319 -46.53 15.28 -49.26
N LEU D 320 -47.35 16.11 -48.61
CA LEU D 320 -48.08 17.23 -49.27
C LEU D 320 -47.15 18.44 -49.44
N GLU D 321 -46.43 18.83 -48.39
CA GLU D 321 -45.80 20.19 -48.30
C GLU D 321 -44.33 20.12 -48.74
N LEU D 322 -43.73 18.93 -48.78
CA LEU D 322 -42.32 18.70 -49.23
C LEU D 322 -42.30 17.72 -50.41
N LYS D 323 -43.39 16.97 -50.65
CA LYS D 323 -43.56 16.08 -51.83
C LYS D 323 -42.47 15.00 -51.86
N LEU D 324 -42.21 14.32 -50.74
CA LEU D 324 -41.27 13.17 -50.71
C LEU D 324 -42.03 11.92 -51.19
N PRO D 325 -41.36 10.97 -51.88
CA PRO D 325 -42.06 9.88 -52.59
C PRO D 325 -42.51 8.70 -51.74
N PRO D 326 -43.83 8.39 -51.65
CA PRO D 326 -44.33 7.26 -50.86
C PRO D 326 -44.34 5.94 -51.64
N PHE D 358 -51.58 7.88 -46.21
CA PHE D 358 -50.10 7.87 -46.33
C PHE D 358 -49.49 7.60 -44.94
N SER D 359 -48.88 6.42 -44.76
CA SER D 359 -48.26 5.93 -43.49
C SER D 359 -46.99 6.76 -43.16
N THR D 360 -46.70 6.87 -41.86
CA THR D 360 -45.52 7.60 -41.30
C THR D 360 -44.76 6.64 -40.39
N SER D 361 -44.69 5.36 -40.75
CA SER D 361 -44.06 4.30 -39.93
C SER D 361 -42.53 4.44 -39.98
N LYS D 362 -41.87 3.72 -39.06
CA LYS D 362 -40.38 3.61 -39.00
C LYS D 362 -39.84 3.28 -40.39
N ASP D 363 -40.44 2.32 -41.09
CA ASP D 363 -39.93 1.74 -42.37
C ASP D 363 -39.95 2.83 -43.45
N VAL D 364 -41.07 3.56 -43.54
CA VAL D 364 -41.25 4.71 -44.49
C VAL D 364 -40.14 5.72 -44.20
N LEU D 365 -40.04 6.22 -42.96
CA LEU D 365 -39.16 7.39 -42.63
C LEU D 365 -37.71 6.95 -42.78
N ASN D 366 -37.44 5.67 -42.56
CA ASN D 366 -36.08 5.08 -42.64
C ASN D 366 -35.60 5.12 -44.10
N LYS D 367 -36.49 4.90 -45.06
CA LYS D 367 -36.17 5.07 -46.51
C LYS D 367 -35.92 6.56 -46.79
N LEU D 368 -36.84 7.43 -46.33
CA LEU D 368 -36.88 8.84 -46.75
C LEU D 368 -35.71 9.65 -46.13
N LYS D 369 -35.08 9.18 -45.05
CA LYS D 369 -34.04 9.96 -44.33
C LYS D 369 -32.83 10.15 -45.25
N ALA D 370 -32.68 9.27 -46.26
CA ALA D 370 -31.64 9.41 -47.29
C ALA D 370 -31.89 10.65 -48.17
N LEU D 371 -33.11 11.22 -48.19
CA LEU D 371 -33.51 12.29 -49.17
C LEU D 371 -33.70 13.66 -48.52
N HIS D 372 -33.89 13.75 -47.21
CA HIS D 372 -34.27 15.01 -46.52
C HIS D 372 -34.04 14.82 -45.01
N PRO D 373 -33.58 15.87 -44.30
CA PRO D 373 -33.25 15.75 -42.88
C PRO D 373 -34.44 15.50 -41.94
N LEU D 374 -35.66 15.94 -42.31
CA LEU D 374 -36.82 15.97 -41.36
C LEU D 374 -37.26 14.57 -40.94
N PRO D 375 -37.41 13.56 -41.84
CA PRO D 375 -37.74 12.20 -41.43
C PRO D 375 -36.82 11.59 -40.35
N GLY D 376 -35.52 11.85 -40.45
CA GLY D 376 -34.52 11.45 -39.43
C GLY D 376 -34.76 12.12 -38.10
N LEU D 377 -35.04 13.43 -38.10
CA LEU D 377 -35.38 14.20 -36.86
C LEU D 377 -36.62 13.56 -36.22
N ILE D 378 -37.65 13.25 -37.03
CA ILE D 378 -38.91 12.64 -36.52
C ILE D 378 -38.53 11.34 -35.79
N LEU D 379 -37.67 10.52 -36.40
CA LEU D 379 -37.35 9.17 -35.86
C LEU D 379 -36.64 9.32 -34.52
N GLU D 380 -35.73 10.28 -34.44
CA GLU D 380 -34.92 10.51 -33.23
C GLU D 380 -35.82 11.10 -32.12
N TRP D 381 -36.72 12.01 -32.51
CA TRP D 381 -37.72 12.58 -31.58
C TRP D 381 -38.49 11.45 -30.90
N ARG D 382 -38.98 10.49 -31.67
CA ARG D 382 -39.83 9.40 -31.15
C ARG D 382 -39.00 8.49 -30.26
N ARG D 383 -37.74 8.25 -30.62
CA ARG D 383 -36.85 7.35 -29.85
C ARG D 383 -36.63 7.99 -28.48
N ILE D 384 -36.27 9.27 -28.46
CA ILE D 384 -35.90 9.95 -27.19
C ILE D 384 -37.17 10.18 -26.36
N THR D 385 -38.26 10.63 -26.99
CA THR D 385 -39.56 10.85 -26.29
C THR D 385 -39.97 9.53 -25.63
N ASN D 386 -39.76 8.41 -26.28
CA ASN D 386 -40.05 7.06 -25.74
C ASN D 386 -39.26 6.84 -24.46
N ALA D 387 -37.96 7.09 -24.45
CA ALA D 387 -37.09 6.86 -23.27
C ALA D 387 -37.56 7.78 -22.13
N ILE D 388 -37.95 9.02 -22.43
CA ILE D 388 -38.38 9.98 -21.37
C ILE D 388 -39.77 9.59 -20.83
N THR D 389 -40.78 9.39 -21.68
CA THR D 389 -42.20 9.33 -21.28
C THR D 389 -42.63 7.92 -20.92
N LYS D 390 -42.01 6.89 -21.52
CA LYS D 390 -42.38 5.48 -21.33
C LYS D 390 -41.36 4.77 -20.46
N VAL D 391 -40.22 5.38 -20.13
CA VAL D 391 -39.22 4.68 -19.27
C VAL D 391 -38.89 5.54 -18.05
N VAL D 392 -38.29 6.72 -18.21
CA VAL D 392 -37.93 7.60 -17.06
C VAL D 392 -39.17 7.94 -16.21
N PHE D 393 -40.27 8.41 -16.80
CA PHE D 393 -41.44 8.94 -16.05
C PHE D 393 -42.00 7.82 -15.18
N PRO D 394 -42.34 6.64 -15.76
CA PRO D 394 -42.86 5.53 -14.96
C PRO D 394 -41.88 4.98 -13.91
N LEU D 395 -40.58 4.86 -14.20
CA LEU D 395 -39.60 4.38 -13.19
C LEU D 395 -39.56 5.35 -12.02
N GLN D 396 -39.49 6.67 -12.28
CA GLN D 396 -39.36 7.69 -11.22
C GLN D 396 -40.66 7.86 -10.44
N ARG D 397 -41.78 7.31 -10.96
CA ARG D 397 -43.10 7.34 -10.29
C ARG D 397 -43.27 6.08 -9.42
N GLU D 398 -42.71 4.94 -9.83
CA GLU D 398 -42.94 3.59 -9.24
C GLU D 398 -41.88 3.32 -8.17
N LYS D 399 -40.79 4.10 -8.15
CA LYS D 399 -39.66 3.85 -7.21
C LYS D 399 -40.18 3.98 -5.79
N CYS D 400 -39.57 3.24 -4.87
CA CYS D 400 -40.01 3.05 -3.47
C CYS D 400 -38.76 2.94 -2.61
N LEU D 401 -38.63 3.74 -1.55
CA LEU D 401 -37.50 3.58 -0.58
C LEU D 401 -37.57 2.21 0.10
N ASN D 402 -36.45 1.47 0.10
CA ASN D 402 -36.30 0.26 0.95
C ASN D 402 -35.40 0.65 2.12
N PRO D 403 -35.96 0.86 3.33
CA PRO D 403 -35.18 1.35 4.46
C PRO D 403 -34.13 0.35 4.99
N PHE D 404 -34.28 -0.96 4.73
CA PHE D 404 -33.34 -2.02 5.19
C PHE D 404 -32.07 -1.98 4.33
N LEU D 405 -32.24 -2.07 3.01
CA LEU D 405 -31.12 -2.06 2.02
C LEU D 405 -30.52 -0.65 1.93
N GLY D 406 -31.30 0.39 2.26
CA GLY D 406 -30.83 1.80 2.23
C GLY D 406 -30.69 2.30 0.81
N MET D 407 -31.70 2.06 -0.04
CA MET D 407 -31.69 2.42 -1.48
C MET D 407 -33.12 2.41 -1.99
N GLU D 408 -33.35 3.03 -3.15
CA GLU D 408 -34.64 2.99 -3.86
C GLU D 408 -34.68 1.71 -4.68
N ARG D 409 -35.87 1.15 -4.82
CA ARG D 409 -36.08 -0.07 -5.65
C ARG D 409 -37.37 0.11 -6.41
N ILE D 410 -37.55 -0.69 -7.45
CA ILE D 410 -38.80 -0.78 -8.22
C ILE D 410 -39.32 -2.21 -8.05
N TYR D 411 -40.63 -2.32 -7.89
CA TYR D 411 -41.36 -3.58 -7.61
C TYR D 411 -42.31 -3.83 -8.77
N PRO D 412 -41.82 -4.42 -9.87
CA PRO D 412 -42.70 -4.75 -10.99
C PRO D 412 -43.48 -6.01 -10.66
N VAL D 413 -44.57 -6.24 -11.40
CA VAL D 413 -45.51 -7.36 -11.16
C VAL D 413 -45.32 -8.32 -12.32
N SER D 414 -45.07 -9.60 -12.04
CA SER D 414 -44.88 -10.63 -13.09
C SER D 414 -46.24 -10.94 -13.71
N GLN D 415 -46.23 -11.39 -14.95
CA GLN D 415 -47.41 -11.76 -15.75
C GLN D 415 -46.99 -13.00 -16.54
N SER D 416 -47.62 -14.14 -16.24
CA SER D 416 -47.29 -15.46 -16.79
C SER D 416 -48.39 -15.93 -17.72
N HIS D 417 -49.47 -15.17 -17.86
CA HIS D 417 -50.58 -15.56 -18.75
C HIS D 417 -50.26 -15.05 -20.16
N THR D 418 -49.46 -15.79 -20.92
CA THR D 418 -48.95 -15.38 -22.27
C THR D 418 -49.21 -16.53 -23.22
N ALA D 419 -49.21 -16.27 -24.52
CA ALA D 419 -49.56 -17.25 -25.56
C ALA D 419 -48.56 -18.41 -25.59
N THR D 420 -47.30 -18.13 -25.28
CA THR D 420 -46.19 -19.08 -25.53
C THR D 420 -45.52 -19.52 -24.21
N GLY D 421 -45.87 -18.92 -23.08
CA GLY D 421 -45.32 -19.29 -21.77
C GLY D 421 -44.12 -18.46 -21.40
N ARG D 422 -43.87 -17.40 -22.14
CA ARG D 422 -42.91 -16.37 -21.71
C ARG D 422 -43.45 -15.72 -20.44
N ILE D 423 -42.56 -15.08 -19.69
CA ILE D 423 -42.93 -14.21 -18.54
C ILE D 423 -42.68 -12.77 -18.96
N THR D 424 -43.59 -11.87 -18.60
CA THR D 424 -43.46 -10.43 -18.86
C THR D 424 -43.76 -9.70 -17.54
N PHE D 425 -43.69 -8.38 -17.55
CA PHE D 425 -43.86 -7.57 -16.33
C PHE D 425 -44.72 -6.37 -16.68
N THR D 426 -45.40 -5.86 -15.67
CA THR D 426 -46.19 -4.61 -15.73
C THR D 426 -45.79 -3.72 -14.56
N GLU D 427 -46.11 -2.44 -14.69
CA GLU D 427 -46.17 -1.45 -13.61
C GLU D 427 -44.81 -1.40 -12.90
N PRO D 428 -43.73 -1.04 -13.62
CA PRO D 428 -43.71 -0.85 -15.08
C PRO D 428 -43.14 -2.06 -15.81
N ASN D 429 -43.16 -2.13 -17.15
CA ASN D 429 -42.57 -3.29 -17.88
C ASN D 429 -41.10 -2.98 -18.13
N ILE D 430 -40.26 -3.40 -17.19
CA ILE D 430 -38.79 -3.21 -17.15
C ILE D 430 -38.14 -3.97 -18.31
N GLN D 431 -38.79 -4.97 -18.89
CA GLN D 431 -38.22 -5.65 -20.07
C GLN D 431 -38.06 -4.64 -21.23
N ASN D 432 -38.75 -3.50 -21.23
CA ASN D 432 -38.80 -2.61 -22.42
C ASN D 432 -37.82 -1.44 -22.29
N VAL D 433 -37.01 -1.47 -21.24
CA VAL D 433 -36.00 -0.42 -21.01
C VAL D 433 -35.07 -0.48 -22.21
N PRO D 434 -34.90 0.66 -22.91
CA PRO D 434 -34.03 0.74 -24.09
C PRO D 434 -32.63 0.16 -23.85
N ARG D 435 -32.13 -0.55 -24.87
CA ARG D 435 -30.67 -0.77 -25.17
C ARG D 435 -29.98 0.59 -25.10
N ASP D 436 -28.66 0.58 -24.79
CA ASP D 436 -27.80 1.81 -24.90
C ASP D 436 -27.96 2.41 -26.30
N PHE D 437 -28.02 3.74 -26.42
CA PHE D 437 -27.99 4.48 -27.71
C PHE D 437 -27.24 5.81 -27.53
N GLU D 438 -26.91 6.43 -28.66
CA GLU D 438 -26.05 7.63 -28.70
C GLU D 438 -26.86 8.84 -29.15
N ILE D 439 -26.60 9.97 -28.51
CA ILE D 439 -27.10 11.31 -28.92
C ILE D 439 -25.88 12.17 -29.24
N LYS D 440 -25.87 12.81 -30.42
CA LYS D 440 -24.83 13.80 -30.81
C LYS D 440 -25.41 15.21 -30.67
N MET D 441 -24.68 16.10 -30.02
CA MET D 441 -25.03 17.54 -29.91
C MET D 441 -23.74 18.33 -30.05
N GLY D 442 -23.75 19.35 -30.92
CA GLY D 442 -22.53 20.09 -31.30
C GLY D 442 -21.37 19.16 -31.64
N GLY D 443 -21.68 18.05 -32.32
CA GLY D 443 -20.68 17.07 -32.73
C GLY D 443 -20.02 16.33 -31.57
N MET D 444 -20.61 16.37 -30.37
CA MET D 444 -20.12 15.59 -29.20
C MET D 444 -21.12 14.47 -28.91
N PRO D 445 -20.65 13.21 -28.77
CA PRO D 445 -21.55 12.09 -28.49
C PRO D 445 -21.80 11.95 -26.98
N PHE D 446 -23.05 11.69 -26.60
CA PHE D 446 -23.45 11.31 -25.22
C PHE D 446 -24.11 9.94 -25.27
N SER D 447 -23.59 9.00 -24.49
CA SER D 447 -24.15 7.65 -24.31
C SER D 447 -25.37 7.72 -23.40
N ILE D 448 -26.55 7.33 -23.89
CA ILE D 448 -27.75 7.19 -23.01
C ILE D 448 -27.89 5.70 -22.70
N SER D 449 -27.57 5.30 -21.47
CA SER D 449 -27.73 3.93 -20.97
C SER D 449 -28.76 3.91 -19.83
N MET D 450 -30.03 3.74 -20.20
CA MET D 450 -31.14 3.74 -19.23
C MET D 450 -30.93 2.58 -18.27
N ARG D 451 -30.39 1.46 -18.75
CA ARG D 451 -30.15 0.25 -17.93
C ARG D 451 -29.15 0.56 -16.81
N HIS D 452 -28.32 1.60 -16.98
CA HIS D 452 -27.29 1.97 -15.99
C HIS D 452 -27.94 2.52 -14.71
N ALA D 453 -29.24 2.82 -14.73
CA ALA D 453 -29.97 3.30 -13.52
C ALA D 453 -30.34 2.11 -12.60
N PHE D 454 -30.21 0.89 -13.09
CA PHE D 454 -30.59 -0.33 -12.33
C PHE D 454 -29.35 -0.92 -11.69
N VAL D 455 -29.26 -0.80 -10.37
CA VAL D 455 -28.01 -1.01 -9.58
C VAL D 455 -28.26 -2.09 -8.55
N PRO D 456 -27.22 -2.81 -8.09
CA PRO D 456 -27.34 -3.72 -6.96
C PRO D 456 -27.31 -2.93 -5.64
N PHE D 457 -27.65 -3.60 -4.53
CA PHE D 457 -27.53 -3.03 -3.16
C PHE D 457 -26.06 -2.69 -2.96
N PRO D 458 -25.74 -1.71 -2.10
CA PRO D 458 -24.34 -1.39 -1.79
C PRO D 458 -23.47 -2.62 -1.46
N GLY D 459 -22.33 -2.77 -2.14
CA GLY D 459 -21.44 -3.95 -1.99
C GLY D 459 -21.74 -5.03 -3.03
N GLY D 460 -22.99 -5.13 -3.49
CA GLY D 460 -23.46 -6.20 -4.38
C GLY D 460 -23.04 -6.03 -5.83
N SER D 461 -23.28 -7.05 -6.64
CA SER D 461 -23.12 -7.01 -8.11
C SER D 461 -24.40 -7.50 -8.79
N ILE D 462 -24.65 -7.04 -10.02
CA ILE D 462 -25.68 -7.64 -10.92
C ILE D 462 -24.96 -8.77 -11.67
N LEU D 463 -25.55 -9.94 -11.69
CA LEU D 463 -25.12 -11.08 -12.53
C LEU D 463 -26.22 -11.36 -13.55
N ALA D 464 -25.86 -11.40 -14.82
CA ALA D 464 -26.71 -11.78 -15.95
C ALA D 464 -26.16 -13.06 -16.56
N ALA D 465 -27.01 -14.05 -16.76
CA ALA D 465 -26.67 -15.27 -17.51
C ALA D 465 -27.68 -15.42 -18.63
N ASP D 466 -27.22 -15.50 -19.86
CA ASP D 466 -28.06 -15.56 -21.09
C ASP D 466 -27.69 -16.82 -21.87
N TYR D 467 -28.71 -17.51 -22.37
CA TYR D 467 -28.55 -18.58 -23.38
C TYR D 467 -28.12 -17.94 -24.70
N SER D 468 -27.05 -18.47 -25.29
CA SER D 468 -26.66 -18.19 -26.70
C SER D 468 -27.61 -18.91 -27.68
N GLN D 469 -28.40 -18.13 -28.42
CA GLN D 469 -29.24 -18.60 -29.54
C GLN D 469 -30.04 -19.82 -29.09
N LEU D 470 -30.83 -19.66 -28.03
CA LEU D 470 -31.62 -20.78 -27.45
C LEU D 470 -32.63 -21.26 -28.48
N GLU D 471 -33.34 -20.33 -29.11
CA GLU D 471 -34.40 -20.63 -30.12
C GLU D 471 -33.76 -21.34 -31.31
N LEU D 472 -32.55 -20.97 -31.72
CA LEU D 472 -31.84 -21.63 -32.85
C LEU D 472 -31.43 -23.04 -32.44
N ARG D 473 -30.95 -23.19 -31.21
CA ARG D 473 -30.50 -24.52 -30.69
C ARG D 473 -31.69 -25.48 -30.63
N ILE D 474 -32.84 -24.99 -30.17
CA ILE D 474 -34.08 -25.80 -30.09
C ILE D 474 -34.52 -26.13 -31.50
N LEU D 475 -34.45 -25.20 -32.45
CA LEU D 475 -34.90 -25.43 -33.85
C LEU D 475 -33.99 -26.50 -34.48
N ALA D 476 -32.67 -26.42 -34.26
CA ALA D 476 -31.70 -27.45 -34.73
C ALA D 476 -32.13 -28.82 -34.22
N HIS D 477 -32.36 -28.91 -32.90
CA HIS D 477 -32.72 -30.17 -32.19
C HIS D 477 -33.97 -30.80 -32.81
N LEU D 478 -34.97 -29.99 -33.16
CA LEU D 478 -36.31 -30.50 -33.58
C LEU D 478 -36.35 -30.78 -35.07
N SER D 479 -35.46 -30.17 -35.86
CA SER D 479 -35.39 -30.34 -37.33
C SER D 479 -34.19 -31.22 -37.73
N HIS D 480 -33.31 -31.53 -36.77
CA HIS D 480 -32.07 -32.34 -36.92
C HIS D 480 -31.20 -31.76 -38.04
N ASP D 481 -31.34 -30.46 -38.35
CA ASP D 481 -30.66 -29.81 -39.50
C ASP D 481 -29.15 -29.84 -39.28
N ARG D 482 -28.45 -30.63 -40.11
CA ARG D 482 -26.99 -30.91 -40.01
C ARG D 482 -26.17 -29.62 -40.22
N ARG D 483 -26.59 -28.73 -41.14
CA ARG D 483 -25.91 -27.44 -41.46
C ARG D 483 -25.98 -26.49 -40.25
N LEU D 484 -27.16 -26.36 -39.63
CA LEU D 484 -27.36 -25.41 -38.50
C LEU D 484 -26.56 -25.92 -37.29
N ILE D 485 -26.55 -27.26 -37.09
CA ILE D 485 -25.77 -27.93 -35.99
C ILE D 485 -24.28 -27.63 -36.14
N GLN D 486 -23.72 -27.76 -37.34
CA GLN D 486 -22.27 -27.46 -37.61
C GLN D 486 -22.00 -26.02 -37.19
N VAL D 487 -22.77 -25.08 -37.74
CA VAL D 487 -22.60 -23.61 -37.52
C VAL D 487 -22.49 -23.34 -36.01
N LEU D 488 -23.46 -23.84 -35.23
CA LEU D 488 -23.56 -23.61 -33.76
C LEU D 488 -22.40 -24.30 -33.01
N ASN D 489 -22.00 -25.51 -33.44
CA ASN D 489 -20.97 -26.37 -32.78
C ASN D 489 -19.60 -25.68 -32.77
N THR D 490 -19.19 -25.03 -33.86
CA THR D 490 -17.90 -24.34 -34.02
C THR D 490 -18.17 -22.86 -34.28
N GLY D 491 -18.74 -22.55 -35.46
CA GLY D 491 -18.91 -21.19 -36.01
C GLY D 491 -18.99 -20.09 -34.95
N ALA D 492 -18.49 -18.90 -35.28
CA ALA D 492 -18.59 -17.69 -34.44
C ALA D 492 -20.03 -17.17 -34.51
N ASP D 493 -20.25 -15.87 -34.31
CA ASP D 493 -21.62 -15.30 -34.13
C ASP D 493 -22.35 -15.31 -35.48
N VAL D 494 -23.54 -15.94 -35.54
CA VAL D 494 -24.30 -16.19 -36.79
C VAL D 494 -24.78 -14.82 -37.30
N PHE D 495 -25.15 -13.93 -36.38
CA PHE D 495 -25.69 -12.57 -36.71
C PHE D 495 -24.57 -11.72 -37.28
N ARG D 496 -23.33 -11.95 -36.84
CA ARG D 496 -22.12 -11.29 -37.39
C ARG D 496 -21.87 -11.79 -38.82
N SER D 497 -21.87 -13.11 -39.06
CA SER D 497 -21.74 -13.73 -40.41
C SER D 497 -22.77 -13.08 -41.36
N ILE D 498 -24.05 -13.01 -40.97
CA ILE D 498 -25.14 -12.42 -41.80
C ILE D 498 -24.84 -10.94 -42.08
N ALA D 499 -24.50 -10.18 -41.05
CA ALA D 499 -24.20 -8.72 -41.13
C ALA D 499 -23.01 -8.47 -42.06
N ALA D 500 -21.97 -9.31 -42.01
CA ALA D 500 -20.70 -9.20 -42.78
C ALA D 500 -21.01 -9.42 -44.27
N GLU D 501 -21.52 -10.60 -44.64
CA GLU D 501 -21.96 -10.92 -46.02
C GLU D 501 -22.82 -9.78 -46.58
N TRP D 502 -23.79 -9.32 -45.78
CA TRP D 502 -24.81 -8.30 -46.17
C TRP D 502 -24.15 -6.95 -46.45
N LYS D 503 -23.35 -6.42 -45.51
CA LYS D 503 -22.75 -5.05 -45.61
C LYS D 503 -21.34 -5.09 -46.24
N MET D 504 -20.95 -6.20 -46.87
CA MET D 504 -19.68 -6.36 -47.67
C MET D 504 -18.47 -6.11 -46.77
N ILE D 505 -18.42 -6.71 -45.57
CA ILE D 505 -17.41 -6.45 -44.49
C ILE D 505 -16.94 -7.80 -43.88
N GLU D 506 -15.89 -7.78 -43.05
CA GLU D 506 -15.41 -8.94 -42.23
C GLU D 506 -16.10 -8.90 -40.87
N PRO D 507 -16.26 -10.03 -40.12
CA PRO D 507 -17.02 -10.03 -38.86
C PRO D 507 -16.85 -8.87 -37.86
N GLU D 508 -15.65 -8.29 -37.73
CA GLU D 508 -15.26 -7.51 -36.54
C GLU D 508 -15.90 -6.11 -36.50
N SER D 509 -16.34 -5.54 -37.62
CA SER D 509 -16.77 -4.12 -37.82
C SER D 509 -18.19 -3.86 -37.34
N VAL D 510 -19.01 -4.91 -37.23
CA VAL D 510 -20.48 -4.90 -36.87
C VAL D 510 -20.72 -4.05 -35.62
N GLY D 511 -21.54 -3.00 -35.72
CA GLY D 511 -22.04 -2.21 -34.57
C GLY D 511 -23.20 -2.93 -33.90
N ASP D 512 -23.60 -2.54 -32.68
CA ASP D 512 -24.78 -3.10 -31.96
C ASP D 512 -26.03 -3.00 -32.86
N ASP D 513 -26.28 -1.82 -33.42
CA ASP D 513 -27.54 -1.53 -34.17
C ASP D 513 -27.58 -2.47 -35.38
N LEU D 514 -26.45 -2.68 -36.06
CA LEU D 514 -26.38 -3.52 -37.31
C LEU D 514 -26.60 -4.99 -36.93
N ARG D 515 -26.01 -5.44 -35.81
CA ARG D 515 -26.13 -6.86 -35.39
C ARG D 515 -27.60 -7.16 -35.05
N GLN D 516 -28.29 -6.20 -34.42
CA GLN D 516 -29.76 -6.26 -34.13
C GLN D 516 -30.53 -6.32 -35.46
N GLN D 517 -30.16 -5.55 -36.49
CA GLN D 517 -30.83 -5.61 -37.82
C GLN D 517 -30.72 -7.02 -38.40
N ALA D 518 -29.53 -7.63 -38.26
CA ALA D 518 -29.23 -8.99 -38.79
C ALA D 518 -30.00 -10.04 -37.99
N LYS D 519 -30.10 -9.83 -36.68
CA LYS D 519 -30.87 -10.71 -35.75
C LYS D 519 -32.34 -10.73 -36.22
N GLN D 520 -32.91 -9.55 -36.50
CA GLN D 520 -34.32 -9.37 -36.93
C GLN D 520 -34.52 -10.11 -38.26
N ILE D 521 -33.54 -10.00 -39.17
CA ILE D 521 -33.57 -10.67 -40.52
C ILE D 521 -33.59 -12.18 -40.32
N CYS D 522 -32.72 -12.72 -39.48
CA CYS D 522 -32.52 -14.18 -39.30
C CYS D 522 -33.79 -14.81 -38.68
N TYR D 523 -34.27 -14.30 -37.54
CA TYR D 523 -35.49 -14.81 -36.88
C TYR D 523 -36.71 -14.53 -37.76
N GLY D 524 -36.74 -13.37 -38.42
CA GLY D 524 -37.83 -12.97 -39.33
C GLY D 524 -38.03 -14.01 -40.41
N ILE D 525 -36.94 -14.32 -41.12
CA ILE D 525 -36.98 -15.30 -42.25
C ILE D 525 -37.45 -16.64 -41.67
N ILE D 526 -36.84 -17.11 -40.59
CA ILE D 526 -37.18 -18.44 -39.98
C ILE D 526 -38.67 -18.50 -39.64
N TYR D 527 -39.28 -17.40 -39.19
CA TYR D 527 -40.68 -17.45 -38.67
C TYR D 527 -41.65 -16.91 -39.72
N GLY D 528 -41.24 -16.88 -41.00
CA GLY D 528 -42.14 -16.79 -42.16
C GLY D 528 -42.29 -15.39 -42.72
N MET D 529 -41.33 -14.49 -42.48
CA MET D 529 -41.26 -13.15 -43.10
C MET D 529 -41.29 -13.28 -44.62
N GLY D 530 -42.03 -12.40 -45.29
CA GLY D 530 -42.22 -12.36 -46.75
C GLY D 530 -41.25 -11.40 -47.44
N ALA D 531 -41.15 -11.49 -48.76
CA ALA D 531 -40.17 -10.74 -49.58
C ALA D 531 -40.37 -9.22 -49.45
N LYS D 532 -41.61 -8.74 -49.55
CA LYS D 532 -41.96 -7.30 -49.39
C LYS D 532 -41.27 -6.76 -48.12
N SER D 533 -41.60 -7.31 -46.93
CA SER D 533 -41.03 -6.84 -45.63
C SER D 533 -39.50 -7.06 -45.61
N LEU D 534 -38.98 -8.18 -46.09
CA LEU D 534 -37.51 -8.44 -45.96
C LEU D 534 -36.78 -7.38 -46.81
N GLY D 535 -37.32 -7.08 -47.99
CA GLY D 535 -36.92 -5.94 -48.82
C GLY D 535 -36.63 -4.68 -48.00
N GLU D 536 -37.62 -4.14 -47.26
CA GLU D 536 -37.47 -2.92 -46.41
C GLU D 536 -36.33 -3.09 -45.40
N GLN D 537 -36.24 -4.25 -44.73
CA GLN D 537 -35.24 -4.49 -43.65
C GLN D 537 -33.83 -4.55 -44.24
N MET D 538 -33.68 -5.22 -45.37
CA MET D 538 -32.35 -5.49 -45.98
C MET D 538 -31.96 -4.35 -46.92
N GLY D 539 -32.92 -3.46 -47.24
CA GLY D 539 -32.75 -2.37 -48.22
C GLY D 539 -32.49 -2.90 -49.62
N ILE D 540 -33.22 -3.93 -50.05
CA ILE D 540 -33.12 -4.51 -51.41
C ILE D 540 -34.53 -4.64 -51.99
N LYS D 541 -34.63 -4.81 -53.31
CA LYS D 541 -35.92 -5.02 -54.03
C LYS D 541 -36.54 -6.34 -53.56
N GLU D 542 -37.87 -6.43 -53.57
CA GLU D 542 -38.68 -7.65 -53.25
C GLU D 542 -38.02 -8.88 -53.93
N ASN D 543 -37.80 -8.79 -55.25
CA ASN D 543 -37.22 -9.87 -56.10
C ASN D 543 -35.87 -10.35 -55.52
N ASP D 544 -35.09 -9.43 -54.96
CA ASP D 544 -33.74 -9.72 -54.41
C ASP D 544 -33.94 -10.43 -53.06
N ALA D 545 -34.84 -9.92 -52.22
CA ALA D 545 -35.24 -10.53 -50.94
C ALA D 545 -35.77 -11.94 -51.18
N ALA D 546 -36.59 -12.12 -52.24
CA ALA D 546 -37.24 -13.39 -52.63
C ALA D 546 -36.17 -14.46 -52.91
N CYS D 547 -35.09 -14.04 -53.58
CA CYS D 547 -33.93 -14.89 -53.95
C CYS D 547 -33.21 -15.29 -52.65
N TYR D 548 -33.01 -14.31 -51.76
CA TYR D 548 -32.32 -14.49 -50.45
C TYR D 548 -33.09 -15.51 -49.61
N ILE D 549 -34.43 -15.49 -49.61
CA ILE D 549 -35.28 -16.47 -48.86
C ILE D 549 -35.00 -17.88 -49.43
N ASP D 550 -34.98 -17.99 -50.78
CA ASP D 550 -34.78 -19.26 -51.52
C ASP D 550 -33.43 -19.88 -51.09
N SER D 551 -32.36 -19.07 -51.16
CA SER D 551 -30.98 -19.43 -50.75
C SER D 551 -30.99 -19.96 -49.32
N PHE D 552 -31.56 -19.21 -48.37
CA PHE D 552 -31.68 -19.61 -46.93
C PHE D 552 -32.41 -20.95 -46.85
N LYS D 553 -33.60 -21.05 -47.46
CA LYS D 553 -34.45 -22.28 -47.39
C LYS D 553 -33.62 -23.46 -47.92
N SER D 554 -32.88 -23.26 -49.04
CA SER D 554 -32.09 -24.31 -49.73
C SER D 554 -30.94 -24.81 -48.83
N ARG D 555 -30.24 -23.90 -48.16
CA ARG D 555 -29.07 -24.21 -47.28
C ARG D 555 -29.51 -25.09 -46.11
N TYR D 556 -30.72 -24.85 -45.58
CA TYR D 556 -31.23 -25.52 -44.34
C TYR D 556 -32.52 -26.26 -44.69
N THR D 557 -32.41 -27.43 -45.32
CA THR D 557 -33.55 -28.24 -45.83
C THR D 557 -34.30 -28.88 -44.67
N GLY D 558 -33.58 -29.30 -43.63
CA GLY D 558 -34.15 -29.86 -42.38
C GLY D 558 -35.20 -28.93 -41.79
N ILE D 559 -34.84 -27.64 -41.64
CA ILE D 559 -35.72 -26.58 -41.08
C ILE D 559 -37.04 -26.59 -41.87
N ASN D 560 -36.94 -26.51 -43.21
CA ASN D 560 -38.11 -26.38 -44.13
C ASN D 560 -39.01 -27.63 -44.03
N GLN D 561 -38.43 -28.81 -43.80
CA GLN D 561 -39.21 -30.07 -43.66
C GLN D 561 -40.01 -29.97 -42.36
N PHE D 562 -39.40 -29.45 -41.30
CA PHE D 562 -40.00 -29.31 -39.94
C PHE D 562 -41.13 -28.27 -39.97
N MET D 563 -40.99 -27.18 -40.73
CA MET D 563 -42.06 -26.18 -40.98
C MET D 563 -43.30 -26.87 -41.59
N THR D 564 -43.12 -27.64 -42.67
CA THR D 564 -44.27 -28.27 -43.40
C THR D 564 -44.86 -29.40 -42.53
N GLU D 565 -44.02 -30.13 -41.78
CA GLU D 565 -44.43 -31.26 -40.90
C GLU D 565 -45.19 -30.72 -39.68
N THR D 566 -44.85 -29.50 -39.23
CA THR D 566 -45.51 -28.84 -38.08
C THR D 566 -46.87 -28.28 -38.53
N VAL D 567 -46.94 -27.70 -39.74
CA VAL D 567 -48.20 -27.15 -40.30
C VAL D 567 -49.18 -28.31 -40.60
N LYS D 568 -48.70 -29.38 -41.23
CA LYS D 568 -49.53 -30.59 -41.53
C LYS D 568 -50.14 -31.11 -40.22
N ASN D 569 -49.31 -31.29 -39.19
CA ASN D 569 -49.74 -31.91 -37.91
C ASN D 569 -50.68 -30.97 -37.17
N CYS D 570 -50.50 -29.66 -37.30
CA CYS D 570 -51.38 -28.65 -36.64
C CYS D 570 -52.78 -28.67 -37.27
N LYS D 571 -52.84 -28.69 -38.60
CA LYS D 571 -54.09 -28.69 -39.40
C LYS D 571 -54.97 -29.87 -38.94
N ARG D 572 -54.35 -31.05 -38.82
CA ARG D 572 -54.96 -32.33 -38.35
C ARG D 572 -55.50 -32.19 -36.92
N ASP D 573 -54.69 -31.71 -35.96
CA ASP D 573 -54.92 -31.83 -34.49
C ASP D 573 -55.64 -30.60 -33.93
N GLY D 574 -55.53 -29.44 -34.59
CA GLY D 574 -56.08 -28.16 -34.09
C GLY D 574 -55.17 -27.49 -33.06
N PHE D 575 -53.96 -28.02 -32.82
CA PHE D 575 -53.00 -27.47 -31.84
C PHE D 575 -51.54 -27.85 -32.18
N VAL D 576 -50.59 -27.23 -31.48
CA VAL D 576 -49.16 -27.61 -31.47
C VAL D 576 -48.74 -27.80 -30.00
N GLN D 577 -47.63 -28.49 -29.76
CA GLN D 577 -47.11 -28.80 -28.40
C GLN D 577 -45.67 -28.33 -28.28
N THR D 578 -45.29 -27.89 -27.09
CA THR D 578 -43.91 -27.47 -26.75
C THR D 578 -43.15 -28.69 -26.28
N ILE D 579 -41.86 -28.53 -25.96
CA ILE D 579 -40.96 -29.61 -25.47
C ILE D 579 -41.53 -30.26 -24.19
N LEU D 580 -42.31 -29.54 -23.36
CA LEU D 580 -42.83 -30.08 -22.08
C LEU D 580 -44.27 -30.57 -22.21
N GLY D 581 -44.92 -30.40 -23.37
CA GLY D 581 -46.26 -30.99 -23.63
C GLY D 581 -47.37 -29.97 -23.63
N ARG D 582 -47.08 -28.70 -23.35
CA ARG D 582 -48.12 -27.63 -23.29
C ARG D 582 -48.69 -27.46 -24.70
N ARG D 583 -50.00 -27.24 -24.80
CA ARG D 583 -50.73 -27.20 -26.08
C ARG D 583 -51.25 -25.80 -26.36
N ARG D 584 -51.08 -25.32 -27.58
CA ARG D 584 -51.67 -24.05 -28.01
C ARG D 584 -52.65 -24.37 -29.13
N TYR D 585 -53.88 -23.91 -28.99
CA TYR D 585 -54.98 -24.21 -29.94
C TYR D 585 -54.97 -23.10 -30.99
N LEU D 586 -54.88 -23.49 -32.27
CA LEU D 586 -54.75 -22.58 -33.44
C LEU D 586 -55.80 -22.96 -34.47
N PRO D 587 -57.10 -22.69 -34.18
CA PRO D 587 -58.19 -23.04 -35.11
C PRO D 587 -58.20 -22.21 -36.40
N GLY D 588 -57.45 -21.11 -36.43
CA GLY D 588 -57.13 -20.35 -37.66
C GLY D 588 -56.43 -21.21 -38.70
N ILE D 589 -55.79 -22.31 -38.29
CA ILE D 589 -55.03 -23.23 -39.20
C ILE D 589 -55.95 -23.77 -40.30
N LYS D 590 -57.24 -24.02 -40.01
CA LYS D 590 -58.18 -24.60 -41.01
C LYS D 590 -58.84 -23.48 -41.83
N ASP D 591 -58.80 -22.24 -41.35
CA ASP D 591 -59.51 -21.07 -41.96
C ASP D 591 -59.19 -20.99 -43.47
N ASN D 592 -60.21 -20.60 -44.25
CA ASN D 592 -60.20 -20.49 -45.73
C ASN D 592 -59.48 -19.20 -46.14
N ASN D 593 -59.65 -18.14 -45.34
CA ASN D 593 -59.00 -16.82 -45.56
C ASN D 593 -57.48 -17.07 -45.64
N PRO D 594 -56.81 -16.63 -46.72
CA PRO D 594 -55.36 -16.84 -46.85
C PRO D 594 -54.52 -16.22 -45.71
N TYR D 595 -54.83 -14.99 -45.25
CA TYR D 595 -54.07 -14.32 -44.17
C TYR D 595 -54.16 -15.15 -42.88
N ARG D 596 -55.37 -15.32 -42.36
CA ARG D 596 -55.63 -16.01 -41.07
C ARG D 596 -54.98 -17.40 -41.11
N LYS D 597 -55.04 -18.11 -42.23
CA LYS D 597 -54.40 -19.45 -42.38
C LYS D 597 -52.88 -19.28 -42.19
N ALA D 598 -52.27 -18.38 -42.95
CA ALA D 598 -50.80 -18.18 -42.96
C ALA D 598 -50.32 -17.72 -41.57
N HIS D 599 -51.08 -16.82 -40.91
CA HIS D 599 -50.80 -16.31 -39.54
C HIS D 599 -50.72 -17.49 -38.57
N ALA D 600 -51.72 -18.37 -38.60
CA ALA D 600 -51.81 -19.58 -37.77
C ALA D 600 -50.62 -20.51 -38.03
N GLU D 601 -50.25 -20.71 -39.29
CA GLU D 601 -49.09 -21.56 -39.67
C GLU D 601 -47.83 -20.97 -39.02
N ARG D 602 -47.68 -19.64 -39.05
CA ARG D 602 -46.50 -18.93 -38.49
C ARG D 602 -46.51 -19.06 -36.96
N GLN D 603 -47.68 -18.91 -36.35
CA GLN D 603 -47.88 -19.11 -34.89
C GLN D 603 -47.54 -20.56 -34.53
N ALA D 604 -47.92 -21.51 -35.39
CA ALA D 604 -47.70 -22.94 -35.14
C ALA D 604 -46.20 -23.16 -34.96
N ILE D 605 -45.42 -22.74 -35.96
CA ILE D 605 -43.94 -22.93 -35.98
C ILE D 605 -43.34 -22.18 -34.79
N ASN D 606 -43.70 -20.91 -34.63
CA ASN D 606 -43.05 -20.02 -33.64
C ASN D 606 -43.38 -20.50 -32.21
N THR D 607 -44.63 -20.91 -31.98
CA THR D 607 -45.07 -21.34 -30.63
C THR D 607 -44.21 -22.51 -30.16
N ILE D 608 -44.00 -23.51 -31.02
CA ILE D 608 -43.19 -24.70 -30.62
C ILE D 608 -41.81 -24.23 -30.15
N VAL D 609 -41.13 -23.37 -30.91
CA VAL D 609 -39.70 -23.02 -30.63
C VAL D 609 -39.64 -22.04 -29.46
N GLN D 610 -40.41 -20.95 -29.53
CA GLN D 610 -40.41 -19.88 -28.50
C GLN D 610 -40.96 -20.46 -27.19
N GLY D 611 -42.04 -21.26 -27.26
CA GLY D 611 -42.65 -21.89 -26.07
C GLY D 611 -41.70 -22.88 -25.40
N SER D 612 -41.00 -23.68 -26.19
CA SER D 612 -39.99 -24.63 -25.70
C SER D 612 -38.87 -23.88 -24.96
N ALA D 613 -38.40 -22.76 -25.52
CA ALA D 613 -37.32 -21.95 -24.91
C ALA D 613 -37.79 -21.44 -23.55
N ALA D 614 -39.05 -21.02 -23.48
CA ALA D 614 -39.65 -20.47 -22.25
C ALA D 614 -39.75 -21.56 -21.18
N ASP D 615 -40.03 -22.81 -21.59
CA ASP D 615 -40.06 -24.00 -20.70
C ASP D 615 -38.64 -24.23 -20.12
N ILE D 616 -37.61 -24.17 -20.96
CA ILE D 616 -36.21 -24.45 -20.53
C ILE D 616 -35.79 -23.41 -19.50
N VAL D 617 -36.13 -22.14 -19.71
CA VAL D 617 -35.69 -21.02 -18.82
C VAL D 617 -36.41 -21.17 -17.48
N LYS D 618 -37.69 -21.51 -17.50
CA LYS D 618 -38.48 -21.79 -16.27
C LYS D 618 -37.81 -22.91 -15.48
N ILE D 619 -37.47 -24.02 -16.13
CA ILE D 619 -36.84 -25.18 -15.46
C ILE D 619 -35.52 -24.69 -14.83
N ALA D 620 -34.72 -23.95 -15.61
CA ALA D 620 -33.44 -23.40 -15.13
C ALA D 620 -33.68 -22.55 -13.88
N THR D 621 -34.65 -21.66 -13.93
CA THR D 621 -34.95 -20.70 -12.84
C THR D 621 -35.24 -21.49 -11.57
N VAL D 622 -36.09 -22.50 -11.69
CA VAL D 622 -36.58 -23.32 -10.55
C VAL D 622 -35.39 -24.07 -9.95
N ASN D 623 -34.57 -24.69 -10.81
CA ASN D 623 -33.42 -25.52 -10.39
C ASN D 623 -32.33 -24.63 -9.75
N ILE D 624 -32.13 -23.41 -10.22
CA ILE D 624 -31.16 -22.45 -9.61
C ILE D 624 -31.66 -22.11 -8.21
N GLN D 625 -32.94 -21.81 -8.07
CA GLN D 625 -33.54 -21.39 -6.77
C GLN D 625 -33.36 -22.51 -5.74
N LYS D 626 -33.60 -23.78 -6.10
CA LYS D 626 -33.38 -24.94 -5.21
C LYS D 626 -31.93 -24.91 -4.72
N GLN D 627 -30.97 -24.87 -5.64
CA GLN D 627 -29.50 -24.84 -5.31
C GLN D 627 -29.20 -23.65 -4.38
N LEU D 628 -29.66 -22.45 -4.71
CA LEU D 628 -29.35 -21.24 -3.89
C LEU D 628 -29.82 -21.47 -2.46
N GLU D 629 -30.96 -22.13 -2.27
CA GLU D 629 -31.59 -22.31 -0.93
C GLU D 629 -30.90 -23.42 -0.13
N THR D 630 -30.15 -24.34 -0.77
CA THR D 630 -29.37 -25.38 -0.04
C THR D 630 -28.15 -24.71 0.60
N PHE D 631 -27.42 -23.90 -0.18
CA PHE D 631 -26.20 -23.17 0.28
C PHE D 631 -26.65 -21.95 1.09
N HIS D 632 -27.96 -21.83 1.33
CA HIS D 632 -28.64 -20.66 1.96
C HIS D 632 -28.52 -20.78 3.50
N SER D 633 -27.43 -20.26 4.06
CA SER D 633 -27.29 -19.90 5.50
C SER D 633 -27.90 -18.50 5.74
N THR D 634 -28.96 -18.14 4.99
CA THR D 634 -29.47 -16.75 4.84
C THR D 634 -30.87 -16.70 4.23
N PHE D 635 -31.46 -15.50 4.16
CA PHE D 635 -32.87 -15.24 3.80
C PHE D 635 -33.05 -15.44 2.29
N LYS D 636 -34.16 -16.01 1.86
CA LYS D 636 -34.35 -16.45 0.46
C LYS D 636 -34.79 -15.25 -0.41
N SER D 637 -35.12 -14.10 0.19
CA SER D 637 -35.55 -12.86 -0.51
C SER D 637 -35.33 -11.68 0.43
N HIS D 638 -35.25 -10.48 -0.11
CA HIS D 638 -35.26 -9.24 0.72
C HIS D 638 -36.55 -9.16 1.54
N GLY D 639 -37.68 -9.65 1.01
CA GLY D 639 -38.96 -9.66 1.73
C GLY D 639 -38.86 -10.48 3.01
N HIS D 640 -38.21 -11.65 2.94
CA HIS D 640 -38.00 -12.54 4.11
C HIS D 640 -37.27 -11.78 5.23
N ARG D 641 -36.57 -10.67 4.95
CA ARG D 641 -36.01 -9.81 6.04
C ARG D 641 -37.05 -8.78 6.52
N GLU D 642 -37.72 -8.05 5.62
CA GLU D 642 -38.88 -7.17 5.99
C GLU D 642 -39.86 -7.95 6.89
N CYS D 663 -25.52 -8.38 10.56
CA CYS D 663 -25.92 -9.56 9.76
C CYS D 663 -25.96 -9.19 8.27
N PRO D 664 -24.79 -9.08 7.59
CA PRO D 664 -24.72 -8.58 6.22
C PRO D 664 -25.48 -9.46 5.21
N ILE D 665 -25.81 -8.90 4.04
CA ILE D 665 -26.52 -9.63 2.95
C ILE D 665 -25.56 -10.66 2.33
N ARG D 666 -26.03 -11.90 2.17
CA ARG D 666 -25.31 -12.99 1.49
C ARG D 666 -26.26 -13.62 0.49
N GLY D 667 -25.71 -14.21 -0.56
CA GLY D 667 -26.42 -15.02 -1.56
C GLY D 667 -26.81 -14.22 -2.80
N GLY D 668 -27.71 -14.81 -3.58
CA GLY D 668 -28.15 -14.30 -4.89
C GLY D 668 -29.65 -14.15 -4.90
N PHE D 669 -30.12 -13.02 -5.40
CA PHE D 669 -31.55 -12.63 -5.38
C PHE D 669 -32.01 -12.46 -6.82
N PHE D 670 -32.97 -13.26 -7.24
CA PHE D 670 -33.60 -13.19 -8.58
C PHE D 670 -34.28 -11.83 -8.70
N ILE D 671 -33.84 -10.99 -9.64
CA ILE D 671 -34.37 -9.60 -9.74
C ILE D 671 -35.09 -9.38 -11.08
N LEU D 672 -34.79 -10.13 -12.14
CA LEU D 672 -35.42 -9.88 -13.45
C LEU D 672 -35.28 -11.09 -14.37
N GLN D 673 -36.30 -11.32 -15.18
CA GLN D 673 -36.27 -12.32 -16.26
C GLN D 673 -36.37 -11.55 -17.56
N LEU D 674 -35.56 -11.94 -18.56
CA LEU D 674 -35.51 -11.33 -19.90
C LEU D 674 -35.56 -12.42 -20.97
N HIS D 675 -36.46 -13.39 -20.82
CA HIS D 675 -36.87 -14.36 -21.86
C HIS D 675 -35.83 -15.47 -22.04
N ASP D 676 -34.59 -15.13 -22.35
CA ASP D 676 -33.50 -16.15 -22.44
C ASP D 676 -32.37 -15.77 -21.47
N GLU D 677 -32.65 -14.92 -20.50
CA GLU D 677 -31.61 -14.26 -19.67
C GLU D 677 -32.16 -14.06 -18.25
N LEU D 678 -31.40 -14.41 -17.23
CA LEU D 678 -31.77 -14.28 -15.80
C LEU D 678 -30.84 -13.27 -15.16
N LEU D 679 -31.37 -12.30 -14.42
CA LEU D 679 -30.58 -11.34 -13.63
C LEU D 679 -30.73 -11.68 -12.15
N TYR D 680 -29.60 -11.74 -11.45
CA TYR D 680 -29.49 -11.89 -10.00
C TYR D 680 -28.67 -10.73 -9.44
N GLU D 681 -29.09 -10.27 -8.28
CA GLU D 681 -28.33 -9.30 -7.44
C GLU D 681 -27.55 -10.15 -6.44
N VAL D 682 -26.22 -10.01 -6.35
CA VAL D 682 -25.38 -11.00 -5.62
C VAL D 682 -24.40 -10.27 -4.71
N ALA D 683 -24.28 -10.72 -3.46
CA ALA D 683 -23.29 -10.21 -2.49
C ALA D 683 -21.87 -10.46 -3.02
N GLU D 684 -20.98 -9.48 -2.85
CA GLU D 684 -19.57 -9.50 -3.38
C GLU D 684 -18.92 -10.89 -3.16
N GLU D 685 -19.01 -11.41 -1.93
CA GLU D 685 -18.35 -12.67 -1.48
C GLU D 685 -18.90 -13.88 -2.26
N ASP D 686 -20.09 -13.77 -2.83
CA ASP D 686 -20.80 -15.00 -3.28
C ASP D 686 -20.85 -15.04 -4.80
N VAL D 687 -20.28 -14.06 -5.51
CA VAL D 687 -20.46 -13.94 -6.98
C VAL D 687 -19.82 -15.13 -7.69
N VAL D 688 -18.68 -15.63 -7.24
CA VAL D 688 -18.01 -16.79 -7.90
C VAL D 688 -18.94 -18.00 -7.82
N GLN D 689 -19.42 -18.32 -6.61
CA GLN D 689 -20.22 -19.55 -6.32
C GLN D 689 -21.56 -19.46 -7.05
N VAL D 690 -22.25 -18.31 -6.98
CA VAL D 690 -23.57 -18.09 -7.63
C VAL D 690 -23.40 -18.19 -9.16
N ALA D 691 -22.32 -17.64 -9.72
CA ALA D 691 -22.07 -17.67 -11.19
C ALA D 691 -21.92 -19.13 -11.64
N GLN D 692 -21.21 -19.96 -10.87
CA GLN D 692 -21.01 -21.42 -11.15
C GLN D 692 -22.36 -22.13 -11.13
N ILE D 693 -23.13 -21.95 -10.07
CA ILE D 693 -24.49 -22.57 -9.88
C ILE D 693 -25.38 -22.18 -11.07
N VAL D 694 -25.46 -20.88 -11.38
CA VAL D 694 -26.37 -20.34 -12.44
C VAL D 694 -26.00 -20.99 -13.77
N LYS D 695 -24.72 -20.96 -14.14
CA LYS D 695 -24.21 -21.49 -15.44
C LYS D 695 -24.44 -23.00 -15.51
N ASN D 696 -24.04 -23.74 -14.48
CA ASN D 696 -24.19 -25.21 -14.42
C ASN D 696 -25.67 -25.57 -14.64
N GLU D 697 -26.58 -24.95 -13.88
CA GLU D 697 -28.03 -25.29 -13.88
C GLU D 697 -28.67 -24.89 -15.20
N MET D 698 -28.22 -23.81 -15.84
CA MET D 698 -28.80 -23.35 -17.13
C MET D 698 -28.34 -24.30 -18.25
N GLU D 699 -27.09 -24.77 -18.21
CA GLU D 699 -26.48 -25.70 -19.21
C GLU D 699 -27.03 -27.12 -19.08
N SER D 700 -27.49 -27.50 -17.89
CA SER D 700 -28.04 -28.84 -17.54
C SER D 700 -29.57 -28.86 -17.55
N ALA D 701 -30.25 -27.74 -17.85
CA ALA D 701 -31.72 -27.61 -17.70
C ALA D 701 -32.41 -28.79 -18.40
N VAL D 702 -32.04 -29.05 -19.65
CA VAL D 702 -32.52 -30.21 -20.47
C VAL D 702 -31.34 -30.70 -21.30
N LYS D 703 -31.45 -31.92 -21.85
CA LYS D 703 -30.46 -32.52 -22.80
C LYS D 703 -31.06 -32.44 -24.20
N LEU D 704 -30.41 -31.69 -25.11
CA LEU D 704 -30.77 -31.61 -26.55
C LEU D 704 -29.67 -32.27 -27.38
N SER D 705 -29.84 -32.29 -28.71
CA SER D 705 -28.86 -32.76 -29.71
C SER D 705 -27.60 -31.88 -29.65
N VAL D 706 -27.76 -30.62 -29.23
CA VAL D 706 -26.68 -29.60 -29.15
C VAL D 706 -26.49 -29.18 -27.69
N LYS D 707 -25.32 -28.63 -27.38
CA LYS D 707 -24.99 -28.03 -26.04
C LYS D 707 -25.76 -26.72 -25.91
N LEU D 708 -26.36 -26.50 -24.75
CA LEU D 708 -26.96 -25.19 -24.36
C LEU D 708 -25.83 -24.29 -23.86
N LYS D 709 -25.35 -23.37 -24.69
CA LYS D 709 -24.22 -22.48 -24.35
C LYS D 709 -24.75 -21.32 -23.49
N VAL D 710 -24.02 -20.95 -22.45
CA VAL D 710 -24.38 -19.83 -21.53
C VAL D 710 -23.21 -18.87 -21.41
N LYS D 711 -23.44 -17.57 -21.65
CA LYS D 711 -22.54 -16.44 -21.31
C LYS D 711 -23.01 -15.86 -19.96
N VAL D 712 -22.08 -15.67 -19.03
CA VAL D 712 -22.30 -14.96 -17.74
C VAL D 712 -21.58 -13.61 -17.80
N LYS D 713 -22.26 -12.54 -17.38
CA LYS D 713 -21.69 -11.18 -17.23
C LYS D 713 -21.96 -10.71 -15.80
N ILE D 714 -21.23 -9.69 -15.37
CA ILE D 714 -21.29 -9.17 -13.99
C ILE D 714 -20.93 -7.67 -14.00
N GLY D 715 -21.47 -6.90 -13.07
CA GLY D 715 -21.22 -5.45 -13.07
C GLY D 715 -21.95 -4.70 -11.99
N ALA D 716 -21.67 -3.40 -11.89
CA ALA D 716 -22.21 -2.53 -10.83
C ALA D 716 -23.53 -1.92 -11.32
N SER D 717 -23.99 -2.29 -12.52
CA SER D 717 -25.31 -1.90 -13.05
C SER D 717 -25.67 -2.83 -14.21
N TRP D 718 -26.94 -2.85 -14.54
CA TRP D 718 -27.49 -3.64 -15.69
C TRP D 718 -26.86 -3.08 -16.97
N GLY D 719 -26.52 -1.79 -16.97
CA GLY D 719 -25.98 -1.09 -18.15
C GLY D 719 -24.51 -1.33 -18.34
N GLU D 720 -23.75 -1.68 -17.30
CA GLU D 720 -22.27 -1.83 -17.35
C GLU D 720 -21.87 -3.27 -17.03
N LEU D 721 -22.45 -4.26 -17.69
CA LEU D 721 -22.14 -5.68 -17.42
C LEU D 721 -20.91 -6.05 -18.24
N LYS D 722 -19.97 -6.78 -17.63
CA LYS D 722 -18.71 -7.22 -18.28
C LYS D 722 -18.70 -8.75 -18.30
N ASP D 723 -18.21 -9.35 -19.40
CA ASP D 723 -17.94 -10.80 -19.52
C ASP D 723 -17.18 -11.28 -18.29
N PHE D 724 -17.57 -12.44 -17.80
CA PHE D 724 -17.02 -13.11 -16.59
C PHE D 724 -16.89 -14.60 -16.93
N ASP D 725 -15.65 -15.08 -17.08
CA ASP D 725 -15.30 -16.48 -17.43
C ASP D 725 -15.55 -17.33 -16.18
N VAL D 726 -16.45 -18.33 -16.29
CA VAL D 726 -16.84 -19.22 -15.15
C VAL D 726 -16.32 -20.62 -15.43
N SER E 5 84.63 -64.48 78.32
CA SER E 5 84.65 -65.41 77.12
C SER E 5 83.25 -66.01 76.91
N LEU E 6 82.83 -66.18 75.64
CA LEU E 6 81.52 -66.78 75.29
C LEU E 6 81.51 -68.24 75.74
N SER E 7 80.49 -68.64 76.51
CA SER E 7 80.28 -70.02 77.00
C SER E 7 78.91 -70.53 76.57
N ILE E 8 78.87 -71.77 76.10
CA ILE E 8 77.67 -72.54 75.71
C ILE E 8 77.51 -73.68 76.72
N ILE E 9 76.46 -73.60 77.56
CA ILE E 9 76.11 -74.65 78.56
C ILE E 9 75.10 -75.57 77.88
N ASP E 10 75.50 -76.82 77.63
CA ASP E 10 74.63 -77.90 77.09
C ASP E 10 73.80 -78.49 78.24
N VAL E 11 72.62 -77.92 78.49
CA VAL E 11 71.80 -78.19 79.69
C VAL E 11 71.30 -79.64 79.64
N ALA E 12 71.16 -80.24 78.46
CA ALA E 12 70.59 -81.60 78.26
C ALA E 12 71.69 -82.68 78.37
N SER E 13 72.91 -82.32 78.72
CA SER E 13 74.05 -83.26 78.77
C SER E 13 74.06 -84.00 80.12
N ASP E 14 73.35 -83.46 81.11
CA ASP E 14 73.34 -84.02 82.49
C ASP E 14 72.03 -83.63 83.18
N GLN E 15 71.30 -84.63 83.70
CA GLN E 15 70.00 -84.50 84.43
C GLN E 15 70.12 -83.39 85.48
N ASN E 16 71.21 -83.39 86.25
CA ASN E 16 71.43 -82.46 87.40
C ASN E 16 71.57 -81.02 86.89
N LEU E 17 72.36 -80.81 85.83
CA LEU E 17 72.58 -79.48 85.19
C LEU E 17 71.25 -78.96 84.62
N PHE E 18 70.48 -79.88 84.01
CA PHE E 18 69.17 -79.59 83.38
C PHE E 18 68.18 -79.00 84.40
N GLN E 19 68.02 -79.62 85.57
CA GLN E 19 67.06 -79.21 86.60
C GLN E 19 67.50 -77.88 87.22
N THR E 20 68.82 -77.70 87.41
CA THR E 20 69.39 -76.40 87.88
C THR E 20 69.02 -75.29 86.89
N PHE E 21 69.24 -75.55 85.60
CA PHE E 21 68.85 -74.64 84.50
C PHE E 21 67.33 -74.38 84.56
N ILE E 22 66.51 -75.42 84.70
CA ILE E 22 65.03 -75.26 84.66
C ILE E 22 64.61 -74.41 85.85
N LYS E 23 65.14 -74.70 87.05
CA LYS E 23 64.84 -73.91 88.28
C LYS E 23 65.19 -72.43 88.03
N GLU E 24 66.40 -72.13 87.55
CA GLU E 24 66.85 -70.72 87.26
C GLU E 24 65.93 -70.09 86.21
N TRP E 25 65.71 -70.78 85.11
CA TRP E 25 64.85 -70.26 83.99
C TRP E 25 63.50 -69.84 84.57
N ARG E 26 62.90 -70.65 85.44
CA ARG E 26 61.50 -70.40 85.94
C ARG E 26 61.48 -69.13 86.78
N CYS E 27 62.62 -68.69 87.34
CA CYS E 27 62.73 -67.42 88.12
C CYS E 27 62.83 -66.15 87.23
N LYS E 28 63.10 -66.27 85.94
CA LYS E 28 63.56 -65.10 85.13
C LYS E 28 62.35 -64.28 84.66
N LYS E 29 62.44 -62.96 84.76
CA LYS E 29 61.43 -62.03 84.23
C LYS E 29 61.82 -61.62 82.80
N ARG E 30 63.04 -61.90 82.34
CA ARG E 30 63.52 -61.50 81.00
C ARG E 30 64.53 -62.52 80.50
N PHE E 31 64.41 -62.91 79.24
CA PHE E 31 65.40 -63.78 78.56
C PHE E 31 65.16 -63.68 77.07
N SER E 32 66.17 -64.09 76.33
CA SER E 32 66.15 -64.20 74.87
C SER E 32 66.07 -65.68 74.55
N ILE E 33 65.45 -66.05 73.43
CA ILE E 33 65.60 -67.39 72.83
C ILE E 33 65.98 -67.19 71.37
N SER E 34 66.64 -68.18 70.85
CA SER E 34 66.94 -68.30 69.42
C SER E 34 66.84 -69.76 69.04
N LEU E 35 66.07 -70.05 67.99
CA LEU E 35 65.90 -71.41 67.43
C LEU E 35 67.13 -71.78 66.63
N ALA E 36 67.58 -73.02 66.75
CA ALA E 36 68.69 -73.59 65.97
C ALA E 36 68.07 -74.44 64.85
N CYS E 37 68.19 -74.01 63.61
CA CYS E 37 67.82 -74.79 62.41
C CYS E 37 69.10 -75.17 61.67
N GLU E 38 69.15 -76.41 61.17
CA GLU E 38 70.24 -77.00 60.35
C GLU E 38 69.62 -77.73 59.17
N LYS E 39 70.39 -77.89 58.08
CA LYS E 39 70.02 -78.77 56.96
C LYS E 39 70.31 -80.22 57.38
N ILE E 40 69.54 -81.16 56.84
CA ILE E 40 69.62 -82.61 57.21
C ILE E 40 71.00 -83.17 56.86
N ILE E 66 58.62 -88.35 61.48
CA ILE E 66 59.29 -88.42 62.82
C ILE E 66 60.78 -88.76 62.60
N ARG E 67 61.68 -87.88 63.04
CA ARG E 67 63.16 -88.08 62.91
C ARG E 67 63.80 -87.99 64.29
N ASP E 68 64.95 -88.65 64.49
CA ASP E 68 65.69 -88.69 65.78
C ASP E 68 66.48 -87.39 65.98
N ASP E 69 66.73 -86.65 64.90
CA ASP E 69 67.76 -85.57 64.89
C ASP E 69 67.11 -84.18 64.87
N GLY E 70 65.76 -84.09 64.98
CA GLY E 70 65.05 -82.81 65.19
C GLY E 70 63.71 -82.77 64.48
N PHE E 71 63.06 -81.61 64.49
CA PHE E 71 61.68 -81.39 64.00
C PHE E 71 61.69 -80.79 62.59
N PRO E 72 61.16 -81.48 61.55
CA PRO E 72 60.97 -80.83 60.25
C PRO E 72 60.17 -79.51 60.36
N ILE E 73 60.48 -78.58 59.47
CA ILE E 73 59.80 -77.26 59.35
C ILE E 73 58.82 -77.34 58.18
N LYS E 74 57.57 -76.92 58.35
CA LYS E 74 56.55 -76.92 57.28
C LYS E 74 56.99 -75.94 56.18
N GLY E 75 57.23 -76.46 54.98
CA GLY E 75 57.54 -75.67 53.78
C GLY E 75 58.97 -75.83 53.32
N CYS E 76 59.82 -76.49 54.14
CA CYS E 76 61.26 -76.77 53.83
C CYS E 76 61.58 -78.26 54.11
N ASP E 77 61.73 -79.06 53.05
CA ASP E 77 62.04 -80.51 53.16
C ASP E 77 63.52 -80.69 53.53
N ASP E 78 64.25 -79.60 53.77
CA ASP E 78 65.74 -79.58 53.83
C ASP E 78 66.27 -79.42 55.28
N THR E 79 65.52 -78.68 56.10
CA THR E 79 65.93 -78.03 57.38
C THR E 79 65.18 -78.63 58.57
N LEU E 80 65.86 -78.75 59.71
CA LEU E 80 65.29 -79.23 60.99
C LEU E 80 65.51 -78.19 62.09
N VAL E 81 64.55 -78.00 62.99
CA VAL E 81 64.78 -77.38 64.31
C VAL E 81 65.49 -78.44 65.15
N VAL E 82 66.74 -78.21 65.56
CA VAL E 82 67.56 -79.20 66.32
C VAL E 82 67.67 -78.75 67.78
N GLY E 83 67.35 -77.50 68.08
CA GLY E 83 67.43 -77.02 69.46
C GLY E 83 67.07 -75.56 69.54
N LEU E 84 67.33 -74.94 70.69
CA LEU E 84 67.25 -73.48 70.87
C LEU E 84 68.23 -73.08 71.97
N ALA E 85 68.62 -71.81 71.97
CA ALA E 85 69.53 -71.21 72.96
C ALA E 85 68.74 -70.20 73.78
N VAL E 86 69.07 -70.09 75.06
CA VAL E 86 68.45 -69.15 76.00
C VAL E 86 69.56 -68.28 76.57
N CYS E 87 69.30 -66.99 76.71
CA CYS E 87 70.24 -66.06 77.35
C CYS E 87 69.47 -65.17 78.30
N TRP E 88 69.99 -64.96 79.50
CA TRP E 88 69.38 -64.01 80.48
C TRP E 88 70.46 -63.11 81.11
N GLY E 89 71.59 -62.93 80.43
CA GLY E 89 72.61 -61.97 80.86
C GLY E 89 74.00 -62.38 80.44
N GLY E 90 74.92 -61.42 80.33
CA GLY E 90 76.35 -61.65 80.07
C GLY E 90 76.54 -62.33 78.73
N ARG E 91 77.48 -63.26 78.66
CA ARG E 91 77.90 -63.96 77.41
C ARG E 91 77.76 -65.46 77.62
N ASP E 92 76.78 -65.84 78.45
CA ASP E 92 76.36 -67.25 78.70
C ASP E 92 75.12 -67.55 77.87
N ALA E 93 75.22 -68.51 76.95
CA ALA E 93 74.11 -69.11 76.19
C ALA E 93 73.83 -70.51 76.73
N TYR E 94 72.57 -70.81 77.09
CA TYR E 94 72.15 -72.16 77.53
C TYR E 94 71.57 -72.83 76.31
N TYR E 95 72.27 -73.79 75.73
CA TYR E 95 71.78 -74.51 74.54
C TYR E 95 70.98 -75.76 74.97
N PHE E 96 69.74 -75.80 74.50
CA PHE E 96 68.69 -76.77 74.88
C PHE E 96 68.42 -77.61 73.63
N SER E 97 69.01 -78.79 73.56
CA SER E 97 68.88 -79.71 72.41
C SER E 97 67.49 -80.33 72.36
N LEU E 98 66.96 -80.47 71.14
CA LEU E 98 65.63 -81.06 70.83
C LEU E 98 65.83 -82.27 69.92
N GLN E 99 66.97 -82.93 70.03
CA GLN E 99 67.26 -84.16 69.26
C GLN E 99 67.01 -85.39 70.15
N LYS E 100 66.33 -86.41 69.63
CA LYS E 100 66.11 -87.69 70.36
C LYS E 100 67.48 -88.30 70.66
N GLU E 101 68.32 -88.48 69.64
CA GLU E 101 69.68 -89.07 69.74
C GLU E 101 70.68 -88.21 68.96
N GLN E 102 71.99 -88.39 69.22
CA GLN E 102 73.10 -87.77 68.45
C GLN E 102 73.10 -86.25 68.68
N PRO E 113 79.81 -80.11 71.64
CA PRO E 113 78.86 -80.49 72.70
C PRO E 113 79.11 -81.87 73.30
N PRO E 114 78.96 -82.05 74.63
CA PRO E 114 78.80 -83.38 75.22
C PRO E 114 77.41 -83.98 74.87
N SER E 115 77.23 -85.31 74.97
CA SER E 115 76.04 -86.03 74.42
C SER E 115 74.82 -85.81 75.32
N LEU E 116 73.67 -86.34 74.92
CA LEU E 116 72.39 -86.26 75.68
C LEU E 116 72.37 -87.30 76.80
N ASP E 117 72.10 -86.83 78.02
CA ASP E 117 71.68 -87.68 79.18
C ASP E 117 70.41 -88.43 78.78
N PRO E 118 70.45 -89.77 78.66
CA PRO E 118 69.33 -90.53 78.12
C PRO E 118 68.08 -90.61 79.05
N SER E 119 68.21 -90.28 80.34
CA SER E 119 67.08 -90.13 81.29
C SER E 119 66.22 -88.91 80.91
N LEU E 120 66.78 -87.96 80.16
CA LEU E 120 66.03 -86.77 79.65
C LEU E 120 65.43 -87.08 78.28
N THR E 121 64.30 -87.78 78.27
CA THR E 121 63.58 -88.07 77.02
C THR E 121 63.20 -86.76 76.32
N LEU E 122 63.01 -86.84 75.02
CA LEU E 122 62.54 -85.69 74.22
C LEU E 122 61.20 -85.19 74.78
N LYS E 123 60.28 -86.11 75.08
CA LYS E 123 58.97 -85.80 75.70
C LYS E 123 59.19 -84.98 76.98
N ASP E 124 60.06 -85.44 77.89
CA ASP E 124 60.38 -84.69 79.14
C ASP E 124 60.89 -83.27 78.80
N ARG E 125 61.80 -83.15 77.82
CA ARG E 125 62.40 -81.84 77.44
C ARG E 125 61.29 -80.93 76.89
N MET E 126 60.43 -81.48 76.03
CA MET E 126 59.34 -80.69 75.42
C MET E 126 58.37 -80.23 76.52
N TRP E 127 58.11 -81.07 77.51
CA TRP E 127 57.29 -80.61 78.66
C TRP E 127 57.94 -79.34 79.26
N TYR E 128 59.21 -79.45 79.66
CA TYR E 128 59.93 -78.41 80.46
C TYR E 128 60.05 -77.15 79.58
N LEU E 129 60.27 -77.36 78.28
CA LEU E 129 60.29 -76.23 77.32
C LEU E 129 58.92 -75.53 77.33
N GLN E 130 57.81 -76.23 77.14
CA GLN E 130 56.47 -75.58 77.07
C GLN E 130 56.19 -74.88 78.41
N SER E 131 56.60 -75.50 79.52
CA SER E 131 56.37 -74.98 80.89
C SER E 131 57.05 -73.61 81.06
N CYS E 132 58.27 -73.43 80.54
CA CYS E 132 59.04 -72.19 80.76
C CYS E 132 58.62 -71.11 79.75
N LEU E 133 57.96 -71.50 78.66
CA LEU E 133 57.58 -70.56 77.60
C LEU E 133 56.09 -70.19 77.69
N ARG E 134 55.34 -70.65 78.72
CA ARG E 134 53.92 -70.31 78.93
C ARG E 134 53.74 -69.56 80.27
N LYS E 135 52.96 -68.47 80.29
CA LYS E 135 52.74 -67.57 81.46
C LYS E 135 51.98 -68.31 82.57
N GLU E 136 52.33 -68.01 83.83
CA GLU E 136 51.48 -68.28 85.02
C GLU E 136 50.64 -67.02 85.28
N SER E 137 49.79 -67.02 86.30
CA SER E 137 48.85 -65.91 86.64
C SER E 137 49.56 -64.82 87.46
N ASP E 138 49.55 -63.58 86.97
CA ASP E 138 50.10 -62.35 87.62
C ASP E 138 51.63 -62.40 87.63
N LYS E 139 52.25 -62.81 86.51
CA LYS E 139 53.72 -62.99 86.37
C LYS E 139 54.19 -62.29 85.10
N GLU E 140 54.70 -61.05 85.23
CA GLU E 140 55.28 -60.23 84.12
C GLU E 140 56.60 -60.87 83.66
N CYS E 141 56.62 -61.37 82.43
CA CYS E 141 57.73 -62.15 81.83
C CYS E 141 57.88 -61.77 80.34
N SER E 142 59.08 -61.38 79.90
CA SER E 142 59.35 -60.88 78.54
C SER E 142 60.39 -61.77 77.86
N VAL E 143 60.07 -62.22 76.66
CA VAL E 143 61.00 -63.01 75.81
C VAL E 143 61.43 -62.14 74.61
N VAL E 144 62.72 -62.05 74.39
CA VAL E 144 63.35 -61.29 73.29
C VAL E 144 63.65 -62.28 72.17
N ILE E 145 63.04 -62.07 71.00
CA ILE E 145 63.27 -62.93 69.81
C ILE E 145 63.49 -62.04 68.59
N TYR E 146 64.66 -62.19 67.96
CA TYR E 146 64.92 -61.62 66.63
C TYR E 146 63.97 -62.29 65.62
N ASP E 147 63.19 -61.49 64.89
CA ASP E 147 62.16 -61.99 63.93
C ASP E 147 61.17 -62.85 64.70
N PHE E 148 60.51 -62.21 65.65
CA PHE E 148 59.48 -62.83 66.51
C PHE E 148 58.51 -63.69 65.68
N ILE E 149 57.94 -63.11 64.62
CA ILE E 149 56.81 -63.77 63.87
C ILE E 149 57.30 -65.10 63.30
N GLN E 150 58.43 -65.10 62.61
CA GLN E 150 58.91 -66.36 61.99
C GLN E 150 59.19 -67.40 63.09
N SER E 151 59.69 -66.99 64.25
CA SER E 151 60.08 -67.93 65.32
C SER E 151 58.81 -68.47 65.99
N TYR E 152 57.84 -67.62 66.26
CA TYR E 152 56.53 -68.03 66.85
C TYR E 152 55.92 -69.11 65.98
N LYS E 153 56.00 -68.98 64.66
CA LYS E 153 55.33 -69.92 63.73
C LYS E 153 56.08 -71.24 63.71
N ILE E 154 57.40 -71.21 63.66
CA ILE E 154 58.17 -72.49 63.65
C ILE E 154 57.95 -73.22 64.99
N LEU E 155 57.95 -72.52 66.11
CA LEU E 155 57.75 -73.16 67.43
C LEU E 155 56.36 -73.83 67.45
N LEU E 156 55.34 -73.16 66.90
CA LEU E 156 53.94 -73.69 66.88
C LEU E 156 53.86 -74.87 65.92
N LEU E 157 54.26 -74.70 64.66
CA LEU E 157 54.02 -75.70 63.59
C LEU E 157 55.02 -76.85 63.65
N SER E 158 56.26 -76.60 64.04
CA SER E 158 57.33 -77.64 64.02
C SER E 158 57.38 -78.39 65.36
N CYS E 159 57.29 -77.68 66.48
CA CYS E 159 57.50 -78.24 67.84
C CYS E 159 56.19 -78.33 68.62
N GLY E 160 55.10 -77.76 68.14
CA GLY E 160 53.80 -77.81 68.83
C GLY E 160 53.80 -76.96 70.08
N ILE E 161 54.60 -75.91 70.11
CA ILE E 161 54.70 -75.01 71.30
C ILE E 161 54.17 -73.62 70.93
N SER E 162 53.24 -73.12 71.74
CA SER E 162 52.64 -71.77 71.63
C SER E 162 53.26 -70.91 72.72
N LEU E 163 54.13 -69.97 72.35
CA LEU E 163 54.62 -68.88 73.24
C LEU E 163 53.41 -68.20 73.90
N GLU E 164 53.46 -67.98 75.21
CA GLU E 164 52.42 -67.24 75.98
C GLU E 164 53.15 -66.39 77.03
N GLN E 165 53.80 -65.32 76.55
CA GLN E 165 54.48 -64.29 77.37
C GLN E 165 54.40 -62.96 76.62
N SER E 166 54.95 -61.87 77.18
CA SER E 166 55.20 -60.59 76.49
C SER E 166 56.40 -60.77 75.57
N TYR E 167 56.31 -60.27 74.34
CA TYR E 167 57.36 -60.41 73.31
C TYR E 167 58.00 -59.04 73.05
N GLU E 168 59.28 -59.12 72.76
CA GLU E 168 60.14 -57.98 72.36
C GLU E 168 61.01 -58.43 71.17
N ASP E 169 60.84 -57.80 70.02
CA ASP E 169 61.68 -58.04 68.80
C ASP E 169 62.55 -56.81 68.61
N PRO E 170 63.88 -56.93 68.68
CA PRO E 170 64.77 -55.80 68.43
C PRO E 170 64.56 -55.17 67.03
N LYS E 171 64.18 -55.95 66.01
CA LYS E 171 63.87 -55.41 64.65
C LYS E 171 62.78 -54.34 64.77
N VAL E 172 61.76 -54.56 65.61
CA VAL E 172 60.59 -53.65 65.72
C VAL E 172 61.01 -52.40 66.48
N ALA E 173 61.84 -52.57 67.51
CA ALA E 173 62.42 -51.46 68.29
C ALA E 173 63.24 -50.54 67.36
N CYS E 174 64.07 -51.09 66.48
CA CYS E 174 64.86 -50.32 65.48
C CYS E 174 63.92 -49.47 64.64
N TRP E 175 62.90 -50.10 64.07
CA TRP E 175 61.89 -49.43 63.24
C TRP E 175 61.30 -48.25 64.01
N LEU E 176 60.99 -48.47 65.28
CA LEU E 176 60.28 -47.50 66.13
C LEU E 176 61.20 -46.29 66.36
N LEU E 177 62.52 -46.49 66.36
CA LEU E 177 63.50 -45.39 66.58
C LEU E 177 63.74 -44.59 65.31
N ASP E 178 63.66 -45.22 64.13
CA ASP E 178 63.80 -44.52 62.82
C ASP E 178 63.07 -45.31 61.75
N PRO E 179 61.80 -44.94 61.42
CA PRO E 179 60.99 -45.74 60.51
C PRO E 179 61.54 -45.77 59.08
N ASP E 180 62.41 -44.82 58.72
CA ASP E 180 62.99 -44.68 57.35
C ASP E 180 64.34 -45.42 57.27
N SER E 181 64.83 -45.97 58.39
CA SER E 181 66.08 -46.77 58.43
C SER E 181 65.92 -47.96 57.50
N GLN E 182 67.03 -48.51 57.02
CA GLN E 182 66.99 -49.75 56.20
C GLN E 182 66.52 -50.88 57.11
N GLU E 183 65.77 -51.85 56.60
CA GLU E 183 65.40 -53.07 57.33
C GLU E 183 66.61 -53.56 58.10
N PRO E 184 66.51 -53.78 59.43
CA PRO E 184 67.65 -54.26 60.22
C PRO E 184 68.04 -55.69 59.91
N THR E 185 69.33 -56.00 59.97
CA THR E 185 69.88 -57.37 60.01
C THR E 185 70.48 -57.56 61.41
N LEU E 186 70.85 -58.76 61.80
CA LEU E 186 71.56 -58.96 63.10
C LEU E 186 72.86 -58.15 63.07
N HIS E 187 73.53 -58.10 61.92
CA HIS E 187 74.81 -57.37 61.73
C HIS E 187 74.61 -55.87 61.96
N SER E 188 73.57 -55.27 61.39
CA SER E 188 73.28 -53.82 61.53
C SER E 188 72.90 -53.50 62.98
N ILE E 189 72.11 -54.35 63.63
CA ILE E 189 71.71 -54.14 65.04
C ILE E 189 72.97 -54.15 65.92
N VAL E 190 73.83 -55.13 65.74
CA VAL E 190 75.06 -55.26 66.58
C VAL E 190 76.00 -54.08 66.26
N THR E 191 76.12 -53.72 64.98
CA THR E 191 76.93 -52.54 64.55
C THR E 191 76.45 -51.31 65.32
N SER E 192 75.14 -51.00 65.32
CA SER E 192 74.58 -49.75 65.88
C SER E 192 74.48 -49.77 67.41
N PHE E 193 74.11 -50.90 68.01
CA PHE E 193 73.66 -50.95 69.42
C PHE E 193 74.60 -51.82 70.28
N LEU E 194 75.45 -52.67 69.70
CA LEU E 194 76.32 -53.56 70.51
C LEU E 194 77.68 -53.71 69.82
N PRO E 195 78.33 -52.61 69.38
CA PRO E 195 79.45 -52.68 68.44
C PRO E 195 80.67 -53.43 68.99
N HIS E 196 80.87 -53.41 70.30
CA HIS E 196 81.95 -54.18 70.98
C HIS E 196 81.80 -55.70 70.77
N GLU E 197 80.64 -56.22 70.33
CA GLU E 197 80.46 -57.69 70.13
C GLU E 197 80.52 -58.04 68.64
N LEU E 198 80.84 -57.11 67.73
CA LEU E 198 80.99 -57.42 66.28
C LEU E 198 81.93 -58.60 66.04
N PRO E 199 83.03 -58.80 66.80
CA PRO E 199 83.89 -59.97 66.59
C PRO E 199 83.17 -61.33 66.60
N LEU E 200 82.16 -61.51 67.47
CA LEU E 200 81.30 -62.73 67.53
C LEU E 200 80.71 -63.06 66.16
N LEU E 201 80.51 -62.06 65.30
CA LEU E 201 79.84 -62.22 63.98
C LEU E 201 80.88 -62.42 62.88
N GLU E 202 82.17 -62.35 63.17
CA GLU E 202 83.27 -62.58 62.21
C GLU E 202 83.16 -63.99 61.60
N GLY E 203 83.06 -64.06 60.26
CA GLY E 203 82.95 -65.31 59.48
C GLY E 203 81.52 -65.87 59.51
N MET E 204 80.53 -65.04 59.86
CA MET E 204 79.10 -65.43 59.95
C MET E 204 78.32 -64.49 59.03
N GLU E 205 78.62 -64.60 57.73
CA GLU E 205 78.24 -63.65 56.66
C GLU E 205 76.71 -63.54 56.54
N THR E 206 75.98 -64.60 56.90
CA THR E 206 74.48 -64.68 56.88
C THR E 206 73.88 -63.71 57.92
N SER E 207 74.63 -63.24 58.92
CA SER E 207 74.20 -62.20 59.89
C SER E 207 73.90 -60.89 59.17
N SER E 212 66.98 -64.56 60.61
CA SER E 212 67.56 -64.91 61.94
C SER E 212 68.80 -65.80 61.74
N LEU E 213 69.89 -65.52 62.44
CA LEU E 213 71.14 -66.32 62.36
C LEU E 213 70.84 -67.79 62.70
N GLY E 214 70.04 -68.01 63.75
CA GLY E 214 69.64 -69.36 64.20
C GLY E 214 68.85 -70.07 63.11
N LEU E 215 67.94 -69.35 62.44
CA LEU E 215 66.98 -69.92 61.45
C LEU E 215 67.68 -70.17 60.12
N ASN E 216 68.84 -69.54 59.88
CA ASN E 216 69.47 -69.55 58.54
C ASN E 216 70.43 -70.74 58.48
N ALA E 217 69.91 -71.87 58.00
CA ALA E 217 70.62 -73.15 57.88
C ALA E 217 71.51 -73.18 56.62
N GLY E 218 71.50 -72.10 55.82
CA GLY E 218 72.40 -71.95 54.67
C GLY E 218 73.79 -71.51 55.08
N SER E 219 74.23 -71.88 56.29
CA SER E 219 75.58 -71.61 56.86
C SER E 219 76.27 -72.95 57.12
N GLU E 220 77.61 -72.95 57.18
CA GLU E 220 78.44 -74.14 57.53
C GLU E 220 78.60 -74.23 59.05
N HIS E 221 78.26 -73.17 59.77
CA HIS E 221 78.29 -73.14 61.25
C HIS E 221 77.09 -73.90 61.78
N SER E 222 77.27 -74.64 62.87
CA SER E 222 76.21 -75.44 63.53
C SER E 222 75.07 -74.53 64.00
N GLY E 223 73.84 -75.06 64.02
CA GLY E 223 72.67 -74.39 64.62
C GLY E 223 72.93 -74.04 66.07
N ARG E 224 73.63 -74.93 66.77
CA ARG E 224 73.96 -74.72 68.20
C ARG E 224 74.75 -73.43 68.36
N TYR E 225 75.85 -73.29 67.61
CA TYR E 225 76.76 -72.11 67.70
C TYR E 225 75.97 -70.87 67.28
N ARG E 226 75.28 -70.94 66.15
CA ARG E 226 74.55 -69.78 65.57
C ARG E 226 73.50 -69.31 66.57
N ALA E 227 72.69 -70.21 67.12
CA ALA E 227 71.59 -69.85 68.05
C ALA E 227 72.18 -69.29 69.35
N SER E 228 73.29 -69.86 69.84
CA SER E 228 73.94 -69.41 71.09
C SER E 228 74.44 -67.97 70.92
N VAL E 229 75.13 -67.69 69.81
CA VAL E 229 75.67 -66.33 69.51
C VAL E 229 74.49 -65.38 69.39
N GLU E 230 73.50 -65.73 68.58
CA GLU E 230 72.31 -64.88 68.41
C GLU E 230 71.67 -64.58 69.78
N SER E 231 71.50 -65.59 70.63
CA SER E 231 70.78 -65.41 71.92
C SER E 231 71.47 -64.32 72.73
N ILE E 232 72.80 -64.34 72.77
CA ILE E 232 73.63 -63.39 73.54
C ILE E 232 73.55 -62.02 72.88
N LEU E 233 73.77 -61.92 71.56
CA LEU E 233 73.72 -60.62 70.85
C LEU E 233 72.36 -59.96 71.03
N ILE E 234 71.27 -60.72 70.93
CA ILE E 234 69.88 -60.18 70.92
C ILE E 234 69.49 -59.74 72.33
N PHE E 235 69.85 -60.50 73.37
CA PHE E 235 69.49 -60.14 74.78
C PHE E 235 70.13 -58.80 75.11
N ASN E 236 71.44 -58.67 74.86
CA ASN E 236 72.23 -57.47 75.20
C ASN E 236 71.81 -56.29 74.33
N SER E 237 71.62 -56.49 73.03
CA SER E 237 71.10 -55.48 72.08
C SER E 237 69.78 -54.90 72.57
N MET E 238 68.89 -55.76 73.03
CA MET E 238 67.51 -55.37 73.40
C MET E 238 67.54 -54.52 74.69
N ASN E 239 68.50 -54.76 75.58
CA ASN E 239 68.68 -53.89 76.78
C ASN E 239 68.98 -52.46 76.31
N GLN E 240 69.89 -52.31 75.36
CA GLN E 240 70.28 -50.98 74.83
C GLN E 240 69.05 -50.39 74.10
N LEU E 241 68.42 -51.14 73.21
CA LEU E 241 67.20 -50.66 72.49
C LEU E 241 66.10 -50.25 73.49
N ASN E 242 65.90 -50.98 74.58
CA ASN E 242 64.90 -50.61 75.62
C ASN E 242 65.27 -49.29 76.29
N SER E 243 66.53 -49.06 76.60
CA SER E 243 66.97 -47.76 77.16
C SER E 243 66.65 -46.65 76.15
N LEU E 244 66.92 -46.86 74.86
CA LEU E 244 66.69 -45.81 73.83
C LEU E 244 65.18 -45.56 73.70
N LEU E 245 64.36 -46.61 73.66
CA LEU E 245 62.87 -46.47 73.61
C LEU E 245 62.38 -45.65 74.79
N GLN E 246 62.92 -45.90 75.98
CA GLN E 246 62.54 -45.16 77.22
C GLN E 246 62.95 -43.69 77.10
N LYS E 247 64.16 -43.42 76.60
CA LYS E 247 64.61 -42.02 76.40
C LYS E 247 63.65 -41.32 75.41
N GLU E 248 63.21 -41.99 74.35
CA GLU E 248 62.33 -41.39 73.29
C GLU E 248 60.85 -41.48 73.69
N ASN E 249 60.52 -42.15 74.80
CA ASN E 249 59.13 -42.29 75.31
C ASN E 249 58.29 -43.09 74.31
N LEU E 250 58.87 -44.14 73.75
CA LEU E 250 58.19 -45.07 72.79
C LEU E 250 58.02 -46.46 73.42
N GLN E 251 58.34 -46.63 74.70
CA GLN E 251 58.33 -47.98 75.31
C GLN E 251 56.88 -48.45 75.50
N ASP E 252 55.99 -47.55 75.91
CA ASP E 252 54.54 -47.89 76.05
C ASP E 252 54.01 -48.34 74.68
N VAL E 253 54.33 -47.57 73.64
CA VAL E 253 53.89 -47.86 72.25
C VAL E 253 54.38 -49.26 71.88
N PHE E 254 55.64 -49.55 72.16
CA PHE E 254 56.33 -50.81 71.81
C PHE E 254 55.63 -52.00 72.48
N ARG E 255 55.35 -51.91 73.78
CA ARG E 255 54.78 -53.04 74.57
C ARG E 255 53.27 -53.16 74.40
N LYS E 256 52.52 -52.06 74.27
CA LYS E 256 51.03 -52.08 74.24
C LYS E 256 50.49 -52.15 72.81
N VAL E 257 51.21 -51.69 71.78
CA VAL E 257 50.67 -51.58 70.39
C VAL E 257 51.52 -52.39 69.41
N GLU E 258 52.79 -52.07 69.26
CA GLU E 258 53.60 -52.62 68.15
C GLU E 258 53.83 -54.12 68.36
N MET E 259 54.24 -54.58 69.53
CA MET E 259 54.57 -56.02 69.67
C MET E 259 53.27 -56.84 69.67
N PRO E 260 52.19 -56.40 70.36
CA PRO E 260 50.90 -57.08 70.21
C PRO E 260 50.41 -57.16 68.76
N SER E 261 50.63 -56.07 67.99
CA SER E 261 50.29 -56.00 66.55
C SER E 261 51.07 -57.09 65.82
N GLN E 262 52.34 -57.27 66.14
CA GLN E 262 53.13 -58.37 65.54
C GLN E 262 52.50 -59.73 65.88
N TYR E 263 52.00 -59.92 67.10
CA TYR E 263 51.37 -61.19 67.51
C TYR E 263 50.11 -61.41 66.66
N CYS E 264 49.24 -60.42 66.53
CA CYS E 264 48.05 -60.49 65.62
C CYS E 264 48.50 -60.86 64.20
N LEU E 265 49.61 -60.32 63.70
CA LEU E 265 50.05 -60.60 62.31
C LEU E 265 50.58 -62.02 62.21
N ALA E 266 51.17 -62.54 63.28
CA ALA E 266 51.59 -63.97 63.33
C ALA E 266 50.38 -64.88 63.17
N LEU E 267 49.27 -64.58 63.84
CA LEU E 267 48.03 -65.40 63.72
C LEU E 267 47.52 -65.35 62.27
N LEU E 268 47.54 -64.17 61.65
CA LEU E 268 47.10 -63.95 60.23
C LEU E 268 47.97 -64.80 59.31
N GLU E 269 49.27 -64.81 59.54
CA GLU E 269 50.21 -65.54 58.66
C GLU E 269 50.00 -67.04 58.86
N LEU E 270 49.66 -67.47 60.07
CA LEU E 270 49.34 -68.89 60.35
C LEU E 270 48.00 -69.22 59.69
N ASN E 271 47.04 -68.30 59.72
CA ASN E 271 45.69 -68.53 59.16
C ASN E 271 45.77 -68.66 57.65
N GLY E 272 46.51 -67.80 56.97
CA GLY E 272 46.40 -67.65 55.50
C GLY E 272 45.00 -67.19 55.09
N ILE E 273 44.75 -67.09 53.78
CA ILE E 273 43.43 -66.66 53.24
C ILE E 273 43.00 -67.70 52.23
N GLY E 274 41.74 -68.12 52.34
CA GLY E 274 41.19 -69.15 51.46
C GLY E 274 41.16 -68.68 50.03
N PHE E 275 41.35 -69.62 49.10
CA PHE E 275 41.55 -69.35 47.66
C PHE E 275 40.86 -70.45 46.88
N SER E 276 40.09 -70.03 45.89
CA SER E 276 39.47 -70.88 44.83
C SER E 276 40.22 -70.76 43.50
N THR E 277 40.68 -71.90 43.00
CA THR E 277 41.45 -71.97 41.73
C THR E 277 40.48 -72.01 40.54
N ALA E 278 39.33 -72.67 40.71
CA ALA E 278 38.20 -72.70 39.75
C ALA E 278 37.79 -71.28 39.36
N GLU E 279 37.50 -70.45 40.36
CA GLU E 279 37.03 -69.04 40.16
C GLU E 279 38.09 -68.26 39.39
N CYS E 280 39.34 -68.35 39.83
CA CYS E 280 40.53 -67.72 39.20
C CYS E 280 40.65 -68.12 37.72
N GLU E 281 40.59 -69.42 37.38
CA GLU E 281 40.81 -69.96 36.01
C GLU E 281 39.73 -69.44 35.06
N SER E 282 38.49 -69.39 35.52
CA SER E 282 37.35 -68.99 34.65
C SER E 282 37.49 -67.49 34.35
N GLN E 283 37.94 -66.69 35.31
CA GLN E 283 38.23 -65.25 35.07
C GLN E 283 39.41 -65.13 34.11
N LYS E 284 40.47 -65.91 34.31
CA LYS E 284 41.66 -65.92 33.43
C LYS E 284 41.24 -66.14 31.98
N HIS E 285 40.36 -67.11 31.72
CA HIS E 285 39.96 -67.49 30.33
C HIS E 285 39.24 -66.34 29.66
N ILE E 286 38.35 -65.64 30.38
CA ILE E 286 37.61 -64.46 29.84
C ILE E 286 38.61 -63.35 29.54
N MET E 287 39.50 -63.08 30.49
CA MET E 287 40.54 -62.03 30.33
C MET E 287 41.43 -62.34 29.13
N GLN E 288 41.80 -63.60 28.94
CA GLN E 288 42.77 -63.98 27.87
C GLN E 288 42.10 -63.84 26.51
N ALA E 289 40.82 -64.15 26.42
CA ALA E 289 40.01 -64.00 25.19
C ALA E 289 39.93 -62.52 24.80
N LYS E 290 39.78 -61.63 25.78
CA LYS E 290 39.69 -60.17 25.56
C LYS E 290 41.07 -59.66 25.12
N LEU E 291 42.14 -60.11 25.76
CA LEU E 291 43.52 -59.77 25.34
C LEU E 291 43.73 -60.15 23.87
N ASP E 292 43.24 -61.31 23.43
CA ASP E 292 43.44 -61.81 22.05
C ASP E 292 42.73 -60.88 21.07
N ALA E 293 41.45 -60.55 21.32
CA ALA E 293 40.62 -59.64 20.51
C ALA E 293 41.25 -58.23 20.48
N ILE E 294 41.72 -57.74 21.62
CA ILE E 294 42.40 -56.41 21.71
C ILE E 294 43.63 -56.42 20.81
N GLU E 295 44.48 -57.44 20.92
CA GLU E 295 45.73 -57.54 20.11
C GLU E 295 45.34 -57.48 18.63
N THR E 296 44.43 -58.36 18.19
CA THR E 296 44.07 -58.51 16.75
C THR E 296 43.54 -57.16 16.24
N GLN E 297 42.74 -56.44 17.03
CA GLN E 297 42.17 -55.12 16.63
C GLN E 297 43.27 -54.05 16.66
N ALA E 298 44.11 -54.02 17.69
CA ALA E 298 45.26 -53.09 17.79
C ALA E 298 46.13 -53.22 16.54
N TYR E 299 46.50 -54.45 16.14
CA TYR E 299 47.46 -54.73 15.05
C TYR E 299 46.83 -54.32 13.70
N GLN E 300 45.52 -54.40 13.55
CA GLN E 300 44.84 -53.96 12.30
C GLN E 300 44.82 -52.43 12.24
N LEU E 301 44.54 -51.76 13.34
CA LEU E 301 44.57 -50.26 13.39
C LEU E 301 46.01 -49.77 13.16
N ALA E 302 47.02 -50.42 13.77
CA ALA E 302 48.45 -50.04 13.63
C ALA E 302 48.99 -50.34 12.22
N GLY E 303 48.44 -51.36 11.56
CA GLY E 303 48.92 -51.83 10.25
C GLY E 303 49.98 -52.92 10.36
N HIS E 304 50.58 -53.12 11.52
CA HIS E 304 51.62 -54.16 11.75
C HIS E 304 51.61 -54.61 13.20
N SER E 305 52.22 -55.76 13.50
CA SER E 305 52.53 -56.20 14.88
C SER E 305 53.34 -55.11 15.57
N PHE E 306 53.14 -54.94 16.88
CA PHE E 306 53.98 -54.09 17.76
C PHE E 306 53.91 -54.68 19.16
N SER E 307 54.95 -54.49 19.96
CA SER E 307 55.00 -54.96 21.37
C SER E 307 54.26 -53.96 22.25
N PHE E 308 53.26 -54.42 23.01
CA PHE E 308 52.46 -53.63 23.99
C PHE E 308 53.34 -53.24 25.18
N THR E 309 54.51 -53.88 25.32
CA THR E 309 55.43 -53.73 26.48
C THR E 309 56.54 -52.74 26.16
N SER E 310 56.67 -52.28 24.90
CA SER E 310 57.67 -51.28 24.45
C SER E 310 57.02 -49.90 24.29
N SER E 311 57.34 -48.98 25.21
CA SER E 311 56.97 -47.53 25.16
C SER E 311 57.36 -46.96 23.79
N ASP E 312 58.57 -47.32 23.32
CA ASP E 312 59.16 -46.89 22.03
C ASP E 312 58.19 -47.23 20.88
N ASP E 313 57.81 -48.52 20.77
CA ASP E 313 56.92 -49.04 19.71
C ASP E 313 55.60 -48.25 19.73
N ILE E 314 54.99 -48.14 20.92
CA ILE E 314 53.67 -47.49 21.12
C ILE E 314 53.77 -46.02 20.70
N ALA E 315 54.87 -45.35 21.06
CA ALA E 315 55.12 -43.93 20.73
C ALA E 315 55.28 -43.79 19.20
N GLU E 316 56.03 -44.70 18.57
CA GLU E 316 56.21 -44.72 17.10
C GLU E 316 54.82 -44.75 16.46
N VAL E 317 53.94 -45.66 16.91
CA VAL E 317 52.59 -45.89 16.30
C VAL E 317 51.69 -44.68 16.59
N LEU E 318 51.59 -44.24 17.84
CA LEU E 318 50.61 -43.19 18.23
C LEU E 318 51.00 -41.86 17.60
N PHE E 319 52.29 -41.48 17.63
CA PHE E 319 52.73 -40.07 17.42
C PHE E 319 53.35 -39.89 16.04
N LEU E 320 54.21 -40.82 15.60
CA LEU E 320 54.87 -40.75 14.27
C LEU E 320 53.92 -41.26 13.18
N GLU E 321 53.27 -42.40 13.39
CA GLU E 321 52.63 -43.19 12.28
C GLU E 321 51.14 -42.86 12.18
N LEU E 322 50.55 -42.26 13.22
CA LEU E 322 49.12 -41.83 13.26
C LEU E 322 49.03 -40.33 13.53
N LYS E 323 50.11 -39.70 14.01
CA LYS E 323 50.21 -38.22 14.19
C LYS E 323 49.12 -37.72 15.17
N LEU E 324 48.96 -38.37 16.32
CA LEU E 324 48.11 -37.83 17.44
C LEU E 324 48.93 -36.79 18.20
N PRO E 325 48.28 -35.73 18.76
CA PRO E 325 49.01 -34.61 19.36
C PRO E 325 49.58 -34.83 20.77
N PRO E 326 50.91 -34.68 20.98
CA PRO E 326 51.51 -34.72 22.31
C PRO E 326 51.48 -33.34 23.01
N PHE E 358 58.74 -38.73 23.82
CA PHE E 358 57.26 -38.70 23.85
C PHE E 358 56.74 -39.80 24.79
N SER E 359 56.15 -39.42 25.92
CA SER E 359 55.62 -40.31 26.99
C SER E 359 54.38 -41.07 26.49
N THR E 360 54.17 -42.27 27.03
CA THR E 360 53.00 -43.16 26.76
C THR E 360 52.34 -43.52 28.08
N SER E 361 52.28 -42.58 29.02
CA SER E 361 51.73 -42.78 30.37
C SER E 361 50.20 -42.88 30.31
N LYS E 362 49.61 -43.34 31.42
CA LYS E 362 48.14 -43.42 31.61
C LYS E 362 47.52 -42.07 31.24
N ASP E 363 48.09 -40.95 31.71
CA ASP E 363 47.51 -39.59 31.61
C ASP E 363 47.45 -39.18 30.13
N VAL E 364 48.54 -39.42 29.39
CA VAL E 364 48.64 -39.15 27.93
C VAL E 364 47.53 -39.96 27.23
N LEU E 365 47.50 -41.29 27.41
CA LEU E 365 46.62 -42.18 26.60
C LEU E 365 45.16 -41.89 26.97
N ASN E 366 44.94 -41.47 28.21
CA ASN E 366 43.59 -41.15 28.74
C ASN E 366 43.02 -39.94 28.00
N LYS E 367 43.86 -38.95 27.69
CA LYS E 367 43.46 -37.78 26.85
C LYS E 367 43.17 -38.28 25.43
N LEU E 368 44.10 -39.07 24.86
CA LEU E 368 44.10 -39.39 23.41
C LEU E 368 42.96 -40.37 23.06
N LYS E 369 42.39 -41.11 24.01
CA LYS E 369 41.36 -42.15 23.72
C LYS E 369 40.12 -41.48 23.15
N ALA E 370 39.94 -40.19 23.43
CA ALA E 370 38.85 -39.38 22.83
C ALA E 370 39.05 -39.21 21.31
N LEU E 371 40.26 -39.43 20.76
CA LEU E 371 40.61 -39.07 19.35
C LEU E 371 40.82 -40.30 18.46
N HIS E 372 41.04 -41.49 19.00
CA HIS E 372 41.40 -42.70 18.22
C HIS E 372 41.24 -43.92 19.12
N PRO E 373 40.79 -45.07 18.58
CA PRO E 373 40.55 -46.27 19.40
C PRO E 373 41.81 -46.92 20.02
N LEU E 374 42.99 -46.77 19.41
CA LEU E 374 44.20 -47.54 19.79
C LEU E 374 44.69 -47.21 21.21
N PRO E 375 44.79 -45.93 21.64
CA PRO E 375 45.18 -45.62 23.02
C PRO E 375 44.33 -46.29 24.11
N GLY E 376 43.02 -46.38 23.88
CA GLY E 376 42.08 -47.12 24.76
C GLY E 376 42.39 -48.61 24.81
N LEU E 377 42.65 -49.23 23.67
CA LEU E 377 43.04 -50.67 23.57
C LEU E 377 44.33 -50.87 24.38
N ILE E 378 45.31 -49.98 24.23
CA ILE E 378 46.61 -50.07 24.96
C ILE E 378 46.28 -50.10 26.46
N LEU E 379 45.40 -49.21 26.91
CA LEU E 379 45.14 -49.03 28.37
C LEU E 379 44.49 -50.30 28.91
N GLU E 380 43.58 -50.87 28.14
CA GLU E 380 42.83 -52.09 28.55
C GLU E 380 43.77 -53.28 28.53
N TRP E 381 44.64 -53.35 27.52
CA TRP E 381 45.68 -54.41 27.42
C TRP E 381 46.50 -54.44 28.72
N ARG E 382 46.96 -53.27 29.18
CA ARG E 382 47.87 -53.17 30.34
C ARG E 382 47.08 -53.55 31.59
N ARG E 383 45.82 -53.16 31.67
CA ARG E 383 44.97 -53.43 32.86
C ARG E 383 44.80 -54.94 32.98
N ILE E 384 44.42 -55.58 31.89
CA ILE E 384 44.10 -57.04 31.91
C ILE E 384 45.40 -57.83 32.06
N THR E 385 46.47 -57.47 31.32
CA THR E 385 47.79 -58.14 31.42
C THR E 385 48.25 -58.09 32.89
N ASN E 386 48.03 -56.96 33.57
CA ASN E 386 48.36 -56.79 34.99
C ASN E 386 47.62 -57.83 35.84
N ALA E 387 46.31 -57.98 35.65
CA ALA E 387 45.48 -58.92 36.44
C ALA E 387 45.98 -60.36 36.18
N ILE E 388 46.34 -60.69 34.94
CA ILE E 388 46.79 -62.08 34.60
C ILE E 388 48.20 -62.32 35.16
N THR E 389 49.18 -61.46 34.89
CA THR E 389 50.62 -61.75 35.10
C THR E 389 51.07 -61.37 36.51
N LYS E 390 50.45 -60.37 37.13
CA LYS E 390 50.84 -59.84 38.46
C LYS E 390 49.85 -60.27 39.53
N VAL E 391 48.71 -60.89 39.18
CA VAL E 391 47.74 -61.32 40.23
C VAL E 391 47.44 -62.81 40.08
N VAL E 392 46.84 -63.25 38.98
CA VAL E 392 46.49 -64.70 38.78
C VAL E 392 47.77 -65.57 38.86
N PHE E 393 48.84 -65.25 38.13
CA PHE E 393 50.03 -66.14 38.02
C PHE E 393 50.63 -66.34 39.41
N PRO E 394 50.95 -65.26 40.17
CA PRO E 394 51.50 -65.42 41.51
C PRO E 394 50.55 -66.10 42.51
N LEU E 395 49.25 -65.80 42.50
CA LEU E 395 48.30 -66.49 43.42
C LEU E 395 48.29 -68.00 43.13
N GLN E 396 48.21 -68.40 41.86
CA GLN E 396 48.12 -69.82 41.47
C GLN E 396 49.44 -70.54 41.65
N ARG E 397 50.54 -69.81 41.87
CA ARG E 397 51.88 -70.36 42.15
C ARG E 397 52.08 -70.52 43.67
N GLU E 398 51.51 -69.63 44.49
CA GLU E 398 51.75 -69.51 45.95
C GLU E 398 50.76 -70.37 46.73
N LYS E 399 49.66 -70.77 46.07
CA LYS E 399 48.53 -71.47 46.74
C LYS E 399 49.08 -72.78 47.31
N CYS E 400 48.50 -73.25 48.41
CA CYS E 400 49.00 -74.36 49.24
C CYS E 400 47.78 -75.11 49.77
N LEU E 401 47.69 -76.43 49.57
CA LEU E 401 46.59 -77.25 50.18
C LEU E 401 46.66 -77.18 51.72
N ASN E 402 45.53 -76.86 52.37
CA ASN E 402 45.39 -77.06 53.83
C ASN E 402 44.53 -78.30 54.04
N PRO E 403 45.12 -79.45 54.42
CA PRO E 403 44.39 -80.70 54.52
C PRO E 403 43.34 -80.73 55.65
N PHE E 404 43.46 -79.89 56.68
CA PHE E 404 42.53 -79.84 57.84
C PHE E 404 41.24 -79.12 57.41
N LEU E 405 41.37 -77.91 56.87
CA LEU E 405 40.22 -77.09 56.39
C LEU E 405 39.64 -77.68 55.12
N GLY E 406 40.43 -78.44 54.34
CA GLY E 406 39.99 -79.10 53.11
C GLY E 406 39.81 -78.10 51.98
N MET E 407 40.77 -77.22 51.79
CA MET E 407 40.74 -76.12 50.79
C MET E 407 42.16 -75.61 50.55
N GLU E 408 42.35 -74.88 49.45
CA GLU E 408 43.61 -74.19 49.14
C GLU E 408 43.61 -72.85 49.89
N ARG E 409 44.78 -72.43 50.31
CA ARG E 409 44.93 -71.10 50.95
C ARG E 409 46.21 -70.47 50.43
N ILE E 410 46.33 -69.16 50.63
CA ILE E 410 47.56 -68.40 50.34
C ILE E 410 48.08 -67.86 51.67
N TYR E 411 49.39 -67.91 51.84
CA TYR E 411 50.10 -67.54 53.08
C TYR E 411 51.03 -66.38 52.75
N PRO E 412 50.52 -65.15 52.74
CA PRO E 412 51.37 -63.98 52.51
C PRO E 412 52.16 -63.66 53.78
N VAL E 413 53.24 -62.89 53.63
CA VAL E 413 54.16 -62.53 54.72
C VAL E 413 53.94 -61.06 55.02
N SER E 414 53.67 -60.70 56.27
CA SER E 414 53.43 -59.30 56.69
C SER E 414 54.76 -58.57 56.68
N GLN E 415 54.71 -57.26 56.49
CA GLN E 415 55.86 -56.33 56.46
C GLN E 415 55.39 -55.07 57.17
N SER E 416 56.00 -54.79 58.33
CA SER E 416 55.61 -53.67 59.22
C SER E 416 56.69 -52.59 59.19
N HIS E 417 57.78 -52.81 58.46
CA HIS E 417 58.87 -51.81 58.40
C HIS E 417 58.53 -50.82 57.28
N THR E 418 57.70 -49.82 57.55
CA THR E 418 57.17 -48.85 56.55
C THR E 418 57.37 -47.45 57.09
N ALA E 419 57.34 -46.43 56.25
CA ALA E 419 57.67 -45.05 56.63
C ALA E 419 56.66 -44.50 57.63
N THR E 420 55.40 -44.93 57.54
CA THR E 420 54.28 -44.28 58.26
C THR E 420 53.62 -45.26 59.26
N GLY E 421 54.01 -46.54 59.26
CA GLY E 421 53.48 -47.54 60.20
C GLY E 421 52.30 -48.27 59.63
N ARG E 422 52.06 -48.13 58.34
CA ARG E 422 51.13 -49.02 57.61
C ARG E 422 51.71 -50.43 57.65
N ILE E 423 50.84 -51.41 57.45
CA ILE E 423 51.26 -52.83 57.24
C ILE E 423 51.02 -53.18 55.77
N THR E 424 51.96 -53.90 55.17
CA THR E 424 51.85 -54.36 53.77
C THR E 424 52.19 -55.86 53.76
N PHE E 425 52.15 -56.49 52.60
CA PHE E 425 52.38 -57.94 52.48
C PHE E 425 53.23 -58.17 51.26
N THR E 426 53.94 -59.29 51.27
CA THR E 426 54.74 -59.81 50.14
C THR E 426 54.39 -61.27 49.92
N GLU E 427 54.71 -61.75 48.72
CA GLU E 427 54.81 -63.19 48.37
C GLU E 427 53.48 -63.85 48.66
N PRO E 428 52.37 -63.43 48.01
CA PRO E 428 52.33 -62.23 47.15
C PRO E 428 51.72 -61.05 47.89
N ASN E 429 51.68 -59.82 47.33
CA ASN E 429 51.05 -58.67 47.99
C ASN E 429 49.58 -58.62 47.61
N ILE E 430 48.77 -59.29 48.43
CA ILE E 430 47.30 -59.46 48.29
C ILE E 430 46.60 -58.11 48.42
N GLN E 431 47.23 -57.10 49.02
CA GLN E 431 46.62 -55.76 49.04
C GLN E 431 46.41 -55.23 47.61
N ASN E 432 47.12 -55.75 46.60
CA ASN E 432 47.14 -55.12 45.24
C ASN E 432 46.18 -55.84 44.29
N VAL E 433 45.41 -56.77 44.82
CA VAL E 433 44.40 -57.50 44.02
C VAL E 433 43.43 -56.44 43.51
N PRO E 434 43.24 -56.38 42.17
CA PRO E 434 42.35 -55.41 41.54
C PRO E 434 40.95 -55.37 42.17
N ARG E 435 40.43 -54.14 42.30
CA ARG E 435 38.98 -53.80 42.40
C ARG E 435 38.28 -54.51 41.24
N ASP E 436 36.97 -54.80 41.41
CA ASP E 436 36.11 -55.32 40.30
C ASP E 436 36.24 -54.36 39.10
N PHE E 437 36.28 -54.90 37.87
CA PHE E 437 36.17 -54.13 36.61
C PHE E 437 35.41 -54.94 35.56
N GLU E 438 35.02 -54.25 34.49
CA GLU E 438 34.14 -54.81 33.43
C GLU E 438 34.91 -54.99 32.13
N ILE E 439 34.66 -56.12 31.46
CA ILE E 439 35.15 -56.42 30.09
C ILE E 439 33.92 -56.59 29.21
N LYS E 440 33.87 -55.90 28.07
CA LYS E 440 32.81 -56.08 27.03
C LYS E 440 33.39 -56.90 25.88
N MET E 441 32.66 -57.94 25.46
CA MET E 441 32.99 -58.75 24.27
C MET E 441 31.69 -59.03 23.53
N GLY E 442 31.66 -58.79 22.21
CA GLY E 442 30.44 -58.85 21.40
C GLY E 442 29.28 -58.09 22.05
N GLY E 443 29.60 -56.95 22.68
CA GLY E 443 28.60 -56.12 23.34
C GLY E 443 27.97 -56.75 24.57
N MET E 444 28.58 -57.80 25.13
CA MET E 444 28.12 -58.43 26.40
C MET E 444 29.14 -58.11 27.49
N PRO E 445 28.70 -57.61 28.66
CA PRO E 445 29.60 -57.29 29.75
C PRO E 445 29.89 -58.53 30.62
N PHE E 446 31.16 -58.71 31.00
CA PHE E 446 31.60 -59.71 32.00
C PHE E 446 32.26 -58.97 33.15
N SER E 447 31.79 -59.19 34.37
CA SER E 447 32.39 -58.69 35.62
C SER E 447 33.64 -59.51 35.93
N ILE E 448 34.81 -58.88 36.00
CA ILE E 448 36.05 -59.55 36.49
C ILE E 448 36.24 -59.11 37.93
N SER E 449 35.99 -60.03 38.86
CA SER E 449 36.16 -59.81 40.32
C SER E 449 37.22 -60.77 40.84
N MET E 450 38.48 -60.34 40.79
CA MET E 450 39.62 -61.16 41.25
C MET E 450 39.42 -61.48 42.73
N ARG E 451 38.87 -60.53 43.48
CA ARG E 451 38.61 -60.69 44.93
C ARG E 451 37.65 -61.85 45.19
N HIS E 452 36.84 -62.22 44.22
CA HIS E 452 35.82 -63.29 44.34
C HIS E 452 36.51 -64.66 44.47
N ALA E 453 37.82 -64.75 44.17
CA ALA E 453 38.59 -66.01 44.33
C ALA E 453 38.97 -66.26 45.80
N PHE E 454 38.82 -65.25 46.65
CA PHE E 454 39.21 -65.32 48.08
C PHE E 454 37.98 -65.66 48.91
N VAL E 455 37.94 -66.88 49.43
CA VAL E 455 36.71 -67.51 49.99
C VAL E 455 36.98 -67.90 51.43
N PRO E 456 35.95 -67.98 52.29
CA PRO E 456 36.12 -68.55 53.62
C PRO E 456 36.14 -70.08 53.55
N PHE E 457 36.51 -70.73 54.66
CA PHE E 457 36.43 -72.21 54.81
C PHE E 457 34.98 -72.59 54.61
N PRO E 458 34.69 -73.83 54.15
CA PRO E 458 33.30 -74.29 54.02
C PRO E 458 32.43 -74.04 55.26
N GLY E 459 31.26 -73.40 55.09
CA GLY E 459 30.36 -72.99 56.19
C GLY E 459 30.63 -71.57 56.66
N GLY E 460 31.86 -71.08 56.52
CA GLY E 460 32.30 -69.77 57.04
C GLY E 460 31.82 -68.59 56.21
N SER E 461 32.04 -67.38 56.72
CA SER E 461 31.81 -66.11 55.98
C SER E 461 33.06 -65.24 56.07
N ILE E 462 33.28 -64.37 55.09
CA ILE E 462 34.26 -63.23 55.17
C ILE E 462 33.51 -62.07 55.81
N LEU E 463 34.10 -61.48 56.83
CA LEU E 463 33.62 -60.23 57.45
C LEU E 463 34.69 -59.16 57.20
N ALA E 464 34.27 -58.02 56.64
CA ALA E 464 35.10 -56.83 56.42
C ALA E 464 34.52 -55.70 57.24
N ALA E 465 35.34 -55.02 58.02
CA ALA E 465 34.98 -53.79 58.73
C ALA E 465 35.95 -52.70 58.31
N ASP E 466 35.45 -51.60 57.77
CA ASP E 466 36.27 -50.48 57.23
C ASP E 466 35.86 -49.19 57.96
N TYR E 467 36.86 -48.40 58.33
CA TYR E 467 36.67 -47.01 58.79
C TYR E 467 36.23 -46.16 57.59
N SER E 468 35.12 -45.43 57.79
CA SER E 468 34.69 -44.34 56.85
C SER E 468 35.59 -43.11 56.99
N GLN E 469 36.38 -42.82 55.95
CA GLN E 469 37.19 -41.57 55.82
C GLN E 469 37.97 -41.36 57.12
N LEU E 470 38.79 -42.35 57.49
CA LEU E 470 39.57 -42.30 58.75
C LEU E 470 40.55 -41.14 58.70
N GLU E 471 41.27 -41.00 57.58
CA GLU E 471 42.29 -39.94 57.37
C GLU E 471 41.61 -38.56 57.44
N LEU E 472 40.39 -38.42 56.91
CA LEU E 472 39.64 -37.14 56.94
C LEU E 472 39.21 -36.84 58.39
N ARG E 473 38.77 -37.87 59.11
CA ARG E 473 38.29 -37.71 60.51
C ARG E 473 39.47 -37.29 61.40
N ILE E 474 40.63 -37.88 61.18
CA ILE E 474 41.86 -37.53 61.94
C ILE E 474 42.27 -36.11 61.57
N LEU E 475 42.19 -35.72 60.30
CA LEU E 475 42.58 -34.36 59.85
C LEU E 475 41.64 -33.33 60.48
N ALA E 476 40.33 -33.61 60.51
CA ALA E 476 39.32 -32.75 61.20
C ALA E 476 39.75 -32.53 62.65
N HIS E 477 40.02 -33.65 63.36
CA HIS E 477 40.38 -33.67 64.81
C HIS E 477 41.59 -32.78 65.07
N LEU E 478 42.60 -32.81 64.19
CA LEU E 478 43.92 -32.16 64.44
C LEU E 478 43.90 -30.70 63.99
N SER E 479 43.00 -30.34 63.08
CA SER E 479 42.87 -28.96 62.53
C SER E 479 41.64 -28.23 63.12
N HIS E 480 40.79 -28.98 63.84
CA HIS E 480 39.53 -28.51 64.48
C HIS E 480 38.63 -27.83 63.44
N ASP E 481 38.80 -28.16 62.15
CA ASP E 481 38.10 -27.46 61.03
C ASP E 481 36.59 -27.72 61.16
N ARG E 482 35.84 -26.65 61.47
CA ARG E 482 34.38 -26.66 61.75
C ARG E 482 33.59 -27.09 60.51
N ARG E 483 34.00 -26.69 59.30
CA ARG E 483 33.35 -27.02 58.00
C ARG E 483 33.46 -28.53 57.72
N LEU E 484 34.67 -29.11 57.90
CA LEU E 484 34.92 -30.54 57.59
C LEU E 484 34.14 -31.40 58.61
N ILE E 485 34.10 -30.95 59.88
CA ILE E 485 33.34 -31.64 60.98
C ILE E 485 31.85 -31.70 60.63
N GLN E 486 31.25 -30.59 60.17
CA GLN E 486 29.81 -30.54 59.77
C GLN E 486 29.57 -31.59 58.68
N VAL E 487 30.36 -31.52 57.60
CA VAL E 487 30.23 -32.41 56.40
C VAL E 487 30.17 -33.87 56.87
N LEU E 488 31.15 -34.30 57.68
CA LEU E 488 31.29 -35.70 58.18
C LEU E 488 30.13 -36.07 59.11
N ASN E 489 29.68 -35.15 59.98
CA ASN E 489 28.64 -35.36 61.03
C ASN E 489 27.29 -35.74 60.40
N THR E 490 26.87 -35.09 59.32
CA THR E 490 25.60 -35.36 58.60
C THR E 490 25.94 -35.80 57.17
N GLY E 491 26.48 -34.87 56.36
CA GLY E 491 26.68 -35.00 54.90
C GLY E 491 26.82 -36.43 54.41
N ALA E 492 26.34 -36.69 53.19
CA ALA E 492 26.49 -37.98 52.47
C ALA E 492 27.95 -38.09 52.00
N ASP E 493 28.22 -38.87 50.95
CA ASP E 493 29.59 -39.27 50.54
C ASP E 493 30.29 -38.05 49.91
N VAL E 494 31.45 -37.65 50.44
CA VAL E 494 32.17 -36.39 50.06
C VAL E 494 32.68 -36.60 48.62
N PHE E 495 33.09 -37.82 48.29
CA PHE E 495 33.64 -38.16 46.94
C PHE E 495 32.53 -38.10 45.91
N ARG E 496 31.30 -38.42 46.31
CA ARG E 496 30.08 -38.30 45.46
C ARG E 496 29.78 -36.82 45.22
N SER E 497 29.74 -35.97 46.26
CA SER E 497 29.58 -34.50 46.16
C SER E 497 30.58 -33.93 45.15
N ILE E 498 31.87 -34.26 45.28
CA ILE E 498 32.96 -33.78 44.37
C ILE E 498 32.68 -34.25 42.93
N ALA E 499 32.38 -35.54 42.74
CA ALA E 499 32.10 -36.16 41.43
C ALA E 499 30.88 -35.51 40.76
N ALA E 500 29.84 -35.19 41.53
CA ALA E 500 28.55 -34.60 41.07
C ALA E 500 28.80 -33.18 40.55
N GLU E 501 29.28 -32.27 41.41
CA GLU E 501 29.68 -30.89 41.05
C GLU E 501 30.54 -30.92 39.77
N TRP E 502 31.54 -31.80 39.73
CA TRP E 502 32.55 -31.91 38.65
C TRP E 502 31.91 -32.34 37.33
N LYS E 503 31.14 -33.44 37.32
CA LYS E 503 30.56 -34.03 36.07
C LYS E 503 29.12 -33.49 35.80
N MET E 504 28.71 -32.41 36.48
CA MET E 504 27.42 -31.69 36.24
C MET E 504 26.23 -32.62 36.45
N ILE E 505 26.21 -33.39 37.56
CA ILE E 505 25.22 -34.50 37.83
C ILE E 505 24.77 -34.42 39.32
N GLU E 506 23.73 -35.19 39.71
CA GLU E 506 23.30 -35.39 41.13
C GLU E 506 24.02 -36.61 41.70
N PRO E 507 24.19 -36.76 43.04
CA PRO E 507 24.99 -37.86 43.61
C PRO E 507 24.89 -39.28 43.02
N GLU E 508 23.71 -39.72 42.58
CA GLU E 508 23.37 -41.16 42.43
C GLU E 508 24.05 -41.80 41.20
N SER E 509 24.47 -41.05 40.18
CA SER E 509 24.92 -41.54 38.85
C SER E 509 26.38 -42.03 38.84
N VAL E 510 27.18 -41.60 39.82
CA VAL E 510 28.65 -41.86 39.99
C VAL E 510 28.95 -43.36 39.85
N GLY E 511 29.79 -43.72 38.88
CA GLY E 511 30.36 -45.09 38.73
C GLY E 511 31.52 -45.29 39.69
N ASP E 512 31.96 -46.53 39.93
CA ASP E 512 33.13 -46.86 40.80
C ASP E 512 34.37 -46.08 40.32
N ASP E 513 34.65 -46.13 39.01
CA ASP E 513 35.89 -45.55 38.43
C ASP E 513 35.87 -44.03 38.69
N LEU E 514 34.73 -43.37 38.52
CA LEU E 514 34.59 -41.90 38.68
C LEU E 514 34.76 -41.52 40.16
N ARG E 515 34.19 -42.31 41.07
CA ARG E 515 34.27 -42.03 42.52
C ARG E 515 35.73 -42.12 42.97
N GLN E 516 36.48 -43.10 42.44
CA GLN E 516 37.93 -43.27 42.66
C GLN E 516 38.69 -42.05 42.11
N GLN E 517 38.31 -41.52 40.93
CA GLN E 517 38.96 -40.28 40.37
C GLN E 517 38.76 -39.11 41.34
N ALA E 518 37.56 -38.99 41.93
CA ALA E 518 37.21 -37.90 42.87
C ALA E 518 37.96 -38.09 44.19
N LYS E 519 38.10 -39.34 44.62
CA LYS E 519 38.85 -39.73 45.85
C LYS E 519 40.30 -39.24 45.68
N GLN E 520 40.91 -39.53 44.52
CA GLN E 520 42.32 -39.17 44.18
C GLN E 520 42.46 -37.65 44.22
N ILE E 521 41.47 -36.93 43.68
CA ILE E 521 41.44 -35.43 43.63
C ILE E 521 41.42 -34.89 45.07
N CYS E 522 40.55 -35.42 45.91
CA CYS E 522 40.32 -34.90 47.29
C CYS E 522 41.58 -35.11 48.15
N TYR E 523 42.09 -36.34 48.25
CA TYR E 523 43.32 -36.66 49.03
C TYR E 523 44.53 -35.95 48.38
N GLY E 524 44.58 -35.92 47.06
CA GLY E 524 45.65 -35.26 46.29
C GLY E 524 45.80 -33.81 46.70
N ILE E 525 44.69 -33.06 46.63
CA ILE E 525 44.68 -31.62 46.97
C ILE E 525 45.12 -31.49 48.44
N ILE E 526 44.53 -32.25 49.36
CA ILE E 526 44.84 -32.17 50.81
C ILE E 526 46.34 -32.41 51.05
N TYR E 527 46.99 -33.28 50.29
CA TYR E 527 48.39 -33.67 50.59
C TYR E 527 49.36 -32.96 49.63
N GLY E 528 48.92 -31.84 49.01
CA GLY E 528 49.80 -30.84 48.39
C GLY E 528 49.97 -30.98 46.88
N MET E 529 49.03 -31.64 46.20
CA MET E 529 48.98 -31.72 44.73
C MET E 529 48.95 -30.31 44.14
N GLY E 530 49.69 -30.11 43.05
CA GLY E 530 49.82 -28.83 42.33
C GLY E 530 48.84 -28.70 41.16
N ALA E 531 48.72 -27.49 40.62
CA ALA E 531 47.74 -27.16 39.56
C ALA E 531 47.98 -27.96 38.27
N LYS E 532 49.25 -28.06 37.83
CA LYS E 532 49.66 -28.87 36.66
C LYS E 532 49.01 -30.27 36.76
N SER E 533 49.33 -31.06 37.79
CA SER E 533 48.80 -32.44 37.98
C SER E 533 47.28 -32.39 38.14
N LEU E 534 46.70 -31.47 38.91
CA LEU E 534 45.23 -31.51 39.15
C LEU E 534 44.52 -31.28 37.81
N GLY E 535 45.05 -30.36 37.01
CA GLY E 535 44.68 -30.17 35.59
C GLY E 535 44.44 -31.49 34.85
N GLU E 536 45.46 -32.35 34.74
CA GLU E 536 45.39 -33.68 34.06
C GLU E 536 44.26 -34.54 34.66
N GLN E 537 44.14 -34.58 35.99
CA GLN E 537 43.16 -35.48 36.68
C GLN E 537 41.74 -34.99 36.43
N MET E 538 41.53 -33.66 36.50
CA MET E 538 40.17 -33.06 36.43
C MET E 538 39.81 -32.78 34.96
N GLY E 539 40.79 -32.86 34.05
CA GLY E 539 40.65 -32.51 32.63
C GLY E 539 40.33 -31.03 32.44
N ILE E 540 41.02 -30.15 33.19
CA ILE E 540 40.86 -28.68 33.07
C ILE E 540 42.25 -28.04 32.93
N LYS E 541 42.29 -26.79 32.48
CA LYS E 541 43.56 -26.01 32.35
C LYS E 541 44.15 -25.80 33.75
N GLU E 542 45.47 -25.70 33.84
CA GLU E 542 46.24 -25.39 35.09
C GLU E 542 45.55 -24.23 35.85
N ASN E 543 45.29 -23.12 35.15
CA ASN E 543 44.66 -21.88 35.69
C ASN E 543 43.31 -22.22 36.38
N ASP E 544 42.57 -23.17 35.80
CA ASP E 544 41.23 -23.58 36.29
C ASP E 544 41.44 -24.43 37.55
N ALA E 545 42.37 -25.39 37.50
CA ALA E 545 42.79 -26.22 38.65
C ALA E 545 43.27 -25.31 39.80
N ALA E 546 44.06 -24.28 39.48
CA ALA E 546 44.65 -23.31 40.42
C ALA E 546 43.54 -22.60 41.23
N CYS E 547 42.46 -22.24 40.53
CA CYS E 547 41.27 -21.58 41.09
C CYS E 547 40.58 -22.56 42.04
N TYR E 548 40.43 -23.81 41.59
CA TYR E 548 39.77 -24.91 42.35
C TYR E 548 40.53 -25.15 43.65
N ILE E 549 41.87 -25.11 43.65
CA ILE E 549 42.71 -25.28 44.88
C ILE E 549 42.39 -24.13 45.85
N ASP E 550 42.33 -22.90 45.32
CA ASP E 550 42.08 -21.66 46.10
C ASP E 550 40.73 -21.80 46.82
N SER E 551 39.68 -22.14 46.08
CA SER E 551 38.30 -22.40 46.58
C SER E 551 38.34 -23.42 47.72
N PHE E 552 38.96 -24.59 47.50
CA PHE E 552 39.12 -25.66 48.53
C PHE E 552 39.82 -25.09 49.74
N LYS E 553 40.99 -24.47 49.56
CA LYS E 553 41.81 -23.91 50.68
C LYS E 553 40.94 -22.92 51.47
N SER E 554 40.17 -22.07 50.78
CA SER E 554 39.34 -20.99 51.39
C SER E 554 38.21 -21.58 52.23
N ARG E 555 37.54 -22.63 51.74
CA ARG E 555 36.40 -23.30 52.42
C ARG E 555 36.86 -23.92 53.75
N TYR E 556 38.08 -24.45 53.80
CA TYR E 556 38.63 -25.20 54.96
C TYR E 556 39.89 -24.51 55.46
N THR E 557 39.74 -23.40 56.21
CA THR E 557 40.85 -22.53 56.67
C THR E 557 41.63 -23.23 57.79
N GLY E 558 40.93 -23.98 58.65
CA GLY E 558 41.52 -24.79 59.73
C GLY E 558 42.60 -25.72 59.19
N ILE E 559 42.27 -26.45 58.12
CA ILE E 559 43.18 -27.44 57.45
C ILE E 559 44.47 -26.69 57.10
N ASN E 560 44.35 -25.57 56.39
CA ASN E 560 45.49 -24.77 55.85
C ASN E 560 46.37 -24.25 56.99
N GLN E 561 45.78 -23.91 58.14
CA GLN E 561 46.55 -23.41 59.31
C GLN E 561 47.39 -24.58 59.85
N PHE E 562 46.80 -25.78 59.89
CA PHE E 562 47.43 -27.02 60.42
C PHE E 562 48.60 -27.44 59.50
N MET E 563 48.45 -27.30 58.18
CA MET E 563 49.54 -27.52 57.18
C MET E 563 50.73 -26.61 57.50
N THR E 564 50.54 -25.30 57.66
CA THR E 564 51.63 -24.33 57.87
C THR E 564 52.24 -24.53 59.27
N GLU E 565 51.41 -24.86 60.27
CA GLU E 565 51.83 -25.10 61.69
C GLU E 565 52.62 -26.39 61.78
N THR E 566 52.32 -27.38 60.92
CA THR E 566 53.03 -28.69 60.89
C THR E 566 54.38 -28.50 60.19
N VAL E 567 54.42 -27.72 59.11
CA VAL E 567 55.68 -27.45 58.36
C VAL E 567 56.62 -26.60 59.23
N LYS E 568 56.12 -25.55 59.88
CA LYS E 568 56.91 -24.69 60.79
C LYS E 568 57.55 -25.57 61.87
N ASN E 569 56.76 -26.42 62.53
CA ASN E 569 57.21 -27.24 63.69
C ASN E 569 58.18 -28.31 63.20
N CYS E 570 58.03 -28.82 61.98
CA CYS E 570 58.94 -29.85 61.42
C CYS E 570 60.33 -29.23 61.14
N LYS E 571 60.34 -28.05 60.52
CA LYS E 571 61.57 -27.31 60.14
C LYS E 571 62.44 -27.11 61.39
N ARG E 572 61.81 -26.69 62.50
CA ARG E 572 62.40 -26.48 63.85
C ARG E 572 63.00 -27.78 64.40
N ASP E 573 62.23 -28.87 64.43
CA ASP E 573 62.50 -30.10 65.23
C ASP E 573 63.26 -31.15 64.41
N GLY E 574 63.15 -31.13 63.08
CA GLY E 574 63.73 -32.16 62.19
C GLY E 574 62.85 -33.42 62.09
N PHE E 575 61.65 -33.42 62.67
CA PHE E 575 60.72 -34.58 62.66
C PHE E 575 59.25 -34.14 62.83
N VAL E 576 58.34 -35.09 62.62
CA VAL E 576 56.89 -34.96 62.95
C VAL E 576 56.51 -36.16 63.81
N GLN E 577 55.40 -36.08 64.54
CA GLN E 577 54.90 -37.14 65.45
C GLN E 577 53.48 -37.51 65.09
N THR E 578 53.14 -38.79 65.27
CA THR E 578 51.78 -39.33 65.05
C THR E 578 51.00 -39.20 66.35
N ILE E 579 49.73 -39.60 66.35
CA ILE E 579 48.82 -39.56 67.54
C ILE E 579 49.42 -40.36 68.70
N LEU E 580 50.24 -41.39 68.47
CA LEU E 580 50.78 -42.26 69.55
C LEU E 580 52.22 -41.86 69.93
N GLY E 581 52.83 -40.90 69.25
CA GLY E 581 54.15 -40.35 69.64
C GLY E 581 55.29 -40.80 68.76
N ARG E 582 55.02 -41.66 67.76
CA ARG E 582 56.08 -42.16 66.84
C ARG E 582 56.61 -40.99 66.04
N ARG E 583 57.93 -40.95 65.80
CA ARG E 583 58.63 -39.82 65.16
C ARG E 583 59.15 -40.24 63.79
N ARG E 584 58.95 -39.40 62.79
CA ARG E 584 59.55 -39.61 61.46
C ARG E 584 60.49 -38.44 61.23
N TYR E 585 61.74 -38.75 60.89
CA TYR E 585 62.81 -37.74 60.70
C TYR E 585 62.78 -37.34 59.22
N LEU E 586 62.67 -36.04 58.96
CA LEU E 586 62.52 -35.44 57.60
C LEU E 586 63.55 -34.33 57.44
N PRO E 587 64.85 -34.68 57.35
CA PRO E 587 65.91 -33.68 57.22
C PRO E 587 65.91 -32.93 55.88
N GLY E 588 65.17 -33.44 54.88
CA GLY E 588 64.84 -32.72 53.64
C GLY E 588 64.11 -31.42 53.90
N ILE E 589 63.45 -31.27 55.07
CA ILE E 589 62.65 -30.07 55.44
C ILE E 589 63.55 -28.82 55.42
N LYS E 590 64.83 -28.93 55.78
CA LYS E 590 65.77 -27.76 55.84
C LYS E 590 66.41 -27.53 54.47
N ASP E 591 66.40 -28.53 53.58
CA ASP E 591 67.10 -28.51 52.27
C ASP E 591 66.74 -27.22 51.50
N ASN E 592 67.74 -26.68 50.79
CA ASN E 592 67.68 -25.41 50.01
C ASN E 592 66.98 -25.69 48.67
N ASN E 593 67.20 -26.88 48.10
CA ASN E 593 66.55 -27.34 46.83
C ASN E 593 65.05 -27.21 47.01
N PRO E 594 64.34 -26.47 46.12
CA PRO E 594 62.89 -26.32 46.23
C PRO E 594 62.09 -27.62 46.21
N TYR E 595 62.44 -28.59 45.35
CA TYR E 595 61.72 -29.89 45.25
C TYR E 595 61.83 -30.64 46.59
N ARG E 596 63.05 -30.99 46.99
CA ARG E 596 63.33 -31.79 48.20
C ARG E 596 62.65 -31.13 49.42
N LYS E 597 62.66 -29.80 49.51
CA LYS E 597 62.00 -29.07 50.62
C LYS E 597 60.49 -29.35 50.56
N ALA E 598 59.88 -29.13 49.40
CA ALA E 598 58.41 -29.26 49.21
C ALA E 598 57.98 -30.72 49.46
N HIS E 599 58.77 -31.68 48.99
CA HIS E 599 58.53 -33.15 49.16
C HIS E 599 58.45 -33.46 50.67
N ALA E 600 59.44 -32.98 51.43
CA ALA E 600 59.53 -33.14 52.89
C ALA E 600 58.31 -32.51 53.59
N GLU E 601 57.91 -31.32 53.18
CA GLU E 601 56.72 -30.61 53.74
C GLU E 601 55.49 -31.49 53.51
N ARG E 602 55.37 -32.10 52.34
CA ARG E 602 54.20 -32.96 51.96
C ARG E 602 54.26 -34.25 52.80
N GLN E 603 55.44 -34.83 52.96
CA GLN E 603 55.67 -36.01 53.83
C GLN E 603 55.33 -35.65 55.27
N ALA E 604 55.66 -34.44 55.71
CA ALA E 604 55.42 -33.98 57.08
C ALA E 604 53.92 -34.08 57.36
N ILE E 605 53.12 -33.43 56.52
CA ILE E 605 51.64 -33.37 56.67
C ILE E 605 51.09 -34.78 56.56
N ASN E 606 51.47 -35.52 55.51
CA ASN E 606 50.86 -36.84 55.21
C ASN E 606 51.23 -37.86 56.29
N THR E 607 52.47 -37.82 56.78
CA THR E 607 52.93 -38.80 57.79
C THR E 607 52.06 -38.66 59.05
N ILE E 608 51.81 -37.45 59.53
CA ILE E 608 50.99 -37.27 60.76
C ILE E 608 49.62 -37.93 60.56
N VAL E 609 48.94 -37.71 59.43
CA VAL E 609 47.53 -38.16 59.25
C VAL E 609 47.53 -39.66 58.94
N GLN E 610 48.31 -40.09 57.96
CA GLN E 610 48.36 -41.50 57.50
C GLN E 610 48.93 -42.36 58.63
N GLY E 611 49.98 -41.89 59.31
CA GLY E 611 50.62 -42.62 60.44
C GLY E 611 49.68 -42.76 61.62
N SER E 612 48.95 -41.71 61.94
CA SER E 612 47.92 -41.72 63.01
C SER E 612 46.84 -42.76 62.70
N ALA E 613 46.38 -42.82 61.44
CA ALA E 613 45.34 -43.77 61.01
C ALA E 613 45.85 -45.20 61.21
N ALA E 614 47.11 -45.42 60.90
CA ALA E 614 47.76 -46.75 60.99
C ALA E 614 47.87 -47.16 62.46
N ASP E 615 48.11 -46.21 63.36
CA ASP E 615 48.14 -46.42 64.84
C ASP E 615 46.75 -46.87 65.31
N ILE E 616 45.69 -46.19 64.86
CA ILE E 616 44.29 -46.48 65.30
C ILE E 616 43.92 -47.90 64.87
N VAL E 617 44.28 -48.29 63.65
CA VAL E 617 43.89 -49.62 63.08
C VAL E 617 44.64 -50.72 63.86
N LYS E 618 45.92 -50.50 64.16
CA LYS E 618 46.74 -51.42 64.99
C LYS E 618 46.07 -51.61 66.35
N ILE E 619 45.70 -50.52 67.01
CA ILE E 619 45.05 -50.58 68.35
C ILE E 619 43.76 -51.40 68.20
N ALA E 620 42.95 -51.11 67.19
CA ALA E 620 41.68 -51.84 66.92
C ALA E 620 41.98 -53.33 66.78
N THR E 621 42.98 -53.66 65.98
CA THR E 621 43.33 -55.07 65.65
C THR E 621 43.63 -55.80 66.96
N VAL E 622 44.47 -55.18 67.79
CA VAL E 622 44.98 -55.76 69.06
C VAL E 622 43.80 -55.96 70.01
N ASN E 623 42.94 -54.96 70.13
CA ASN E 623 41.78 -54.98 71.06
C ASN E 623 40.74 -56.01 70.60
N ILE E 624 40.55 -56.19 69.29
CA ILE E 624 39.62 -57.22 68.75
C ILE E 624 40.19 -58.60 69.13
N GLN E 625 41.47 -58.81 68.93
CA GLN E 625 42.11 -60.13 69.18
C GLN E 625 41.98 -60.50 70.66
N LYS E 626 42.18 -59.56 71.59
CA LYS E 626 41.98 -59.79 73.06
C LYS E 626 40.55 -60.30 73.27
N GLN E 627 39.55 -59.56 72.80
CA GLN E 627 38.11 -59.92 72.93
C GLN E 627 37.86 -61.32 72.35
N LEU E 628 38.32 -61.59 71.14
CA LEU E 628 38.06 -62.89 70.47
C LEU E 628 38.59 -64.03 71.34
N GLU E 629 39.72 -63.83 72.01
CA GLU E 629 40.42 -64.89 72.80
C GLU E 629 39.74 -65.08 74.17
N THR E 630 38.94 -64.12 74.66
CA THR E 630 38.18 -64.30 75.93
C THR E 630 36.99 -65.23 75.65
N PHE E 631 36.24 -64.97 74.57
CA PHE E 631 35.07 -65.77 74.17
C PHE E 631 35.57 -67.04 73.47
N HIS E 632 36.88 -67.26 73.47
CA HIS E 632 37.61 -68.35 72.75
C HIS E 632 37.57 -69.64 73.58
N SER E 633 36.49 -70.42 73.40
CA SER E 633 36.43 -71.87 73.78
C SER E 633 37.04 -72.72 72.65
N THR E 634 38.07 -72.20 71.97
CA THR E 634 38.58 -72.71 70.66
C THR E 634 39.97 -72.15 70.32
N PHE E 635 40.56 -72.65 69.23
CA PHE E 635 41.96 -72.41 68.81
C PHE E 635 42.09 -70.98 68.26
N LYS E 636 43.20 -70.30 68.55
CA LYS E 636 43.34 -68.85 68.28
C LYS E 636 43.74 -68.63 66.81
N SER E 637 44.09 -69.68 66.07
CA SER E 637 44.47 -69.62 64.63
C SER E 637 44.30 -71.02 64.03
N HIS E 638 44.19 -71.12 62.72
CA HIS E 638 44.22 -72.42 62.02
C HIS E 638 45.55 -73.14 62.31
N GLY E 639 46.65 -72.42 62.47
CA GLY E 639 47.97 -72.99 62.78
C GLY E 639 47.93 -73.73 64.10
N HIS E 640 47.27 -73.16 65.11
CA HIS E 640 47.14 -73.76 66.45
C HIS E 640 46.45 -75.14 66.33
N ARG E 641 45.72 -75.45 65.24
CA ARG E 641 45.21 -76.83 65.01
C ARG E 641 46.26 -77.70 64.30
N GLU E 642 46.90 -77.23 63.21
CA GLU E 642 48.07 -77.93 62.59
C GLU E 642 49.09 -78.31 63.69
N CYS E 663 34.61 -81.87 65.63
CA CYS E 663 35.08 -80.67 66.39
C CYS E 663 35.11 -79.45 65.48
N PRO E 664 33.94 -78.86 65.14
CA PRO E 664 33.85 -77.85 64.07
C PRO E 664 34.66 -76.59 64.37
N ILE E 665 34.96 -75.79 63.33
CA ILE E 665 35.63 -74.46 63.48
C ILE E 665 34.64 -73.47 64.10
N ARG E 666 35.09 -72.75 65.12
CA ARG E 666 34.32 -71.66 65.76
C ARG E 666 35.22 -70.44 65.86
N GLY E 667 34.61 -69.27 65.88
CA GLY E 667 35.29 -67.98 66.11
C GLY E 667 35.62 -67.24 64.83
N GLY E 668 36.48 -66.24 64.96
CA GLY E 668 36.87 -65.31 63.89
C GLY E 668 38.38 -65.32 63.75
N PHE E 669 38.84 -65.40 62.50
CA PHE E 669 40.28 -65.56 62.16
C PHE E 669 40.68 -64.35 61.32
N PHE E 670 41.64 -63.57 61.82
CA PHE E 670 42.22 -62.41 61.12
C PHE E 670 42.90 -62.93 59.86
N ILE E 671 42.43 -62.52 58.67
CA ILE E 671 42.97 -63.06 57.39
C ILE E 671 43.66 -61.96 56.56
N LEU E 672 43.33 -60.69 56.74
CA LEU E 672 43.93 -59.62 55.90
C LEU E 672 43.75 -58.25 56.53
N GLN E 673 44.75 -57.41 56.36
CA GLN E 673 44.69 -55.98 56.72
C GLN E 673 44.76 -55.20 55.41
N LEU E 674 43.92 -54.18 55.28
CA LEU E 674 43.84 -53.29 54.09
C LEU E 674 43.85 -51.83 54.53
N HIS E 675 44.73 -51.46 55.46
CA HIS E 675 45.09 -50.06 55.81
C HIS E 675 44.02 -49.41 56.69
N ASP E 676 42.77 -49.36 56.24
CA ASP E 676 41.66 -48.82 57.08
C ASP E 676 40.58 -49.89 57.22
N GLU E 677 40.90 -51.14 56.94
CA GLU E 677 39.87 -52.22 56.76
C GLU E 677 40.48 -53.54 57.28
N LEU E 678 39.74 -54.29 58.09
CA LEU E 678 40.15 -55.59 58.66
C LEU E 678 39.26 -56.67 58.09
N LEU E 679 39.82 -57.76 57.59
CA LEU E 679 39.05 -58.94 57.13
C LEU E 679 39.25 -60.07 58.12
N TYR E 680 38.14 -60.69 58.51
CA TYR E 680 38.08 -61.92 59.33
C TYR E 680 37.30 -62.98 58.57
N GLU E 681 37.75 -64.21 58.71
CA GLU E 681 37.03 -65.44 58.28
C GLU E 681 36.26 -65.94 59.50
N VAL E 682 34.95 -66.12 59.43
CA VAL E 682 34.12 -66.34 60.66
C VAL E 682 33.18 -67.51 60.45
N ALA E 683 33.10 -68.40 61.44
CA ALA E 683 32.14 -69.54 61.46
C ALA E 683 30.71 -68.99 61.43
N GLU E 684 29.83 -69.64 60.67
CA GLU E 684 28.40 -69.22 60.45
C GLU E 684 27.75 -68.78 61.77
N GLU E 685 27.87 -69.61 62.82
CA GLU E 685 27.23 -69.45 64.15
C GLU E 685 27.74 -68.18 64.85
N ASP E 686 28.91 -67.69 64.48
CA ASP E 686 29.60 -66.69 65.33
C ASP E 686 29.61 -65.33 64.65
N VAL E 687 29.01 -65.17 63.47
CA VAL E 687 29.13 -63.93 62.66
C VAL E 687 28.46 -62.78 63.38
N VAL E 688 27.33 -62.98 64.04
CA VAL E 688 26.61 -61.90 64.77
C VAL E 688 27.55 -61.35 65.87
N GLN E 689 28.08 -62.24 66.71
CA GLN E 689 28.89 -61.89 67.91
C GLN E 689 30.20 -61.22 67.46
N VAL E 690 30.89 -61.81 66.48
CA VAL E 690 32.18 -61.27 65.96
C VAL E 690 31.95 -59.89 65.31
N ALA E 691 30.85 -59.70 64.58
CA ALA E 691 30.53 -58.41 63.92
C ALA E 691 30.36 -57.33 64.98
N GLN E 692 29.67 -57.64 66.10
CA GLN E 692 29.45 -56.70 67.24
C GLN E 692 30.81 -56.32 67.85
N ILE E 693 31.62 -57.32 68.19
CA ILE E 693 32.98 -57.13 68.80
C ILE E 693 33.82 -56.24 67.87
N VAL E 694 33.89 -56.58 66.58
CA VAL E 694 34.76 -55.87 65.61
C VAL E 694 34.34 -54.40 65.53
N LYS E 695 33.05 -54.14 65.35
CA LYS E 695 32.48 -52.76 65.20
C LYS E 695 32.71 -51.98 66.49
N ASN E 696 32.35 -52.55 67.64
CA ASN E 696 32.47 -51.89 68.96
C ASN E 696 33.94 -51.47 69.15
N GLU E 697 34.88 -52.40 68.97
CA GLU E 697 36.33 -52.19 69.25
C GLU E 697 36.94 -51.19 68.26
N MET E 698 36.47 -51.17 67.01
CA MET E 698 37.01 -50.24 65.99
C MET E 698 36.51 -48.82 66.28
N GLU E 699 35.25 -48.67 66.73
CA GLU E 699 34.59 -47.37 67.05
C GLU E 699 35.14 -46.79 68.36
N SER E 700 35.64 -47.64 69.27
CA SER E 700 36.18 -47.28 70.61
C SER E 700 37.71 -47.22 70.61
N ALA E 701 38.39 -47.45 69.49
CA ALA E 701 39.87 -47.60 69.44
C ALA E 701 40.52 -46.41 70.14
N VAL E 702 40.11 -45.20 69.78
CA VAL E 702 40.56 -43.92 70.42
C VAL E 702 39.35 -42.98 70.45
N LYS E 703 39.41 -41.92 71.27
CA LYS E 703 38.38 -40.85 71.36
C LYS E 703 38.92 -39.61 70.63
N LEU E 704 38.26 -39.21 69.54
CA LEU E 704 38.59 -37.97 68.76
C LEU E 704 37.44 -36.97 68.93
N SER E 705 37.58 -35.78 68.33
CA SER E 705 36.57 -34.70 68.26
C SER E 705 35.34 -35.21 67.49
N VAL E 706 35.54 -36.18 66.59
CA VAL E 706 34.46 -36.76 65.74
C VAL E 706 34.33 -38.25 66.06
N LYS E 707 33.17 -38.83 65.75
CA LYS E 707 32.90 -40.30 65.86
C LYS E 707 33.70 -41.01 64.76
N LEU E 708 34.34 -42.12 65.11
CA LEU E 708 34.96 -43.05 64.14
C LEU E 708 33.86 -43.95 63.59
N LYS E 709 33.38 -43.68 62.38
CA LYS E 709 32.26 -44.44 61.77
C LYS E 709 32.84 -45.72 61.15
N VAL E 710 32.14 -46.83 61.32
CA VAL E 710 32.54 -48.17 60.78
C VAL E 710 31.37 -48.75 59.99
N LYS E 711 31.60 -49.16 58.74
CA LYS E 711 30.72 -50.03 57.92
C LYS E 711 31.24 -51.47 58.06
N VAL E 712 30.34 -52.40 58.36
CA VAL E 712 30.60 -53.87 58.36
C VAL E 712 29.90 -54.49 57.16
N LYS E 713 30.60 -55.36 56.43
CA LYS E 713 30.04 -56.16 55.31
C LYS E 713 30.37 -57.63 55.58
N ILE E 714 29.64 -58.52 54.91
CA ILE E 714 29.76 -59.99 55.10
C ILE E 714 29.42 -60.68 53.77
N GLY E 715 30.00 -61.85 53.53
CA GLY E 715 29.80 -62.52 52.23
C GLY E 715 30.54 -63.82 52.11
N ALA E 716 30.26 -64.53 51.01
CA ALA E 716 30.85 -65.86 50.72
C ALA E 716 32.17 -65.68 49.97
N SER E 717 32.57 -64.43 49.73
CA SER E 717 33.89 -64.10 49.13
C SER E 717 34.20 -62.63 49.39
N TRP E 718 35.47 -62.29 49.27
CA TRP E 718 35.97 -60.91 49.41
C TRP E 718 35.32 -60.05 48.33
N GLY E 719 35.00 -60.66 47.19
CA GLY E 719 34.45 -59.97 46.02
C GLY E 719 32.96 -59.71 46.14
N GLU E 720 32.22 -60.49 46.94
CA GLU E 720 30.74 -60.40 47.03
C GLU E 720 30.32 -60.05 48.45
N LEU E 721 30.86 -58.98 49.03
CA LEU E 721 30.53 -58.56 50.40
C LEU E 721 29.26 -57.73 50.34
N LYS E 722 28.34 -57.96 51.28
CA LYS E 722 27.05 -57.22 51.36
C LYS E 722 27.02 -56.48 52.70
N ASP E 723 26.49 -55.25 52.69
CA ASP E 723 26.21 -54.44 53.90
C ASP E 723 25.48 -55.30 54.92
N PHE E 724 25.88 -55.16 56.18
CA PHE E 724 25.37 -55.92 57.35
C PHE E 724 25.23 -54.92 58.50
N ASP E 725 23.98 -54.59 58.85
CA ASP E 725 23.63 -53.63 59.93
C ASP E 725 23.90 -54.31 61.28
N VAL E 726 24.79 -53.74 62.09
CA VAL E 726 25.20 -54.31 63.41
C VAL E 726 24.66 -53.40 64.53
N SER F 5 -53.16 -32.84 51.79
CA SER F 5 -52.30 -33.92 51.17
C SER F 5 -51.61 -33.40 49.90
N LEU F 6 -50.36 -33.81 49.65
CA LEU F 6 -49.59 -33.42 48.44
C LEU F 6 -50.26 -34.02 47.22
N SER F 7 -50.58 -33.18 46.22
CA SER F 7 -51.19 -33.59 44.93
C SER F 7 -50.33 -33.14 43.76
N ILE F 8 -50.15 -34.03 42.80
CA ILE F 8 -49.44 -33.82 41.52
C ILE F 8 -50.48 -33.86 40.39
N ILE F 9 -50.74 -32.71 39.76
CA ILE F 9 -51.67 -32.58 38.61
C ILE F 9 -50.83 -32.73 37.34
N ASP F 10 -51.06 -33.81 36.59
CA ASP F 10 -50.41 -34.08 35.28
C ASP F 10 -51.16 -33.31 34.18
N VAL F 11 -50.74 -32.07 33.94
CA VAL F 11 -51.48 -31.07 33.10
C VAL F 11 -51.53 -31.57 31.66
N ALA F 12 -50.56 -32.37 31.21
CA ALA F 12 -50.43 -32.85 29.80
C ALA F 12 -51.24 -34.13 29.57
N SER F 13 -52.02 -34.59 30.54
CA SER F 13 -52.78 -35.87 30.45
C SER F 13 -54.10 -35.63 29.72
N ASP F 14 -54.53 -34.38 29.62
CA ASP F 14 -55.84 -34.02 29.02
C ASP F 14 -55.77 -32.59 28.48
N GLN F 15 -56.12 -32.40 27.20
CA GLN F 15 -56.14 -31.11 26.45
C GLN F 15 -56.87 -30.06 27.30
N ASN F 16 -58.03 -30.42 27.85
CA ASN F 16 -58.92 -29.49 28.59
C ASN F 16 -58.24 -29.03 29.90
N LEU F 17 -57.63 -29.95 30.64
CA LEU F 17 -56.91 -29.67 31.92
C LEU F 17 -55.71 -28.76 31.61
N PHE F 18 -55.02 -29.05 30.49
CA PHE F 18 -53.83 -28.30 30.02
C PHE F 18 -54.14 -26.81 29.81
N GLN F 19 -55.21 -26.50 29.08
CA GLN F 19 -55.60 -25.11 28.72
C GLN F 19 -56.04 -24.38 29.99
N THR F 20 -56.77 -25.06 30.89
CA THR F 20 -57.18 -24.50 32.20
C THR F 20 -55.91 -24.11 33.00
N PHE F 21 -54.95 -25.02 33.06
CA PHE F 21 -53.62 -24.79 33.69
C PHE F 21 -52.94 -23.60 33.01
N ILE F 22 -52.91 -23.56 31.67
CA ILE F 22 -52.16 -22.49 30.94
C ILE F 22 -52.83 -21.15 31.25
N LYS F 23 -54.17 -21.09 31.18
CA LYS F 23 -54.92 -19.85 31.51
C LYS F 23 -54.58 -19.38 32.93
N GLU F 24 -54.64 -20.26 33.93
CA GLU F 24 -54.31 -19.92 35.36
C GLU F 24 -52.85 -19.46 35.45
N TRP F 25 -51.93 -20.23 34.88
CA TRP F 25 -50.48 -19.89 34.93
C TRP F 25 -50.28 -18.47 34.41
N ARG F 26 -50.93 -18.10 33.31
CA ARG F 26 -50.68 -16.78 32.64
C ARG F 26 -51.14 -15.63 33.55
N CYS F 27 -52.04 -15.90 34.51
CA CYS F 27 -52.52 -14.89 35.50
C CYS F 27 -51.54 -14.67 36.68
N LYS F 28 -50.56 -15.55 36.89
CA LYS F 28 -49.82 -15.60 38.20
C LYS F 28 -48.72 -14.54 38.20
N LYS F 29 -48.57 -13.82 39.30
CA LYS F 29 -47.47 -12.86 39.52
C LYS F 29 -46.30 -13.59 40.22
N ARG F 30 -46.51 -14.78 40.77
CA ARG F 30 -45.46 -15.52 41.50
C ARG F 30 -45.70 -17.03 41.34
N PHE F 31 -44.64 -17.77 41.09
CA PHE F 31 -44.66 -19.25 41.05
C PHE F 31 -43.23 -19.74 41.14
N SER F 32 -43.13 -21.00 41.50
CA SER F 32 -41.87 -21.76 41.56
C SER F 32 -41.85 -22.68 40.36
N ILE F 33 -40.68 -23.00 39.83
CA ILE F 33 -40.50 -24.14 38.90
C ILE F 33 -39.36 -24.97 39.44
N SER F 34 -39.42 -26.24 39.11
CA SER F 34 -38.32 -27.18 39.35
C SER F 34 -38.26 -28.11 38.15
N LEU F 35 -37.06 -28.26 37.59
CA LEU F 35 -36.79 -29.17 36.44
C LEU F 35 -36.70 -30.58 36.96
N ALA F 36 -37.26 -31.53 36.20
CA ALA F 36 -37.18 -32.97 36.49
C ALA F 36 -36.11 -33.56 35.58
N CYS F 37 -34.98 -33.98 36.13
CA CYS F 37 -33.93 -34.74 35.41
C CYS F 37 -33.92 -36.17 35.95
N GLU F 38 -33.77 -37.14 35.04
CA GLU F 38 -33.65 -38.60 35.31
C GLU F 38 -32.50 -39.16 34.49
N LYS F 39 -31.94 -40.29 34.92
CA LYS F 39 -30.96 -41.07 34.13
C LYS F 39 -31.76 -41.87 33.11
N ILE F 40 -31.14 -42.14 31.95
CA ILE F 40 -31.84 -42.77 30.78
C ILE F 40 -32.36 -44.16 31.16
N ARG F 67 -34.49 -37.58 21.26
CA ARG F 67 -35.07 -38.78 21.93
C ARG F 67 -36.54 -38.51 22.27
N ASP F 68 -37.34 -39.57 22.39
CA ASP F 68 -38.81 -39.50 22.65
C ASP F 68 -39.07 -39.22 24.14
N ASP F 69 -38.09 -39.47 25.00
CA ASP F 69 -38.31 -39.58 26.46
C ASP F 69 -37.72 -38.36 27.20
N GLY F 70 -37.22 -37.34 26.47
CA GLY F 70 -36.80 -36.05 27.04
C GLY F 70 -35.57 -35.47 26.37
N PHE F 71 -35.04 -34.38 26.92
CA PHE F 71 -33.95 -33.58 26.34
C PHE F 71 -32.60 -33.90 26.98
N PRO F 72 -31.60 -34.44 26.24
CA PRO F 72 -30.25 -34.55 26.79
C PRO F 72 -29.72 -33.23 27.38
N ILE F 73 -28.89 -33.33 28.40
CA ILE F 73 -28.22 -32.19 29.08
C ILE F 73 -26.79 -32.12 28.58
N LYS F 74 -26.31 -30.94 28.17
CA LYS F 74 -24.91 -30.73 27.71
C LYS F 74 -23.96 -31.00 28.88
N GLY F 75 -23.11 -32.03 28.73
CA GLY F 75 -22.04 -32.37 29.69
C GLY F 75 -22.30 -33.67 30.43
N CYS F 76 -23.52 -34.22 30.29
CA CYS F 76 -23.95 -35.50 30.93
C CYS F 76 -24.65 -36.42 29.91
N ASP F 77 -23.96 -37.47 29.46
CA ASP F 77 -24.48 -38.45 28.46
C ASP F 77 -25.50 -39.37 29.14
N ASP F 78 -25.80 -39.14 30.43
CA ASP F 78 -26.51 -40.12 31.31
C ASP F 78 -27.97 -39.71 31.59
N THR F 79 -28.21 -38.39 31.65
CA THR F 79 -29.37 -37.69 32.26
C THR F 79 -30.20 -36.97 31.21
N LEU F 80 -31.53 -36.94 31.40
CA LEU F 80 -32.50 -36.21 30.53
C LEU F 80 -33.33 -35.26 31.38
N VAL F 81 -33.65 -34.07 30.86
CA VAL F 81 -34.78 -33.25 31.35
C VAL F 81 -36.05 -33.93 30.82
N VAL F 82 -36.91 -34.43 31.69
CA VAL F 82 -38.14 -35.17 31.29
C VAL F 82 -39.37 -34.30 31.54
N GLY F 83 -39.24 -33.25 32.33
CA GLY F 83 -40.37 -32.36 32.61
C GLY F 83 -39.99 -31.27 33.57
N LEU F 84 -40.97 -30.55 34.09
CA LEU F 84 -40.81 -29.59 35.19
C LEU F 84 -42.11 -29.51 35.97
N ALA F 85 -42.02 -29.07 37.22
CA ALA F 85 -43.16 -28.88 38.12
C ALA F 85 -43.31 -27.39 38.39
N VAL F 86 -44.54 -26.95 38.53
CA VAL F 86 -44.91 -25.54 38.82
C VAL F 86 -45.71 -25.53 40.11
N CYS F 87 -45.45 -24.58 40.98
CA CYS F 87 -46.24 -24.39 42.20
C CYS F 87 -46.54 -22.91 42.37
N TRP F 88 -47.78 -22.57 42.70
CA TRP F 88 -48.17 -21.17 43.00
C TRP F 88 -49.01 -21.10 44.29
N GLY F 89 -48.88 -22.10 45.17
CA GLY F 89 -49.50 -22.04 46.50
C GLY F 89 -49.86 -23.41 47.02
N GLY F 90 -50.00 -23.55 48.34
CA GLY F 90 -50.45 -24.77 49.00
C GLY F 90 -49.49 -25.91 48.73
N ARG F 91 -50.03 -27.11 48.55
CA ARG F 91 -49.26 -28.38 48.38
C ARG F 91 -49.69 -29.02 47.05
N ASP F 92 -50.06 -28.18 46.08
CA ASP F 92 -50.38 -28.56 44.69
C ASP F 92 -49.17 -28.28 43.80
N ALA F 93 -48.60 -29.32 43.20
CA ALA F 93 -47.57 -29.27 42.14
C ALA F 93 -48.22 -29.60 40.79
N TYR F 94 -48.03 -28.74 39.78
CA TYR F 94 -48.51 -29.00 38.40
C TYR F 94 -47.31 -29.57 37.65
N TYR F 95 -47.34 -30.85 37.34
CA TYR F 95 -46.23 -31.49 36.60
C TYR F 95 -46.49 -31.44 35.09
N PHE F 96 -45.55 -30.85 34.39
CA PHE F 96 -45.61 -30.49 32.95
C PHE F 96 -44.58 -31.37 32.26
N SER F 97 -45.03 -32.47 31.65
CA SER F 97 -44.15 -33.46 30.98
C SER F 97 -43.61 -32.88 29.67
N LEU F 98 -42.35 -33.19 29.38
CA LEU F 98 -41.62 -32.76 28.15
C LEU F 98 -41.16 -34.01 27.39
N GLN F 99 -41.90 -35.10 27.53
CA GLN F 99 -41.62 -36.37 26.80
C GLN F 99 -42.54 -36.47 25.58
N LYS F 100 -41.98 -36.84 24.42
CA LYS F 100 -42.79 -37.07 23.19
C LYS F 100 -43.79 -38.19 23.48
N GLU F 101 -43.31 -39.34 23.96
CA GLU F 101 -44.13 -40.54 24.30
C GLU F 101 -43.75 -41.08 25.69
N PRO F 113 -48.37 -41.43 37.10
CA PRO F 113 -48.96 -40.48 36.15
C PRO F 113 -49.89 -41.14 35.13
N PRO F 114 -51.03 -40.49 34.77
CA PRO F 114 -51.78 -40.84 33.56
C PRO F 114 -50.99 -40.42 32.30
N SER F 115 -51.29 -40.98 31.12
CA SER F 115 -50.45 -40.85 29.89
C SER F 115 -50.64 -39.47 29.25
N LEU F 116 -49.89 -39.18 28.19
CA LEU F 116 -49.95 -37.91 27.42
C LEU F 116 -51.14 -37.94 26.45
N ASP F 117 -51.98 -36.91 26.52
CA ASP F 117 -52.97 -36.55 25.48
C ASP F 117 -52.21 -36.30 24.17
N PRO F 118 -52.41 -37.14 23.13
CA PRO F 118 -51.60 -37.07 21.92
C PRO F 118 -51.85 -35.84 21.03
N SER F 119 -52.96 -35.11 21.23
CA SER F 119 -53.25 -33.80 20.57
C SER F 119 -52.28 -32.73 21.09
N LEU F 120 -51.67 -32.93 22.26
CA LEU F 120 -50.66 -32.00 22.83
C LEU F 120 -49.26 -32.44 22.37
N THR F 121 -48.89 -32.07 21.16
CA THR F 121 -47.54 -32.36 20.63
C THR F 121 -46.49 -31.72 21.52
N LEU F 122 -45.29 -32.25 21.50
CA LEU F 122 -44.13 -31.69 22.22
C LEU F 122 -43.92 -30.23 21.77
N LYS F 123 -43.97 -29.98 20.46
CA LYS F 123 -43.85 -28.61 19.87
C LYS F 123 -44.89 -27.69 20.51
N ASP F 124 -46.17 -28.09 20.56
CA ASP F 124 -47.24 -27.29 21.21
C ASP F 124 -46.88 -27.00 22.68
N ARG F 125 -46.41 -28.02 23.43
CA ARG F 125 -46.07 -27.87 24.87
C ARG F 125 -44.91 -26.88 25.00
N MET F 126 -43.89 -27.02 24.15
CA MET F 126 -42.71 -26.13 24.20
C MET F 126 -43.13 -24.70 23.87
N TRP F 127 -44.05 -24.51 22.95
CA TRP F 127 -44.59 -23.16 22.71
C TRP F 127 -45.14 -22.59 24.04
N TYR F 128 -46.08 -23.32 24.66
CA TYR F 128 -46.88 -22.82 25.83
C TYR F 128 -45.91 -22.64 27.01
N LEU F 129 -44.92 -23.52 27.11
CA LEU F 129 -43.85 -23.37 28.13
C LEU F 129 -43.11 -22.04 27.89
N GLN F 130 -42.60 -21.77 26.69
CA GLN F 130 -41.80 -20.54 26.44
C GLN F 130 -42.70 -19.33 26.69
N SER F 131 -43.97 -19.42 26.32
CA SER F 131 -44.95 -18.31 26.46
C SER F 131 -45.11 -17.93 27.93
N CYS F 132 -45.18 -18.89 28.85
CA CYS F 132 -45.45 -18.62 30.29
C CYS F 132 -44.16 -18.22 31.01
N LEU F 133 -43.00 -18.52 30.43
CA LEU F 133 -41.70 -18.24 31.07
C LEU F 133 -41.06 -16.97 30.49
N ARG F 134 -41.71 -16.24 29.57
CA ARG F 134 -41.17 -14.99 28.97
C ARG F 134 -42.11 -13.81 29.32
N LYS F 135 -41.56 -12.65 29.73
CA LYS F 135 -42.29 -11.44 30.19
C LYS F 135 -43.07 -10.81 29.02
N GLU F 136 -44.25 -10.28 29.31
CA GLU F 136 -44.98 -9.29 28.47
C GLU F 136 -44.58 -7.90 28.96
N SER F 137 -45.10 -6.82 28.35
CA SER F 137 -44.78 -5.40 28.67
C SER F 137 -45.63 -4.92 29.86
N ASP F 138 -44.96 -4.45 30.93
CA ASP F 138 -45.58 -3.85 32.16
C ASP F 138 -46.27 -4.94 32.99
N LYS F 139 -45.61 -6.10 33.14
CA LYS F 139 -46.13 -7.27 33.89
C LYS F 139 -45.06 -7.76 34.88
N GLU F 140 -45.16 -7.34 36.15
CA GLU F 140 -44.30 -7.77 37.28
C GLU F 140 -44.59 -9.24 37.61
N CYS F 141 -43.62 -10.12 37.37
CA CYS F 141 -43.75 -11.60 37.47
C CYS F 141 -42.44 -12.18 38.02
N SER F 142 -42.52 -12.98 39.10
CA SER F 142 -41.36 -13.55 39.79
C SER F 142 -41.41 -15.07 39.75
N VAL F 143 -40.32 -15.69 39.33
CA VAL F 143 -40.14 -17.18 39.35
C VAL F 143 -39.12 -17.53 40.44
N VAL F 144 -39.49 -18.45 41.31
CA VAL F 144 -38.66 -18.97 42.42
C VAL F 144 -38.02 -20.27 41.94
N ILE F 145 -36.69 -20.30 41.88
CA ILE F 145 -35.92 -21.50 41.45
C ILE F 145 -34.77 -21.73 42.43
N TYR F 146 -34.76 -22.90 43.06
CA TYR F 146 -33.60 -23.39 43.83
C TYR F 146 -32.44 -23.60 42.84
N ASP F 147 -31.28 -22.96 43.11
CA ASP F 147 -30.09 -23.01 42.20
C ASP F 147 -30.52 -22.47 40.85
N PHE F 148 -30.91 -21.21 40.87
CA PHE F 148 -31.33 -20.45 39.66
C PHE F 148 -30.35 -20.67 38.51
N ILE F 149 -29.06 -20.49 38.74
CA ILE F 149 -28.04 -20.46 37.65
C ILE F 149 -28.04 -21.80 36.93
N GLN F 150 -27.95 -22.90 37.66
CA GLN F 150 -27.88 -24.22 37.00
C GLN F 150 -29.18 -24.48 36.21
N SER F 151 -30.33 -24.00 36.70
CA SER F 151 -31.64 -24.26 36.06
C SER F 151 -31.77 -23.40 34.80
N TYR F 152 -31.37 -22.13 34.89
CA TYR F 152 -31.36 -21.21 33.73
C TYR F 152 -30.56 -21.83 32.58
N LYS F 153 -29.43 -22.45 32.91
CA LYS F 153 -28.50 -22.98 31.87
C LYS F 153 -29.11 -24.23 31.25
N ILE F 154 -29.65 -25.13 32.06
CA ILE F 154 -30.26 -26.37 31.49
C ILE F 154 -31.46 -25.99 30.61
N LEU F 155 -32.30 -25.05 31.04
CA LEU F 155 -33.48 -24.63 30.24
C LEU F 155 -33.00 -24.07 28.89
N LEU F 156 -31.92 -23.28 28.89
CA LEU F 156 -31.38 -22.65 27.66
C LEU F 156 -30.75 -23.73 26.78
N LEU F 157 -29.81 -24.52 27.29
CA LEU F 157 -28.95 -25.43 26.49
C LEU F 157 -29.71 -26.71 26.14
N SER F 158 -30.58 -27.22 27.02
CA SER F 158 -31.26 -28.52 26.81
C SER F 158 -32.59 -28.32 26.08
N CYS F 159 -33.37 -27.33 26.47
CA CYS F 159 -34.76 -27.13 25.99
C CYS F 159 -34.88 -25.93 25.05
N GLY F 160 -33.83 -25.11 24.93
CA GLY F 160 -33.85 -23.93 24.04
C GLY F 160 -34.76 -22.85 24.58
N ILE F 161 -34.95 -22.78 25.89
CA ILE F 161 -35.83 -21.77 26.53
C ILE F 161 -34.97 -20.81 27.35
N SER F 162 -35.16 -19.51 27.13
CA SER F 162 -34.51 -18.41 27.88
C SER F 162 -35.56 -17.81 28.81
N LEU F 163 -35.45 -18.06 30.11
CA LEU F 163 -36.24 -17.37 31.18
C LEU F 163 -36.13 -15.86 30.94
N GLU F 164 -37.26 -15.14 30.99
CA GLU F 164 -37.31 -13.65 30.91
C GLU F 164 -38.38 -13.17 31.89
N GLN F 165 -38.04 -13.23 33.18
CA GLN F 165 -38.85 -12.70 34.31
C GLN F 165 -37.90 -12.28 35.42
N SER F 166 -38.41 -11.78 36.55
CA SER F 166 -37.64 -11.56 37.80
C SER F 166 -37.43 -12.92 38.47
N TYR F 167 -36.21 -13.16 38.96
CA TYR F 167 -35.81 -14.44 39.60
C TYR F 167 -35.60 -14.22 41.08
N GLU F 168 -35.94 -15.27 41.81
CA GLU F 168 -35.75 -15.40 43.26
C GLU F 168 -35.19 -16.80 43.55
N ASP F 169 -33.97 -16.87 44.09
CA ASP F 169 -33.33 -18.14 44.54
C ASP F 169 -33.31 -18.13 46.07
N PRO F 170 -33.99 -19.07 46.74
CA PRO F 170 -33.93 -19.16 48.20
C PRO F 170 -32.49 -19.33 48.74
N LYS F 171 -31.58 -19.99 48.01
CA LYS F 171 -30.14 -20.11 48.41
C LYS F 171 -29.56 -18.71 48.62
N VAL F 172 -29.88 -17.76 47.75
CA VAL F 172 -29.27 -16.40 47.78
C VAL F 172 -29.88 -15.61 48.93
N ALA F 173 -31.18 -15.78 49.16
CA ALA F 173 -31.91 -15.17 50.30
C ALA F 173 -31.29 -15.64 51.63
N CYS F 174 -30.98 -16.94 51.78
CA CYS F 174 -30.33 -17.51 52.98
C CYS F 174 -29.00 -16.78 53.21
N TRP F 175 -28.18 -16.72 52.18
CA TRP F 175 -26.86 -16.05 52.23
C TRP F 175 -27.05 -14.62 52.73
N LEU F 176 -28.06 -13.93 52.21
CA LEU F 176 -28.29 -12.51 52.48
C LEU F 176 -28.67 -12.33 53.95
N LEU F 177 -29.31 -13.33 54.57
CA LEU F 177 -29.73 -13.25 55.99
C LEU F 177 -28.56 -13.57 56.93
N ASP F 178 -27.62 -14.43 56.53
CA ASP F 178 -26.41 -14.73 57.33
C ASP F 178 -25.30 -15.19 56.41
N PRO F 179 -24.38 -14.29 56.00
CA PRO F 179 -23.37 -14.62 55.00
C PRO F 179 -22.37 -15.68 55.47
N ASP F 180 -22.26 -15.90 56.79
CA ASP F 180 -21.31 -16.86 57.42
C ASP F 180 -21.99 -18.22 57.64
N SER F 181 -23.28 -18.34 57.34
CA SER F 181 -24.04 -19.63 57.44
C SER F 181 -23.38 -20.63 56.50
N GLN F 182 -23.56 -21.92 56.77
CA GLN F 182 -23.07 -22.98 55.86
C GLN F 182 -23.89 -22.87 54.57
N GLU F 183 -23.30 -23.16 53.42
CA GLU F 183 -24.00 -23.25 52.13
C GLU F 183 -25.32 -23.99 52.35
N PRO F 184 -26.47 -23.43 51.95
CA PRO F 184 -27.75 -24.11 52.13
C PRO F 184 -27.92 -25.33 51.21
N THR F 185 -28.61 -26.35 51.70
CA THR F 185 -29.16 -27.47 50.90
C THR F 185 -30.68 -27.33 50.95
N LEU F 186 -31.43 -28.07 50.16
CA LEU F 186 -32.92 -28.03 50.26
C LEU F 186 -33.31 -28.50 51.67
N HIS F 187 -32.59 -29.49 52.22
CA HIS F 187 -32.84 -30.05 53.58
C HIS F 187 -32.63 -28.98 54.66
N SER F 188 -31.56 -28.19 54.59
CA SER F 188 -31.26 -27.13 55.58
C SER F 188 -32.30 -26.00 55.47
N ILE F 189 -32.70 -25.63 54.26
CA ILE F 189 -33.72 -24.58 54.04
C ILE F 189 -35.04 -25.02 54.68
N VAL F 190 -35.46 -26.26 54.42
CA VAL F 190 -36.75 -26.78 54.93
C VAL F 190 -36.64 -26.92 56.46
N THR F 191 -35.51 -27.41 56.95
CA THR F 191 -35.24 -27.51 58.42
C THR F 191 -35.47 -26.13 59.05
N SER F 192 -34.84 -25.07 58.54
CA SER F 192 -34.82 -23.72 59.17
C SER F 192 -36.13 -22.95 58.95
N PHE F 193 -36.72 -23.04 57.75
CA PHE F 193 -37.77 -22.10 57.31
C PHE F 193 -39.11 -22.82 57.06
N LEU F 194 -39.14 -24.15 56.92
CA LEU F 194 -40.41 -24.87 56.62
C LEU F 194 -40.44 -26.20 57.36
N PRO F 195 -40.11 -26.24 58.68
CA PRO F 195 -39.78 -27.51 59.36
C PRO F 195 -40.94 -28.50 59.40
N HIS F 196 -42.18 -28.02 59.40
CA HIS F 196 -43.40 -28.87 59.33
C HIS F 196 -43.44 -29.71 58.05
N GLU F 197 -42.66 -29.42 57.00
CA GLU F 197 -42.68 -30.20 55.73
C GLU F 197 -41.47 -31.13 55.64
N LEU F 198 -40.63 -31.25 56.67
CA LEU F 198 -39.48 -32.20 56.66
C LEU F 198 -39.91 -33.62 56.29
N PRO F 199 -41.09 -34.14 56.71
CA PRO F 199 -41.53 -35.49 56.30
C PRO F 199 -41.50 -35.74 54.78
N LEU F 200 -41.87 -34.75 53.96
CA LEU F 200 -41.81 -34.83 52.47
C LEU F 200 -40.41 -35.24 51.99
N LEU F 201 -39.37 -34.94 52.77
CA LEU F 201 -37.95 -35.19 52.37
C LEU F 201 -37.46 -36.52 52.92
N GLU F 202 -38.26 -37.22 53.73
CA GLU F 202 -37.93 -38.56 54.29
C GLU F 202 -37.62 -39.56 53.17
N GLY F 203 -36.41 -40.14 53.20
CA GLY F 203 -35.91 -41.12 52.21
C GLY F 203 -35.44 -40.45 50.92
N MET F 204 -35.17 -39.14 50.96
CA MET F 204 -34.72 -38.35 49.79
C MET F 204 -33.39 -37.70 50.17
N GLU F 205 -32.39 -38.56 50.38
CA GLU F 205 -31.08 -38.27 51.02
C GLU F 205 -30.32 -37.19 50.22
N THR F 206 -30.54 -37.11 48.91
CA THR F 206 -29.91 -36.14 47.98
C THR F 206 -30.37 -34.71 48.29
N SER F 207 -31.49 -34.51 49.01
CA SER F 207 -31.95 -33.18 49.51
C SER F 207 -30.91 -32.56 50.46
N GLN F 208 -29.98 -33.36 51.00
CA GLN F 208 -28.87 -32.91 51.89
C GLN F 208 -27.58 -32.64 51.10
N GLY F 209 -27.64 -32.70 49.77
CA GLY F 209 -26.57 -32.19 48.88
C GLY F 209 -26.92 -30.81 48.35
N ILE F 210 -25.93 -30.14 47.75
CA ILE F 210 -26.02 -28.74 47.26
C ILE F 210 -26.96 -28.69 46.04
N GLN F 211 -26.87 -29.69 45.16
CA GLN F 211 -27.59 -29.78 43.87
C GLN F 211 -29.11 -29.90 44.09
N SER F 212 -29.89 -29.23 43.25
CA SER F 212 -31.37 -29.21 43.22
C SER F 212 -31.92 -30.64 43.26
N LEU F 213 -32.93 -30.90 44.07
CA LEU F 213 -33.59 -32.23 44.17
C LEU F 213 -34.06 -32.70 42.77
N GLY F 214 -34.67 -31.78 42.01
CA GLY F 214 -35.17 -32.06 40.65
C GLY F 214 -34.03 -32.43 39.72
N LEU F 215 -32.90 -31.73 39.83
CA LEU F 215 -31.72 -31.87 38.91
C LEU F 215 -30.91 -33.11 39.28
N ASN F 216 -31.08 -33.65 40.48
CA ASN F 216 -30.19 -34.72 40.99
C ASN F 216 -30.80 -36.06 40.61
N ALA F 217 -30.38 -36.58 39.46
CA ALA F 217 -30.85 -37.85 38.87
C ALA F 217 -30.15 -39.06 39.51
N GLY F 218 -29.23 -38.83 40.45
CA GLY F 218 -28.57 -39.89 41.22
C GLY F 218 -29.46 -40.38 42.36
N SER F 219 -30.79 -40.32 42.21
CA SER F 219 -31.82 -40.82 43.15
C SER F 219 -32.62 -41.92 42.46
N GLU F 220 -33.26 -42.79 43.25
CA GLU F 220 -34.17 -43.87 42.75
C GLU F 220 -35.59 -43.31 42.59
N HIS F 221 -35.85 -42.14 43.16
CA HIS F 221 -37.16 -41.44 43.05
C HIS F 221 -37.26 -40.80 41.67
N SER F 222 -38.44 -40.83 41.06
CA SER F 222 -38.70 -40.26 39.73
C SER F 222 -38.44 -38.75 39.71
N GLY F 223 -38.02 -38.20 38.57
CA GLY F 223 -37.90 -36.75 38.35
C GLY F 223 -39.22 -36.05 38.62
N ARG F 224 -40.32 -36.69 38.24
CA ARG F 224 -41.68 -36.11 38.43
C ARG F 224 -41.90 -35.85 39.93
N TYR F 225 -41.70 -36.87 40.76
CA TYR F 225 -41.94 -36.79 42.22
C TYR F 225 -40.97 -35.77 42.81
N ARG F 226 -39.69 -35.86 42.47
CA ARG F 226 -38.63 -35.00 43.05
C ARG F 226 -38.94 -33.54 42.70
N ALA F 227 -39.26 -33.24 41.44
CA ALA F 227 -39.51 -31.86 40.98
C ALA F 227 -40.79 -31.33 41.63
N SER F 228 -41.82 -32.15 41.77
CA SER F 228 -43.11 -31.75 42.37
C SER F 228 -42.88 -31.37 43.85
N VAL F 229 -42.17 -32.20 44.60
CA VAL F 229 -41.87 -31.96 46.04
C VAL F 229 -41.05 -30.68 46.12
N GLU F 230 -39.97 -30.59 45.35
CA GLU F 230 -39.12 -29.38 45.35
C GLU F 230 -39.97 -28.14 45.08
N SER F 231 -40.84 -28.18 44.07
CA SER F 231 -41.61 -26.98 43.66
C SER F 231 -42.41 -26.45 44.85
N ILE F 232 -43.03 -27.35 45.59
CA ILE F 232 -43.88 -27.02 46.76
C ILE F 232 -42.98 -26.50 47.89
N LEU F 233 -41.92 -27.22 48.24
CA LEU F 233 -41.01 -26.81 49.35
C LEU F 233 -40.42 -25.43 49.06
N ILE F 234 -40.02 -25.17 47.82
CA ILE F 234 -39.27 -23.93 47.44
C ILE F 234 -40.25 -22.75 47.40
N PHE F 235 -41.46 -22.91 46.90
CA PHE F 235 -42.45 -21.80 46.82
C PHE F 235 -42.76 -21.33 48.23
N ASN F 236 -43.09 -22.26 49.12
CA ASN F 236 -43.50 -21.97 50.53
C ASN F 236 -42.31 -21.43 51.32
N SER F 237 -41.13 -22.03 51.18
CA SER F 237 -39.86 -21.56 51.80
C SER F 237 -39.58 -20.10 51.42
N MET F 238 -39.78 -19.77 50.16
CA MET F 238 -39.40 -18.43 49.62
C MET F 238 -40.38 -17.37 50.18
N ASN F 239 -41.62 -17.73 50.45
CA ASN F 239 -42.58 -16.79 51.12
C ASN F 239 -42.01 -16.42 52.49
N GLN F 240 -41.55 -17.39 53.25
CA GLN F 240 -40.99 -17.15 54.61
C GLN F 240 -39.69 -16.34 54.44
N LEU F 241 -38.79 -16.75 53.57
CA LEU F 241 -37.51 -16.01 53.30
C LEU F 241 -37.82 -14.56 52.88
N ASN F 242 -38.83 -14.32 52.06
CA ASN F 242 -39.22 -12.95 51.63
C ASN F 242 -39.71 -12.13 52.83
N SER F 243 -40.49 -12.71 53.73
CA SER F 243 -40.92 -11.99 54.96
C SER F 243 -39.67 -11.63 55.78
N LEU F 244 -38.69 -12.54 55.91
CA LEU F 244 -37.49 -12.27 56.73
C LEU F 244 -36.65 -11.17 56.05
N LEU F 245 -36.47 -11.22 54.72
CA LEU F 245 -35.73 -10.17 53.96
C LEU F 245 -36.39 -8.81 54.19
N GLN F 246 -37.71 -8.77 54.18
CA GLN F 246 -38.48 -7.51 54.39
C GLN F 246 -38.26 -7.00 55.81
N LYS F 247 -38.32 -7.89 56.80
CA LYS F 247 -38.06 -7.48 58.21
C LYS F 247 -36.64 -6.90 58.31
N GLU F 248 -35.64 -7.49 57.65
CA GLU F 248 -34.21 -7.05 57.73
C GLU F 248 -33.93 -5.92 56.73
N ASN F 249 -34.88 -5.57 55.87
CA ASN F 249 -34.74 -4.47 54.88
C ASN F 249 -33.64 -4.83 53.87
N LEU F 250 -33.61 -6.09 53.43
CA LEU F 250 -32.65 -6.60 52.42
C LEU F 250 -33.38 -6.98 51.13
N GLN F 251 -34.68 -6.71 51.02
CA GLN F 251 -35.48 -7.17 49.85
C GLN F 251 -35.08 -6.36 48.61
N ASP F 252 -34.85 -5.06 48.75
CA ASP F 252 -34.39 -4.19 47.63
C ASP F 252 -33.06 -4.75 47.11
N VAL F 253 -32.14 -5.01 48.03
CA VAL F 253 -30.78 -5.53 47.71
C VAL F 253 -30.96 -6.83 46.91
N PHE F 254 -31.83 -7.71 47.39
CA PHE F 254 -32.08 -9.06 46.84
C PHE F 254 -32.59 -8.95 45.38
N ARG F 255 -33.58 -8.09 45.13
CA ARG F 255 -34.26 -7.96 43.81
C ARG F 255 -33.44 -7.09 42.84
N LYS F 256 -32.79 -6.03 43.31
CA LYS F 256 -32.10 -5.05 42.41
C LYS F 256 -30.62 -5.40 42.20
N VAL F 257 -29.95 -6.12 43.10
CA VAL F 257 -28.48 -6.33 43.04
C VAL F 257 -28.16 -7.84 42.99
N GLU F 258 -28.53 -8.59 44.02
CA GLU F 258 -28.04 -9.97 44.18
C GLU F 258 -28.62 -10.88 43.09
N MET F 259 -29.93 -10.85 42.83
CA MET F 259 -30.47 -11.81 41.84
C MET F 259 -30.05 -11.40 40.43
N PRO F 260 -30.07 -10.11 40.05
CA PRO F 260 -29.49 -9.69 38.76
C PRO F 260 -28.02 -10.10 38.59
N SER F 261 -27.25 -10.00 39.68
CA SER F 261 -25.82 -10.42 39.74
C SER F 261 -25.75 -11.90 39.42
N GLN F 262 -26.64 -12.72 39.97
CA GLN F 262 -26.70 -14.15 39.62
C GLN F 262 -26.98 -14.33 38.12
N TYR F 263 -27.84 -13.52 37.53
CA TYR F 263 -28.16 -13.61 36.08
C TYR F 263 -26.89 -13.31 35.28
N CYS F 264 -26.19 -12.23 35.58
CA CYS F 264 -24.86 -11.91 34.94
C CYS F 264 -23.91 -13.10 35.09
N LEU F 265 -23.88 -13.78 36.24
CA LEU F 265 -22.93 -14.90 36.45
C LEU F 265 -23.37 -16.11 35.62
N ALA F 266 -24.66 -16.28 35.43
CA ALA F 266 -25.18 -17.35 34.52
C ALA F 266 -24.66 -17.14 33.11
N LEU F 267 -24.68 -15.92 32.60
CA LEU F 267 -24.17 -15.62 31.24
C LEU F 267 -22.66 -15.94 31.17
N LEU F 268 -21.90 -15.57 32.21
CA LEU F 268 -20.44 -15.85 32.30
C LEU F 268 -20.20 -17.36 32.26
N GLU F 269 -21.00 -18.12 32.99
CA GLU F 269 -20.81 -19.58 33.06
C GLU F 269 -21.20 -20.20 31.72
N LEU F 270 -22.17 -19.64 31.02
CA LEU F 270 -22.54 -20.11 29.66
C LEU F 270 -21.42 -19.72 28.70
N ASN F 271 -20.82 -18.54 28.87
CA ASN F 271 -19.75 -18.05 27.97
C ASN F 271 -18.50 -18.91 28.10
N GLY F 272 -18.08 -19.23 29.32
CA GLY F 272 -16.74 -19.77 29.58
C GLY F 272 -15.65 -18.78 29.17
N ILE F 273 -14.39 -19.18 29.29
CA ILE F 273 -13.22 -18.31 28.94
C ILE F 273 -12.35 -19.11 27.98
N GLY F 274 -11.94 -18.47 26.90
CA GLY F 274 -11.10 -19.11 25.87
C GLY F 274 -9.76 -19.51 26.43
N PHE F 275 -9.22 -20.62 25.93
CA PHE F 275 -8.01 -21.28 26.45
C PHE F 275 -7.21 -21.82 25.27
N SER F 276 -5.93 -21.55 25.28
CA SER F 276 -4.88 -22.13 24.39
C SER F 276 -4.03 -23.19 25.11
N THR F 277 -4.00 -24.39 24.57
CA THR F 277 -3.28 -25.55 25.13
C THR F 277 -1.81 -25.51 24.70
N ALA F 278 -1.54 -25.03 23.49
CA ALA F 278 -0.20 -24.78 22.92
C ALA F 278 0.60 -23.83 23.82
N GLU F 279 0.02 -22.69 24.19
CA GLU F 279 0.67 -21.67 25.06
C GLU F 279 1.01 -22.30 26.42
N CYS F 280 0.04 -22.97 27.03
CA CYS F 280 0.19 -23.71 28.32
C CYS F 280 1.34 -24.73 28.25
N GLU F 281 1.40 -25.59 27.21
CA GLU F 281 2.38 -26.70 27.10
C GLU F 281 3.82 -26.13 27.00
N SER F 282 3.99 -25.05 26.26
CA SER F 282 5.32 -24.46 26.02
C SER F 282 5.81 -23.85 27.33
N GLN F 283 4.92 -23.24 28.11
CA GLN F 283 5.27 -22.72 29.46
C GLN F 283 5.62 -23.90 30.38
N LYS F 284 4.81 -24.95 30.36
CA LYS F 284 5.04 -26.18 31.18
C LYS F 284 6.46 -26.69 30.94
N HIS F 285 6.90 -26.79 29.68
CA HIS F 285 8.21 -27.39 29.33
C HIS F 285 9.35 -26.55 29.90
N ILE F 286 9.26 -25.22 29.84
CA ILE F 286 10.28 -24.30 30.40
C ILE F 286 10.30 -24.47 31.92
N MET F 287 9.13 -24.47 32.54
CA MET F 287 8.99 -24.63 34.01
C MET F 287 9.59 -25.96 34.45
N GLN F 288 9.35 -27.04 33.70
CA GLN F 288 9.80 -28.39 34.10
C GLN F 288 11.32 -28.49 34.00
N ALA F 289 11.91 -27.85 33.00
CA ALA F 289 13.37 -27.78 32.81
C ALA F 289 14.03 -27.06 34.00
N LYS F 290 13.40 -25.99 34.47
CA LYS F 290 13.89 -25.18 35.62
C LYS F 290 13.76 -26.01 36.90
N LEU F 291 12.64 -26.70 37.09
CA LEU F 291 12.46 -27.62 38.24
C LEU F 291 13.59 -28.65 38.27
N ASP F 292 13.98 -29.20 37.12
CA ASP F 292 15.01 -30.26 37.02
C ASP F 292 16.36 -29.68 37.47
N ALA F 293 16.76 -28.53 36.93
CA ALA F 293 18.01 -27.81 37.28
C ALA F 293 18.02 -27.42 38.76
N ILE F 294 16.90 -26.92 39.28
CA ILE F 294 16.78 -26.55 40.72
C ILE F 294 17.03 -27.79 41.57
N GLU F 295 16.36 -28.91 41.25
CA GLU F 295 16.51 -30.18 42.03
C GLU F 295 17.98 -30.56 42.04
N THR F 296 18.61 -30.68 40.86
CA THR F 296 20.00 -31.17 40.72
C THR F 296 20.94 -30.28 41.52
N GLN F 297 20.74 -28.96 41.52
CA GLN F 297 21.60 -27.98 42.26
C GLN F 297 21.28 -28.08 43.77
N ALA F 298 20.01 -28.15 44.15
CA ALA F 298 19.59 -28.33 45.57
C ALA F 298 20.28 -29.56 46.15
N TYR F 299 20.23 -30.71 45.46
CA TYR F 299 20.72 -32.02 45.95
C TYR F 299 22.24 -31.99 46.08
N GLN F 300 22.95 -31.23 45.24
CA GLN F 300 24.44 -31.12 45.35
C GLN F 300 24.79 -30.24 46.54
N LEU F 301 24.08 -29.14 46.77
CA LEU F 301 24.30 -28.28 47.96
C LEU F 301 23.96 -29.05 49.24
N ALA F 302 22.86 -29.82 49.25
CA ALA F 302 22.42 -30.61 50.43
C ALA F 302 23.35 -31.80 50.70
N GLY F 303 23.98 -32.35 49.65
CA GLY F 303 24.82 -33.56 49.74
C GLY F 303 24.03 -34.84 49.50
N HIS F 304 22.71 -34.81 49.55
CA HIS F 304 21.85 -36.01 49.32
C HIS F 304 20.50 -35.58 48.76
N SER F 305 19.75 -36.52 48.19
CA SER F 305 18.32 -36.34 47.83
C SER F 305 17.56 -35.91 49.08
N PHE F 306 16.54 -35.09 48.92
CA PHE F 306 15.55 -34.72 49.97
C PHE F 306 14.24 -34.39 49.27
N SER F 307 13.11 -34.61 49.94
CA SER F 307 11.76 -34.28 49.42
C SER F 307 11.50 -32.79 49.65
N PHE F 308 11.18 -32.04 48.58
CA PHE F 308 10.82 -30.60 48.62
C PHE F 308 9.46 -30.41 49.30
N THR F 309 8.71 -31.51 49.47
CA THR F 309 7.30 -31.50 49.99
C THR F 309 7.30 -31.81 51.49
N SER F 310 8.43 -32.21 52.07
CA SER F 310 8.57 -32.51 53.53
C SER F 310 9.26 -31.34 54.24
N SER F 311 8.48 -30.60 55.05
CA SER F 311 8.96 -29.53 55.98
C SER F 311 10.10 -30.09 56.85
N ASP F 312 9.91 -31.32 57.34
CA ASP F 312 10.88 -32.06 58.20
C ASP F 312 12.24 -32.14 57.49
N ASP F 313 12.27 -32.68 56.28
CA ASP F 313 13.50 -32.88 55.47
C ASP F 313 14.20 -31.53 55.30
N ILE F 314 13.45 -30.51 54.88
CA ILE F 314 13.98 -29.15 54.56
C ILE F 314 14.57 -28.55 55.85
N ALA F 315 13.89 -28.73 56.98
CA ALA F 315 14.33 -28.23 58.31
C ALA F 315 15.63 -28.95 58.71
N GLU F 316 15.69 -30.28 58.52
CA GLU F 316 16.90 -31.09 58.82
C GLU F 316 18.06 -30.46 58.05
N VAL F 317 17.89 -30.20 56.74
CA VAL F 317 18.99 -29.72 55.85
C VAL F 317 19.36 -28.27 56.23
N LEU F 318 18.38 -27.38 56.35
CA LEU F 318 18.67 -25.93 56.54
C LEU F 318 19.29 -25.70 57.92
N PHE F 319 18.75 -26.33 58.98
CA PHE F 319 18.99 -25.91 60.40
C PHE F 319 19.96 -26.86 61.10
N LEU F 320 19.80 -28.17 60.93
CA LEU F 320 20.66 -29.19 61.57
C LEU F 320 21.96 -29.36 60.76
N GLU F 321 21.87 -29.49 59.42
CA GLU F 321 22.97 -30.03 58.59
C GLU F 321 23.79 -28.89 57.98
N LEU F 322 23.25 -27.66 57.95
CA LEU F 322 23.93 -26.43 57.46
C LEU F 322 24.02 -25.38 58.56
N LYS F 323 23.22 -25.51 59.63
CA LYS F 323 23.27 -24.63 60.83
C LYS F 323 22.99 -23.17 60.45
N LEU F 324 21.94 -22.90 59.66
CA LEU F 324 21.46 -21.51 59.41
C LEU F 324 20.62 -21.08 60.61
N PRO F 325 20.61 -19.76 60.98
CA PRO F 325 19.96 -19.31 62.21
C PRO F 325 18.44 -19.15 62.17
N PRO F 326 17.67 -19.86 63.04
CA PRO F 326 16.23 -19.63 63.18
C PRO F 326 15.92 -18.50 64.17
N PHE F 358 11.04 -26.11 64.19
CA PHE F 358 11.66 -25.08 63.33
C PHE F 358 10.86 -24.98 62.01
N SER F 359 10.19 -23.84 61.81
CA SER F 359 9.32 -23.54 60.64
C SER F 359 10.16 -23.39 59.36
N THR F 360 9.55 -23.70 58.21
CA THR F 360 10.13 -23.58 56.85
C THR F 360 9.20 -22.74 55.99
N SER F 361 8.58 -21.71 56.57
CA SER F 361 7.60 -20.84 55.91
C SER F 361 8.30 -19.91 54.92
N LYS F 362 7.51 -19.27 54.05
CA LYS F 362 7.98 -18.25 53.08
C LYS F 362 8.83 -17.22 53.82
N ASP F 363 8.37 -16.72 54.97
CA ASP F 363 8.96 -15.59 55.73
C ASP F 363 10.36 -15.99 56.21
N VAL F 364 10.49 -17.18 56.78
CA VAL F 364 11.77 -17.77 57.25
C VAL F 364 12.73 -17.81 56.05
N LEU F 365 12.35 -18.50 54.96
CA LEU F 365 13.29 -18.80 53.84
C LEU F 365 13.65 -17.50 53.14
N ASN F 366 12.75 -16.52 53.17
CA ASN F 366 12.94 -15.20 52.54
C ASN F 366 14.05 -14.45 53.25
N LYS F 367 14.15 -14.57 54.58
CA LYS F 367 15.27 -14.00 55.38
C LYS F 367 16.55 -14.76 54.99
N LEU F 368 16.50 -16.10 55.02
CA LEU F 368 17.71 -16.96 54.95
C LEU F 368 18.34 -16.93 53.56
N LYS F 369 17.61 -16.55 52.50
CA LYS F 369 18.13 -16.60 51.10
C LYS F 369 19.32 -15.65 50.97
N ALA F 370 19.39 -14.64 51.84
CA ALA F 370 20.55 -13.72 51.90
C ALA F 370 21.82 -14.47 52.36
N LEU F 371 21.73 -15.65 52.98
CA LEU F 371 22.87 -16.33 53.67
C LEU F 371 23.33 -17.60 52.94
N HIS F 372 22.53 -18.19 52.06
CA HIS F 372 22.82 -19.50 51.43
C HIS F 372 21.85 -19.69 50.26
N PRO F 373 22.31 -20.32 49.14
CA PRO F 373 21.48 -20.48 47.95
C PRO F 373 20.26 -21.40 48.11
N LEU F 374 20.29 -22.39 49.02
CA LEU F 374 19.27 -23.48 49.09
C LEU F 374 17.88 -22.95 49.44
N PRO F 375 17.69 -22.07 50.46
CA PRO F 375 16.36 -21.51 50.75
C PRO F 375 15.66 -20.84 49.55
N GLY F 376 16.42 -20.11 48.72
CA GLY F 376 15.93 -19.52 47.47
C GLY F 376 15.48 -20.58 46.48
N LEU F 377 16.26 -21.64 46.29
CA LEU F 377 15.91 -22.80 45.41
C LEU F 377 14.58 -23.39 45.89
N ILE F 378 14.45 -23.59 47.21
CA ILE F 378 13.21 -24.18 47.82
C ILE F 378 12.03 -23.29 47.40
N LEU F 379 12.18 -21.98 47.52
CA LEU F 379 11.05 -21.03 47.30
C LEU F 379 10.63 -21.09 45.84
N GLU F 380 11.60 -21.17 44.94
CA GLU F 380 11.35 -21.18 43.48
C GLU F 380 10.73 -22.52 43.10
N TRP F 381 11.23 -23.61 43.70
CA TRP F 381 10.65 -24.96 43.49
C TRP F 381 9.15 -24.93 43.78
N ARG F 382 8.76 -24.36 44.92
CA ARG F 382 7.34 -24.36 45.37
C ARG F 382 6.54 -23.49 44.44
N ARG F 383 7.09 -22.38 43.97
CA ARG F 383 6.37 -21.41 43.09
C ARG F 383 6.08 -22.13 41.80
N ILE F 384 7.08 -22.76 41.20
CA ILE F 384 6.94 -23.38 39.85
C ILE F 384 6.09 -24.64 39.97
N THR F 385 6.32 -25.47 41.00
CA THR F 385 5.51 -26.70 41.23
C THR F 385 4.03 -26.30 41.33
N ASN F 386 3.75 -25.19 42.01
CA ASN F 386 2.38 -24.64 42.15
C ASN F 386 1.79 -24.35 40.76
N ALA F 387 2.51 -23.66 39.90
CA ALA F 387 2.03 -23.28 38.55
C ALA F 387 1.77 -24.55 37.73
N ILE F 388 2.62 -25.58 37.85
CA ILE F 388 2.47 -26.83 37.06
C ILE F 388 1.27 -27.64 37.62
N THR F 389 1.24 -27.93 38.93
CA THR F 389 0.33 -28.95 39.52
C THR F 389 -1.03 -28.38 39.88
N LYS F 390 -1.10 -27.09 40.22
CA LYS F 390 -2.33 -26.42 40.70
C LYS F 390 -2.89 -25.49 39.62
N VAL F 391 -2.19 -25.25 38.52
CA VAL F 391 -2.74 -24.35 37.47
C VAL F 391 -2.76 -25.07 36.12
N VAL F 392 -1.62 -25.45 35.56
CA VAL F 392 -1.56 -26.15 34.24
C VAL F 392 -2.39 -27.45 34.28
N PHE F 393 -2.19 -28.33 35.26
CA PHE F 393 -2.80 -29.69 35.26
C PHE F 393 -4.33 -29.53 35.27
N PRO F 394 -4.91 -28.77 36.23
CA PRO F 394 -6.37 -28.58 36.25
C PRO F 394 -6.94 -27.85 35.02
N LEU F 395 -6.28 -26.83 34.49
CA LEU F 395 -6.78 -26.14 33.26
C LEU F 395 -6.82 -27.13 32.10
N GLN F 396 -5.76 -27.92 31.90
CA GLN F 396 -5.68 -28.87 30.75
C GLN F 396 -6.58 -30.06 30.94
N ARG F 397 -7.13 -30.26 32.16
CA ARG F 397 -8.10 -31.34 32.46
C ARG F 397 -9.54 -30.82 32.27
N GLU F 398 -9.80 -29.55 32.53
CA GLU F 398 -11.15 -28.92 32.58
C GLU F 398 -11.53 -28.35 31.20
N LYS F 399 -10.54 -28.18 30.31
CA LYS F 399 -10.77 -27.54 29.00
C LYS F 399 -11.77 -28.41 28.22
N CYS F 400 -12.55 -27.76 27.36
CA CYS F 400 -13.72 -28.34 26.65
C CYS F 400 -13.77 -27.72 25.25
N LEU F 401 -13.81 -28.51 24.19
CA LEU F 401 -13.99 -27.96 22.80
C LEU F 401 -15.34 -27.24 22.68
N ASN F 402 -15.34 -26.01 22.18
CA ASN F 402 -16.58 -25.32 21.75
C ASN F 402 -16.62 -25.37 20.22
N PRO F 403 -17.43 -26.25 19.61
CA PRO F 403 -17.44 -26.44 18.16
C PRO F 403 -17.95 -25.22 17.37
N PHE F 404 -18.75 -24.32 17.96
CA PHE F 404 -19.30 -23.13 17.29
C PHE F 404 -18.22 -22.06 17.15
N LEU F 405 -17.58 -21.70 18.27
CA LEU F 405 -16.48 -20.68 18.29
C LEU F 405 -15.21 -21.26 17.66
N GLY F 406 -15.05 -22.58 17.63
CA GLY F 406 -13.89 -23.26 17.01
C GLY F 406 -12.64 -23.09 17.84
N MET F 407 -12.75 -23.30 19.16
CA MET F 407 -11.64 -23.12 20.14
C MET F 407 -11.98 -23.89 21.41
N GLU F 408 -10.98 -24.12 22.25
CA GLU F 408 -11.16 -24.71 23.60
C GLU F 408 -11.56 -23.58 24.55
N ARG F 409 -12.39 -23.92 25.53
CA ARG F 409 -12.78 -22.96 26.59
C ARG F 409 -12.75 -23.69 27.92
N ILE F 410 -12.76 -22.93 29.00
CA ILE F 410 -12.92 -23.45 30.37
C ILE F 410 -14.21 -22.85 30.91
N TYR F 411 -14.97 -23.68 31.62
CA TYR F 411 -16.30 -23.34 32.18
C TYR F 411 -16.20 -23.47 33.69
N PRO F 412 -15.72 -22.40 34.37
CA PRO F 412 -15.66 -22.43 35.83
C PRO F 412 -17.06 -22.17 36.39
N VAL F 413 -17.26 -22.50 37.67
CA VAL F 413 -18.56 -22.38 38.35
C VAL F 413 -18.44 -21.24 39.33
N SER F 414 -19.34 -20.25 39.28
CA SER F 414 -19.32 -19.09 40.20
C SER F 414 -19.78 -19.56 41.56
N GLN F 415 -19.33 -18.87 42.60
CA GLN F 415 -19.64 -19.13 44.02
C GLN F 415 -19.81 -17.76 44.68
N SER F 416 -21.04 -17.46 45.11
CA SER F 416 -21.42 -16.15 45.67
C SER F 416 -21.68 -16.26 47.16
N HIS F 417 -21.57 -17.45 47.72
CA HIS F 417 -21.77 -17.64 49.18
C HIS F 417 -20.45 -17.39 49.89
N THR F 418 -20.12 -16.13 50.16
CA THR F 418 -18.82 -15.68 50.73
C THR F 418 -19.11 -14.77 51.91
N ALA F 419 -18.15 -14.57 52.80
CA ALA F 419 -18.35 -13.82 54.06
C ALA F 419 -18.67 -12.36 53.78
N THR F 420 -18.12 -11.81 52.70
CA THR F 420 -18.10 -10.35 52.46
C THR F 420 -18.86 -9.98 51.19
N GLY F 421 -19.31 -10.96 50.39
CA GLY F 421 -20.10 -10.72 49.18
C GLY F 421 -19.22 -10.62 47.95
N ARG F 422 -17.96 -11.00 48.08
CA ARG F 422 -17.10 -11.23 46.90
C ARG F 422 -17.69 -12.39 46.11
N ILE F 423 -17.30 -12.48 44.84
CA ILE F 423 -17.57 -13.67 44.00
C ILE F 423 -16.26 -14.42 43.79
N THR F 424 -16.30 -15.74 43.85
CA THR F 424 -15.12 -16.59 43.59
C THR F 424 -15.54 -17.68 42.60
N PHE F 425 -14.64 -18.56 42.23
CA PHE F 425 -14.91 -19.61 41.23
C PHE F 425 -14.28 -20.89 41.73
N THR F 426 -14.84 -22.00 41.25
CA THR F 426 -14.32 -23.36 41.48
C THR F 426 -14.24 -24.09 40.13
N GLU F 427 -13.43 -25.14 40.11
CA GLU F 427 -13.44 -26.21 39.09
C GLU F 427 -13.22 -25.56 37.72
N PRO F 428 -12.07 -24.89 37.50
CA PRO F 428 -11.06 -24.59 38.53
C PRO F 428 -11.20 -23.14 39.02
N ASN F 429 -10.48 -22.71 40.05
CA ASN F 429 -10.54 -21.29 40.52
C ASN F 429 -9.52 -20.47 39.72
N ILE F 430 -10.00 -19.92 38.61
CA ILE F 430 -9.23 -19.12 37.64
C ILE F 430 -8.76 -17.81 38.28
N GLN F 431 -9.37 -17.37 39.37
CA GLN F 431 -8.86 -16.17 40.08
C GLN F 431 -7.42 -16.41 40.57
N ASN F 432 -6.97 -17.66 40.71
CA ASN F 432 -5.68 -17.96 41.40
C ASN F 432 -4.54 -18.17 40.40
N VAL F 433 -4.82 -17.95 39.14
CA VAL F 433 -3.81 -18.09 38.07
C VAL F 433 -2.72 -17.09 38.40
N PRO F 434 -1.46 -17.57 38.51
CA PRO F 434 -0.31 -16.71 38.82
C PRO F 434 -0.22 -15.47 37.92
N ARG F 435 0.14 -14.35 38.56
CA ARG F 435 0.78 -13.15 37.95
C ARG F 435 1.96 -13.64 37.13
N ASP F 436 2.36 -12.86 36.09
CA ASP F 436 3.61 -13.09 35.33
C ASP F 436 4.78 -13.19 36.33
N PHE F 437 5.73 -14.10 36.07
CA PHE F 437 7.04 -14.19 36.78
C PHE F 437 8.13 -14.64 35.82
N GLU F 438 9.37 -14.51 36.27
CA GLU F 438 10.58 -14.75 35.44
C GLU F 438 11.32 -15.99 35.94
N ILE F 439 11.79 -16.80 35.00
CA ILE F 439 12.73 -17.93 35.25
C ILE F 439 14.02 -17.61 34.50
N LYS F 440 15.16 -17.69 35.19
CA LYS F 440 16.52 -17.57 34.55
C LYS F 440 17.12 -18.96 34.42
N MET F 441 17.64 -19.28 33.24
CA MET F 441 18.39 -20.53 32.99
C MET F 441 19.57 -20.18 32.08
N GLY F 442 20.77 -20.63 32.44
CA GLY F 442 22.02 -20.23 31.78
C GLY F 442 22.09 -18.72 31.56
N GLY F 443 21.62 -17.94 32.55
CA GLY F 443 21.63 -16.49 32.49
C GLY F 443 20.71 -15.90 31.44
N MET F 444 19.76 -16.67 30.90
CA MET F 444 18.73 -16.17 29.95
C MET F 444 17.38 -16.15 30.67
N PRO F 445 16.65 -15.02 30.61
CA PRO F 445 15.35 -14.92 31.26
C PRO F 445 14.23 -15.45 30.36
N PHE F 446 13.29 -16.22 30.92
CA PHE F 446 12.03 -16.64 30.27
C PHE F 446 10.86 -16.11 31.08
N SER F 447 9.97 -15.36 30.44
CA SER F 447 8.72 -14.84 31.03
C SER F 447 7.71 -15.99 31.11
N ILE F 448 7.24 -16.35 32.31
CA ILE F 448 6.11 -17.32 32.46
C ILE F 448 4.86 -16.51 32.73
N SER F 449 3.98 -16.43 31.74
CA SER F 449 2.69 -15.72 31.83
C SER F 449 1.56 -16.74 31.64
N MET F 450 1.13 -17.34 32.73
CA MET F 450 0.05 -18.36 32.69
C MET F 450 -1.21 -17.71 32.12
N ARG F 451 -1.44 -16.43 32.44
CA ARG F 451 -2.61 -15.67 31.98
C ARG F 451 -2.63 -15.58 30.46
N HIS F 452 -1.48 -15.71 29.81
CA HIS F 452 -1.34 -15.59 28.33
C HIS F 452 -2.03 -16.77 27.64
N ALA F 453 -2.39 -17.84 28.38
CA ALA F 453 -3.12 -19.00 27.81
C ALA F 453 -4.62 -18.68 27.65
N PHE F 454 -5.09 -17.61 28.25
CA PHE F 454 -6.52 -17.22 28.23
C PHE F 454 -6.75 -16.19 27.12
N VAL F 455 -7.42 -16.62 26.06
CA VAL F 455 -7.46 -15.90 24.76
C VAL F 455 -8.91 -15.61 24.41
N PRO F 456 -9.19 -14.57 23.61
CA PRO F 456 -10.53 -14.36 23.07
C PRO F 456 -10.78 -15.28 21.87
N PHE F 457 -12.04 -15.37 21.42
CA PHE F 457 -12.42 -16.08 20.18
C PHE F 457 -11.64 -15.43 19.05
N PRO F 458 -11.35 -16.17 17.95
CA PRO F 458 -10.69 -15.58 16.79
C PRO F 458 -11.31 -14.26 16.31
N GLY F 459 -10.50 -13.20 16.16
CA GLY F 459 -10.96 -11.85 15.80
C GLY F 459 -11.22 -10.97 17.02
N GLY F 460 -11.58 -11.58 18.15
CA GLY F 460 -11.97 -10.87 19.39
C GLY F 460 -10.80 -10.27 20.15
N SER F 461 -11.10 -9.48 21.17
CA SER F 461 -10.12 -8.97 22.15
C SER F 461 -10.61 -9.24 23.57
N ILE F 462 -9.69 -9.37 24.53
CA ILE F 462 -9.99 -9.33 25.99
C ILE F 462 -9.97 -7.87 26.39
N LEU F 463 -11.01 -7.43 27.08
CA LEU F 463 -11.08 -6.10 27.71
C LEU F 463 -11.14 -6.32 29.22
N ALA F 464 -10.25 -5.67 29.96
CA ALA F 464 -10.21 -5.64 31.44
C ALA F 464 -10.44 -4.20 31.86
N ALA F 465 -11.36 -3.99 32.79
CA ALA F 465 -11.58 -2.69 33.45
C ALA F 465 -11.46 -2.92 34.95
N ASP F 466 -10.55 -2.20 35.60
CA ASP F 466 -10.25 -2.36 37.05
C ASP F 466 -10.45 -1.00 37.73
N TYR F 467 -11.06 -1.03 38.90
CA TYR F 467 -11.10 0.12 39.83
C TYR F 467 -9.70 0.34 40.39
N SER F 468 -9.22 1.58 40.29
CA SER F 468 -7.99 2.03 41.02
C SER F 468 -8.29 2.23 42.51
N GLN F 469 -7.69 1.38 43.35
CA GLN F 469 -7.72 1.49 44.83
C GLN F 469 -9.16 1.69 45.29
N LEU F 470 -10.04 0.76 44.95
CA LEU F 470 -11.48 0.87 45.27
C LEU F 470 -11.65 0.86 46.79
N GLU F 471 -10.97 -0.07 47.47
CA GLU F 471 -11.06 -0.24 48.94
C GLU F 471 -10.54 1.03 49.63
N LEU F 472 -9.50 1.67 49.08
CA LEU F 472 -8.94 2.92 49.66
C LEU F 472 -9.93 4.07 49.45
N ARG F 473 -10.57 4.11 48.28
CA ARG F 473 -11.54 5.19 47.95
C ARG F 473 -12.76 5.08 48.87
N ILE F 474 -13.22 3.85 49.12
CA ILE F 474 -14.37 3.59 50.02
C ILE F 474 -13.94 3.98 51.44
N LEU F 475 -12.72 3.64 51.87
CA LEU F 475 -12.24 3.95 53.24
C LEU F 475 -12.17 5.47 53.41
N ALA F 476 -11.66 6.19 52.42
CA ALA F 476 -11.62 7.68 52.41
C ALA F 476 -13.05 8.21 52.65
N HIS F 477 -14.00 7.73 51.84
CA HIS F 477 -15.42 8.17 51.84
C HIS F 477 -16.03 8.00 53.23
N LEU F 478 -15.72 6.89 53.92
CA LEU F 478 -16.40 6.51 55.20
C LEU F 478 -15.72 7.14 56.40
N SER F 479 -14.44 7.51 56.27
CA SER F 479 -13.64 8.12 57.37
C SER F 479 -13.46 9.64 57.13
N HIS F 480 -13.85 10.13 55.95
CA HIS F 480 -13.74 11.54 55.49
C HIS F 480 -12.30 12.04 55.63
N ASP F 481 -11.32 11.12 55.61
CA ASP F 481 -9.90 11.47 55.90
C ASP F 481 -9.37 12.39 54.79
N ARG F 482 -9.10 13.65 55.16
CA ARG F 482 -8.69 14.75 54.24
C ARG F 482 -7.34 14.44 53.58
N ARG F 483 -6.39 13.83 54.31
CA ARG F 483 -5.03 13.46 53.81
C ARG F 483 -5.15 12.39 52.72
N LEU F 484 -5.95 11.33 52.95
CA LEU F 484 -6.08 10.19 52.01
C LEU F 484 -6.78 10.71 50.74
N ILE F 485 -7.78 11.58 50.89
CA ILE F 485 -8.54 12.21 49.77
C ILE F 485 -7.57 13.02 48.88
N GLN F 486 -6.69 13.84 49.46
CA GLN F 486 -5.70 14.64 48.69
C GLN F 486 -4.84 13.67 47.86
N VAL F 487 -4.23 12.68 48.52
CA VAL F 487 -3.31 11.69 47.89
C VAL F 487 -3.98 11.11 46.62
N LEU F 488 -5.21 10.60 46.76
CA LEU F 488 -5.99 9.93 45.68
C LEU F 488 -6.35 10.94 44.57
N ASN F 489 -6.72 12.18 44.93
CA ASN F 489 -7.21 13.25 44.01
C ASN F 489 -6.14 13.64 42.99
N THR F 490 -4.87 13.77 43.40
CA THR F 490 -3.72 14.12 42.52
C THR F 490 -2.72 12.97 42.55
N GLY F 491 -2.07 12.76 43.71
CA GLY F 491 -0.92 11.86 43.91
C GLY F 491 -0.84 10.72 42.91
N ALA F 492 0.39 10.31 42.57
CA ALA F 492 0.69 9.13 41.72
C ALA F 492 0.40 7.86 42.53
N ASP F 493 1.04 6.73 42.19
CA ASP F 493 0.70 5.41 42.74
C ASP F 493 1.18 5.32 44.20
N VAL F 494 0.28 5.03 45.14
CA VAL F 494 0.53 5.08 46.61
C VAL F 494 1.52 3.94 46.92
N PHE F 495 1.37 2.81 46.24
CA PHE F 495 2.22 1.60 46.46
C PHE F 495 3.65 1.89 45.97
N ARG F 496 3.78 2.72 44.94
CA ARG F 496 5.09 3.20 44.43
C ARG F 496 5.74 4.14 45.46
N SER F 497 5.02 5.14 45.99
CA SER F 497 5.46 6.05 47.07
C SER F 497 6.01 5.21 48.25
N ILE F 498 5.25 4.22 48.72
CA ILE F 498 5.66 3.33 49.86
C ILE F 498 6.94 2.57 49.50
N ALA F 499 6.98 1.94 48.32
CA ALA F 499 8.12 1.14 47.82
C ALA F 499 9.38 2.01 47.71
N ALA F 500 9.24 3.27 47.23
CA ALA F 500 10.35 4.24 47.00
C ALA F 500 10.97 4.64 48.34
N GLU F 501 10.18 5.24 49.24
CA GLU F 501 10.60 5.59 50.63
C GLU F 501 11.32 4.39 51.25
N TRP F 502 10.72 3.20 51.16
CA TRP F 502 11.19 1.94 51.81
C TRP F 502 12.55 1.50 51.24
N LYS F 503 12.68 1.38 49.92
CA LYS F 503 13.90 0.84 49.26
C LYS F 503 14.89 1.97 48.87
N MET F 504 14.71 3.19 49.39
CA MET F 504 15.64 4.34 49.23
C MET F 504 15.80 4.70 47.75
N ILE F 505 14.70 4.80 46.99
CA ILE F 505 14.68 4.96 45.49
C ILE F 505 13.61 6.02 45.11
N GLU F 506 13.58 6.45 43.83
CA GLU F 506 12.51 7.32 43.24
C GLU F 506 11.43 6.41 42.64
N PRO F 507 10.16 6.86 42.46
CA PRO F 507 9.08 6.00 41.96
C PRO F 507 9.35 4.98 40.84
N GLU F 508 10.19 5.31 39.85
CA GLU F 508 10.20 4.67 38.51
C GLU F 508 10.81 3.24 38.55
N SER F 509 11.65 2.90 39.53
CA SER F 509 12.50 1.67 39.57
C SER F 509 11.74 0.41 40.01
N VAL F 510 10.63 0.59 40.71
CA VAL F 510 9.76 -0.45 41.37
C VAL F 510 9.45 -1.58 40.38
N GLY F 511 9.84 -2.81 40.72
CA GLY F 511 9.44 -4.04 39.98
C GLY F 511 8.05 -4.48 40.40
N ASP F 512 7.39 -5.38 39.65
CA ASP F 512 6.05 -5.94 39.99
C ASP F 512 6.08 -6.53 41.41
N ASP F 513 7.09 -7.38 41.69
CA ASP F 513 7.18 -8.16 42.95
C ASP F 513 7.26 -7.16 44.12
N LEU F 514 8.04 -6.08 43.98
CA LEU F 514 8.26 -5.07 45.06
C LEU F 514 6.98 -4.27 45.28
N ARG F 515 6.28 -3.92 44.20
CA ARG F 515 5.03 -3.11 44.31
C ARG F 515 3.96 -3.94 45.05
N GLN F 516 3.90 -5.24 44.78
CA GLN F 516 3.03 -6.22 45.49
C GLN F 516 3.42 -6.28 46.97
N GLN F 517 4.72 -6.29 47.31
CA GLN F 517 5.17 -6.28 48.74
C GLN F 517 4.63 -5.02 49.44
N ALA F 518 4.69 -3.87 48.75
CA ALA F 518 4.24 -2.56 49.30
C ALA F 518 2.71 -2.55 49.42
N LYS F 519 2.02 -3.16 48.47
CA LYS F 519 0.55 -3.31 48.46
C LYS F 519 0.15 -4.08 49.73
N GLN F 520 0.82 -5.20 50.01
CA GLN F 520 0.57 -6.10 51.17
C GLN F 520 0.78 -5.30 52.46
N ILE F 521 1.83 -4.48 52.50
CA ILE F 521 2.18 -3.62 53.67
C ILE F 521 1.05 -2.61 53.93
N CYS F 522 0.59 -1.93 52.88
CA CYS F 522 -0.40 -0.84 52.98
C CYS F 522 -1.76 -1.38 53.45
N TYR F 523 -2.32 -2.39 52.78
CA TYR F 523 -3.61 -3.02 53.17
C TYR F 523 -3.45 -3.72 54.54
N GLY F 524 -2.30 -4.37 54.75
CA GLY F 524 -1.98 -5.06 56.01
C GLY F 524 -2.12 -4.13 57.20
N ILE F 525 -1.42 -3.00 57.13
CA ILE F 525 -1.41 -1.99 58.22
C ILE F 525 -2.86 -1.52 58.41
N ILE F 526 -3.55 -1.13 57.34
CA ILE F 526 -4.94 -0.58 57.41
C ILE F 526 -5.87 -1.60 58.09
N TYR F 527 -5.67 -2.90 57.88
CA TYR F 527 -6.65 -3.92 58.39
C TYR F 527 -6.11 -4.59 59.66
N GLY F 528 -5.15 -3.95 60.34
CA GLY F 528 -4.80 -4.24 61.74
C GLY F 528 -3.59 -5.16 61.91
N MET F 529 -2.72 -5.26 60.91
CA MET F 529 -1.42 -5.98 60.99
C MET F 529 -0.60 -5.42 62.15
N GLY F 530 0.05 -6.32 62.90
CA GLY F 530 0.88 -6.01 64.08
C GLY F 530 2.35 -5.84 63.75
N ALA F 531 3.12 -5.31 64.71
CA ALA F 531 4.56 -4.96 64.52
C ALA F 531 5.40 -6.21 64.18
N LYS F 532 5.19 -7.31 64.92
CA LYS F 532 5.87 -8.61 64.68
C LYS F 532 5.80 -8.94 63.17
N SER F 533 4.60 -9.12 62.61
CA SER F 533 4.39 -9.47 61.17
C SER F 533 4.95 -8.37 60.27
N LEU F 534 4.72 -7.08 60.56
CA LEU F 534 5.16 -6.02 59.62
C LEU F 534 6.69 -6.06 59.54
N GLY F 535 7.34 -6.24 60.69
CA GLY F 535 8.77 -6.56 60.79
C GLY F 535 9.26 -7.52 59.71
N GLU F 536 8.72 -8.75 59.65
CA GLU F 536 9.09 -9.79 58.63
C GLU F 536 8.90 -9.25 57.20
N GLN F 537 7.79 -8.56 56.92
CA GLN F 537 7.44 -8.10 55.56
C GLN F 537 8.40 -6.99 55.13
N MET F 538 8.71 -6.07 56.04
CA MET F 538 9.50 -4.85 55.72
C MET F 538 11.00 -5.14 55.92
N GLY F 539 11.33 -6.28 56.54
CA GLY F 539 12.70 -6.66 56.91
C GLY F 539 13.30 -5.68 57.92
N ILE F 540 12.53 -5.28 58.94
CA ILE F 540 12.99 -4.37 60.02
C ILE F 540 12.61 -5.00 61.38
N LYS F 541 13.23 -4.54 62.45
CA LYS F 541 12.94 -4.98 63.85
C LYS F 541 11.50 -4.58 64.19
N GLU F 542 10.82 -5.35 65.05
CA GLU F 542 9.47 -5.09 65.60
C GLU F 542 9.35 -3.59 65.99
N ASN F 543 10.30 -3.11 66.81
CA ASN F 543 10.36 -1.71 67.34
C ASN F 543 10.31 -0.70 66.19
N ASP F 544 10.95 -1.04 65.06
CA ASP F 544 11.04 -0.15 63.87
C ASP F 544 9.69 -0.17 63.17
N ALA F 545 9.11 -1.36 62.97
CA ALA F 545 7.77 -1.57 62.42
C ALA F 545 6.73 -0.83 63.27
N ALA F 546 6.85 -0.91 64.59
CA ALA F 546 5.94 -0.32 65.59
C ALA F 546 5.91 1.21 65.41
N CYS F 547 7.08 1.80 65.15
CA CYS F 547 7.25 3.26 64.92
C CYS F 547 6.54 3.60 63.61
N TYR F 548 6.76 2.79 62.58
CA TYR F 548 6.16 2.96 61.21
C TYR F 548 4.64 2.94 61.32
N ILE F 549 4.05 2.06 62.14
CA ILE F 549 2.57 1.98 62.35
C ILE F 549 2.09 3.32 62.95
N ASP F 550 2.83 3.81 63.98
CA ASP F 550 2.50 5.05 64.72
C ASP F 550 2.44 6.23 63.72
N SER F 551 3.50 6.38 62.91
CA SER F 551 3.64 7.39 61.84
C SER F 551 2.42 7.34 60.91
N PHE F 552 2.11 6.15 60.36
CA PHE F 552 0.93 5.91 59.48
C PHE F 552 -0.34 6.35 60.20
N LYS F 553 -0.58 5.83 61.40
CA LYS F 553 -1.82 6.12 62.19
C LYS F 553 -1.93 7.63 62.38
N SER F 554 -0.80 8.32 62.70
CA SER F 554 -0.75 9.77 63.00
C SER F 554 -1.10 10.60 61.74
N ARG F 555 -0.59 10.21 60.57
CA ARG F 555 -0.80 10.91 59.27
C ARG F 555 -2.29 10.89 58.91
N TYR F 556 -2.98 9.79 59.18
CA TYR F 556 -4.39 9.54 58.76
C TYR F 556 -5.24 9.32 60.01
N THR F 557 -5.61 10.41 60.71
CA THR F 557 -6.34 10.37 62.00
C THR F 557 -7.80 9.98 61.77
N GLY F 558 -8.39 10.43 60.66
CA GLY F 558 -9.75 10.08 60.22
C GLY F 558 -9.96 8.58 60.19
N ILE F 559 -9.02 7.86 59.53
CA ILE F 559 -9.03 6.38 59.39
C ILE F 559 -9.17 5.77 60.79
N ASN F 560 -8.27 6.16 61.70
CA ASN F 560 -8.15 5.60 63.08
C ASN F 560 -9.44 5.86 63.87
N GLN F 561 -10.11 6.99 63.64
CA GLN F 561 -11.38 7.33 64.35
C GLN F 561 -12.45 6.35 63.86
N PHE F 562 -12.47 6.06 62.56
CA PHE F 562 -13.46 5.18 61.88
C PHE F 562 -13.26 3.73 62.34
N MET F 563 -12.01 3.28 62.53
CA MET F 563 -11.67 1.95 63.11
C MET F 563 -12.31 1.81 64.52
N THR F 564 -12.09 2.78 65.41
CA THR F 564 -12.58 2.70 66.82
C THR F 564 -14.11 2.85 66.83
N GLU F 565 -14.68 3.69 65.95
CA GLU F 565 -16.14 3.95 65.84
C GLU F 565 -16.84 2.71 65.27
N THR F 566 -16.16 1.94 64.42
CA THR F 566 -16.71 0.71 63.80
C THR F 566 -16.67 -0.42 64.84
N VAL F 567 -15.59 -0.52 65.61
CA VAL F 567 -15.45 -1.55 66.67
C VAL F 567 -16.46 -1.29 67.80
N LYS F 568 -16.59 -0.04 68.25
CA LYS F 568 -17.57 0.36 69.30
C LYS F 568 -18.97 -0.06 68.85
N ASN F 569 -19.35 0.29 67.62
CA ASN F 569 -20.73 0.07 67.10
C ASN F 569 -20.96 -1.42 66.89
N CYS F 570 -19.94 -2.19 66.53
CA CYS F 570 -20.05 -3.67 66.32
C CYS F 570 -20.31 -4.37 67.67
N LYS F 571 -19.53 -4.00 68.69
CA LYS F 571 -19.60 -4.57 70.07
C LYS F 571 -21.05 -4.45 70.57
N ARG F 572 -21.64 -3.26 70.41
CA ARG F 572 -23.05 -2.90 70.77
C ARG F 572 -24.06 -3.79 70.01
N ASP F 573 -23.95 -3.88 68.68
CA ASP F 573 -25.02 -4.39 67.77
C ASP F 573 -24.86 -5.88 67.48
N GLY F 574 -23.63 -6.43 67.60
CA GLY F 574 -23.32 -7.83 67.24
C GLY F 574 -23.11 -8.02 65.74
N PHE F 575 -23.08 -6.93 64.95
CA PHE F 575 -22.88 -6.99 63.47
C PHE F 575 -22.28 -5.68 62.92
N VAL F 576 -21.88 -5.70 61.66
CA VAL F 576 -21.50 -4.50 60.86
C VAL F 576 -22.32 -4.54 59.57
N GLN F 577 -22.44 -3.40 58.89
CA GLN F 577 -23.23 -3.26 57.64
C GLN F 577 -22.34 -2.68 56.54
N THR F 578 -22.59 -3.11 55.31
CA THR F 578 -21.90 -2.61 54.09
C THR F 578 -22.66 -1.38 53.57
N ILE F 579 -22.17 -0.76 52.51
CA ILE F 579 -22.79 0.43 51.85
C ILE F 579 -24.23 0.12 51.43
N LEU F 580 -24.59 -1.13 51.11
CA LEU F 580 -25.96 -1.47 50.61
C LEU F 580 -26.84 -2.03 51.73
N GLY F 581 -26.33 -2.22 52.95
CA GLY F 581 -27.16 -2.59 54.11
C GLY F 581 -26.99 -4.05 54.53
N ARG F 582 -26.18 -4.82 53.82
CA ARG F 582 -25.94 -6.26 54.16
C ARG F 582 -25.25 -6.31 55.51
N ARG F 583 -25.62 -7.29 56.34
CA ARG F 583 -25.15 -7.43 57.75
C ARG F 583 -24.27 -8.66 57.88
N ARG F 584 -23.14 -8.51 58.56
CA ARG F 584 -22.30 -9.67 58.92
C ARG F 584 -22.29 -9.74 60.45
N TYR F 585 -22.63 -10.91 60.98
CA TYR F 585 -22.74 -11.12 62.43
C TYR F 585 -21.36 -11.57 62.93
N LEU F 586 -20.83 -10.88 63.93
CA LEU F 586 -19.46 -11.08 64.49
C LEU F 586 -19.57 -11.20 66.00
N PRO F 587 -20.14 -12.32 66.51
CA PRO F 587 -20.31 -12.51 67.95
C PRO F 587 -19.00 -12.72 68.72
N GLY F 588 -17.90 -13.00 68.01
CA GLY F 588 -16.53 -12.94 68.54
C GLY F 588 -16.17 -11.59 69.10
N ILE F 589 -16.86 -10.52 68.69
CA ILE F 589 -16.60 -9.12 69.12
C ILE F 589 -16.74 -9.00 70.66
N LYS F 590 -17.65 -9.76 71.29
CA LYS F 590 -17.88 -9.68 72.76
C LYS F 590 -16.93 -10.64 73.50
N ASP F 591 -16.35 -11.62 72.80
CA ASP F 591 -15.52 -12.71 73.39
C ASP F 591 -14.43 -12.11 74.30
N ASN F 592 -14.15 -12.81 75.41
CA ASN F 592 -13.18 -12.43 76.47
C ASN F 592 -11.76 -12.75 76.00
N ASN F 593 -11.61 -13.86 75.24
CA ASN F 593 -10.31 -14.28 74.66
C ASN F 593 -9.76 -13.11 73.85
N PRO F 594 -8.51 -12.66 74.13
CA PRO F 594 -7.93 -11.53 73.39
C PRO F 594 -7.82 -11.75 71.87
N TYR F 595 -7.41 -12.93 71.41
CA TYR F 595 -7.27 -13.23 69.95
C TYR F 595 -8.64 -13.10 69.26
N ARG F 596 -9.60 -13.93 69.66
CA ARG F 596 -10.94 -13.98 69.04
C ARG F 596 -11.56 -12.58 69.01
N LYS F 597 -11.38 -11.78 70.08
CA LYS F 597 -11.90 -10.39 70.13
C LYS F 597 -11.23 -9.57 69.02
N ALA F 598 -9.89 -9.58 68.98
CA ALA F 598 -9.10 -8.78 68.03
C ALA F 598 -9.41 -9.20 66.59
N HIS F 599 -9.54 -10.50 66.33
CA HIS F 599 -9.89 -11.08 65.01
C HIS F 599 -11.22 -10.51 64.53
N ALA F 600 -12.23 -10.53 65.40
CA ALA F 600 -13.58 -9.98 65.14
C ALA F 600 -13.51 -8.48 64.83
N GLU F 601 -12.73 -7.72 65.60
CA GLU F 601 -12.56 -6.26 65.39
C GLU F 601 -11.98 -6.05 63.98
N ARG F 602 -11.01 -6.87 63.57
CA ARG F 602 -10.33 -6.77 62.24
C ARG F 602 -11.34 -7.14 61.15
N GLN F 603 -12.13 -8.19 61.36
CA GLN F 603 -13.23 -8.60 60.45
C GLN F 603 -14.25 -7.48 60.35
N ALA F 604 -14.54 -6.81 61.46
CA ALA F 604 -15.55 -5.73 61.50
C ALA F 604 -15.14 -4.66 60.50
N ILE F 605 -13.91 -4.14 60.65
CA ILE F 605 -13.35 -3.05 59.80
C ILE F 605 -13.29 -3.55 58.36
N ASN F 606 -12.70 -4.72 58.14
CA ASN F 606 -12.42 -5.21 56.77
C ASN F 606 -13.73 -5.53 56.04
N THR F 607 -14.71 -6.10 56.73
CA THR F 607 -15.99 -6.49 56.11
C THR F 607 -16.67 -5.26 55.54
N ILE F 608 -16.73 -4.17 56.30
CA ILE F 608 -17.40 -2.92 55.80
C ILE F 608 -16.75 -2.48 54.48
N VAL F 609 -15.42 -2.44 54.41
CA VAL F 609 -14.72 -1.84 53.23
C VAL F 609 -14.73 -2.84 52.07
N GLN F 610 -14.31 -4.08 52.32
CA GLN F 610 -14.21 -5.13 51.28
C GLN F 610 -15.63 -5.48 50.79
N GLY F 611 -16.60 -5.58 51.71
CA GLY F 611 -18.01 -5.89 51.36
C GLY F 611 -18.65 -4.78 50.55
N SER F 612 -18.39 -3.54 50.91
CA SER F 612 -18.87 -2.35 50.15
C SER F 612 -18.31 -2.38 48.72
N ALA F 613 -17.02 -2.70 48.56
CA ALA F 613 -16.37 -2.75 47.24
C ALA F 613 -17.05 -3.81 46.39
N ALA F 614 -17.38 -4.93 47.00
CA ALA F 614 -18.01 -6.08 46.31
C ALA F 614 -19.43 -5.68 45.86
N ASP F 615 -20.13 -4.88 46.65
CA ASP F 615 -21.48 -4.32 46.31
C ASP F 615 -21.34 -3.42 45.06
N ILE F 616 -20.33 -2.54 45.04
CA ILE F 616 -20.15 -1.56 43.92
C ILE F 616 -19.88 -2.33 42.63
N VAL F 617 -19.06 -3.38 42.69
CA VAL F 617 -18.65 -4.14 41.47
C VAL F 617 -19.87 -4.90 40.94
N LYS F 618 -20.67 -5.49 41.83
CA LYS F 618 -21.94 -6.17 41.47
C LYS F 618 -22.86 -5.18 40.74
N ILE F 619 -23.05 -3.99 41.31
CA ILE F 619 -23.94 -2.96 40.71
C ILE F 619 -23.38 -2.64 39.31
N ALA F 620 -22.07 -2.41 39.20
CA ALA F 620 -21.41 -2.11 37.91
C ALA F 620 -21.70 -3.23 36.92
N THR F 621 -21.53 -4.47 37.34
CA THR F 621 -21.67 -5.66 36.47
C THR F 621 -23.09 -5.66 35.89
N VAL F 622 -24.07 -5.47 36.77
CA VAL F 622 -25.51 -5.54 36.43
C VAL F 622 -25.83 -4.41 35.44
N ASN F 623 -25.36 -3.20 35.72
CA ASN F 623 -25.64 -1.99 34.91
C ASN F 623 -24.95 -2.10 33.54
N ILE F 624 -23.77 -2.71 33.46
CA ILE F 624 -23.07 -2.93 32.16
C ILE F 624 -23.91 -3.91 31.34
N GLN F 625 -24.37 -5.00 31.96
CA GLN F 625 -25.14 -6.05 31.24
C GLN F 625 -26.43 -5.45 30.66
N LYS F 626 -27.15 -4.61 31.41
CA LYS F 626 -28.37 -3.90 30.91
C LYS F 626 -27.99 -3.13 29.64
N GLN F 627 -26.98 -2.27 29.71
CA GLN F 627 -26.50 -1.46 28.56
C GLN F 627 -26.14 -2.35 27.38
N LEU F 628 -25.36 -3.41 27.60
CA LEU F 628 -24.91 -4.29 26.48
C LEU F 628 -26.13 -4.87 25.77
N GLU F 629 -27.19 -5.19 26.50
CA GLU F 629 -28.39 -5.87 25.95
C GLU F 629 -29.30 -4.87 25.21
N THR F 630 -29.18 -3.55 25.45
CA THR F 630 -29.96 -2.53 24.69
C THR F 630 -29.35 -2.40 23.29
N PHE F 631 -28.01 -2.26 23.22
CA PHE F 631 -27.26 -2.13 21.94
C PHE F 631 -27.15 -3.53 21.29
N HIS F 632 -27.80 -4.53 21.89
CA HIS F 632 -27.71 -5.98 21.55
C HIS F 632 -28.66 -6.28 20.37
N SER F 633 -28.16 -6.09 19.14
CA SER F 633 -28.72 -6.70 17.89
C SER F 633 -28.19 -8.13 17.73
N THR F 634 -27.98 -8.85 18.85
CA THR F 634 -27.18 -10.10 18.92
C THR F 634 -27.43 -10.88 20.22
N PHE F 635 -26.85 -12.08 20.33
CA PHE F 635 -27.10 -13.07 21.41
C PHE F 635 -26.41 -12.60 22.70
N LYS F 636 -27.06 -12.81 23.85
CA LYS F 636 -26.60 -12.22 25.14
C LYS F 636 -25.48 -13.10 25.74
N SER F 637 -25.21 -14.29 25.18
CA SER F 637 -24.13 -15.20 25.64
C SER F 637 -23.81 -16.16 24.51
N HIS F 638 -22.64 -16.79 24.54
CA HIS F 638 -22.31 -17.91 23.61
C HIS F 638 -23.31 -19.04 23.77
N GLY F 639 -23.82 -19.29 24.99
CA GLY F 639 -24.82 -20.34 25.25
C GLY F 639 -26.09 -20.09 24.47
N HIS F 640 -26.54 -18.84 24.41
CA HIS F 640 -27.75 -18.43 23.67
C HIS F 640 -27.60 -18.82 22.18
N ARG F 641 -26.39 -19.05 21.65
CA ARG F 641 -26.23 -19.60 20.27
C ARG F 641 -26.27 -21.14 20.29
N GLU F 642 -25.53 -21.81 21.18
CA GLU F 642 -25.65 -23.28 21.40
C GLU F 642 -27.13 -23.67 21.54
N CYS F 663 -22.99 -15.21 10.04
CA CYS F 663 -23.59 -14.38 11.10
C CYS F 663 -22.56 -14.15 12.22
N PRO F 664 -21.57 -13.25 12.00
CA PRO F 664 -20.40 -13.16 12.89
C PRO F 664 -20.74 -12.74 14.33
N ILE F 665 -19.83 -13.00 15.26
CA ILE F 665 -19.99 -12.61 16.70
C ILE F 665 -19.88 -11.09 16.84
N ARG F 666 -20.82 -10.49 17.54
CA ARG F 666 -20.81 -9.05 17.87
C ARG F 666 -21.07 -8.91 19.38
N GLY F 667 -20.58 -7.83 19.95
CA GLY F 667 -20.85 -7.43 21.35
C GLY F 667 -19.75 -7.87 22.30
N GLY F 668 -20.06 -7.82 23.59
CA GLY F 668 -19.15 -8.07 24.70
C GLY F 668 -19.72 -9.15 25.60
N PHE F 669 -18.87 -10.10 25.97
CA PHE F 669 -19.25 -11.31 26.73
C PHE F 669 -18.48 -11.31 28.04
N PHE F 670 -19.20 -11.24 29.16
CA PHE F 670 -18.64 -11.30 30.52
C PHE F 670 -17.97 -12.66 30.68
N ILE F 671 -16.65 -12.67 30.90
CA ILE F 671 -15.89 -13.96 30.95
C ILE F 671 -15.28 -14.19 32.33
N LEU F 672 -15.02 -13.16 33.14
CA LEU F 672 -14.35 -13.35 34.45
C LEU F 672 -14.55 -12.14 35.35
N GLN F 673 -14.68 -12.41 36.65
CA GLN F 673 -14.69 -11.37 37.68
C GLN F 673 -13.44 -11.60 38.52
N LEU F 674 -12.75 -10.51 38.87
CA LEU F 674 -11.51 -10.51 39.68
C LEU F 674 -11.62 -9.47 40.79
N HIS F 675 -12.76 -9.40 41.48
CA HIS F 675 -12.96 -8.68 42.76
C HIS F 675 -13.11 -7.17 42.53
N ASP F 676 -12.14 -6.52 41.89
CA ASP F 676 -12.26 -5.08 41.56
C ASP F 676 -12.08 -4.90 40.05
N GLU F 677 -12.23 -5.96 39.28
CA GLU F 677 -11.82 -5.98 37.84
C GLU F 677 -12.78 -6.90 37.08
N LEU F 678 -13.29 -6.45 35.93
CA LEU F 678 -14.23 -7.20 35.08
C LEU F 678 -13.54 -7.49 33.75
N LEU F 679 -13.57 -8.73 33.29
CA LEU F 679 -13.04 -9.12 31.96
C LEU F 679 -14.22 -9.42 31.04
N TYR F 680 -14.17 -8.85 29.84
CA TYR F 680 -15.10 -9.12 28.73
C TYR F 680 -14.29 -9.57 27.52
N GLU F 681 -14.85 -10.50 26.77
CA GLU F 681 -14.37 -10.94 25.44
C GLU F 681 -15.18 -10.12 24.43
N VAL F 682 -14.55 -9.38 23.53
CA VAL F 682 -15.28 -8.37 22.70
C VAL F 682 -14.90 -8.50 21.24
N ALA F 683 -15.89 -8.47 20.34
CA ALA F 683 -15.68 -8.49 18.88
C ALA F 683 -14.89 -7.23 18.47
N GLU F 684 -13.94 -7.39 17.54
CA GLU F 684 -13.01 -6.31 17.08
C GLU F 684 -13.76 -4.98 16.87
N GLU F 685 -14.88 -5.02 16.15
CA GLU F 685 -15.70 -3.85 15.71
C GLU F 685 -16.29 -3.13 16.92
N ASP F 686 -16.42 -3.81 18.06
CA ASP F 686 -17.28 -3.28 19.15
C ASP F 686 -16.42 -2.83 20.33
N VAL F 687 -15.10 -2.93 20.25
CA VAL F 687 -14.21 -2.71 21.44
C VAL F 687 -14.29 -1.26 21.88
N VAL F 688 -14.37 -0.30 20.96
CA VAL F 688 -14.44 1.14 21.32
C VAL F 688 -15.72 1.37 22.15
N GLN F 689 -16.86 0.93 21.64
CA GLN F 689 -18.21 1.19 22.23
C GLN F 689 -18.31 0.47 23.57
N VAL F 690 -17.91 -0.80 23.64
CA VAL F 690 -17.97 -1.62 24.89
C VAL F 690 -17.04 -0.99 25.96
N ALA F 691 -15.85 -0.52 25.56
CA ALA F 691 -14.88 0.10 26.51
C ALA F 691 -15.52 1.36 27.13
N GLN F 692 -16.21 2.18 26.33
CA GLN F 692 -16.92 3.41 26.79
C GLN F 692 -18.01 3.02 27.80
N ILE F 693 -18.88 2.08 27.43
CA ILE F 693 -20.01 1.58 28.27
C ILE F 693 -19.44 1.08 29.61
N VAL F 694 -18.43 0.21 29.56
CA VAL F 694 -17.85 -0.45 30.76
C VAL F 694 -17.31 0.63 31.71
N LYS F 695 -16.50 1.56 31.19
CA LYS F 695 -15.85 2.64 31.98
C LYS F 695 -16.92 3.57 32.57
N ASN F 696 -17.84 4.04 31.74
CA ASN F 696 -18.93 4.96 32.16
C ASN F 696 -19.70 4.32 33.31
N GLU F 697 -20.16 3.07 33.16
CA GLU F 697 -21.03 2.37 34.12
C GLU F 697 -20.26 2.05 35.41
N MET F 698 -18.96 1.78 35.33
CA MET F 698 -18.15 1.46 36.53
C MET F 698 -17.90 2.74 37.33
N GLU F 699 -17.68 3.88 36.66
CA GLU F 699 -17.41 5.21 37.27
C GLU F 699 -18.69 5.81 37.88
N SER F 700 -19.87 5.43 37.36
CA SER F 700 -21.21 5.92 37.78
C SER F 700 -21.91 4.93 38.72
N ALA F 701 -21.29 3.80 39.08
CA ALA F 701 -21.94 2.71 39.85
C ALA F 701 -22.62 3.29 41.09
N VAL F 702 -21.88 4.09 41.87
CA VAL F 702 -22.39 4.82 43.07
C VAL F 702 -21.70 6.18 43.11
N LYS F 703 -22.23 7.12 43.88
CA LYS F 703 -21.64 8.48 44.11
C LYS F 703 -21.01 8.48 45.50
N LEU F 704 -19.68 8.64 45.58
CA LEU F 704 -18.90 8.76 46.84
C LEU F 704 -18.35 10.19 46.94
N SER F 705 -17.65 10.49 48.05
CA SER F 705 -16.93 11.76 48.31
C SER F 705 -15.80 11.93 47.28
N VAL F 706 -15.29 10.81 46.74
CA VAL F 706 -14.17 10.79 45.76
C VAL F 706 -14.67 10.17 44.45
N LYS F 707 -13.99 10.46 43.35
CA LYS F 707 -14.24 9.85 42.01
C LYS F 707 -13.77 8.39 42.05
N LEU F 708 -14.59 7.49 41.50
CA LEU F 708 -14.20 6.07 41.25
C LEU F 708 -13.40 6.03 39.96
N LYS F 709 -12.08 5.95 40.04
CA LYS F 709 -11.18 5.95 38.86
C LYS F 709 -11.16 4.53 38.27
N VAL F 710 -11.21 4.44 36.95
CA VAL F 710 -11.18 3.14 36.20
C VAL F 710 -10.07 3.21 35.14
N LYS F 711 -9.16 2.23 35.14
CA LYS F 711 -8.22 1.93 34.04
C LYS F 711 -8.83 0.81 33.18
N VAL F 712 -8.85 1.01 31.86
CA VAL F 712 -9.26 -0.02 30.86
C VAL F 712 -8.01 -0.48 30.11
N LYS F 713 -7.86 -1.79 29.95
CA LYS F 713 -6.79 -2.41 29.14
C LYS F 713 -7.46 -3.35 28.11
N ILE F 714 -6.72 -3.71 27.07
CA ILE F 714 -7.22 -4.52 25.94
C ILE F 714 -6.07 -5.32 25.35
N GLY F 715 -6.33 -6.49 24.80
CA GLY F 715 -5.27 -7.36 24.28
C GLY F 715 -5.74 -8.67 23.74
N ALA F 716 -4.82 -9.43 23.16
CA ALA F 716 -5.11 -10.72 22.49
C ALA F 716 -5.02 -11.86 23.51
N SER F 717 -4.75 -11.53 24.78
CA SER F 717 -4.76 -12.50 25.90
C SER F 717 -4.85 -11.73 27.22
N TRP F 718 -5.26 -12.42 28.26
CA TRP F 718 -5.34 -11.89 29.64
C TRP F 718 -3.93 -11.48 30.08
N GLY F 719 -2.92 -12.17 29.55
CA GLY F 719 -1.52 -11.96 29.93
C GLY F 719 -0.89 -10.78 29.23
N GLU F 720 -1.40 -10.35 28.07
CA GLU F 720 -0.77 -9.28 27.24
C GLU F 720 -1.75 -8.12 27.08
N LEU F 721 -2.29 -7.59 28.18
CA LEU F 721 -3.25 -6.47 28.15
C LEU F 721 -2.44 -5.18 28.08
N LYS F 722 -2.87 -4.24 27.23
CA LYS F 722 -2.22 -2.93 27.03
C LYS F 722 -3.21 -1.84 27.43
N ASP F 723 -2.72 -0.78 28.10
CA ASP F 723 -3.48 0.45 28.42
C ASP F 723 -4.20 0.93 27.15
N PHE F 724 -5.45 1.34 27.34
CA PHE F 724 -6.37 1.82 26.28
C PHE F 724 -7.10 3.04 26.85
N ASP F 725 -6.77 4.23 26.35
CA ASP F 725 -7.35 5.53 26.78
C ASP F 725 -8.78 5.62 26.21
N VAL F 726 -9.78 5.75 27.09
CA VAL F 726 -11.22 5.78 26.71
C VAL F 726 -11.76 7.19 26.98
#